data_6M6T
#
_entry.id   6M6T
#
_cell.length_a   103.748
_cell.length_b   216.072
_cell.length_c   224.503
_cell.angle_alpha   90.000
_cell.angle_beta   90.000
_cell.angle_gamma   90.000
#
_symmetry.space_group_name_H-M   'P 21 21 21'
#
loop_
_entity.id
_entity.type
_entity.pdbx_description
1 polymer 4-alpha-glucanotransferase
2 branched 4,6-dideoxy-4-{[(1S,4R,5S,6S)-4,5,6-trihydroxy-3-(hydroxymethyl)cyclohex-2-en-1-yl]amino}-alpha-D-glucopyranose-(1-4)-1,5-anhydro-D-glucitol
3 branched 4,6-dideoxy-4-{[(1S,4R,5S,6S)-4,5,6-trihydroxy-3-(hydroxymethyl)cyclohex-2-en-1-yl]amino}-alpha-D-glucopyranose-(1-4)-alpha-D-glucopyranose
4 branched 4,6-dideoxy-4-{[(1S,4R,5S,6S)-4,5,6-trihydroxy-3-(hydroxymethyl)cyclohex-2-en-1-yl]amino}-alpha-D-glucopyranose-(1-4)-alpha-D-glucopyranose-(1-4)-alpha-D-glucopyranose
5 water water
#
_entity_poly.entity_id   1
_entity_poly.type   'polypeptide(L)'
_entity_poly.pdbx_seq_one_letter_code
;MAKKRASGVLMHITSLPGDLGIGTFGREAYAFVDFLVETDQKFWQILPLTTTSFGDSPYQSFSAVAGNTHLIDFDLLTLE
GFISKDDYQNISFGQDPEVVDYAGLFEKRRPVLEKAVKNFLKEERATRMLSDFLQEEKWVTDFAEFMAIKEHFGNKALQE
WDDKAIIRREEEALAGYRQKLSEVIKYHEVTQYFFYKQWFELKEYANDKGIQIIGDMPIYVSADSVEVWTMPELFKLDRD
KQPLAIAGVPADDFSDDGQLWGNPIYNWDYHKESDFDWWIYRIQSGVKMYDYLRIDHFKGFSDYWEIRGDYQTANDGSWQ
PAPGPELFATIKEKLGDLPIIAENLGYIDERAERLLAGTGFPGMKIMEFGFYDTTGNSIDIPHNYTENTIAYAGTHDNEV
INGWFENLTVEQKAYAENYMRRLPNEPITETVLRTLYATVSQTTITCMQDLLDKPADSRMNMPNTVGGNWQWRMRKEDLT
ENRKAFLKEITTIYNRGNKLEHHHHHH
;
_entity_poly.pdbx_strand_id   A,B,C,D,E,F,G,H
#
# COMPACT_ATOMS: atom_id res chain seq x y z
N LYS A 3 17.47 3.21 28.70
CA LYS A 3 16.49 3.77 27.76
C LYS A 3 17.08 3.88 26.35
N LYS A 4 16.21 3.71 25.35
CA LYS A 4 16.63 3.57 23.96
C LYS A 4 17.19 4.88 23.42
N ARG A 5 18.44 4.85 22.92
CA ARG A 5 19.05 6.05 22.36
C ARG A 5 18.54 6.27 20.93
N ALA A 6 18.73 7.50 20.45
CA ALA A 6 18.17 7.94 19.18
C ALA A 6 18.79 9.29 18.82
N SER A 7 18.47 9.77 17.61
CA SER A 7 18.97 11.04 17.14
C SER A 7 17.98 11.61 16.14
N GLY A 8 18.20 12.88 15.81
CA GLY A 8 17.27 13.57 14.93
C GLY A 8 17.93 14.81 14.35
N VAL A 9 17.22 15.43 13.44
CA VAL A 9 17.74 16.56 12.67
C VAL A 9 16.83 17.75 12.92
N LEU A 10 17.44 18.94 13.05
CA LEU A 10 16.72 20.19 13.33
C LEU A 10 16.66 21.02 12.06
N MET A 11 15.51 20.99 11.40
CA MET A 11 15.30 21.74 10.17
C MET A 11 13.85 22.16 10.05
N HIS A 12 13.61 23.46 9.96
CA HIS A 12 12.25 23.91 9.81
C HIS A 12 11.77 23.69 8.38
N ILE A 13 10.46 23.44 8.26
CA ILE A 13 9.79 23.37 6.97
C ILE A 13 10.19 24.52 6.06
N THR A 14 10.55 25.68 6.62
CA THR A 14 10.87 26.79 5.72
C THR A 14 12.18 26.55 5.00
N SER A 15 13.12 25.82 5.60
CA SER A 15 14.45 25.68 5.03
C SER A 15 14.54 24.61 3.94
N LEU A 16 13.49 23.81 3.75
CA LEU A 16 13.43 22.88 2.63
C LEU A 16 13.68 23.65 1.33
N PRO A 17 14.08 23.02 0.21
CA PRO A 17 14.25 23.74 -1.03
C PRO A 17 12.96 23.64 -1.85
N GLY A 18 12.90 24.39 -2.95
CA GLY A 18 11.73 24.38 -3.83
C GLY A 18 11.72 25.50 -4.84
N ASP A 19 10.60 25.70 -5.52
CA ASP A 19 10.58 26.76 -6.54
C ASP A 19 9.63 27.87 -6.07
N LEU A 20 8.97 27.64 -4.94
CA LEU A 20 7.97 28.58 -4.39
C LEU A 20 8.61 29.63 -3.49
N GLY A 21 9.92 29.62 -3.28
CA GLY A 21 10.56 30.68 -2.48
C GLY A 21 10.60 30.35 -1.01
N ILE A 22 10.13 29.19 -0.66
CA ILE A 22 10.06 28.81 0.74
C ILE A 22 9.64 27.34 0.81
N GLY A 23 10.22 26.59 1.75
CA GLY A 23 9.84 25.20 1.90
C GLY A 23 8.36 25.04 2.14
N THR A 24 7.87 23.85 1.79
CA THR A 24 6.44 23.58 1.72
C THR A 24 6.19 22.18 2.25
N PHE A 25 4.92 21.87 2.54
CA PHE A 25 4.59 20.48 2.81
C PHE A 25 4.52 19.66 1.53
N GLY A 26 5.51 19.84 0.65
CA GLY A 26 5.45 19.32 -0.69
C GLY A 26 6.44 18.20 -0.90
N ARG A 27 6.88 18.01 -2.14
CA ARG A 27 7.65 16.82 -2.45
C ARG A 27 8.95 16.79 -1.65
N GLU A 28 9.65 17.91 -1.55
CA GLU A 28 10.94 17.89 -0.88
C GLU A 28 10.82 17.60 0.60
N ALA A 29 9.65 17.85 1.22
CA ALA A 29 9.43 17.40 2.58
C ALA A 29 9.46 15.87 2.67
N TYR A 30 8.78 15.20 1.73
CA TYR A 30 8.81 13.74 1.68
C TYR A 30 10.20 13.22 1.36
N ALA A 31 10.95 13.96 0.53
CA ALA A 31 12.35 13.61 0.29
C ALA A 31 13.17 13.73 1.57
N PHE A 32 12.89 14.75 2.39
CA PHE A 32 13.57 14.91 3.67
C PHE A 32 13.26 13.76 4.61
N VAL A 33 12.00 13.33 4.65
CA VAL A 33 11.69 12.11 5.42
C VAL A 33 12.51 10.94 4.90
N ASP A 34 12.48 10.73 3.57
CA ASP A 34 13.24 9.66 2.93
C ASP A 34 14.70 9.70 3.37
N PHE A 35 15.26 10.90 3.48
CA PHE A 35 16.64 11.06 3.88
C PHE A 35 16.84 10.73 5.36
N LEU A 36 15.82 11.01 6.18
CA LEU A 36 15.96 10.69 7.60
C LEU A 36 15.96 9.18 7.81
N VAL A 37 15.14 8.45 7.04
CA VAL A 37 15.16 7.00 7.13
C VAL A 37 16.38 6.37 6.45
N GLU A 38 17.01 7.08 5.50
CA GLU A 38 18.27 6.59 4.97
C GLU A 38 19.33 6.50 6.06
N THR A 39 19.44 7.56 6.87
CA THR A 39 20.49 7.73 7.86
C THR A 39 20.10 7.17 9.23
N ASP A 40 18.97 6.47 9.32
CA ASP A 40 18.50 5.82 10.54
C ASP A 40 18.27 6.84 11.67
N GLN A 41 17.74 8.00 11.29
CA GLN A 41 17.34 9.00 12.25
C GLN A 41 16.01 8.60 12.90
N LYS A 42 15.73 9.20 14.03
CA LYS A 42 14.46 9.00 14.72
C LYS A 42 13.57 10.23 14.66
N PHE A 43 14.16 11.43 14.73
CA PHE A 43 13.38 12.64 14.95
C PHE A 43 13.63 13.68 13.88
N TRP A 44 12.58 14.39 13.51
CA TRP A 44 12.61 15.65 12.76
C TRP A 44 12.08 16.71 13.71
N GLN A 45 12.94 17.64 14.13
CA GLN A 45 12.46 18.79 14.89
C GLN A 45 12.25 19.96 13.94
N ILE A 46 11.04 20.51 13.95
CA ILE A 46 10.72 21.72 13.21
C ILE A 46 10.51 22.87 14.20
N LEU A 47 10.36 24.09 13.64
CA LEU A 47 9.95 25.27 14.40
C LEU A 47 8.42 25.24 14.52
N PRO A 48 7.79 26.26 15.11
CA PRO A 48 6.33 26.23 15.15
C PRO A 48 5.74 26.44 13.77
N LEU A 49 4.59 25.83 13.56
CA LEU A 49 3.87 25.97 12.30
C LEU A 49 2.86 27.11 12.33
N THR A 50 3.00 28.03 13.26
CA THR A 50 1.98 29.05 13.39
C THR A 50 2.22 30.18 12.38
N THR A 51 1.25 31.09 12.33
CA THR A 51 1.26 32.21 11.40
C THR A 51 2.28 33.26 11.85
N THR A 52 2.76 34.05 10.89
CA THR A 52 3.81 35.02 11.16
C THR A 52 3.37 36.43 10.82
N SER A 53 4.09 37.39 11.42
CA SER A 53 3.89 38.83 11.35
C SER A 53 5.08 39.48 10.67
N PHE A 54 5.16 40.81 10.78
CA PHE A 54 6.40 41.50 10.41
C PHE A 54 7.56 40.95 11.23
N GLY A 55 8.72 40.78 10.58
CA GLY A 55 9.87 40.17 11.22
C GLY A 55 9.98 38.67 11.02
N ASP A 56 8.86 38.01 10.73
CA ASP A 56 8.77 36.63 10.24
C ASP A 56 9.05 35.60 11.34
N SER A 57 8.97 36.00 12.61
CA SER A 57 9.09 35.10 13.75
C SER A 57 7.82 34.28 13.92
N PRO A 58 7.92 32.96 14.10
CA PRO A 58 6.76 32.15 14.47
C PRO A 58 6.45 32.14 15.96
N TYR A 59 7.23 32.82 16.79
CA TYR A 59 6.98 32.94 18.22
C TYR A 59 6.25 34.24 18.58
N GLN A 60 5.64 34.90 17.59
CA GLN A 60 4.82 36.11 17.75
C GLN A 60 3.69 36.02 16.71
N SER A 61 2.61 35.32 17.05
CA SER A 61 1.73 34.75 16.05
C SER A 61 0.30 35.22 16.23
N PHE A 62 -0.38 35.41 15.10
CA PHE A 62 -1.80 35.76 15.10
C PHE A 62 -2.65 34.74 15.82
N SER A 63 -2.19 33.48 15.96
CA SER A 63 -2.95 32.48 16.69
C SER A 63 -2.01 31.38 17.14
N ALA A 64 -2.35 30.77 18.27
CA ALA A 64 -1.57 29.67 18.84
C ALA A 64 -1.74 28.34 18.12
N VAL A 65 -2.65 28.23 17.13
CA VAL A 65 -2.95 26.95 16.50
C VAL A 65 -3.00 27.05 14.99
N ALA A 66 -3.18 28.25 14.45
CA ALA A 66 -3.42 28.38 13.02
C ALA A 66 -2.16 28.02 12.26
N GLY A 67 -2.36 27.49 11.04
CA GLY A 67 -1.23 27.11 10.21
C GLY A 67 -0.68 28.29 9.43
N ASN A 68 0.65 28.43 9.45
CA ASN A 68 1.29 29.42 8.58
C ASN A 68 0.99 29.09 7.13
N THR A 69 0.25 29.95 6.46
CA THR A 69 -0.19 29.58 5.13
C THR A 69 0.91 29.59 4.09
N HIS A 70 2.07 30.18 4.38
CA HIS A 70 3.15 30.18 3.41
C HIS A 70 3.65 28.78 3.11
N LEU A 71 3.37 27.81 3.97
CA LEU A 71 3.90 26.47 3.82
C LEU A 71 3.01 25.57 2.99
N ILE A 72 1.85 26.07 2.54
CA ILE A 72 1.01 25.27 1.66
C ILE A 72 1.70 25.09 0.31
N ASP A 73 1.62 23.89 -0.24
CA ASP A 73 2.35 23.56 -1.45
C ASP A 73 1.43 23.73 -2.66
N PHE A 74 1.90 24.52 -3.63
CA PHE A 74 1.11 24.68 -4.84
C PHE A 74 1.06 23.40 -5.66
N ASP A 75 2.12 22.58 -5.64
CA ASP A 75 2.13 21.36 -6.46
C ASP A 75 1.11 20.34 -5.95
N LEU A 76 1.10 20.09 -4.64
CA LEU A 76 0.10 19.22 -4.06
C LEU A 76 -1.31 19.71 -4.39
N LEU A 77 -1.47 21.03 -4.49
CA LEU A 77 -2.75 21.66 -4.80
C LEU A 77 -3.13 21.50 -6.26
N THR A 78 -2.13 21.52 -7.15
CA THR A 78 -2.38 21.27 -8.56
C THR A 78 -2.83 19.83 -8.77
N LEU A 79 -2.13 18.88 -8.16
CA LEU A 79 -2.48 17.47 -8.31
C LEU A 79 -3.86 17.13 -7.77
N GLU A 80 -4.56 18.11 -7.19
CA GLU A 80 -5.89 17.94 -6.60
C GLU A 80 -7.01 18.41 -7.51
N GLY A 81 -6.69 19.10 -8.60
CA GLY A 81 -7.71 19.63 -9.49
C GLY A 81 -8.20 21.01 -9.13
N PHE A 82 -7.46 21.72 -8.27
CA PHE A 82 -7.86 23.00 -7.69
C PHE A 82 -7.22 24.18 -8.39
N ILE A 83 -5.89 24.14 -8.58
CA ILE A 83 -5.22 25.05 -9.51
C ILE A 83 -4.59 24.21 -10.62
N SER A 84 -4.02 24.90 -11.60
CA SER A 84 -3.06 24.35 -12.56
C SER A 84 -1.72 25.04 -12.31
N LYS A 85 -0.70 24.65 -13.08
CA LYS A 85 0.64 25.22 -12.86
C LYS A 85 0.98 26.35 -13.80
N ASP A 86 0.14 26.62 -14.82
CA ASP A 86 0.30 27.92 -15.50
C ASP A 86 -0.19 29.11 -14.60
N ASP A 87 -0.46 28.77 -13.33
CA ASP A 87 -0.83 29.71 -12.29
C ASP A 87 0.35 30.09 -11.40
N TYR A 88 1.37 29.24 -11.29
CA TYR A 88 2.54 29.60 -10.50
C TYR A 88 3.86 29.24 -11.16
N GLN A 89 3.87 28.61 -12.33
CA GLN A 89 5.11 28.45 -13.08
C GLN A 89 5.67 29.82 -13.40
N ASN A 90 6.92 30.06 -13.00
CA ASN A 90 7.62 31.32 -13.25
C ASN A 90 6.85 32.52 -12.68
N ILE A 91 6.63 32.46 -11.36
CA ILE A 91 6.04 33.56 -10.60
C ILE A 91 7.04 33.91 -9.50
N SER A 92 8.33 33.87 -9.85
CA SER A 92 9.48 33.77 -8.94
C SER A 92 9.30 34.48 -7.61
N PHE A 93 9.46 33.72 -6.53
CA PHE A 93 9.40 34.19 -5.15
C PHE A 93 10.83 34.27 -4.60
N GLY A 94 11.55 35.32 -4.97
CA GLY A 94 12.83 35.52 -4.33
C GLY A 94 14.01 35.28 -5.26
N GLN A 95 15.09 36.03 -5.03
CA GLN A 95 16.26 35.99 -5.92
C GLN A 95 17.14 34.79 -5.64
N ASP A 96 17.66 34.68 -4.41
CA ASP A 96 18.61 33.67 -3.93
C ASP A 96 17.86 32.43 -3.46
N PRO A 97 18.19 31.23 -3.95
CA PRO A 97 17.55 30.02 -3.41
C PRO A 97 17.72 29.83 -1.91
N GLU A 98 18.92 30.05 -1.34
CA GLU A 98 19.13 29.78 0.09
C GLU A 98 18.81 30.97 0.99
N VAL A 99 17.95 31.88 0.53
CA VAL A 99 17.40 32.97 1.35
C VAL A 99 15.92 33.10 1.01
N VAL A 100 15.07 33.08 2.03
CA VAL A 100 13.67 33.44 1.78
C VAL A 100 13.58 34.95 1.73
N ASP A 101 12.62 35.45 0.93
CA ASP A 101 12.23 36.85 0.95
C ASP A 101 10.76 36.88 1.36
N TYR A 102 10.52 37.07 2.67
CA TYR A 102 9.15 37.15 3.18
C TYR A 102 8.49 38.44 2.74
N ALA A 103 9.27 39.50 2.52
CA ALA A 103 8.76 40.77 2.01
C ALA A 103 8.14 40.54 0.63
N GLY A 104 6.81 40.62 0.55
CA GLY A 104 6.17 40.40 -0.72
C GLY A 104 5.97 38.95 -1.13
N LEU A 105 6.28 37.99 -0.27
CA LEU A 105 5.89 36.62 -0.61
C LEU A 105 4.43 36.34 -0.23
N PHE A 106 3.98 36.95 0.87
CA PHE A 106 2.54 36.99 1.14
C PHE A 106 1.82 37.72 0.04
N GLU A 107 2.45 38.76 -0.51
CA GLU A 107 1.96 39.43 -1.71
C GLU A 107 1.72 38.41 -2.83
N LYS A 108 2.73 37.60 -3.15
CA LYS A 108 2.67 36.82 -4.38
C LYS A 108 1.88 35.53 -4.26
N ARG A 109 1.67 35.00 -3.05
CA ARG A 109 0.93 33.75 -2.97
C ARG A 109 -0.57 33.96 -3.10
N ARG A 110 -1.04 35.20 -2.94
CA ARG A 110 -2.46 35.41 -2.64
C ARG A 110 -3.38 35.15 -3.84
N PRO A 111 -3.13 35.70 -5.04
CA PRO A 111 -3.91 35.26 -6.22
C PRO A 111 -4.02 33.74 -6.34
N VAL A 112 -2.92 33.03 -6.11
CA VAL A 112 -2.88 31.58 -6.28
C VAL A 112 -3.76 30.87 -5.26
N LEU A 113 -3.57 31.19 -3.97
CA LEU A 113 -4.39 30.59 -2.92
C LEU A 113 -5.86 30.93 -3.12
N GLU A 114 -6.16 32.17 -3.53
CA GLU A 114 -7.55 32.54 -3.76
C GLU A 114 -8.15 31.74 -4.92
N LYS A 115 -7.39 31.55 -6.01
CA LYS A 115 -7.86 30.71 -7.11
C LYS A 115 -8.17 29.28 -6.61
N ALA A 116 -7.28 28.73 -5.79
CA ALA A 116 -7.50 27.37 -5.27
C ALA A 116 -8.71 27.30 -4.34
N VAL A 117 -8.93 28.32 -3.50
CA VAL A 117 -10.07 28.29 -2.59
C VAL A 117 -11.39 28.46 -3.35
N LYS A 118 -11.39 29.34 -4.38
CA LYS A 118 -12.54 29.50 -5.27
C LYS A 118 -12.88 28.19 -5.98
N ASN A 119 -11.85 27.45 -6.44
CA ASN A 119 -12.11 26.18 -7.11
C ASN A 119 -12.49 25.08 -6.13
N PHE A 120 -11.94 25.10 -4.91
CA PHE A 120 -12.34 24.11 -3.91
C PHE A 120 -13.81 24.26 -3.53
N LEU A 121 -14.30 25.51 -3.40
CA LEU A 121 -15.69 25.68 -2.96
C LEU A 121 -16.70 25.19 -4.01
N LYS A 122 -16.36 25.28 -5.31
CA LYS A 122 -17.31 24.90 -6.38
C LYS A 122 -17.45 23.39 -6.54
N GLU A 123 -16.51 22.59 -6.01
CA GLU A 123 -16.72 21.14 -5.90
C GLU A 123 -18.00 20.85 -5.14
N GLU A 124 -18.68 19.77 -5.53
CA GLU A 124 -20.04 19.54 -5.05
C GLU A 124 -20.06 19.09 -3.58
N ARG A 125 -19.07 18.29 -3.15
CA ARG A 125 -18.93 17.89 -1.74
C ARG A 125 -18.18 18.93 -0.90
N ALA A 126 -17.84 20.09 -1.48
CA ALA A 126 -16.94 21.03 -0.85
C ALA A 126 -17.35 21.34 0.59
N THR A 127 -18.57 21.84 0.76
CA THR A 127 -18.98 22.36 2.05
C THR A 127 -19.06 21.26 3.10
N ARG A 128 -19.45 20.03 2.73
CA ARG A 128 -19.50 18.98 3.72
C ARG A 128 -18.14 18.40 4.06
N MET A 129 -17.10 18.71 3.30
CA MET A 129 -15.74 18.42 3.72
C MET A 129 -15.22 19.53 4.62
N LEU A 130 -15.47 20.79 4.23
CA LEU A 130 -14.98 21.92 5.02
C LEU A 130 -15.62 21.95 6.40
N SER A 131 -16.92 21.68 6.48
CA SER A 131 -17.59 21.71 7.77
C SER A 131 -17.18 20.52 8.63
N ASP A 132 -17.09 19.34 8.02
CA ASP A 132 -16.51 18.20 8.72
C ASP A 132 -15.12 18.50 9.26
N PHE A 133 -14.39 19.43 8.63
CA PHE A 133 -13.12 19.91 9.16
C PHE A 133 -13.32 20.85 10.35
N LEU A 134 -14.21 21.85 10.22
CA LEU A 134 -14.40 22.82 11.30
C LEU A 134 -14.92 22.17 12.57
N GLN A 135 -15.49 20.97 12.46
CA GLN A 135 -16.00 20.30 13.65
C GLN A 135 -14.87 19.71 14.49
N GLU A 136 -13.75 19.34 13.86
CA GLU A 136 -12.60 18.84 14.61
C GLU A 136 -11.63 19.93 15.02
N GLU A 137 -11.55 21.01 14.25
CA GLU A 137 -10.79 22.19 14.65
C GLU A 137 -11.81 23.32 14.79
N LYS A 138 -12.42 23.43 15.97
CA LYS A 138 -13.53 24.35 16.15
C LYS A 138 -13.09 25.81 16.25
N TRP A 139 -11.79 26.06 16.48
CA TRP A 139 -11.20 27.41 16.61
C TRP A 139 -11.08 28.13 15.28
N VAL A 140 -11.41 27.49 14.16
CA VAL A 140 -10.98 28.03 12.87
C VAL A 140 -11.71 29.32 12.56
N THR A 141 -13.04 29.29 12.61
CA THR A 141 -13.85 30.38 12.05
C THR A 141 -13.55 31.72 12.72
N ASP A 142 -13.30 31.74 14.03
CA ASP A 142 -13.10 33.05 14.63
C ASP A 142 -11.70 33.57 14.40
N PHE A 143 -10.73 32.68 14.19
CA PHE A 143 -9.45 33.12 13.65
C PHE A 143 -9.62 33.65 12.23
N ALA A 144 -10.49 33.04 11.44
CA ALA A 144 -10.68 33.49 10.06
C ALA A 144 -11.33 34.86 10.03
N GLU A 145 -12.25 35.11 10.96
CA GLU A 145 -12.83 36.44 11.08
C GLU A 145 -11.78 37.43 11.57
N PHE A 146 -10.92 37.02 12.50
CA PHE A 146 -9.83 37.92 12.91
C PHE A 146 -8.99 38.34 11.72
N MET A 147 -8.58 37.39 10.90
CA MET A 147 -7.77 37.73 9.72
C MET A 147 -8.54 38.59 8.74
N ALA A 148 -9.84 38.35 8.60
CA ALA A 148 -10.63 39.17 7.69
C ALA A 148 -10.74 40.61 8.18
N ILE A 149 -11.10 40.79 9.44
CA ILE A 149 -11.16 42.14 9.98
C ILE A 149 -9.81 42.81 9.88
N LYS A 150 -8.73 42.06 10.13
CA LYS A 150 -7.39 42.63 10.05
C LYS A 150 -7.10 43.13 8.65
N GLU A 151 -7.48 42.36 7.65
CA GLU A 151 -7.22 42.76 6.28
C GLU A 151 -8.07 43.95 5.90
N HIS A 152 -9.32 44.02 6.38
CA HIS A 152 -10.18 45.16 6.06
C HIS A 152 -9.54 46.46 6.52
N PHE A 153 -9.04 46.47 7.75
CA PHE A 153 -8.40 47.65 8.33
C PHE A 153 -6.99 47.86 7.82
N GLY A 154 -6.65 47.21 6.71
CA GLY A 154 -5.37 47.41 6.06
C GLY A 154 -4.22 46.70 6.73
N ASN A 155 -4.43 45.48 7.22
CA ASN A 155 -3.39 44.71 7.91
C ASN A 155 -2.79 45.53 9.03
N LYS A 156 -3.65 46.15 9.84
CA LYS A 156 -3.26 46.91 11.01
C LYS A 156 -3.46 46.08 12.26
N ALA A 157 -2.63 46.33 13.27
CA ALA A 157 -2.72 45.56 14.50
C ALA A 157 -4.09 45.70 15.13
N LEU A 158 -4.46 44.69 15.92
CA LEU A 158 -5.73 44.66 16.64
C LEU A 158 -5.91 45.89 17.52
N GLN A 159 -4.83 46.38 18.13
CA GLN A 159 -4.97 47.51 19.04
C GLN A 159 -5.26 48.82 18.31
N GLU A 160 -4.91 48.92 17.03
CA GLU A 160 -5.07 50.15 16.28
C GLU A 160 -6.16 50.06 15.20
N TRP A 161 -7.07 49.09 15.30
CA TRP A 161 -8.25 49.11 14.43
C TRP A 161 -9.03 50.40 14.69
N ASP A 162 -9.94 50.72 13.79
CA ASP A 162 -10.66 52.00 13.85
C ASP A 162 -11.98 51.94 14.58
N ASP A 163 -12.62 50.76 14.62
CA ASP A 163 -13.96 50.61 15.17
C ASP A 163 -13.85 49.95 16.54
N LYS A 164 -13.93 50.77 17.58
CA LYS A 164 -13.84 50.28 18.95
C LYS A 164 -14.92 49.23 19.26
N ALA A 165 -16.06 49.28 18.59
CA ALA A 165 -17.08 48.26 18.79
C ALA A 165 -16.55 46.88 18.41
N ILE A 166 -15.90 46.79 17.25
CA ILE A 166 -15.39 45.50 16.79
C ILE A 166 -14.18 45.08 17.63
N ILE A 167 -13.43 46.04 18.16
CA ILE A 167 -12.26 45.69 18.94
C ILE A 167 -12.66 44.92 20.19
N ARG A 168 -13.81 45.22 20.77
CA ARG A 168 -14.28 44.49 21.94
C ARG A 168 -15.54 43.68 21.62
N ARG A 169 -15.70 43.26 20.38
CA ARG A 169 -16.68 42.25 19.95
C ARG A 169 -18.08 42.50 20.53
N GLU A 170 -18.65 43.65 20.19
CA GLU A 170 -20.06 43.88 20.51
C GLU A 170 -20.91 43.19 19.46
N GLU A 171 -21.88 42.38 19.90
CA GLU A 171 -22.41 41.34 19.02
C GLU A 171 -23.13 41.90 17.79
N GLU A 172 -23.59 43.15 17.86
CA GLU A 172 -24.16 43.77 16.66
C GLU A 172 -23.07 44.11 15.64
N ALA A 173 -21.95 44.66 16.12
CA ALA A 173 -20.80 44.90 15.24
C ALA A 173 -20.27 43.59 14.65
N LEU A 174 -20.26 42.51 15.45
CA LEU A 174 -19.78 41.21 15.00
C LEU A 174 -20.68 40.64 13.91
N ALA A 175 -22.00 40.65 14.16
CA ALA A 175 -22.92 40.17 13.13
C ALA A 175 -22.86 41.04 11.88
N GLY A 176 -22.43 42.30 12.01
CA GLY A 176 -22.24 43.12 10.81
C GLY A 176 -20.98 42.75 10.04
N TYR A 177 -19.88 42.50 10.75
CA TYR A 177 -18.62 42.21 10.06
C TYR A 177 -18.60 40.81 9.46
N ARG A 178 -19.29 39.87 10.07
CA ARG A 178 -19.26 38.50 9.55
C ARG A 178 -20.19 38.36 8.37
N GLN A 179 -21.03 39.35 8.12
CA GLN A 179 -22.02 39.32 7.02
C GLN A 179 -21.44 40.12 5.87
N LYS A 180 -20.81 41.22 6.24
CA LYS A 180 -20.16 42.16 5.34
C LYS A 180 -18.85 41.58 4.76
N LEU A 181 -18.27 40.57 5.40
CA LEU A 181 -16.99 40.01 4.99
C LEU A 181 -17.01 38.48 4.87
N SER A 182 -18.17 37.90 4.62
CA SER A 182 -18.25 36.42 4.66
C SER A 182 -17.37 35.68 3.64
N GLU A 183 -17.00 36.26 2.50
CA GLU A 183 -16.24 35.53 1.50
C GLU A 183 -14.73 35.52 1.81
N VAL A 184 -14.20 36.64 2.31
CA VAL A 184 -12.81 36.64 2.73
C VAL A 184 -12.63 35.81 3.99
N ILE A 185 -13.67 35.64 4.80
CA ILE A 185 -13.57 34.74 5.94
C ILE A 185 -13.48 33.30 5.46
N LYS A 186 -14.41 32.90 4.60
CA LYS A 186 -14.38 31.56 4.04
C LYS A 186 -13.03 31.26 3.40
N TYR A 187 -12.40 32.27 2.79
CA TYR A 187 -11.06 32.08 2.26
C TYR A 187 -10.11 31.53 3.32
N HIS A 188 -10.08 32.16 4.50
CA HIS A 188 -9.11 31.81 5.53
C HIS A 188 -9.46 30.48 6.19
N GLU A 189 -10.75 30.18 6.30
CA GLU A 189 -11.16 28.84 6.72
C GLU A 189 -10.58 27.79 5.79
N VAL A 190 -10.73 28.02 4.48
CA VAL A 190 -10.34 27.01 3.51
C VAL A 190 -8.82 26.87 3.47
N THR A 191 -8.09 27.98 3.59
CA THR A 191 -6.65 27.86 3.64
C THR A 191 -6.22 27.08 4.89
N GLN A 192 -6.92 27.25 6.02
CA GLN A 192 -6.60 26.42 7.18
C GLN A 192 -6.88 24.94 6.90
N TYR A 193 -7.95 24.67 6.15
CA TYR A 193 -8.27 23.29 5.78
C TYR A 193 -7.14 22.70 4.92
N PHE A 194 -6.63 23.49 3.97
CA PHE A 194 -5.50 23.05 3.15
C PHE A 194 -4.31 22.72 4.00
N PHE A 195 -3.89 23.66 4.85
CA PHE A 195 -2.80 23.45 5.78
C PHE A 195 -2.93 22.11 6.46
N TYR A 196 -4.05 21.90 7.16
CA TYR A 196 -4.13 20.71 8.00
C TYR A 196 -4.15 19.44 7.16
N LYS A 197 -4.88 19.43 6.04
CA LYS A 197 -4.90 18.27 5.14
C LYS A 197 -3.47 17.89 4.70
N GLN A 198 -2.71 18.87 4.19
CA GLN A 198 -1.34 18.62 3.73
C GLN A 198 -0.42 18.23 4.88
N TRP A 199 -0.50 18.97 6.00
CA TRP A 199 0.38 18.71 7.11
C TRP A 199 0.16 17.31 7.68
N PHE A 200 -1.09 16.90 7.83
CA PHE A 200 -1.31 15.58 8.41
C PHE A 200 -0.96 14.49 7.43
N GLU A 201 -1.08 14.75 6.11
CA GLU A 201 -0.49 13.83 5.14
C GLU A 201 1.01 13.64 5.39
N LEU A 202 1.73 14.75 5.55
CA LEU A 202 3.17 14.66 5.80
C LEU A 202 3.48 13.93 7.11
N LYS A 203 2.76 14.28 8.18
CA LYS A 203 2.99 13.62 9.45
C LYS A 203 2.68 12.12 9.36
N GLU A 204 1.71 11.73 8.54
CA GLU A 204 1.40 10.30 8.39
C GLU A 204 2.50 9.57 7.62
N TYR A 205 2.98 10.16 6.52
CA TYR A 205 4.14 9.60 5.83
C TYR A 205 5.29 9.40 6.81
N ALA A 206 5.65 10.46 7.52
CA ALA A 206 6.76 10.41 8.46
C ALA A 206 6.56 9.29 9.48
N ASN A 207 5.40 9.28 10.14
CA ASN A 207 5.15 8.30 11.19
C ASN A 207 5.25 6.88 10.66
N ASP A 208 4.67 6.61 9.49
CA ASP A 208 4.71 5.25 8.99
C ASP A 208 6.07 4.83 8.46
N LYS A 209 7.01 5.76 8.29
CA LYS A 209 8.40 5.37 8.09
C LYS A 209 9.22 5.32 9.38
N GLY A 210 8.59 5.31 10.56
CA GLY A 210 9.36 5.37 11.80
C GLY A 210 9.93 6.71 12.17
N ILE A 211 9.63 7.77 11.43
CA ILE A 211 10.12 9.13 11.71
C ILE A 211 9.10 9.88 12.57
N GLN A 212 9.56 10.43 13.70
CA GLN A 212 8.72 11.16 14.64
C GLN A 212 9.05 12.65 14.63
N ILE A 213 8.00 13.48 14.78
CA ILE A 213 8.10 14.94 14.66
C ILE A 213 8.12 15.59 16.05
N ILE A 214 9.14 16.39 16.32
CA ILE A 214 9.16 17.25 17.50
C ILE A 214 8.67 18.64 17.08
N GLY A 215 7.44 18.96 17.48
CA GLY A 215 6.92 20.30 17.31
C GLY A 215 7.33 21.26 18.43
N ASP A 216 7.25 22.56 18.10
CA ASP A 216 7.57 23.66 18.99
C ASP A 216 6.28 24.35 19.39
N MET A 217 6.12 24.61 20.69
CA MET A 217 4.99 25.39 21.18
C MET A 217 5.48 26.69 21.80
N PRO A 218 5.28 27.83 21.13
CA PRO A 218 5.68 29.11 21.73
C PRO A 218 4.91 29.37 23.01
N ILE A 219 5.65 29.74 24.07
CA ILE A 219 5.04 30.04 25.36
C ILE A 219 3.99 31.13 25.22
N TYR A 220 4.31 32.19 24.49
CA TYR A 220 3.44 33.35 24.36
C TYR A 220 2.95 33.48 22.92
N VAL A 221 1.80 34.13 22.79
CA VAL A 221 1.30 34.59 21.51
C VAL A 221 1.60 36.07 21.40
N SER A 222 1.35 36.65 20.22
CA SER A 222 1.55 38.08 20.04
C SER A 222 0.35 38.86 20.57
N ALA A 223 0.56 40.15 20.87
CA ALA A 223 -0.58 40.97 21.28
C ALA A 223 -1.58 41.19 20.16
N ASP A 224 -1.20 40.87 18.93
CA ASP A 224 -2.04 41.01 17.74
C ASP A 224 -2.55 39.63 17.37
N SER A 225 -3.59 39.20 18.07
CA SER A 225 -3.94 37.78 18.16
C SER A 225 -5.44 37.58 18.32
N VAL A 226 -5.95 36.49 17.76
CA VAL A 226 -7.34 36.11 17.96
C VAL A 226 -7.62 35.75 19.41
N GLU A 227 -6.57 35.48 20.20
CA GLU A 227 -6.78 35.12 21.60
C GLU A 227 -6.93 36.37 22.48
N VAL A 228 -6.09 37.37 22.24
CA VAL A 228 -6.26 38.68 22.88
C VAL A 228 -7.60 39.28 22.53
N TRP A 229 -8.14 38.93 21.36
CA TRP A 229 -9.45 39.40 20.91
C TRP A 229 -10.60 38.65 21.59
N THR A 230 -10.68 37.33 21.40
CA THR A 230 -11.83 36.57 21.89
C THR A 230 -11.74 36.19 23.37
N MET A 231 -10.54 36.19 23.94
CA MET A 231 -10.33 35.73 25.32
C MET A 231 -9.39 36.67 26.05
N PRO A 232 -9.76 37.96 26.19
CA PRO A 232 -8.84 38.93 26.80
C PRO A 232 -8.53 38.66 28.26
N GLU A 233 -9.39 37.88 28.94
CA GLU A 233 -9.27 37.61 30.37
C GLU A 233 -8.10 36.70 30.72
N LEU A 234 -7.33 36.25 29.72
CA LEU A 234 -6.12 35.48 29.95
C LEU A 234 -4.89 36.37 30.12
N PHE A 235 -4.99 37.65 29.79
CA PHE A 235 -3.86 38.57 29.74
C PHE A 235 -4.05 39.73 30.70
N LYS A 236 -2.96 40.45 30.95
CA LYS A 236 -2.99 41.70 31.67
C LYS A 236 -3.15 42.81 30.64
N LEU A 237 -4.41 43.12 30.29
CA LEU A 237 -4.69 44.17 29.32
C LEU A 237 -5.72 45.13 29.91
N ASP A 238 -5.88 46.26 29.21
CA ASP A 238 -6.85 47.30 29.58
C ASP A 238 -8.07 47.26 28.67
N ARG A 239 -8.92 48.29 28.80
CA ARG A 239 -10.21 48.32 28.10
C ARG A 239 -10.06 48.38 26.59
N ASP A 240 -9.02 49.05 26.07
CA ASP A 240 -8.77 49.03 24.63
C ASP A 240 -7.69 48.01 24.25
N LYS A 241 -7.58 46.94 25.04
CA LYS A 241 -6.86 45.70 24.72
C LYS A 241 -5.38 45.92 24.38
N GLN A 242 -4.74 46.87 25.09
CA GLN A 242 -3.31 47.01 24.91
C GLN A 242 -2.57 46.49 26.13
N PRO A 243 -1.38 45.92 25.92
CA PRO A 243 -0.68 45.23 27.01
C PRO A 243 -0.27 46.19 28.13
N LEU A 244 -0.67 45.84 29.37
CA LEU A 244 -0.19 46.56 30.55
C LEU A 244 1.31 46.38 30.72
N ALA A 245 1.74 45.11 30.73
CA ALA A 245 3.14 44.71 30.70
C ALA A 245 3.40 43.80 29.51
N ILE A 246 4.65 43.80 29.02
CA ILE A 246 5.05 42.93 27.92
C ILE A 246 6.12 41.94 28.39
N ALA A 247 6.41 40.98 27.51
CA ALA A 247 7.30 39.87 27.79
C ALA A 247 8.73 40.16 27.33
N GLY A 248 9.67 39.54 28.02
CA GLY A 248 11.07 39.64 27.65
C GLY A 248 11.95 38.86 28.60
N VAL A 249 13.20 39.32 28.71
CA VAL A 249 14.18 38.59 29.50
C VAL A 249 15.32 39.58 29.76
N PRO A 250 15.88 39.61 30.95
CA PRO A 250 16.90 40.61 31.28
C PRO A 250 18.28 40.18 30.84
N ALA A 251 19.23 41.11 30.99
CA ALA A 251 20.60 40.85 30.57
C ALA A 251 21.25 39.82 31.46
N ASP A 252 21.92 38.86 30.84
CA ASP A 252 22.80 38.00 31.59
C ASP A 252 24.27 38.38 31.37
N ASP A 253 25.18 37.50 31.78
CA ASP A 253 26.61 37.76 31.98
C ASP A 253 27.44 37.78 30.70
N PHE A 254 26.90 37.45 29.54
CA PHE A 254 27.62 37.52 28.27
C PHE A 254 27.09 38.57 27.29
N SER A 255 25.98 39.25 27.62
CA SER A 255 25.60 40.47 26.90
C SER A 255 24.58 41.26 27.70
N ASP A 256 24.81 42.58 27.79
CA ASP A 256 24.33 43.51 28.81
C ASP A 256 22.94 44.11 28.54
N ASP A 257 22.37 43.97 27.35
CA ASP A 257 21.09 44.65 27.17
C ASP A 257 19.86 43.74 27.23
N GLY A 258 20.02 42.43 27.17
CA GLY A 258 18.87 41.57 27.38
C GLY A 258 17.96 41.52 26.16
N GLN A 259 16.71 41.13 26.40
CA GLN A 259 15.78 40.90 25.29
C GLN A 259 14.41 41.47 25.61
N LEU A 260 13.85 42.16 24.63
CA LEU A 260 12.48 42.64 24.66
C LEU A 260 11.71 41.91 23.56
N TRP A 261 10.65 41.20 23.95
CA TRP A 261 9.91 40.33 23.02
C TRP A 261 8.62 40.96 22.48
N GLY A 262 7.82 41.60 23.32
CA GLY A 262 6.62 42.29 22.89
C GLY A 262 5.32 41.55 23.11
N ASN A 263 5.38 40.28 23.50
CA ASN A 263 4.15 39.53 23.70
C ASN A 263 3.42 40.03 24.94
N PRO A 264 2.10 39.94 24.96
CA PRO A 264 1.36 40.21 26.19
C PRO A 264 1.75 39.21 27.27
N ILE A 265 1.39 39.55 28.49
CA ILE A 265 1.72 38.79 29.69
C ILE A 265 0.47 38.08 30.19
N TYR A 266 0.66 36.94 30.85
CA TYR A 266 -0.47 36.16 31.34
C TYR A 266 -0.96 36.66 32.68
N ASN A 267 -2.29 36.68 32.86
CA ASN A 267 -2.90 36.88 34.18
C ASN A 267 -3.05 35.49 34.78
N TRP A 268 -1.92 34.96 35.26
CA TRP A 268 -1.87 33.57 35.65
C TRP A 268 -2.90 33.23 36.74
N ASP A 269 -3.42 34.25 37.45
CA ASP A 269 -4.47 34.01 38.42
C ASP A 269 -5.75 33.53 37.74
N TYR A 270 -6.16 34.20 36.65
CA TYR A 270 -7.33 33.73 35.91
C TYR A 270 -7.14 32.31 35.43
N HIS A 271 -5.91 31.95 35.07
CA HIS A 271 -5.64 30.57 34.65
C HIS A 271 -5.84 29.60 35.80
N LYS A 272 -5.20 29.86 36.96
CA LYS A 272 -5.34 28.97 38.09
C LYS A 272 -6.81 28.79 38.46
N GLU A 273 -7.57 29.89 38.49
CA GLU A 273 -8.98 29.77 38.81
C GLU A 273 -9.72 28.97 37.74
N SER A 274 -9.40 29.19 36.46
CA SER A 274 -10.14 28.53 35.38
C SER A 274 -9.67 27.11 35.15
N ASP A 275 -8.86 26.56 36.07
CA ASP A 275 -8.36 25.20 36.00
C ASP A 275 -7.44 25.00 34.79
N PHE A 276 -6.81 26.08 34.32
CA PHE A 276 -5.89 26.04 33.19
C PHE A 276 -6.54 25.49 31.89
N ASP A 277 -7.86 25.62 31.78
CA ASP A 277 -8.63 25.20 30.61
C ASP A 277 -7.86 25.44 29.30
N TRP A 278 -7.46 26.68 29.09
CA TRP A 278 -6.85 27.04 27.81
C TRP A 278 -5.54 26.31 27.58
N TRP A 279 -4.74 26.13 28.64
CA TRP A 279 -3.47 25.45 28.51
C TRP A 279 -3.66 23.96 28.23
N ILE A 280 -4.66 23.35 28.86
CA ILE A 280 -4.95 21.95 28.55
C ILE A 280 -5.29 21.81 27.08
N TYR A 281 -6.01 22.80 26.54
CA TYR A 281 -6.37 22.76 25.12
C TYR A 281 -5.16 22.97 24.22
N ARG A 282 -4.27 23.88 24.60
CA ARG A 282 -3.03 24.07 23.83
C ARG A 282 -2.22 22.79 23.77
N ILE A 283 -1.96 22.19 24.94
CA ILE A 283 -1.15 20.97 25.04
C ILE A 283 -1.82 19.82 24.31
N GLN A 284 -3.16 19.74 24.40
CA GLN A 284 -3.87 18.64 23.74
C GLN A 284 -3.74 18.74 22.23
N SER A 285 -3.94 19.94 21.68
CA SER A 285 -3.80 20.09 20.25
C SER A 285 -2.34 20.01 19.82
N GLY A 286 -1.40 20.18 20.75
CA GLY A 286 0.01 20.06 20.43
C GLY A 286 0.42 18.60 20.29
N VAL A 287 -0.02 17.79 21.24
CA VAL A 287 0.22 16.34 21.17
C VAL A 287 -0.59 15.68 20.06
N LYS A 288 -1.62 16.32 19.52
CA LYS A 288 -2.15 15.79 18.26
C LYS A 288 -1.41 16.33 17.03
N MET A 289 -0.93 17.58 17.10
CA MET A 289 -0.22 18.12 15.95
C MET A 289 1.11 17.42 15.74
N TYR A 290 1.68 16.85 16.79
CA TYR A 290 3.04 16.36 16.74
C TYR A 290 3.12 14.98 17.38
N ASP A 291 4.33 14.44 17.40
CA ASP A 291 4.64 13.24 18.15
C ASP A 291 5.37 13.55 19.46
N TYR A 292 6.15 14.63 19.49
CA TYR A 292 6.81 15.08 20.68
C TYR A 292 6.70 16.60 20.72
N LEU A 293 6.19 17.15 21.81
CA LEU A 293 6.01 18.59 21.93
C LEU A 293 7.13 19.19 22.77
N ARG A 294 7.67 20.30 22.29
CA ARG A 294 8.77 21.02 22.91
C ARG A 294 8.23 22.36 23.38
N ILE A 295 8.04 22.51 24.69
CA ILE A 295 7.50 23.77 25.19
C ILE A 295 8.64 24.77 25.34
N ASP A 296 8.57 25.87 24.57
CA ASP A 296 9.63 26.86 24.60
C ASP A 296 9.62 27.59 25.93
N HIS A 297 10.80 28.08 26.33
CA HIS A 297 10.95 28.99 27.47
C HIS A 297 10.27 28.46 28.73
N PHE A 298 10.73 27.29 29.15
CA PHE A 298 10.18 26.61 30.32
C PHE A 298 10.33 27.47 31.57
N LYS A 299 11.37 28.31 31.60
CA LYS A 299 11.56 29.24 32.72
C LYS A 299 10.29 30.03 33.00
N GLY A 300 9.58 30.41 31.94
CA GLY A 300 8.37 31.21 32.06
C GLY A 300 7.26 30.54 32.84
N PHE A 301 7.35 29.24 33.10
CA PHE A 301 6.33 28.58 33.93
C PHE A 301 6.70 28.56 35.41
N SER A 302 7.93 28.93 35.76
CA SER A 302 8.30 29.12 37.16
C SER A 302 8.33 30.60 37.54
N ASP A 303 9.01 31.41 36.74
CA ASP A 303 9.19 32.84 37.00
C ASP A 303 9.40 33.50 35.64
N TYR A 304 8.50 34.38 35.23
CA TYR A 304 8.68 35.10 33.96
C TYR A 304 9.05 36.56 34.21
N TRP A 305 9.77 37.13 33.25
CA TRP A 305 10.21 38.52 33.31
C TRP A 305 9.15 39.42 32.68
N GLU A 306 8.77 40.47 33.41
CA GLU A 306 7.61 41.29 33.08
C GLU A 306 8.03 42.75 32.93
N ILE A 307 8.31 43.17 31.69
CA ILE A 307 8.59 44.58 31.43
C ILE A 307 7.29 45.37 31.56
N ARG A 308 7.33 46.45 32.32
CA ARG A 308 6.13 47.28 32.41
C ARG A 308 5.98 48.12 31.13
N GLY A 309 4.85 48.84 31.04
CA GLY A 309 4.73 49.89 30.04
C GLY A 309 5.74 50.95 30.40
N ASP A 310 5.83 52.04 29.64
CA ASP A 310 6.83 53.09 29.90
C ASP A 310 8.23 52.49 30.09
N TYR A 311 8.57 51.53 29.24
CA TYR A 311 9.92 50.98 29.25
C TYR A 311 10.83 51.83 28.39
N GLN A 312 12.12 51.77 28.69
CA GLN A 312 13.12 52.27 27.75
C GLN A 312 14.06 51.18 27.26
N THR A 313 14.50 50.29 28.15
CA THR A 313 15.08 49.02 27.74
C THR A 313 14.34 47.91 28.49
N ALA A 314 14.68 46.67 28.12
CA ALA A 314 14.07 45.48 28.70
C ALA A 314 14.53 45.22 30.14
N ASN A 315 15.52 45.94 30.63
CA ASN A 315 15.94 45.80 32.02
C ASN A 315 15.00 46.47 33.00
N ASP A 316 13.91 47.07 32.51
CA ASP A 316 12.92 47.75 33.33
C ASP A 316 11.72 46.82 33.59
N GLY A 317 11.97 45.78 34.37
CA GLY A 317 10.96 44.75 34.60
C GLY A 317 11.06 44.16 35.97
N SER A 318 10.55 42.93 36.10
CA SER A 318 10.64 42.18 37.35
C SER A 318 10.45 40.70 37.06
N TRP A 319 10.83 39.87 38.02
CA TRP A 319 10.59 38.43 37.97
C TRP A 319 9.28 38.14 38.72
N GLN A 320 8.23 37.81 37.98
CA GLN A 320 6.91 37.47 38.44
C GLN A 320 6.72 35.97 38.55
N PRO A 321 5.89 35.54 39.51
CA PRO A 321 5.68 34.10 39.70
C PRO A 321 4.53 33.53 38.87
N ALA A 322 4.80 32.49 38.15
CA ALA A 322 3.79 31.69 37.47
C ALA A 322 3.55 30.39 38.21
N PRO A 323 2.35 29.81 38.14
CA PRO A 323 2.02 28.61 38.93
C PRO A 323 2.33 27.29 38.20
N GLY A 324 3.60 27.11 37.84
CA GLY A 324 4.04 25.94 37.11
C GLY A 324 3.59 24.62 37.67
N PRO A 325 3.93 24.35 38.93
CA PRO A 325 3.54 23.06 39.55
C PRO A 325 2.07 22.69 39.40
N GLU A 326 1.15 23.63 39.68
CA GLU A 326 -0.28 23.34 39.55
C GLU A 326 -0.65 23.04 38.10
N LEU A 327 -0.16 23.86 37.17
CA LEU A 327 -0.48 23.66 35.75
C LEU A 327 -0.07 22.27 35.30
N PHE A 328 1.15 21.86 35.65
CA PHE A 328 1.61 20.59 35.11
C PHE A 328 0.98 19.42 35.85
N ALA A 329 0.65 19.56 37.13
CA ALA A 329 -0.15 18.50 37.75
C ALA A 329 -1.49 18.37 37.06
N THR A 330 -2.11 19.49 36.72
CA THR A 330 -3.41 19.43 36.05
C THR A 330 -3.30 18.76 34.70
N ILE A 331 -2.21 19.07 33.96
CA ILE A 331 -2.02 18.43 32.66
C ILE A 331 -1.84 16.93 32.82
N LYS A 332 -0.96 16.52 33.76
CA LYS A 332 -0.78 15.08 34.02
C LYS A 332 -2.11 14.41 34.34
N GLU A 333 -2.85 14.93 35.32
CA GLU A 333 -4.12 14.32 35.68
C GLU A 333 -5.08 14.23 34.48
N LYS A 334 -5.28 15.33 33.77
CA LYS A 334 -6.35 15.36 32.79
C LYS A 334 -5.96 14.71 31.48
N LEU A 335 -4.68 14.71 31.14
CA LEU A 335 -4.20 14.27 29.83
C LEU A 335 -3.37 13.00 29.89
N GLY A 336 -3.06 12.48 31.08
CA GLY A 336 -2.04 11.45 31.25
C GLY A 336 -0.65 12.05 31.22
N ASP A 337 0.38 11.19 31.27
CA ASP A 337 1.75 11.65 31.01
C ASP A 337 1.95 11.78 29.49
N LEU A 338 2.76 12.74 29.06
CA LEU A 338 2.78 13.09 27.64
C LEU A 338 4.20 13.32 27.13
N PRO A 339 4.44 13.05 25.82
CA PRO A 339 5.80 13.26 25.28
C PRO A 339 6.20 14.72 25.17
N ILE A 340 6.48 15.38 26.29
CA ILE A 340 6.96 16.76 26.28
C ILE A 340 8.46 16.78 26.51
N ILE A 341 9.16 17.65 25.80
CA ILE A 341 10.52 18.03 26.18
C ILE A 341 10.50 19.50 26.55
N ALA A 342 11.26 19.84 27.59
CA ALA A 342 11.23 21.16 28.19
C ALA A 342 12.49 21.93 27.82
N GLU A 343 12.30 23.14 27.31
CA GLU A 343 13.41 24.02 26.93
C GLU A 343 13.74 24.88 28.14
N ASN A 344 14.77 24.49 28.90
CA ASN A 344 15.01 25.16 30.17
C ASN A 344 16.33 25.94 30.18
N LEU A 345 16.60 26.67 29.11
CA LEU A 345 17.85 27.42 29.00
C LEU A 345 17.73 28.77 29.68
N GLY A 346 18.71 29.12 30.47
CA GLY A 346 18.81 30.46 31.04
C GLY A 346 18.14 30.58 32.39
N TYR A 347 18.68 31.48 33.21
CA TYR A 347 18.00 32.00 34.40
C TYR A 347 17.51 30.88 35.29
N ILE A 348 18.27 29.79 35.32
CA ILE A 348 17.88 28.63 36.11
C ILE A 348 18.07 28.94 37.60
N ASP A 349 17.00 28.78 38.36
CA ASP A 349 17.02 28.84 39.80
C ASP A 349 16.27 27.61 40.30
N GLU A 350 16.36 27.35 41.60
CA GLU A 350 15.88 26.08 42.13
C GLU A 350 14.38 25.90 41.98
N ARG A 351 13.62 26.97 41.72
CA ARG A 351 12.21 26.77 41.37
C ARG A 351 12.07 26.09 40.00
N ALA A 352 12.91 26.47 39.04
CA ALA A 352 12.90 25.83 37.72
C ALA A 352 13.38 24.38 37.78
N GLU A 353 14.41 24.12 38.57
CA GLU A 353 14.90 22.75 38.70
C GLU A 353 13.86 21.87 39.39
N ARG A 354 13.09 22.42 40.33
CA ARG A 354 12.01 21.66 40.93
C ARG A 354 10.90 21.40 39.91
N LEU A 355 10.55 22.41 39.10
CA LEU A 355 9.58 22.21 38.01
C LEU A 355 9.97 21.02 37.15
N LEU A 356 11.21 21.02 36.66
CA LEU A 356 11.67 19.91 35.82
C LEU A 356 11.56 18.58 36.57
N ALA A 357 12.25 18.45 37.71
CA ALA A 357 12.20 17.17 38.44
C ALA A 357 10.76 16.68 38.64
N GLY A 358 9.84 17.59 38.97
CA GLY A 358 8.45 17.19 39.11
C GLY A 358 7.82 16.69 37.83
N THR A 359 8.24 17.20 36.68
CA THR A 359 7.65 16.64 35.45
C THR A 359 8.34 15.36 34.97
N GLY A 360 9.65 15.23 35.20
CA GLY A 360 10.38 14.14 34.59
C GLY A 360 10.56 14.27 33.08
N PHE A 361 10.12 15.37 32.47
CA PHE A 361 10.42 15.63 31.08
C PHE A 361 11.93 15.75 30.88
N PRO A 362 12.45 15.36 29.73
CA PRO A 362 13.81 15.79 29.38
C PRO A 362 13.94 17.30 29.28
N GLY A 363 15.11 17.78 29.68
CA GLY A 363 15.52 19.14 29.41
C GLY A 363 16.65 19.19 28.40
N MET A 364 17.17 20.39 28.21
CA MET A 364 18.10 20.64 27.12
C MET A 364 19.53 20.76 27.61
N LYS A 365 20.46 20.58 26.68
CA LYS A 365 21.89 20.79 26.87
C LYS A 365 22.44 21.35 25.55
N ILE A 366 22.89 22.60 25.58
CA ILE A 366 23.36 23.27 24.38
C ILE A 366 24.88 23.34 24.48
N MET A 367 25.56 22.44 23.76
CA MET A 367 27.00 22.31 23.95
C MET A 367 27.76 23.58 23.65
N GLU A 368 27.16 24.53 22.93
CA GLU A 368 27.90 25.73 22.57
C GLU A 368 28.09 26.66 23.75
N PHE A 369 27.24 26.58 24.76
CA PHE A 369 27.38 27.34 25.99
C PHE A 369 28.41 26.74 26.95
N GLY A 370 29.00 25.60 26.60
CA GLY A 370 29.73 24.81 27.58
C GLY A 370 31.23 24.74 27.39
N PHE A 371 31.80 25.63 26.57
CA PHE A 371 33.25 25.70 26.41
C PHE A 371 33.75 27.11 26.64
N TYR A 372 32.89 28.03 27.06
CA TYR A 372 33.34 29.38 27.41
C TYR A 372 34.15 29.40 28.70
N ASP A 373 34.07 28.36 29.51
CA ASP A 373 34.80 28.28 30.76
C ASP A 373 35.73 27.07 30.67
N THR A 374 37.03 27.34 30.47
CA THR A 374 38.05 26.31 30.30
C THR A 374 38.33 25.50 31.56
N THR A 375 37.67 25.77 32.69
CA THR A 375 37.86 24.92 33.87
C THR A 375 37.17 23.57 33.70
N GLY A 376 36.16 23.50 32.83
CA GLY A 376 35.32 22.32 32.70
C GLY A 376 34.12 22.30 33.61
N ASN A 377 33.76 23.42 34.22
CA ASN A 377 32.69 23.40 35.22
C ASN A 377 31.33 23.77 34.66
N SER A 378 31.28 24.32 33.44
CA SER A 378 30.03 24.65 32.78
C SER A 378 29.12 23.43 32.72
N ILE A 379 27.86 23.62 33.14
CA ILE A 379 26.88 22.54 33.16
C ILE A 379 26.45 22.12 31.77
N ASP A 380 26.92 22.79 30.72
CA ASP A 380 26.68 22.40 29.35
C ASP A 380 27.90 21.74 28.72
N ILE A 381 28.88 21.33 29.53
CA ILE A 381 30.05 20.59 29.04
C ILE A 381 29.70 19.11 29.01
N PRO A 382 30.07 18.38 27.94
CA PRO A 382 29.57 17.01 27.76
C PRO A 382 29.66 16.09 28.99
N HIS A 383 30.72 16.20 29.78
CA HIS A 383 30.81 15.23 30.86
C HIS A 383 29.86 15.50 31.98
N ASN A 384 28.86 16.38 31.86
CA ASN A 384 27.87 16.59 32.91
C ASN A 384 26.47 16.25 32.47
N TYR A 385 26.32 15.71 31.25
CA TYR A 385 25.00 15.35 30.76
C TYR A 385 24.56 14.06 31.40
N THR A 386 23.24 13.91 31.55
CA THR A 386 22.65 12.64 31.96
C THR A 386 21.73 12.15 30.85
N GLU A 387 21.16 10.96 31.05
CA GLU A 387 20.40 10.34 29.97
C GLU A 387 19.13 11.12 29.67
N ASN A 388 18.43 11.59 30.71
CA ASN A 388 17.15 12.28 30.52
C ASN A 388 17.37 13.74 30.10
N THR A 389 18.04 13.92 28.97
CA THR A 389 18.24 15.22 28.34
C THR A 389 18.27 15.03 26.82
N ILE A 390 18.01 16.13 26.11
CA ILE A 390 18.09 16.19 24.65
C ILE A 390 19.26 17.11 24.32
N ALA A 391 20.31 16.62 23.69
CA ALA A 391 21.50 17.43 23.50
C ALA A 391 21.56 17.99 22.08
N TYR A 392 21.90 19.28 21.98
CA TYR A 392 22.10 20.00 20.73
C TYR A 392 23.53 20.51 20.67
N ALA A 393 24.02 20.65 19.45
CA ALA A 393 25.23 21.43 19.23
C ALA A 393 24.91 22.90 19.42
N GLY A 394 23.89 23.36 18.71
CA GLY A 394 23.27 24.63 18.99
C GLY A 394 21.81 24.46 18.64
N THR A 395 21.02 25.47 18.99
CA THR A 395 19.68 25.52 18.48
C THR A 395 19.54 26.71 17.54
N HIS A 396 18.32 26.89 17.03
CA HIS A 396 18.07 27.88 16.00
C HIS A 396 18.35 29.29 16.46
N ASP A 397 18.53 29.52 17.76
CA ASP A 397 18.86 30.83 18.29
C ASP A 397 20.35 31.02 18.55
N ASN A 398 21.14 29.96 18.44
CA ASN A 398 22.57 30.02 18.61
C ASN A 398 23.24 30.13 17.26
N GLU A 399 24.53 30.45 17.29
CA GLU A 399 25.30 30.47 16.06
C GLU A 399 25.37 29.07 15.46
N VAL A 400 25.64 29.00 14.16
CA VAL A 400 26.04 27.72 13.60
C VAL A 400 27.43 27.41 14.14
N ILE A 401 27.75 26.12 14.25
CA ILE A 401 29.01 25.68 14.87
C ILE A 401 30.19 26.38 14.21
N ASN A 402 30.19 26.47 12.87
CA ASN A 402 31.26 27.17 12.20
C ASN A 402 31.35 28.60 12.67
N GLY A 403 30.20 29.21 12.99
CA GLY A 403 30.22 30.57 13.52
C GLY A 403 30.66 30.64 14.97
N TRP A 404 30.12 29.75 15.81
CA TRP A 404 30.52 29.72 17.22
C TRP A 404 32.03 29.56 17.36
N PHE A 405 32.65 28.76 16.51
CA PHE A 405 34.09 28.52 16.58
C PHE A 405 34.94 29.74 16.23
N GLU A 406 34.40 30.72 15.50
CA GLU A 406 35.18 31.93 15.26
C GLU A 406 35.35 32.73 16.54
N ASN A 407 34.28 32.90 17.30
CA ASN A 407 34.26 33.87 18.39
C ASN A 407 34.68 33.24 19.71
N LEU A 408 35.83 32.58 19.68
CA LEU A 408 36.40 31.92 20.84
C LEU A 408 37.78 32.50 21.12
N THR A 409 38.03 32.81 22.39
CA THR A 409 39.39 32.98 22.88
C THR A 409 40.29 31.91 22.29
N VAL A 410 41.44 32.32 21.73
CA VAL A 410 42.29 31.26 21.19
C VAL A 410 42.74 30.28 22.28
N GLU A 411 42.68 30.68 23.55
CA GLU A 411 42.80 29.70 24.63
C GLU A 411 41.53 28.83 24.72
N GLN A 412 40.35 29.43 24.48
CA GLN A 412 39.12 28.64 24.41
C GLN A 412 39.11 27.72 23.19
N LYS A 413 39.61 28.21 22.06
CA LYS A 413 39.74 27.35 20.88
C LYS A 413 40.66 26.18 21.17
N ALA A 414 41.85 26.48 21.70
CA ALA A 414 42.82 25.42 22.01
C ALA A 414 42.18 24.38 22.92
N TYR A 415 41.54 24.85 23.98
CA TYR A 415 40.93 23.94 24.93
C TYR A 415 39.85 23.09 24.29
N ALA A 416 39.02 23.69 23.41
CA ALA A 416 37.94 22.94 22.77
C ALA A 416 38.50 21.91 21.79
N GLU A 417 39.60 22.23 21.12
CA GLU A 417 40.21 21.25 20.22
C GLU A 417 40.84 20.12 21.02
N ASN A 418 41.30 20.40 22.23
CA ASN A 418 41.77 19.36 23.13
C ASN A 418 40.65 18.41 23.56
N TYR A 419 39.70 18.96 24.34
CA TYR A 419 38.58 18.23 24.92
C TYR A 419 37.89 17.28 23.97
N MET A 420 37.72 17.69 22.71
CA MET A 420 36.94 16.94 21.74
C MET A 420 37.81 16.13 20.80
N ARG A 421 39.14 16.23 20.91
CA ARG A 421 40.07 15.39 20.14
C ARG A 421 39.93 15.63 18.63
N ARG A 422 40.09 16.90 18.23
CA ARG A 422 39.99 17.21 16.80
C ARG A 422 41.22 16.66 16.09
N LEU A 423 40.96 15.80 15.11
CA LEU A 423 41.98 15.30 14.21
C LEU A 423 42.44 16.41 13.25
N PRO A 424 43.73 16.48 12.93
CA PRO A 424 44.16 17.53 11.99
C PRO A 424 43.58 17.29 10.60
N ASN A 425 43.30 18.41 9.90
CA ASN A 425 42.69 18.40 8.55
C ASN A 425 41.20 18.00 8.59
N GLU A 426 40.48 18.46 9.61
CA GLU A 426 39.09 18.03 9.83
C GLU A 426 38.21 19.24 10.12
N PRO A 427 37.16 19.49 9.35
CA PRO A 427 36.27 20.61 9.68
C PRO A 427 35.64 20.37 11.04
N ILE A 428 35.59 21.42 11.86
CA ILE A 428 35.20 21.22 13.25
C ILE A 428 33.72 20.95 13.44
N THR A 429 32.89 21.06 12.40
CA THR A 429 31.50 20.68 12.58
C THR A 429 31.38 19.18 12.78
N GLU A 430 32.16 18.41 12.01
CA GLU A 430 32.25 16.98 12.20
C GLU A 430 32.90 16.62 13.55
N THR A 431 33.87 17.41 13.99
CA THR A 431 34.42 17.23 15.32
C THR A 431 33.31 17.35 16.37
N VAL A 432 32.70 18.52 16.44
CA VAL A 432 31.72 18.80 17.49
C VAL A 432 30.62 17.75 17.47
N LEU A 433 30.18 17.36 16.27
CA LEU A 433 29.06 16.43 16.17
C LEU A 433 29.46 15.02 16.58
N ARG A 434 30.71 14.61 16.32
CA ARG A 434 31.18 13.35 16.89
C ARG A 434 31.04 13.37 18.40
N THR A 435 31.53 14.44 19.03
CA THR A 435 31.44 14.50 20.49
C THR A 435 29.98 14.51 20.95
N LEU A 436 29.15 15.40 20.38
CA LEU A 436 27.72 15.46 20.73
C LEU A 436 27.09 14.07 20.71
N TYR A 437 27.37 13.29 19.66
CA TYR A 437 26.72 11.99 19.57
C TYR A 437 27.32 11.00 20.55
N ALA A 438 28.54 11.26 21.03
CA ALA A 438 29.13 10.38 22.03
C ALA A 438 28.57 10.59 23.44
N THR A 439 27.75 11.62 23.68
CA THR A 439 27.28 11.92 25.02
C THR A 439 26.22 10.92 25.48
N VAL A 440 26.01 10.86 26.80
CA VAL A 440 25.11 9.88 27.38
C VAL A 440 23.65 10.27 27.17
N SER A 441 23.42 11.37 26.45
CA SER A 441 22.06 11.88 26.25
C SER A 441 21.22 10.86 25.50
N GLN A 442 19.93 10.77 25.86
CA GLN A 442 19.08 9.80 25.18
C GLN A 442 18.86 10.17 23.73
N THR A 443 18.78 11.47 23.44
CA THR A 443 18.57 11.97 22.08
C THR A 443 19.51 13.14 21.83
N THR A 444 20.10 13.17 20.64
CA THR A 444 20.89 14.30 20.17
C THR A 444 20.34 14.75 18.83
N ILE A 445 20.32 16.07 18.63
CA ILE A 445 19.75 16.67 17.43
C ILE A 445 20.82 17.45 16.70
N THR A 446 20.92 17.24 15.40
CA THR A 446 21.93 17.88 14.57
C THR A 446 21.31 18.97 13.73
N CYS A 447 21.92 20.14 13.76
CA CYS A 447 21.41 21.31 13.05
C CYS A 447 21.76 21.15 11.58
N MET A 448 20.76 21.03 10.71
CA MET A 448 21.05 20.76 9.31
C MET A 448 22.08 21.73 8.72
N GLN A 449 22.22 22.93 9.30
CA GLN A 449 23.28 23.83 8.86
C GLN A 449 24.64 23.17 9.01
N ASP A 450 24.93 22.68 10.22
CA ASP A 450 26.27 22.17 10.55
C ASP A 450 26.56 20.84 9.87
N LEU A 451 25.56 20.02 9.63
CA LEU A 451 25.75 18.82 8.83
C LEU A 451 26.31 19.14 7.46
N LEU A 452 25.90 20.24 6.85
CA LEU A 452 26.46 20.68 5.56
C LEU A 452 27.61 21.66 5.72
N ASP A 453 28.07 21.89 6.95
CA ASP A 453 29.21 22.78 7.22
C ASP A 453 28.97 24.19 6.66
N LYS A 454 27.82 24.83 7.11
CA LYS A 454 27.58 26.14 6.49
C LYS A 454 28.16 27.28 7.35
N PRO A 455 28.52 28.43 6.74
CA PRO A 455 29.25 29.48 7.50
C PRO A 455 28.35 30.33 8.38
N ALA A 456 28.89 31.39 9.00
CA ALA A 456 28.12 32.13 10.00
C ALA A 456 26.86 32.77 9.43
N ASP A 457 26.84 33.04 8.11
CA ASP A 457 25.65 33.63 7.47
C ASP A 457 24.39 32.83 7.73
N SER A 458 24.52 31.53 8.03
CA SER A 458 23.41 30.57 7.95
C SER A 458 22.60 30.49 9.22
N ARG A 459 22.95 31.29 10.23
CA ARG A 459 22.23 31.29 11.50
C ARG A 459 20.74 31.55 11.25
N MET A 460 19.86 30.80 11.93
CA MET A 460 18.43 30.93 11.70
C MET A 460 17.85 32.14 12.42
N ASN A 461 18.09 32.26 13.72
CA ASN A 461 17.72 33.44 14.48
C ASN A 461 18.95 34.01 15.15
N MET A 462 18.90 35.32 15.45
CA MET A 462 19.87 36.00 16.29
C MET A 462 19.04 36.85 17.24
N PRO A 463 18.88 36.41 18.49
CA PRO A 463 17.82 36.99 19.34
C PRO A 463 18.00 38.49 19.54
N ASN A 464 16.84 39.18 19.61
CA ASN A 464 16.77 40.60 19.92
C ASN A 464 17.20 41.48 18.73
N THR A 465 16.97 41.00 17.51
CA THR A 465 17.07 41.80 16.30
C THR A 465 15.87 41.48 15.40
N VAL A 466 15.72 42.23 14.32
CA VAL A 466 14.75 41.89 13.29
C VAL A 466 15.36 41.74 11.89
N GLY A 467 16.50 42.37 11.62
CA GLY A 467 17.17 42.14 10.36
C GLY A 467 17.55 40.69 10.09
N GLY A 468 17.12 40.17 8.94
CA GLY A 468 17.65 38.95 8.35
C GLY A 468 17.64 37.71 9.21
N ASN A 469 16.44 37.27 9.60
CA ASN A 469 16.24 36.13 10.48
C ASN A 469 15.18 35.23 9.86
N TRP A 470 15.33 33.91 10.08
CA TRP A 470 14.42 32.89 9.57
C TRP A 470 14.49 32.76 8.05
N GLN A 471 15.66 33.07 7.48
CA GLN A 471 15.80 33.15 6.05
C GLN A 471 16.61 32.02 5.44
N TRP A 472 17.20 31.15 6.25
CA TRP A 472 18.05 30.11 5.67
C TRP A 472 17.22 29.07 4.93
N ARG A 473 17.62 28.77 3.71
CA ARG A 473 17.15 27.59 3.01
C ARG A 473 18.37 26.78 2.58
N MET A 474 18.15 25.51 2.30
CA MET A 474 19.24 24.59 1.99
C MET A 474 19.17 24.13 0.53
N ARG A 475 20.28 24.27 -0.18
CA ARG A 475 20.36 23.78 -1.54
C ARG A 475 20.40 22.25 -1.55
N LYS A 476 19.58 21.64 -2.42
CA LYS A 476 19.64 20.20 -2.64
C LYS A 476 21.02 19.77 -3.12
N GLU A 477 21.72 20.69 -3.80
CA GLU A 477 23.10 20.48 -4.21
C GLU A 477 24.02 20.17 -3.03
N ASP A 478 23.68 20.63 -1.83
CA ASP A 478 24.58 20.52 -0.68
C ASP A 478 24.37 19.26 0.13
N LEU A 479 23.30 18.51 -0.12
CA LEU A 479 23.06 17.25 0.59
C LEU A 479 23.73 16.09 -0.17
N THR A 480 25.04 16.26 -0.37
CA THR A 480 25.87 15.25 -0.98
C THR A 480 25.79 13.91 -0.22
N GLU A 481 25.92 12.81 -0.96
CA GLU A 481 25.97 11.47 -0.38
C GLU A 481 27.01 11.35 0.72
N ASN A 482 28.03 12.21 0.65
CA ASN A 482 29.07 12.24 1.68
C ASN A 482 28.54 12.78 3.00
N ARG A 483 27.79 13.89 2.97
CA ARG A 483 27.17 14.40 4.21
C ARG A 483 26.26 13.33 4.82
N LYS A 484 25.43 12.69 3.97
CA LYS A 484 24.51 11.67 4.46
C LYS A 484 25.28 10.51 5.07
N ALA A 485 26.39 10.10 4.43
CA ALA A 485 27.18 8.99 4.95
C ALA A 485 27.80 9.34 6.29
N PHE A 486 28.23 10.60 6.45
CA PHE A 486 28.76 11.06 7.72
C PHE A 486 27.71 10.95 8.82
N LEU A 487 26.49 11.42 8.55
CA LEU A 487 25.45 11.36 9.56
C LEU A 487 25.12 9.91 9.90
N LYS A 488 24.97 9.05 8.88
CA LYS A 488 24.71 7.64 9.19
C LYS A 488 25.83 7.06 10.03
N GLU A 489 27.08 7.44 9.75
CA GLU A 489 28.21 6.89 10.48
C GLU A 489 28.14 7.26 11.95
N ILE A 490 28.03 8.56 12.26
CA ILE A 490 27.98 8.93 13.67
C ILE A 490 26.74 8.32 14.33
N THR A 491 25.69 8.06 13.56
CA THR A 491 24.52 7.45 14.20
C THR A 491 24.75 5.98 14.51
N THR A 492 25.54 5.28 13.69
CA THR A 492 25.84 3.86 13.94
C THR A 492 26.94 3.67 15.00
N ILE A 493 28.04 4.42 14.88
CA ILE A 493 29.16 4.28 15.79
C ILE A 493 28.73 4.49 17.23
N TYR A 494 27.87 5.47 17.49
CA TYR A 494 27.53 5.80 18.87
C TYR A 494 26.20 5.24 19.32
N ASN A 495 25.67 4.28 18.55
CA ASN A 495 24.52 3.46 18.94
C ASN A 495 23.22 4.26 19.13
N ARG A 496 22.78 4.95 18.08
CA ARG A 496 21.53 5.75 18.16
C ARG A 496 20.71 5.55 16.88
N GLY A 497 20.61 4.33 16.35
CA GLY A 497 19.93 4.12 15.09
C GLY A 497 18.43 3.82 15.19
N ASN A 498 17.71 4.16 14.11
CA ASN A 498 16.27 3.91 13.89
C ASN A 498 15.32 4.60 14.87
N ALA B 2 26.81 18.29 40.07
CA ALA B 2 26.49 16.88 40.30
C ALA B 2 27.15 16.32 41.58
N LYS B 3 28.48 16.22 41.54
CA LYS B 3 29.32 15.82 42.67
C LYS B 3 30.71 16.36 42.36
N LYS B 4 31.73 15.88 43.08
CA LYS B 4 33.09 16.25 42.76
C LYS B 4 33.75 15.12 41.98
N ARG B 5 34.21 15.45 40.76
CA ARG B 5 34.87 14.48 39.89
C ARG B 5 36.35 14.38 40.24
N ALA B 6 36.86 13.13 40.24
CA ALA B 6 38.20 12.83 40.72
C ALA B 6 38.94 11.86 39.78
N SER B 7 40.27 11.86 39.93
CA SER B 7 41.14 10.90 39.29
C SER B 7 42.07 10.25 40.29
N GLY B 8 42.68 9.15 39.82
CA GLY B 8 43.60 8.39 40.64
C GLY B 8 44.46 7.47 39.80
N VAL B 9 45.61 7.12 40.37
CA VAL B 9 46.54 6.20 39.75
C VAL B 9 46.45 4.85 40.48
N LEU B 10 46.21 3.78 39.72
CA LEU B 10 46.27 2.42 40.24
C LEU B 10 47.69 1.93 40.08
N MET B 11 48.35 1.67 41.20
CA MET B 11 49.68 1.06 41.20
C MET B 11 49.99 0.51 42.57
N HIS B 12 50.39 -0.75 42.64
CA HIS B 12 50.59 -1.42 43.93
C HIS B 12 51.93 -1.08 44.56
N ILE B 13 51.98 -1.17 45.90
CA ILE B 13 53.19 -0.82 46.64
C ILE B 13 54.39 -1.59 46.10
N THR B 14 54.28 -2.91 45.99
CA THR B 14 55.38 -3.75 45.52
C THR B 14 55.93 -3.29 44.17
N SER B 15 55.12 -2.61 43.38
CA SER B 15 55.55 -2.18 42.06
C SER B 15 56.54 -1.02 42.09
N LEU B 16 56.70 -0.33 43.22
CA LEU B 16 57.52 0.88 43.27
C LEU B 16 58.98 0.55 42.96
N PRO B 17 59.74 1.53 42.48
CA PRO B 17 61.17 1.31 42.23
C PRO B 17 61.96 1.41 43.53
N GLY B 18 63.16 0.86 43.49
CA GLY B 18 63.98 0.79 44.68
C GLY B 18 65.03 -0.31 44.54
N ASP B 19 65.82 -0.45 45.60
CA ASP B 19 66.99 -1.33 45.58
C ASP B 19 66.81 -2.60 46.40
N LEU B 20 65.75 -2.71 47.19
CA LEU B 20 65.55 -3.93 47.96
C LEU B 20 64.84 -5.04 47.16
N GLY B 21 64.86 -4.98 45.83
CA GLY B 21 64.22 -5.97 45.00
C GLY B 21 62.72 -5.90 44.93
N ILE B 22 62.10 -4.93 45.59
CA ILE B 22 60.65 -4.86 45.65
C ILE B 22 60.32 -3.48 46.18
N GLY B 23 59.21 -2.91 45.74
CA GLY B 23 58.78 -1.61 46.24
C GLY B 23 58.24 -1.74 47.66
N THR B 24 58.68 -0.84 48.56
CA THR B 24 58.29 -0.94 49.96
C THR B 24 57.87 0.45 50.47
N PHE B 25 57.76 0.59 51.78
CA PHE B 25 57.10 1.73 52.43
C PHE B 25 58.00 2.93 52.67
N GLY B 26 59.13 2.97 51.97
CA GLY B 26 60.14 4.02 52.18
C GLY B 26 60.09 5.19 51.23
N ARG B 27 61.25 5.74 50.94
CA ARG B 27 61.46 6.94 50.10
C ARG B 27 60.60 6.92 48.83
N GLU B 28 60.65 5.85 48.07
CA GLU B 28 59.96 5.83 46.76
C GLU B 28 58.43 5.93 46.87
N ALA B 29 57.88 5.57 48.01
CA ALA B 29 56.43 5.69 48.25
C ALA B 29 56.11 7.16 48.45
N TYR B 30 56.85 7.84 49.32
CA TYR B 30 56.66 9.26 49.53
C TYR B 30 56.83 10.03 48.23
N ALA B 31 57.87 9.71 47.46
CA ALA B 31 58.06 10.36 46.15
C ALA B 31 56.89 10.07 45.20
N PHE B 32 56.28 8.89 45.31
CA PHE B 32 55.11 8.59 44.49
C PHE B 32 53.92 9.47 44.88
N VAL B 33 53.67 9.63 46.18
CA VAL B 33 52.61 10.55 46.62
C VAL B 33 52.90 11.97 46.13
N ASP B 34 54.17 12.36 46.09
CA ASP B 34 54.54 13.65 45.52
C ASP B 34 54.08 13.76 44.07
N PHE B 35 54.48 12.78 43.26
CA PHE B 35 54.07 12.74 41.85
C PHE B 35 52.55 12.87 41.71
N LEU B 36 51.80 12.19 42.58
CA LEU B 36 50.34 12.33 42.59
C LEU B 36 49.91 13.78 42.89
N VAL B 37 50.46 14.38 43.95
CA VAL B 37 50.12 15.76 44.32
C VAL B 37 50.41 16.72 43.18
N GLU B 38 51.54 16.49 42.49
CA GLU B 38 51.99 17.35 41.41
C GLU B 38 51.23 17.12 40.11
N THR B 39 50.49 16.02 39.98
CA THR B 39 49.67 15.83 38.80
C THR B 39 48.18 16.01 39.10
N ASP B 40 47.84 16.43 40.33
CA ASP B 40 46.50 16.79 40.78
C ASP B 40 45.58 15.58 40.94
N GLN B 41 46.15 14.39 41.13
CA GLN B 41 45.36 13.20 41.38
C GLN B 41 44.69 13.26 42.74
N LYS B 42 43.61 12.50 42.88
CA LYS B 42 42.91 12.34 44.13
C LYS B 42 43.18 11.01 44.82
N PHE B 43 43.48 9.95 44.04
CA PHE B 43 43.53 8.60 44.60
C PHE B 43 44.83 7.89 44.27
N TRP B 44 45.29 7.12 45.24
CA TRP B 44 46.29 6.10 45.03
C TRP B 44 45.57 4.79 45.28
N GLN B 45 45.42 3.98 44.25
CA GLN B 45 44.81 2.67 44.39
C GLN B 45 45.89 1.60 44.50
N ILE B 46 45.79 0.77 45.53
CA ILE B 46 46.72 -0.32 45.79
C ILE B 46 45.95 -1.63 45.89
N LEU B 47 46.69 -2.74 45.67
CA LEU B 47 46.23 -4.10 45.90
C LEU B 47 46.23 -4.41 47.40
N PRO B 48 45.80 -5.58 47.85
CA PRO B 48 45.86 -5.88 49.28
C PRO B 48 47.29 -5.86 49.79
N LEU B 49 47.46 -5.45 51.06
CA LEU B 49 48.77 -5.34 51.68
C LEU B 49 49.11 -6.57 52.51
N THR B 50 48.28 -7.59 52.44
CA THR B 50 48.34 -8.75 53.31
C THR B 50 49.40 -9.77 52.82
N THR B 51 49.56 -10.86 53.56
CA THR B 51 50.68 -11.78 53.36
C THR B 51 50.51 -12.61 52.09
N THR B 52 51.60 -13.24 51.65
CA THR B 52 51.59 -14.00 50.41
C THR B 52 52.36 -15.30 50.55
N SER B 53 51.79 -16.36 50.01
CA SER B 53 52.44 -17.66 49.86
C SER B 53 52.84 -17.88 48.40
N PHE B 54 53.22 -19.11 48.07
CA PHE B 54 53.61 -19.48 46.71
C PHE B 54 52.58 -19.03 45.69
N GLY B 55 53.05 -18.34 44.65
CA GLY B 55 52.18 -17.61 43.76
C GLY B 55 52.19 -16.11 43.99
N ASP B 56 52.53 -15.67 45.20
CA ASP B 56 52.83 -14.26 45.50
C ASP B 56 51.62 -13.35 45.31
N SER B 57 50.41 -13.93 45.25
CA SER B 57 49.27 -13.08 45.02
C SER B 57 48.79 -12.46 46.33
N PRO B 58 48.40 -11.18 46.31
CA PRO B 58 47.92 -10.55 47.54
C PRO B 58 46.55 -11.03 47.99
N TYR B 59 45.81 -11.74 47.15
CA TYR B 59 44.43 -12.10 47.47
C TYR B 59 44.32 -13.46 48.12
N GLN B 60 45.38 -13.94 48.77
CA GLN B 60 45.33 -15.16 49.57
C GLN B 60 46.32 -14.99 50.73
N SER B 61 45.82 -14.89 51.96
CA SER B 61 46.64 -14.44 53.07
C SER B 61 46.40 -15.27 54.32
N PHE B 62 47.42 -15.32 55.17
CA PHE B 62 47.31 -16.08 56.40
C PHE B 62 46.41 -15.40 57.41
N SER B 63 46.21 -14.09 57.26
CA SER B 63 45.36 -13.31 58.13
C SER B 63 44.61 -12.33 57.26
N ALA B 64 43.42 -11.95 57.72
CA ALA B 64 42.73 -10.85 57.07
C ALA B 64 43.41 -9.51 57.32
N VAL B 65 44.32 -9.46 58.31
CA VAL B 65 44.81 -8.19 58.84
C VAL B 65 46.34 -8.09 58.72
N ALA B 66 47.04 -9.21 58.79
CA ALA B 66 48.50 -9.16 58.91
C ALA B 66 49.14 -8.63 57.64
N GLY B 67 50.10 -7.70 57.82
CA GLY B 67 50.80 -7.11 56.71
C GLY B 67 51.94 -7.96 56.17
N ASN B 68 52.30 -7.69 54.91
CA ASN B 68 53.32 -8.45 54.18
C ASN B 68 54.70 -7.95 54.58
N THR B 69 55.45 -8.78 55.34
CA THR B 69 56.78 -8.39 55.80
C THR B 69 57.66 -7.92 54.67
N HIS B 70 57.40 -8.40 53.45
CA HIS B 70 58.17 -8.03 52.26
C HIS B 70 58.15 -6.53 51.99
N LEU B 71 57.19 -5.79 52.56
CA LEU B 71 56.94 -4.40 52.22
C LEU B 71 57.57 -3.40 53.18
N ILE B 72 58.10 -3.86 54.32
CA ILE B 72 58.83 -3.01 55.25
C ILE B 72 60.13 -2.57 54.61
N ASP B 73 60.44 -1.28 54.68
CA ASP B 73 61.69 -0.80 54.09
C ASP B 73 62.85 -0.87 55.08
N PHE B 74 64.06 -1.08 54.54
CA PHE B 74 65.21 -1.21 55.41
C PHE B 74 65.88 0.12 55.72
N ASP B 75 65.76 1.13 54.85
CA ASP B 75 66.35 2.44 55.15
C ASP B 75 65.69 3.08 56.39
N LEU B 76 64.37 2.90 56.56
CA LEU B 76 63.69 3.47 57.71
C LEU B 76 63.98 2.70 58.99
N LEU B 77 64.29 1.41 58.90
CA LEU B 77 64.83 0.72 60.06
C LEU B 77 66.26 1.19 60.36
N THR B 78 67.04 1.54 59.33
CA THR B 78 68.38 2.09 59.56
C THR B 78 68.35 3.46 60.24
N LEU B 79 67.34 4.29 59.92
CA LEU B 79 67.27 5.60 60.57
C LEU B 79 66.63 5.55 61.95
N GLU B 80 65.79 4.56 62.25
CA GLU B 80 65.38 4.34 63.63
C GLU B 80 66.40 3.49 64.38
N GLY B 81 67.53 3.18 63.75
CA GLY B 81 68.67 2.62 64.44
C GLY B 81 68.53 1.17 64.86
N PHE B 82 67.79 0.36 64.10
CA PHE B 82 67.72 -1.06 64.40
C PHE B 82 68.66 -1.91 63.56
N ILE B 83 69.13 -1.39 62.43
CA ILE B 83 70.13 -2.04 61.60
C ILE B 83 70.98 -0.97 60.97
N SER B 84 72.14 -1.36 60.47
CA SER B 84 72.95 -0.51 59.62
C SER B 84 72.74 -0.89 58.17
N LYS B 85 73.03 0.07 57.27
CA LYS B 85 72.90 -0.22 55.85
C LYS B 85 73.75 -1.42 55.41
N ASP B 86 74.73 -1.81 56.25
CA ASP B 86 75.71 -2.85 55.95
C ASP B 86 75.16 -4.27 56.09
N ASP B 87 74.01 -4.44 56.73
CA ASP B 87 73.35 -5.72 56.80
C ASP B 87 72.57 -6.05 55.52
N TYR B 88 72.34 -5.08 54.64
CA TYR B 88 71.57 -5.37 53.44
C TYR B 88 72.11 -4.74 52.15
N GLN B 89 73.05 -3.80 52.20
CA GLN B 89 73.43 -3.18 50.93
C GLN B 89 74.25 -4.12 50.04
N ASN B 90 74.71 -5.25 50.57
CA ASN B 90 75.53 -6.20 49.85
C ASN B 90 74.74 -7.35 49.21
N ILE B 91 73.43 -7.45 49.49
CA ILE B 91 72.58 -8.55 49.00
C ILE B 91 72.03 -8.23 47.60
N SER B 92 72.05 -9.25 46.75
CA SER B 92 71.41 -9.18 45.43
C SER B 92 69.97 -9.66 45.60
N PHE B 93 69.01 -8.73 45.51
CA PHE B 93 67.61 -9.08 45.67
C PHE B 93 66.94 -9.42 44.35
N GLY B 94 67.64 -9.28 43.24
CA GLY B 94 67.16 -9.71 41.94
C GLY B 94 68.05 -9.14 40.86
N GLN B 95 67.83 -9.62 39.64
CA GLN B 95 68.66 -9.11 38.55
C GLN B 95 67.98 -7.96 37.82
N ASP B 96 66.70 -8.11 37.49
CA ASP B 96 65.99 -7.08 36.71
C ASP B 96 65.27 -6.13 37.67
N PRO B 97 65.47 -4.81 37.51
CA PRO B 97 64.71 -3.85 38.32
C PRO B 97 63.23 -3.78 37.97
N GLU B 98 62.81 -4.35 36.84
CA GLU B 98 61.40 -4.29 36.45
C GLU B 98 60.69 -5.62 36.68
N VAL B 99 61.30 -6.52 37.47
CA VAL B 99 60.75 -7.83 37.81
C VAL B 99 61.09 -8.14 39.26
N VAL B 100 60.08 -8.37 40.09
CA VAL B 100 60.27 -8.92 41.44
C VAL B 100 60.54 -10.41 41.29
N ASP B 101 61.77 -10.82 41.57
CA ASP B 101 61.97 -12.26 41.72
C ASP B 101 61.55 -12.61 43.15
N TYR B 102 60.27 -12.98 43.27
CA TYR B 102 59.73 -13.39 44.55
C TYR B 102 60.46 -14.59 45.12
N ALA B 103 60.97 -15.46 44.25
CA ALA B 103 61.62 -16.68 44.71
C ALA B 103 62.99 -16.35 45.29
N GLY B 104 63.24 -16.83 46.51
CA GLY B 104 64.41 -16.39 47.25
C GLY B 104 64.28 -15.06 47.95
N LEU B 105 63.22 -14.28 47.69
CA LEU B 105 63.05 -12.98 48.35
C LEU B 105 62.94 -13.12 49.86
N PHE B 106 62.09 -14.07 50.30
CA PHE B 106 61.89 -14.30 51.73
C PHE B 106 63.17 -14.77 52.41
N GLU B 107 63.92 -15.68 51.76
CA GLU B 107 65.10 -16.25 52.42
C GLU B 107 66.21 -15.23 52.57
N LYS B 108 66.31 -14.28 51.65
CA LYS B 108 67.34 -13.26 51.76
C LYS B 108 66.91 -12.12 52.68
N ARG B 109 65.60 -11.87 52.81
CA ARG B 109 65.18 -10.77 53.67
C ARG B 109 65.08 -11.16 55.14
N ARG B 110 64.68 -12.39 55.45
CA ARG B 110 64.48 -12.77 56.84
C ARG B 110 65.71 -12.49 57.71
N PRO B 111 66.94 -12.87 57.32
CA PRO B 111 68.10 -12.58 58.20
C PRO B 111 68.28 -11.12 58.53
N VAL B 112 67.76 -10.20 57.73
CA VAL B 112 67.89 -8.78 58.06
C VAL B 112 66.77 -8.34 59.01
N LEU B 113 65.53 -8.76 58.73
CA LEU B 113 64.41 -8.41 59.62
C LEU B 113 64.64 -8.97 61.01
N GLU B 114 65.22 -10.16 61.10
CA GLU B 114 65.45 -10.74 62.42
C GLU B 114 66.47 -9.94 63.23
N LYS B 115 67.51 -9.43 62.59
CA LYS B 115 68.45 -8.57 63.29
C LYS B 115 67.77 -7.28 63.74
N ALA B 116 66.93 -6.72 62.86
CA ALA B 116 66.15 -5.54 63.22
C ALA B 116 65.31 -5.80 64.45
N VAL B 117 64.65 -6.94 64.50
CA VAL B 117 63.80 -7.27 65.66
C VAL B 117 64.65 -7.43 66.91
N LYS B 118 65.79 -8.13 66.79
CA LYS B 118 66.61 -8.42 67.96
C LYS B 118 67.16 -7.14 68.59
N ASN B 119 67.60 -6.19 67.76
CA ASN B 119 68.03 -4.92 68.33
C ASN B 119 66.88 -3.98 68.65
N PHE B 120 65.64 -4.32 68.24
CA PHE B 120 64.48 -3.62 68.78
C PHE B 120 64.15 -4.09 70.18
N LEU B 121 64.39 -5.36 70.47
CA LEU B 121 64.02 -5.95 71.76
C LEU B 121 65.10 -5.82 72.81
N LYS B 122 66.21 -5.20 72.43
CA LYS B 122 67.33 -4.94 73.36
C LYS B 122 67.06 -3.60 74.04
N GLU B 123 65.81 -3.12 74.07
CA GLU B 123 65.49 -1.83 74.76
C GLU B 123 64.23 -1.99 75.62
N GLU B 124 64.25 -1.59 76.90
CA GLU B 124 63.09 -1.81 77.82
C GLU B 124 62.01 -0.76 77.48
N ARG B 125 62.32 0.15 76.56
CA ARG B 125 61.40 1.15 75.99
C ARG B 125 60.72 0.49 74.78
N ALA B 126 61.03 -0.78 74.52
CA ALA B 126 60.41 -1.49 73.38
C ALA B 126 59.26 -2.31 73.94
N THR B 127 59.36 -2.68 75.21
CA THR B 127 58.29 -3.49 75.85
C THR B 127 56.95 -2.74 75.76
N ARG B 128 56.99 -1.43 75.92
CA ARG B 128 55.76 -0.62 75.90
C ARG B 128 55.41 -0.29 74.46
N MET B 129 56.41 -0.03 73.64
CA MET B 129 56.15 0.29 72.22
C MET B 129 55.31 -0.83 71.64
N LEU B 130 55.68 -2.05 71.98
CA LEU B 130 55.03 -3.31 71.55
C LEU B 130 53.75 -3.54 72.36
N SER B 131 53.80 -3.61 73.70
CA SER B 131 52.57 -3.88 74.46
C SER B 131 51.51 -2.85 74.16
N ASP B 132 51.92 -1.62 73.87
CA ASP B 132 51.08 -0.61 73.25
C ASP B 132 50.90 -0.83 71.74
N PHE B 133 51.18 -2.03 71.23
CA PHE B 133 50.81 -2.38 69.86
C PHE B 133 49.77 -3.49 69.79
N LEU B 134 49.87 -4.56 70.60
CA LEU B 134 48.68 -5.35 70.86
C LEU B 134 47.76 -4.64 71.80
N GLN B 135 48.13 -3.43 72.20
CA GLN B 135 47.17 -2.49 72.74
C GLN B 135 45.94 -2.45 71.81
N GLU B 136 46.12 -1.97 70.57
CA GLU B 136 45.01 -1.79 69.62
C GLU B 136 44.75 -3.05 68.80
N GLU B 137 45.82 -3.68 68.28
CA GLU B 137 45.73 -4.65 67.17
C GLU B 137 45.58 -6.09 67.70
N LYS B 138 44.54 -6.30 68.49
CA LYS B 138 44.46 -7.49 69.34
C LYS B 138 44.32 -8.83 68.56
N TRP B 139 44.57 -8.80 67.26
CA TRP B 139 44.71 -9.99 66.43
C TRP B 139 46.16 -10.44 66.28
N VAL B 140 47.14 -9.61 66.65
CA VAL B 140 48.52 -9.88 66.26
C VAL B 140 49.03 -11.16 66.94
N THR B 141 48.87 -11.28 68.26
CA THR B 141 49.51 -12.38 68.97
C THR B 141 49.03 -13.74 68.47
N ASP B 142 47.75 -13.85 68.10
CA ASP B 142 47.29 -15.11 67.55
C ASP B 142 47.91 -15.38 66.19
N PHE B 143 48.00 -14.35 65.35
CA PHE B 143 48.63 -14.50 64.04
C PHE B 143 50.08 -14.93 64.18
N ALA B 144 50.78 -14.42 65.19
CA ALA B 144 52.19 -14.79 65.36
C ALA B 144 52.31 -16.21 65.91
N GLU B 145 51.41 -16.62 66.80
CA GLU B 145 51.40 -18.03 67.20
C GLU B 145 51.17 -18.93 66.00
N PHE B 146 50.18 -18.58 65.16
CA PHE B 146 49.87 -19.32 63.94
C PHE B 146 51.10 -19.42 63.05
N MET B 147 51.78 -18.30 62.84
CA MET B 147 52.96 -18.29 61.97
C MET B 147 54.09 -19.12 62.55
N ALA B 148 54.31 -19.07 63.86
CA ALA B 148 55.40 -19.84 64.48
C ALA B 148 55.12 -21.33 64.41
N ILE B 149 53.89 -21.74 64.74
CA ILE B 149 53.51 -23.14 64.55
C ILE B 149 53.68 -23.56 63.10
N LYS B 150 53.23 -22.73 62.15
CA LYS B 150 53.37 -23.06 60.74
C LYS B 150 54.84 -23.23 60.35
N GLU B 151 55.69 -22.28 60.72
CA GLU B 151 57.11 -22.37 60.40
C GLU B 151 57.76 -23.59 61.05
N HIS B 152 57.28 -23.97 62.25
CA HIS B 152 57.87 -25.12 62.94
C HIS B 152 57.47 -26.43 62.25
N PHE B 153 56.34 -26.44 61.56
CA PHE B 153 55.93 -27.62 60.81
C PHE B 153 56.33 -27.54 59.35
N GLY B 154 57.47 -26.90 59.07
CA GLY B 154 58.01 -26.84 57.72
C GLY B 154 57.19 -26.05 56.73
N ASN B 155 56.33 -25.15 57.20
CA ASN B 155 55.45 -24.30 56.40
C ASN B 155 54.26 -25.04 55.83
N LYS B 156 53.98 -26.27 56.28
CA LYS B 156 52.77 -26.95 55.88
C LYS B 156 51.55 -26.11 56.24
N ALA B 157 50.46 -26.33 55.50
CA ALA B 157 49.23 -25.62 55.77
C ALA B 157 48.56 -26.19 57.02
N LEU B 158 47.79 -25.34 57.71
CA LEU B 158 47.06 -25.71 58.91
C LEU B 158 46.44 -27.11 58.83
N GLN B 159 45.89 -27.44 57.65
CA GLN B 159 45.11 -28.67 57.48
C GLN B 159 45.96 -29.92 57.65
N GLU B 160 47.25 -29.84 57.33
CA GLU B 160 48.16 -30.98 57.39
C GLU B 160 49.27 -30.72 58.42
N TRP B 161 48.90 -30.20 59.58
CA TRP B 161 49.84 -29.99 60.65
C TRP B 161 50.11 -31.31 61.35
N ASP B 162 51.36 -31.54 61.75
CA ASP B 162 51.73 -32.87 62.25
C ASP B 162 51.05 -33.21 63.57
N ASP B 163 50.71 -32.20 64.37
CA ASP B 163 50.07 -32.38 65.67
C ASP B 163 48.59 -31.99 65.55
N LYS B 164 47.69 -32.94 65.83
CA LYS B 164 46.27 -32.65 65.71
C LYS B 164 45.75 -31.84 66.87
N ALA B 165 46.39 -31.97 68.02
CA ALA B 165 45.97 -31.24 69.21
C ALA B 165 46.09 -29.74 69.04
N ILE B 166 46.94 -29.26 68.13
CA ILE B 166 47.12 -27.83 67.95
C ILE B 166 46.32 -27.28 66.77
N ILE B 167 45.84 -28.14 65.85
CA ILE B 167 44.89 -27.68 64.85
C ILE B 167 43.56 -27.36 65.51
N ARG B 168 43.20 -28.16 66.52
CA ARG B 168 41.96 -28.01 67.26
C ARG B 168 42.13 -27.12 68.48
N ARG B 169 43.31 -26.54 68.69
CA ARG B 169 43.55 -25.53 69.72
C ARG B 169 43.09 -26.01 71.10
N GLU B 170 43.63 -27.14 71.53
CA GLU B 170 43.56 -27.51 72.93
C GLU B 170 44.60 -26.71 73.72
N GLU B 171 44.27 -26.43 74.99
CA GLU B 171 45.00 -25.41 75.76
C GLU B 171 46.33 -25.90 76.27
N GLU B 172 46.42 -27.20 76.55
CA GLU B 172 47.72 -27.83 76.76
C GLU B 172 48.72 -27.50 75.66
N ALA B 173 48.32 -27.76 74.42
CA ALA B 173 49.26 -27.65 73.30
C ALA B 173 49.55 -26.19 72.97
N LEU B 174 48.53 -25.33 73.08
CA LEU B 174 48.76 -23.91 72.86
C LEU B 174 49.74 -23.35 73.87
N ALA B 175 49.56 -23.69 75.15
CA ALA B 175 50.54 -23.32 76.18
C ALA B 175 51.94 -23.79 75.79
N GLY B 176 52.07 -25.08 75.48
CA GLY B 176 53.37 -25.64 75.17
C GLY B 176 54.03 -24.94 73.99
N TYR B 177 53.27 -24.74 72.91
CA TYR B 177 53.81 -24.16 71.69
C TYR B 177 54.15 -22.69 71.88
N ARG B 178 53.29 -21.95 72.58
CA ARG B 178 53.59 -20.57 72.95
C ARG B 178 54.91 -20.47 73.70
N GLN B 179 55.23 -21.47 74.55
CA GLN B 179 56.52 -21.46 75.25
C GLN B 179 57.69 -21.92 74.37
N LYS B 180 57.54 -23.04 73.64
CA LYS B 180 58.65 -23.55 72.85
C LYS B 180 59.10 -22.52 71.79
N LEU B 181 58.15 -21.93 71.07
CA LEU B 181 58.44 -21.11 69.89
C LEU B 181 58.32 -19.61 70.15
N SER B 182 58.78 -19.15 71.31
CA SER B 182 58.46 -17.81 71.77
C SER B 182 59.24 -16.73 71.03
N GLU B 183 60.52 -16.94 70.74
CA GLU B 183 61.27 -15.91 70.03
C GLU B 183 60.76 -15.72 68.59
N VAL B 184 60.30 -16.80 67.93
CA VAL B 184 59.65 -16.66 66.61
C VAL B 184 58.34 -15.88 66.73
N ILE B 185 57.58 -16.13 67.79
CA ILE B 185 56.33 -15.41 68.03
C ILE B 185 56.60 -13.92 68.21
N LYS B 186 57.67 -13.58 68.95
CA LYS B 186 58.06 -12.19 69.02
C LYS B 186 58.54 -11.66 67.66
N TYR B 187 59.15 -12.50 66.83
CA TYR B 187 59.52 -12.03 65.49
C TYR B 187 58.31 -11.51 64.75
N HIS B 188 57.22 -12.28 64.76
CA HIS B 188 56.06 -11.85 63.98
C HIS B 188 55.35 -10.67 64.63
N GLU B 189 55.22 -10.66 65.96
CA GLU B 189 54.63 -9.49 66.61
C GLU B 189 55.38 -8.22 66.26
N VAL B 190 56.72 -8.29 66.22
CA VAL B 190 57.49 -7.07 66.02
C VAL B 190 57.59 -6.69 64.54
N THR B 191 57.49 -7.66 63.61
CA THR B 191 57.44 -7.25 62.21
C THR B 191 56.07 -6.72 61.81
N GLN B 192 54.99 -7.26 62.39
CA GLN B 192 53.69 -6.61 62.26
C GLN B 192 53.68 -5.21 62.87
N TYR B 193 54.39 -5.01 63.98
CA TYR B 193 54.50 -3.66 64.53
C TYR B 193 55.24 -2.73 63.57
N PHE B 194 56.40 -3.16 63.05
CA PHE B 194 57.15 -2.36 62.06
C PHE B 194 56.26 -1.99 60.88
N PHE B 195 55.54 -2.99 60.36
CA PHE B 195 54.65 -2.80 59.22
C PHE B 195 53.63 -1.72 59.50
N TYR B 196 52.92 -1.83 60.62
CA TYR B 196 51.89 -0.85 60.93
C TYR B 196 52.49 0.55 61.12
N LYS B 197 53.72 0.63 61.67
CA LYS B 197 54.38 1.92 61.84
C LYS B 197 54.67 2.57 60.50
N GLN B 198 55.29 1.81 59.58
CA GLN B 198 55.61 2.39 58.29
C GLN B 198 54.37 2.70 57.45
N TRP B 199 53.32 1.88 57.57
CA TRP B 199 52.11 2.10 56.78
C TRP B 199 51.38 3.35 57.23
N PHE B 200 51.00 3.42 58.50
CA PHE B 200 50.29 4.61 58.95
C PHE B 200 51.15 5.86 58.83
N GLU B 201 52.49 5.73 58.90
CA GLU B 201 53.30 6.92 58.71
C GLU B 201 53.48 7.32 57.24
N LEU B 202 53.15 6.45 56.27
CA LEU B 202 53.05 6.90 54.89
C LEU B 202 51.62 7.31 54.51
N LYS B 203 50.65 6.59 55.08
CA LYS B 203 49.26 6.96 54.91
C LYS B 203 48.99 8.35 55.42
N GLU B 204 49.60 8.77 56.55
CA GLU B 204 49.33 10.12 57.04
C GLU B 204 49.93 11.16 56.10
N TYR B 205 51.16 10.91 55.62
CA TYR B 205 51.79 11.84 54.68
C TYR B 205 50.91 12.08 53.46
N ALA B 206 50.42 11.00 52.84
CA ALA B 206 49.52 11.21 51.71
C ALA B 206 48.20 11.83 52.16
N ASN B 207 47.53 11.24 53.15
CA ASN B 207 46.20 11.69 53.57
C ASN B 207 46.15 13.19 53.79
N ASP B 208 47.19 13.74 54.42
CA ASP B 208 47.20 15.16 54.72
C ASP B 208 47.92 15.98 53.67
N LYS B 209 48.50 15.35 52.64
CA LYS B 209 48.91 16.07 51.44
C LYS B 209 47.81 16.09 50.37
N GLY B 210 46.59 15.66 50.72
CA GLY B 210 45.45 15.62 49.82
C GLY B 210 45.05 14.23 49.36
N ILE B 211 46.02 13.31 49.31
CA ILE B 211 45.92 12.03 48.59
C ILE B 211 45.16 11.02 49.43
N GLN B 212 44.15 10.39 48.84
CA GLN B 212 43.40 9.35 49.53
C GLN B 212 43.68 8.00 48.87
N ILE B 213 43.52 6.94 49.66
CA ILE B 213 44.10 5.63 49.35
C ILE B 213 43.00 4.59 49.24
N ILE B 214 42.84 4.03 48.04
CA ILE B 214 41.87 2.97 47.77
C ILE B 214 42.58 1.63 47.98
N GLY B 215 42.05 0.83 48.90
CA GLY B 215 42.59 -0.46 49.20
C GLY B 215 41.61 -1.54 48.79
N ASP B 216 42.05 -2.78 48.95
CA ASP B 216 41.31 -3.93 48.46
C ASP B 216 40.99 -4.86 49.61
N MET B 217 39.79 -5.44 49.57
CA MET B 217 39.37 -6.46 50.52
C MET B 217 38.78 -7.65 49.78
N PRO B 218 39.44 -8.81 49.77
CA PRO B 218 38.77 -10.03 49.28
C PRO B 218 37.59 -10.41 50.16
N ILE B 219 36.44 -10.64 49.51
CA ILE B 219 35.25 -11.10 50.21
C ILE B 219 35.55 -12.36 51.02
N TYR B 220 36.45 -13.19 50.51
CA TYR B 220 36.73 -14.50 51.09
C TYR B 220 38.10 -14.51 51.77
N VAL B 221 38.17 -15.10 52.97
CA VAL B 221 39.44 -15.37 53.63
C VAL B 221 40.01 -16.70 53.11
N SER B 222 41.27 -17.01 53.42
CA SER B 222 41.94 -18.20 52.92
C SER B 222 41.71 -19.43 53.80
N ALA B 223 41.92 -20.60 53.20
CA ALA B 223 41.76 -21.85 53.94
C ALA B 223 42.86 -22.01 54.99
N ASP B 224 44.11 -21.84 54.58
CA ASP B 224 45.27 -21.94 55.48
C ASP B 224 45.49 -20.58 56.16
N SER B 225 44.61 -20.26 57.10
CA SER B 225 44.62 -18.93 57.72
C SER B 225 44.35 -19.02 59.22
N VAL B 226 44.59 -17.90 59.89
CA VAL B 226 44.33 -17.81 61.33
C VAL B 226 42.83 -17.66 61.62
N GLU B 227 42.07 -17.12 60.67
CA GLU B 227 40.62 -17.09 60.79
C GLU B 227 40.05 -18.51 60.86
N VAL B 228 40.42 -19.35 59.89
CA VAL B 228 39.98 -20.75 59.88
C VAL B 228 40.39 -21.45 61.17
N TRP B 229 41.55 -21.09 61.70
CA TRP B 229 42.08 -21.74 62.90
C TRP B 229 41.30 -21.35 64.16
N THR B 230 41.25 -20.05 64.45
CA THR B 230 40.65 -19.57 65.68
C THR B 230 39.13 -19.62 65.67
N MET B 231 38.51 -19.47 64.52
CA MET B 231 37.05 -19.35 64.42
C MET B 231 36.52 -20.23 63.29
N PRO B 232 36.57 -21.55 63.47
CA PRO B 232 35.97 -22.44 62.45
C PRO B 232 34.46 -22.30 62.32
N GLU B 233 33.78 -21.74 63.34
CA GLU B 233 32.33 -21.62 63.31
C GLU B 233 31.83 -20.78 62.14
N LEU B 234 32.67 -19.91 61.57
CA LEU B 234 32.32 -19.05 60.45
C LEU B 234 32.33 -19.78 59.10
N PHE B 235 32.59 -21.08 59.06
CA PHE B 235 32.80 -21.75 57.80
C PHE B 235 32.14 -23.13 57.79
N LYS B 236 32.05 -23.70 56.59
CA LYS B 236 31.60 -25.09 56.37
C LYS B 236 32.82 -26.02 56.36
N LEU B 237 33.24 -26.46 57.54
CA LEU B 237 34.39 -27.35 57.64
C LEU B 237 34.00 -28.64 58.34
N ASP B 238 34.82 -29.68 58.12
CA ASP B 238 34.77 -30.83 58.99
C ASP B 238 35.67 -30.60 60.20
N ARG B 239 35.55 -31.48 61.21
CA ARG B 239 36.14 -31.22 62.53
C ARG B 239 37.66 -31.19 62.50
N ASP B 240 38.29 -31.70 61.43
CA ASP B 240 39.72 -31.52 61.20
C ASP B 240 40.02 -30.23 60.42
N LYS B 241 39.14 -29.23 60.53
CA LYS B 241 39.28 -27.90 59.93
C LYS B 241 39.51 -27.96 58.42
N GLN B 242 39.08 -29.04 57.76
CA GLN B 242 39.12 -29.12 56.31
C GLN B 242 37.81 -28.58 55.74
N PRO B 243 37.85 -27.92 54.58
CA PRO B 243 36.62 -27.34 54.02
C PRO B 243 35.79 -28.38 53.28
N LEU B 244 34.48 -28.40 53.56
CA LEU B 244 33.57 -29.23 52.80
C LEU B 244 33.29 -28.63 51.45
N ALA B 245 33.33 -27.31 51.37
CA ALA B 245 32.98 -26.59 50.17
C ALA B 245 33.91 -25.41 50.09
N ILE B 246 34.30 -25.07 48.87
CA ILE B 246 35.25 -23.98 48.68
C ILE B 246 34.72 -23.01 47.62
N ALA B 247 35.35 -21.84 47.58
CA ALA B 247 34.96 -20.72 46.74
C ALA B 247 35.57 -20.84 45.35
N GLY B 248 34.91 -20.19 44.40
CA GLY B 248 35.31 -20.25 43.01
C GLY B 248 34.19 -19.70 42.15
N VAL B 249 34.39 -19.79 40.83
CA VAL B 249 33.34 -19.42 39.88
C VAL B 249 33.20 -20.56 38.87
N PRO B 250 32.01 -20.75 38.27
CA PRO B 250 31.81 -21.89 37.37
C PRO B 250 32.52 -21.62 36.07
N ALA B 251 32.27 -22.45 35.06
CA ALA B 251 32.85 -22.20 33.75
C ALA B 251 32.47 -20.80 33.31
N ASP B 252 33.46 -19.92 33.31
CA ASP B 252 33.52 -18.66 32.58
C ASP B 252 34.35 -18.89 31.31
N ASP B 253 34.82 -17.79 30.68
CA ASP B 253 35.72 -17.94 29.53
C ASP B 253 37.15 -18.27 29.96
N PHE B 254 37.62 -17.62 31.02
CA PHE B 254 38.97 -17.86 31.51
C PHE B 254 39.31 -19.33 31.74
N SER B 255 38.30 -20.19 31.90
CA SER B 255 38.53 -21.63 31.87
C SER B 255 37.22 -22.35 31.65
N ASP B 256 37.23 -23.30 30.72
CA ASP B 256 36.10 -24.21 30.61
C ASP B 256 35.94 -25.03 31.88
N ASP B 257 37.02 -25.26 32.62
CA ASP B 257 36.97 -26.05 33.84
C ASP B 257 36.77 -25.19 35.09
N GLY B 258 36.33 -23.94 34.93
CA GLY B 258 36.00 -23.07 36.05
C GLY B 258 37.22 -22.35 36.63
N GLN B 259 37.06 -21.86 37.86
CA GLN B 259 38.14 -21.18 38.56
C GLN B 259 38.11 -21.61 40.02
N LEU B 260 39.15 -22.30 40.45
CA LEU B 260 39.27 -22.75 41.83
C LEU B 260 39.99 -21.67 42.61
N TRP B 261 39.29 -20.99 43.50
CA TRP B 261 39.92 -20.01 44.37
C TRP B 261 40.42 -20.66 45.66
N GLY B 262 39.67 -21.62 46.18
CA GLY B 262 40.09 -22.41 47.32
C GLY B 262 39.55 -21.91 48.64
N ASN B 263 39.09 -20.66 48.70
CA ASN B 263 38.67 -20.08 49.96
C ASN B 263 37.58 -20.93 50.59
N PRO B 264 37.51 -20.95 51.92
CA PRO B 264 36.42 -21.68 52.56
C PRO B 264 35.16 -20.84 52.54
N ILE B 265 34.04 -21.52 52.44
CA ILE B 265 32.75 -20.88 52.31
C ILE B 265 32.28 -20.40 53.68
N TYR B 266 31.73 -19.17 53.73
CA TYR B 266 31.06 -18.69 54.93
C TYR B 266 29.80 -19.50 55.21
N ASN B 267 29.54 -19.77 56.49
CA ASN B 267 28.28 -20.39 56.88
C ASN B 267 27.30 -19.26 57.17
N TRP B 268 26.56 -18.83 56.14
CA TRP B 268 25.85 -17.56 56.23
C TRP B 268 24.78 -17.55 57.32
N ASP B 269 24.16 -18.70 57.62
CA ASP B 269 23.12 -18.72 58.66
C ASP B 269 23.69 -18.40 60.03
N TYR B 270 24.91 -18.86 60.34
CA TYR B 270 25.53 -18.45 61.59
C TYR B 270 25.96 -16.99 61.53
N HIS B 271 26.46 -16.53 60.38
CA HIS B 271 26.83 -15.13 60.24
C HIS B 271 25.64 -14.21 60.51
N LYS B 272 24.42 -14.64 60.15
CA LYS B 272 23.22 -13.81 60.30
C LYS B 272 22.48 -14.07 61.60
N GLU B 273 22.78 -15.15 62.29
CA GLU B 273 22.28 -15.21 63.66
C GLU B 273 23.26 -14.57 64.66
N SER B 274 24.39 -14.07 64.20
CA SER B 274 25.29 -13.31 65.04
C SER B 274 25.21 -11.80 64.80
N ASP B 275 24.24 -11.35 64.00
CA ASP B 275 24.11 -9.94 63.59
C ASP B 275 25.38 -9.44 62.90
N PHE B 276 26.01 -10.35 62.14
CA PHE B 276 27.17 -10.07 61.26
C PHE B 276 28.33 -9.38 61.98
N ASP B 277 28.51 -9.71 63.27
CA ASP B 277 29.58 -9.13 64.08
C ASP B 277 30.92 -9.18 63.36
N TRP B 278 31.35 -10.39 62.99
CA TRP B 278 32.64 -10.56 62.36
C TRP B 278 32.78 -9.66 61.14
N TRP B 279 31.75 -9.64 60.28
CA TRP B 279 31.80 -8.83 59.07
C TRP B 279 31.83 -7.33 59.35
N ILE B 280 31.13 -6.89 60.42
CA ILE B 280 31.20 -5.49 60.81
C ILE B 280 32.63 -5.12 61.16
N TYR B 281 33.30 -5.95 61.97
CA TYR B 281 34.71 -5.66 62.28
C TYR B 281 35.57 -5.65 61.02
N ARG B 282 35.35 -6.61 60.11
CA ARG B 282 36.07 -6.62 58.84
C ARG B 282 36.04 -5.25 58.20
N ILE B 283 34.83 -4.73 57.97
CA ILE B 283 34.69 -3.44 57.29
C ILE B 283 35.37 -2.34 58.10
N GLN B 284 35.12 -2.32 59.41
CA GLN B 284 35.63 -1.28 60.28
C GLN B 284 37.15 -1.19 60.20
N SER B 285 37.82 -2.34 60.35
CA SER B 285 39.28 -2.40 60.21
C SER B 285 39.73 -1.94 58.84
N GLY B 286 39.01 -2.33 57.79
CA GLY B 286 39.42 -1.94 56.45
C GLY B 286 39.37 -0.44 56.21
N VAL B 287 38.30 0.20 56.69
CA VAL B 287 38.13 1.66 56.60
C VAL B 287 39.09 2.39 57.55
N LYS B 288 39.62 1.70 58.57
CA LYS B 288 40.81 2.22 59.26
C LYS B 288 42.05 2.16 58.36
N MET B 289 42.36 0.98 57.82
CA MET B 289 43.59 0.81 57.05
C MET B 289 43.58 1.59 55.75
N TYR B 290 42.41 1.80 55.18
CA TYR B 290 42.32 2.45 53.88
C TYR B 290 41.30 3.58 53.92
N ASP B 291 41.50 4.58 53.07
CA ASP B 291 40.51 5.64 52.93
C ASP B 291 39.25 5.13 52.23
N TYR B 292 39.41 4.53 51.03
CA TYR B 292 38.33 3.89 50.31
C TYR B 292 38.61 2.40 50.17
N LEU B 293 37.56 1.57 50.18
CA LEU B 293 37.69 0.12 50.35
C LEU B 293 36.92 -0.65 49.28
N ARG B 294 37.62 -1.04 48.21
CA ARG B 294 37.01 -1.89 47.21
C ARG B 294 36.86 -3.30 47.76
N ILE B 295 35.69 -3.90 47.54
CA ILE B 295 35.44 -5.32 47.85
C ILE B 295 35.55 -6.13 46.56
N ASP B 296 36.48 -7.07 46.53
CA ASP B 296 36.57 -7.98 45.40
C ASP B 296 35.36 -8.92 45.38
N HIS B 297 34.83 -9.16 44.18
CA HIS B 297 33.75 -10.13 43.95
C HIS B 297 32.52 -9.80 44.79
N PHE B 298 32.03 -8.57 44.63
CA PHE B 298 30.93 -8.09 45.44
C PHE B 298 29.64 -8.88 45.19
N LYS B 299 29.45 -9.42 43.99
CA LYS B 299 28.22 -10.13 43.70
C LYS B 299 28.09 -11.36 44.58
N GLY B 300 29.18 -11.81 45.19
CA GLY B 300 29.15 -12.87 46.19
C GLY B 300 28.31 -12.56 47.41
N PHE B 301 27.88 -11.30 47.61
CA PHE B 301 26.98 -11.01 48.71
C PHE B 301 25.51 -11.26 48.37
N SER B 302 25.18 -11.41 47.07
CA SER B 302 23.84 -11.88 46.70
C SER B 302 23.79 -13.39 46.48
N ASP B 303 24.71 -13.91 45.67
CA ASP B 303 24.76 -15.32 45.33
C ASP B 303 26.22 -15.70 45.15
N TYR B 304 26.56 -16.95 45.50
CA TYR B 304 27.93 -17.41 45.30
C TYR B 304 27.93 -18.85 44.81
N TRP B 305 29.04 -19.23 44.16
CA TRP B 305 29.22 -20.55 43.58
C TRP B 305 30.03 -21.39 44.55
N GLU B 306 29.41 -22.44 45.09
CA GLU B 306 29.99 -23.28 46.12
C GLU B 306 30.45 -24.58 45.46
N ILE B 307 31.78 -24.76 45.37
CA ILE B 307 32.39 -25.96 44.77
C ILE B 307 32.50 -27.04 45.84
N ARG B 308 32.20 -28.27 45.45
CA ARG B 308 32.32 -29.40 46.36
C ARG B 308 33.78 -29.70 46.67
N GLY B 309 34.06 -29.99 47.95
CA GLY B 309 35.41 -30.35 48.38
C GLY B 309 35.98 -31.58 47.69
N ASP B 310 35.12 -32.46 47.18
CA ASP B 310 35.53 -33.63 46.41
C ASP B 310 35.48 -33.37 44.92
N TYR B 311 35.87 -32.17 44.51
CA TYR B 311 35.73 -31.76 43.12
C TYR B 311 36.74 -32.47 42.22
N GLN B 312 36.28 -32.85 41.02
CA GLN B 312 37.20 -33.10 39.92
C GLN B 312 37.60 -31.80 39.23
N THR B 313 36.73 -30.78 39.28
CA THR B 313 37.01 -29.50 38.65
C THR B 313 36.15 -28.44 39.32
N ALA B 314 36.33 -27.19 38.87
CA ALA B 314 35.63 -26.07 39.47
C ALA B 314 34.15 -26.05 39.10
N ASN B 315 33.71 -26.84 38.14
CA ASN B 315 32.31 -26.94 37.78
C ASN B 315 31.55 -27.99 38.59
N ASP B 316 32.19 -28.60 39.60
CA ASP B 316 31.50 -29.56 40.46
C ASP B 316 30.89 -28.84 41.65
N GLY B 317 30.00 -27.89 41.34
CA GLY B 317 29.49 -26.98 42.34
C GLY B 317 28.04 -26.60 42.19
N SER B 318 27.64 -25.50 42.81
CA SER B 318 26.23 -25.13 42.80
C SER B 318 26.04 -23.71 43.33
N TRP B 319 25.12 -22.97 42.73
CA TRP B 319 24.82 -21.63 43.21
C TRP B 319 24.02 -21.68 44.51
N GLN B 320 24.44 -20.90 45.51
CA GLN B 320 23.81 -20.83 46.82
C GLN B 320 23.63 -19.37 47.23
N PRO B 321 22.56 -19.07 47.98
CA PRO B 321 22.24 -17.66 48.30
C PRO B 321 22.83 -17.21 49.62
N ALA B 322 23.23 -15.96 49.63
CA ALA B 322 23.80 -15.26 50.77
C ALA B 322 22.99 -14.00 51.06
N PRO B 323 22.86 -13.58 52.33
CA PRO B 323 21.98 -12.48 52.71
C PRO B 323 22.66 -11.12 52.68
N GLY B 324 23.05 -10.70 51.47
CA GLY B 324 23.55 -9.36 51.25
C GLY B 324 22.64 -8.27 51.77
N PRO B 325 21.34 -8.32 51.44
CA PRO B 325 20.41 -7.31 51.99
C PRO B 325 20.53 -7.14 53.51
N GLU B 326 20.40 -8.24 54.26
CA GLU B 326 20.54 -8.16 55.72
C GLU B 326 21.91 -7.63 56.11
N LEU B 327 22.98 -8.24 55.58
CA LEU B 327 24.32 -7.82 55.99
C LEU B 327 24.52 -6.33 55.81
N PHE B 328 24.05 -5.78 54.70
CA PHE B 328 24.37 -4.38 54.46
C PHE B 328 23.39 -3.42 55.12
N ALA B 329 22.13 -3.82 55.28
CA ALA B 329 21.23 -3.12 56.20
C ALA B 329 21.84 -3.06 57.60
N THR B 330 22.04 -4.23 58.22
CA THR B 330 22.71 -4.33 59.52
C THR B 330 23.92 -3.41 59.62
N ILE B 331 24.80 -3.44 58.61
CA ILE B 331 26.02 -2.65 58.74
C ILE B 331 25.72 -1.15 58.68
N LYS B 332 24.69 -0.73 57.92
CA LYS B 332 24.43 0.71 57.83
C LYS B 332 23.88 1.29 59.12
N GLU B 333 23.06 0.54 59.83
CA GLU B 333 22.62 1.07 61.12
C GLU B 333 23.72 1.02 62.20
N LYS B 334 24.88 0.42 61.93
CA LYS B 334 25.90 0.43 62.95
C LYS B 334 27.16 1.22 62.61
N LEU B 335 27.34 1.72 61.37
CA LEU B 335 28.35 2.76 61.17
C LEU B 335 27.87 3.86 60.20
N GLY B 336 26.93 3.54 59.31
CA GLY B 336 26.38 4.54 58.39
C GLY B 336 26.83 4.36 56.95
N ASP B 337 27.15 5.44 56.26
CA ASP B 337 27.66 5.28 54.92
C ASP B 337 29.17 5.13 54.98
N LEU B 338 29.68 4.14 54.26
CA LEU B 338 31.08 3.83 54.22
C LEU B 338 31.63 4.03 52.81
N PRO B 339 32.88 4.42 52.70
CA PRO B 339 33.49 4.64 51.37
C PRO B 339 33.88 3.31 50.72
N ILE B 340 32.87 2.56 50.30
CA ILE B 340 33.05 1.24 49.70
C ILE B 340 32.79 1.31 48.20
N ILE B 341 33.74 0.78 47.42
CA ILE B 341 33.51 0.54 45.99
C ILE B 341 33.02 -0.90 45.87
N ALA B 342 32.04 -1.11 45.00
CA ALA B 342 31.44 -2.43 44.84
C ALA B 342 31.86 -2.95 43.48
N GLU B 343 32.92 -3.75 43.48
CA GLU B 343 33.39 -4.39 42.26
C GLU B 343 32.34 -5.37 41.76
N ASN B 344 31.71 -5.05 40.62
CA ASN B 344 30.56 -5.81 40.13
C ASN B 344 30.85 -6.45 38.78
N LEU B 345 31.97 -7.13 38.66
CA LEU B 345 32.28 -7.84 37.44
C LEU B 345 31.62 -9.21 37.45
N GLY B 346 31.35 -9.72 36.25
CA GLY B 346 30.59 -10.94 36.08
C GLY B 346 29.23 -10.66 35.45
N TYR B 347 28.33 -11.63 35.61
CA TYR B 347 26.95 -11.47 35.19
C TYR B 347 26.14 -11.11 36.42
N ILE B 348 25.58 -9.92 36.43
CA ILE B 348 24.87 -9.38 37.56
C ILE B 348 23.37 -9.50 37.26
N ASP B 349 22.70 -10.45 37.92
CA ASP B 349 21.26 -10.60 37.76
C ASP B 349 20.53 -9.50 38.52
N GLU B 350 19.19 -9.57 38.53
CA GLU B 350 18.43 -8.48 39.16
C GLU B 350 18.56 -8.51 40.66
N ARG B 351 18.63 -9.70 41.27
CA ARG B 351 18.85 -9.77 42.72
C ARG B 351 20.11 -9.01 43.09
N ALA B 352 21.18 -9.24 42.33
CA ALA B 352 22.46 -8.60 42.62
C ALA B 352 22.42 -7.10 42.33
N GLU B 353 21.77 -6.70 41.23
CA GLU B 353 21.74 -5.27 40.95
C GLU B 353 20.80 -4.53 41.86
N ARG B 354 19.81 -5.21 42.43
CA ARG B 354 19.04 -4.59 43.48
C ARG B 354 19.83 -4.49 44.77
N LEU B 355 20.65 -5.50 45.07
CA LEU B 355 21.59 -5.35 46.18
C LEU B 355 22.40 -4.07 46.04
N LEU B 356 23.11 -3.89 44.92
CA LEU B 356 23.93 -2.68 44.81
C LEU B 356 23.11 -1.42 44.61
N ALA B 357 21.85 -1.55 44.18
CA ALA B 357 20.95 -0.41 44.20
C ALA B 357 20.76 0.09 45.62
N GLY B 358 20.27 -0.79 46.49
CA GLY B 358 19.89 -0.40 47.83
C GLY B 358 21.03 0.00 48.75
N THR B 359 22.23 0.22 48.22
CA THR B 359 23.38 0.59 49.02
C THR B 359 24.17 1.76 48.48
N GLY B 360 23.88 2.24 47.29
CA GLY B 360 24.51 3.44 46.81
C GLY B 360 26.00 3.37 46.56
N PHE B 361 26.64 2.25 46.85
CA PHE B 361 28.05 2.15 46.53
C PHE B 361 28.21 2.29 45.01
N PRO B 362 29.27 2.90 44.56
CA PRO B 362 29.54 2.90 43.12
C PRO B 362 30.02 1.53 42.64
N GLY B 363 29.64 1.19 41.41
CA GLY B 363 30.16 0.01 40.74
C GLY B 363 31.36 0.37 39.87
N MET B 364 31.76 -0.59 39.05
CA MET B 364 32.93 -0.45 38.22
C MET B 364 32.58 -0.45 36.74
N LYS B 365 33.47 0.16 35.94
CA LYS B 365 33.47 0.03 34.49
C LYS B 365 34.90 -0.23 34.01
N ILE B 366 35.06 -1.30 33.22
CA ILE B 366 36.31 -1.62 32.54
C ILE B 366 36.09 -1.34 31.06
N MET B 367 36.68 -0.25 30.54
CA MET B 367 36.32 0.06 29.17
C MET B 367 36.99 -0.86 28.17
N GLU B 368 37.96 -1.68 28.60
CA GLU B 368 38.49 -2.72 27.74
C GLU B 368 37.42 -3.72 27.34
N PHE B 369 36.46 -3.98 28.22
CA PHE B 369 35.35 -4.85 27.91
C PHE B 369 34.37 -4.21 26.94
N GLY B 370 34.52 -2.91 26.64
CA GLY B 370 33.46 -2.17 25.99
C GLY B 370 33.45 -2.21 24.47
N PHE B 371 34.53 -2.64 23.83
CA PHE B 371 34.61 -2.47 22.39
C PHE B 371 34.62 -3.79 21.63
N TYR B 372 34.36 -4.92 22.30
CA TYR B 372 34.24 -6.16 21.56
C TYR B 372 33.01 -6.15 20.67
N ASP B 373 31.95 -5.44 21.07
CA ASP B 373 30.71 -5.37 20.30
C ASP B 373 30.73 -4.06 19.51
N THR B 374 31.04 -4.16 18.22
CA THR B 374 31.16 -3.02 17.31
C THR B 374 29.83 -2.33 17.03
N THR B 375 28.70 -2.89 17.47
CA THR B 375 27.43 -2.18 17.39
C THR B 375 27.27 -1.14 18.50
N GLY B 376 28.11 -1.20 19.52
CA GLY B 376 28.14 -0.18 20.55
C GLY B 376 27.14 -0.38 21.66
N ASN B 377 26.80 -1.65 21.96
CA ASN B 377 25.72 -1.98 22.88
C ASN B 377 26.19 -2.54 24.21
N SER B 378 27.50 -2.65 24.43
CA SER B 378 28.03 -3.17 25.69
C SER B 378 27.65 -2.27 26.85
N ILE B 379 27.55 -2.87 28.05
CA ILE B 379 27.38 -2.02 29.22
C ILE B 379 28.67 -1.34 29.60
N ASP B 380 29.79 -1.73 29.01
CA ASP B 380 31.07 -1.16 29.40
C ASP B 380 31.59 -0.15 28.37
N ILE B 381 30.73 0.34 27.49
CA ILE B 381 31.11 1.39 26.53
C ILE B 381 30.77 2.75 27.15
N PRO B 382 31.71 3.72 27.11
CA PRO B 382 31.50 5.02 27.79
C PRO B 382 30.10 5.61 27.74
N HIS B 383 29.50 5.68 26.57
CA HIS B 383 28.23 6.39 26.54
C HIS B 383 27.12 5.67 27.32
N ASN B 384 27.37 4.48 27.87
CA ASN B 384 26.42 3.82 28.77
C ASN B 384 26.79 4.00 30.26
N TYR B 385 27.80 4.82 30.56
CA TYR B 385 28.20 4.97 31.95
C TYR B 385 27.24 5.88 32.70
N THR B 386 27.27 5.74 34.03
CA THR B 386 26.53 6.49 35.03
C THR B 386 27.51 7.38 35.81
N GLU B 387 27.00 8.38 36.52
CA GLU B 387 27.88 9.21 37.33
C GLU B 387 28.34 8.51 38.60
N ASN B 388 27.58 7.54 39.11
CA ASN B 388 27.98 6.79 40.30
C ASN B 388 28.65 5.46 39.91
N THR B 389 29.86 5.59 39.34
CA THR B 389 30.69 4.47 38.89
C THR B 389 32.16 4.89 39.02
N ILE B 390 33.06 3.88 39.23
CA ILE B 390 34.51 4.04 39.03
C ILE B 390 34.90 3.48 37.68
N ALA B 391 35.79 4.15 36.96
CA ALA B 391 36.09 3.73 35.60
C ALA B 391 37.59 3.51 35.42
N TYR B 392 37.94 2.35 34.85
CA TYR B 392 39.30 1.98 34.51
C TYR B 392 39.38 1.60 33.05
N ALA B 393 40.57 1.72 32.48
CA ALA B 393 40.87 1.04 31.22
C ALA B 393 40.83 -0.46 31.48
N GLY B 394 41.80 -0.92 32.26
CA GLY B 394 41.75 -2.26 32.80
C GLY B 394 42.16 -2.23 34.26
N THR B 395 41.78 -3.27 34.96
CA THR B 395 42.25 -3.46 36.31
C THR B 395 43.52 -4.32 36.28
N HIS B 396 44.01 -4.73 37.46
CA HIS B 396 45.25 -5.52 37.55
C HIS B 396 45.06 -6.95 37.05
N ASP B 397 43.82 -7.46 37.15
CA ASP B 397 43.38 -8.69 36.51
C ASP B 397 43.35 -8.61 34.99
N ASN B 398 43.55 -7.43 34.43
CA ASN B 398 43.33 -7.26 33.00
C ASN B 398 44.65 -7.14 32.25
N GLU B 399 44.57 -7.33 30.94
CA GLU B 399 45.66 -6.91 30.08
C GLU B 399 45.88 -5.40 30.23
N VAL B 400 47.11 -4.97 29.93
CA VAL B 400 47.37 -3.54 29.81
C VAL B 400 46.83 -3.13 28.45
N ILE B 401 46.77 -1.83 28.20
CA ILE B 401 46.09 -1.32 27.01
C ILE B 401 46.77 -1.80 25.74
N ASN B 402 48.09 -1.63 25.65
CA ASN B 402 48.83 -2.11 24.47
C ASN B 402 48.58 -3.59 24.25
N GLY B 403 48.48 -4.37 25.32
CA GLY B 403 48.13 -5.77 25.16
C GLY B 403 46.73 -5.95 24.60
N TRP B 404 45.76 -5.28 25.20
CA TRP B 404 44.37 -5.37 24.77
C TRP B 404 44.21 -5.05 23.29
N PHE B 405 44.92 -4.03 22.81
CA PHE B 405 44.67 -3.49 21.49
C PHE B 405 45.08 -4.46 20.38
N GLU B 406 46.28 -5.03 20.48
CA GLU B 406 46.75 -5.88 19.39
C GLU B 406 45.97 -7.19 19.31
N ASN B 407 45.27 -7.59 20.36
CA ASN B 407 44.45 -8.79 20.31
C ASN B 407 43.02 -8.53 19.92
N LEU B 408 42.64 -7.26 19.71
CA LEU B 408 41.37 -6.93 19.11
C LEU B 408 41.45 -7.17 17.62
N THR B 409 40.38 -7.73 17.05
CA THR B 409 40.31 -7.90 15.60
C THR B 409 40.49 -6.57 14.89
N VAL B 410 40.81 -6.64 13.59
CA VAL B 410 40.97 -5.43 12.80
C VAL B 410 39.67 -4.60 12.84
N GLU B 411 38.52 -5.27 12.75
CA GLU B 411 37.24 -4.57 12.77
C GLU B 411 36.98 -3.90 14.13
N GLN B 412 37.44 -4.56 15.21
CA GLN B 412 37.33 -3.98 16.53
C GLN B 412 38.29 -2.81 16.70
N LYS B 413 39.52 -2.95 16.19
CA LYS B 413 40.47 -1.84 16.22
C LYS B 413 39.91 -0.62 15.52
N ALA B 414 39.34 -0.82 14.32
CA ALA B 414 38.77 0.30 13.59
C ALA B 414 37.62 0.93 14.36
N TYR B 415 36.75 0.10 14.96
CA TYR B 415 35.65 0.65 15.72
C TYR B 415 36.14 1.51 16.89
N ALA B 416 37.06 0.96 17.71
CA ALA B 416 37.59 1.72 18.85
C ALA B 416 38.30 2.98 18.39
N GLU B 417 39.02 2.89 17.27
CA GLU B 417 39.74 4.05 16.76
C GLU B 417 38.77 5.15 16.37
N ASN B 418 37.71 4.80 15.62
CA ASN B 418 36.75 5.77 15.14
C ASN B 418 35.93 6.36 16.28
N TYR B 419 35.69 5.54 17.32
CA TYR B 419 34.90 5.97 18.48
C TYR B 419 35.68 6.94 19.35
N MET B 420 36.95 6.66 19.57
CA MET B 420 37.73 7.42 20.54
C MET B 420 38.58 8.47 19.87
N ARG B 421 38.38 8.68 18.57
CA ARG B 421 39.03 9.77 17.84
C ARG B 421 40.55 9.68 17.92
N ARG B 422 41.08 8.51 17.54
CA ARG B 422 42.53 8.32 17.58
C ARG B 422 43.20 9.24 16.57
N LEU B 423 43.88 10.29 17.06
CA LEU B 423 44.68 11.12 16.16
C LEU B 423 45.71 10.24 15.45
N PRO B 424 46.17 10.63 14.26
CA PRO B 424 47.18 9.82 13.58
C PRO B 424 48.50 9.83 14.34
N ASN B 425 49.09 8.64 14.47
CA ASN B 425 50.36 8.46 15.18
C ASN B 425 50.23 8.84 16.65
N GLU B 426 49.05 8.65 17.21
CA GLU B 426 48.82 8.81 18.64
C GLU B 426 48.96 7.46 19.33
N PRO B 427 49.78 7.35 20.37
CA PRO B 427 49.84 6.11 21.15
C PRO B 427 48.46 5.73 21.68
N ILE B 428 48.09 4.45 21.51
CA ILE B 428 46.73 4.03 21.85
C ILE B 428 46.45 4.18 23.35
N THR B 429 47.48 4.11 24.18
CA THR B 429 47.28 4.34 25.62
C THR B 429 46.76 5.75 25.88
N GLU B 430 47.35 6.75 25.20
CA GLU B 430 46.89 8.13 25.35
C GLU B 430 45.47 8.30 24.81
N THR B 431 45.15 7.65 23.69
CA THR B 431 43.78 7.74 23.15
C THR B 431 42.79 7.19 24.16
N VAL B 432 43.07 6.01 24.70
CA VAL B 432 42.15 5.36 25.63
C VAL B 432 42.00 6.17 26.90
N LEU B 433 43.11 6.67 27.45
CA LEU B 433 43.05 7.42 28.71
C LEU B 433 42.29 8.74 28.53
N ARG B 434 42.57 9.50 27.45
CA ARG B 434 41.79 10.70 27.16
C ARG B 434 40.31 10.35 27.03
N THR B 435 39.99 9.20 26.46
CA THR B 435 38.59 8.81 26.35
C THR B 435 37.99 8.48 27.71
N LEU B 436 38.78 7.89 28.61
CA LEU B 436 38.29 7.51 29.93
C LEU B 436 38.04 8.71 30.83
N TYR B 437 38.87 9.74 30.71
CA TYR B 437 38.68 10.90 31.56
C TYR B 437 37.47 11.72 31.14
N ALA B 438 37.08 11.65 29.86
CA ALA B 438 35.89 12.35 29.37
C ALA B 438 34.56 11.71 29.78
N THR B 439 34.59 10.52 30.38
CA THR B 439 33.36 9.87 30.83
C THR B 439 32.74 10.60 32.00
N VAL B 440 31.43 10.41 32.18
CA VAL B 440 30.68 11.08 33.24
C VAL B 440 31.05 10.61 34.63
N SER B 441 31.75 9.46 34.73
CA SER B 441 32.01 8.76 35.98
C SER B 441 32.62 9.69 37.03
N GLN B 442 32.14 9.58 38.27
CA GLN B 442 32.65 10.43 39.35
C GLN B 442 34.14 10.26 39.58
N THR B 443 34.70 9.08 39.27
CA THR B 443 36.13 8.82 39.42
C THR B 443 36.68 7.95 38.30
N THR B 444 37.86 8.33 37.78
CA THR B 444 38.59 7.47 36.84
C THR B 444 40.02 7.21 37.31
N ILE B 445 40.49 5.97 37.05
CA ILE B 445 41.74 5.44 37.60
C ILE B 445 42.59 4.87 36.48
N THR B 446 43.88 5.18 36.53
CA THR B 446 44.81 4.88 35.44
C THR B 446 45.89 3.92 35.92
N CYS B 447 46.07 2.81 35.21
CA CYS B 447 47.22 1.94 35.47
C CYS B 447 48.52 2.72 35.28
N MET B 448 49.51 2.46 36.13
CA MET B 448 50.81 3.08 35.88
C MET B 448 51.42 2.59 34.58
N GLN B 449 51.19 1.33 34.21
CA GLN B 449 51.72 0.80 32.96
C GLN B 449 51.09 1.43 31.74
N ASP B 450 49.86 1.91 31.87
CA ASP B 450 49.19 2.53 30.74
C ASP B 450 49.72 3.93 30.47
N LEU B 451 49.97 4.70 31.52
CA LEU B 451 50.56 6.03 31.37
C LEU B 451 52.01 5.95 30.91
N LEU B 452 52.72 4.91 31.33
CA LEU B 452 54.08 4.69 30.83
C LEU B 452 54.11 3.97 29.50
N ASP B 453 52.95 3.76 28.88
CA ASP B 453 52.77 2.99 27.66
C ASP B 453 53.63 1.72 27.68
N LYS B 454 53.38 0.84 28.75
CA LYS B 454 54.33 -0.27 28.73
C LYS B 454 53.81 -1.41 27.87
N PRO B 455 54.71 -2.24 27.33
CA PRO B 455 54.28 -3.41 26.53
C PRO B 455 53.42 -4.43 27.30
N ALA B 456 52.93 -5.44 26.57
CA ALA B 456 51.94 -6.37 27.10
C ALA B 456 52.42 -7.09 28.37
N ASP B 457 53.69 -7.53 28.40
CA ASP B 457 54.14 -8.31 29.56
C ASP B 457 54.19 -7.51 30.87
N SER B 458 53.90 -6.20 30.85
CA SER B 458 53.76 -5.49 32.12
C SER B 458 52.48 -5.83 32.85
N ARG B 459 51.74 -6.77 32.26
CA ARG B 459 50.48 -7.22 32.85
C ARG B 459 50.73 -7.79 34.25
N MET B 460 49.96 -7.30 35.23
CA MET B 460 50.17 -7.62 36.64
C MET B 460 49.74 -9.04 36.96
N ASN B 461 48.52 -9.42 36.55
CA ASN B 461 48.03 -10.77 36.86
C ASN B 461 47.33 -11.34 35.63
N MET B 462 47.62 -12.63 35.38
CA MET B 462 46.92 -13.47 34.43
C MET B 462 46.04 -14.45 35.21
N PRO B 463 44.75 -14.14 35.40
CA PRO B 463 43.89 -15.02 36.21
C PRO B 463 44.00 -16.49 35.82
N ASN B 464 43.93 -17.36 36.83
CA ASN B 464 44.00 -18.82 36.70
C ASN B 464 45.37 -19.29 36.24
N THR B 465 46.41 -18.56 36.59
CA THR B 465 47.79 -18.88 36.25
C THR B 465 48.61 -18.76 37.52
N VAL B 466 49.62 -19.61 37.66
CA VAL B 466 50.60 -19.46 38.72
C VAL B 466 51.96 -19.26 38.06
N GLY B 467 52.81 -18.46 38.73
CA GLY B 467 54.07 -18.03 38.15
C GLY B 467 53.96 -16.85 37.19
N GLY B 468 54.86 -15.88 37.34
CA GLY B 468 54.93 -14.76 36.44
C GLY B 468 54.07 -13.57 36.82
N ASN B 469 53.24 -13.70 37.86
CA ASN B 469 52.30 -12.65 38.21
C ASN B 469 52.81 -11.77 39.34
N TRP B 470 52.24 -10.56 39.41
CA TRP B 470 52.54 -9.56 40.44
C TRP B 470 54.00 -9.16 40.45
N GLN B 471 54.70 -9.33 39.33
CA GLN B 471 56.13 -9.06 39.25
C GLN B 471 56.47 -7.71 38.62
N TRP B 472 55.49 -6.99 38.06
CA TRP B 472 55.82 -5.81 37.27
C TRP B 472 56.17 -4.63 38.18
N ARG B 473 57.38 -4.12 38.02
CA ARG B 473 57.90 -2.96 38.74
C ARG B 473 58.12 -1.80 37.78
N MET B 474 58.39 -0.65 38.40
CA MET B 474 58.62 0.65 37.75
C MET B 474 60.08 1.05 37.90
N ARG B 475 60.52 1.95 37.04
CA ARG B 475 61.81 2.60 37.15
C ARG B 475 61.58 4.07 37.45
N LYS B 476 62.30 4.62 38.43
CA LYS B 476 62.22 6.06 38.60
C LYS B 476 62.69 6.78 37.35
N GLU B 477 63.54 6.12 36.55
CA GLU B 477 63.98 6.63 35.26
C GLU B 477 62.85 6.74 34.24
N ASP B 478 61.65 6.23 34.54
CA ASP B 478 60.58 6.16 33.56
C ASP B 478 59.46 7.16 33.77
N LEU B 479 59.31 7.72 34.98
CA LEU B 479 58.30 8.74 35.23
C LEU B 479 58.84 10.08 34.74
N THR B 480 58.81 10.24 33.41
CA THR B 480 59.30 11.44 32.73
C THR B 480 58.52 12.68 33.16
N GLU B 481 59.13 13.85 32.98
CA GLU B 481 58.36 15.09 33.12
C GLU B 481 57.32 15.20 32.01
N ASN B 482 57.60 14.60 30.85
CA ASN B 482 56.61 14.46 29.77
C ASN B 482 55.43 13.58 30.19
N ARG B 483 55.70 12.46 30.88
CA ARG B 483 54.61 11.57 31.31
C ARG B 483 53.74 12.23 32.40
N LYS B 484 54.40 12.85 33.39
CA LYS B 484 53.69 13.68 34.36
C LYS B 484 52.84 14.71 33.64
N ALA B 485 53.38 15.28 32.56
CA ALA B 485 52.67 16.30 31.79
C ALA B 485 51.38 15.75 31.20
N PHE B 486 51.44 14.55 30.61
CA PHE B 486 50.20 13.94 30.10
C PHE B 486 49.19 13.73 31.22
N LEU B 487 49.62 13.16 32.34
CA LEU B 487 48.66 12.87 33.39
C LEU B 487 47.95 14.13 33.89
N LYS B 488 48.71 15.19 34.17
CA LYS B 488 48.10 16.43 34.65
C LYS B 488 47.19 17.06 33.59
N GLU B 489 47.63 17.09 32.32
CA GLU B 489 46.78 17.56 31.23
C GLU B 489 45.41 16.90 31.27
N ILE B 490 45.34 15.57 31.32
CA ILE B 490 44.00 14.98 31.18
C ILE B 490 43.20 15.11 32.47
N THR B 491 43.85 15.15 33.63
CA THR B 491 43.09 15.43 34.86
C THR B 491 42.48 16.83 34.84
N THR B 492 43.13 17.75 34.15
CA THR B 492 42.69 19.14 34.15
C THR B 492 41.67 19.42 33.04
N ILE B 493 42.00 19.03 31.80
CA ILE B 493 41.15 19.29 30.63
C ILE B 493 39.75 18.74 30.83
N TYR B 494 39.60 17.59 31.49
CA TYR B 494 38.31 16.97 31.74
C TYR B 494 37.85 17.11 33.20
N ASN B 495 38.29 18.19 33.87
CA ASN B 495 37.83 18.65 35.20
C ASN B 495 37.70 17.54 36.22
N ARG B 496 38.81 16.82 36.44
CA ARG B 496 38.83 15.82 37.48
C ARG B 496 39.75 16.20 38.62
N GLY B 497 40.46 17.32 38.49
CA GLY B 497 41.60 17.63 39.34
C GLY B 497 41.27 17.82 40.80
N ASN B 498 42.34 17.95 41.58
CA ASN B 498 42.32 18.00 43.05
C ASN B 498 43.71 18.33 43.60
N ALA C 2 -12.02 0.71 27.47
CA ALA C 2 -11.03 1.51 26.73
C ALA C 2 -9.86 0.63 26.29
N LYS C 3 -9.54 -0.37 27.11
CA LYS C 3 -8.58 -1.39 26.71
C LYS C 3 -9.19 -2.22 25.59
N LYS C 4 -8.35 -2.54 24.59
CA LYS C 4 -8.81 -3.28 23.42
C LYS C 4 -9.33 -4.65 23.83
N ARG C 5 -10.50 -5.01 23.33
CA ARG C 5 -11.11 -6.30 23.64
C ARG C 5 -10.28 -7.43 23.03
N ALA C 6 -10.27 -8.57 23.72
CA ALA C 6 -9.41 -9.68 23.32
C ALA C 6 -10.00 -11.03 23.71
N SER C 7 -9.35 -12.09 23.22
CA SER C 7 -9.88 -13.44 23.30
C SER C 7 -8.72 -14.45 23.37
N GLY C 8 -9.05 -15.68 23.77
CA GLY C 8 -8.03 -16.71 23.81
C GLY C 8 -8.60 -18.06 24.20
N VAL C 9 -7.69 -19.00 24.43
CA VAL C 9 -8.08 -20.39 24.62
C VAL C 9 -7.39 -20.92 25.85
N LEU C 10 -8.09 -21.77 26.59
CA LEU C 10 -7.57 -22.45 27.78
C LEU C 10 -7.36 -23.91 27.42
N MET C 11 -6.10 -24.29 27.30
CA MET C 11 -5.71 -25.53 26.64
C MET C 11 -4.36 -25.89 27.21
N HIS C 12 -4.32 -26.81 28.19
CA HIS C 12 -3.02 -27.08 28.78
C HIS C 12 -2.11 -27.85 27.82
N ILE C 13 -0.81 -27.70 28.03
CA ILE C 13 0.19 -28.33 27.17
C ILE C 13 -0.01 -29.84 27.12
N THR C 14 -0.31 -30.46 28.26
CA THR C 14 -0.43 -31.92 28.32
C THR C 14 -1.55 -32.45 27.43
N SER C 15 -2.52 -31.61 27.04
CA SER C 15 -3.66 -32.01 26.22
C SER C 15 -3.41 -31.91 24.72
N LEU C 16 -2.26 -31.39 24.29
CA LEU C 16 -1.96 -31.34 22.88
C LEU C 16 -1.83 -32.75 22.32
N PRO C 17 -2.18 -32.96 21.05
CA PRO C 17 -2.05 -34.31 20.49
C PRO C 17 -0.61 -34.56 20.09
N GLY C 18 -0.29 -35.84 19.94
CA GLY C 18 1.07 -36.26 19.76
C GLY C 18 1.22 -37.71 20.15
N ASP C 19 2.37 -38.26 19.81
CA ASP C 19 2.56 -39.70 19.86
C ASP C 19 3.31 -40.16 21.09
N LEU C 20 3.47 -39.31 22.11
CA LEU C 20 4.22 -39.66 23.31
C LEU C 20 3.35 -39.73 24.56
N GLY C 21 2.04 -39.94 24.41
CA GLY C 21 1.12 -40.09 25.53
C GLY C 21 0.68 -38.80 26.20
N ILE C 22 1.26 -37.67 25.81
CA ILE C 22 1.10 -36.43 26.52
C ILE C 22 1.62 -35.32 25.61
N GLY C 23 1.00 -34.16 25.70
CA GLY C 23 1.43 -33.06 24.85
C GLY C 23 2.74 -32.46 25.33
N THR C 24 3.51 -31.96 24.37
CA THR C 24 4.87 -31.49 24.61
C THR C 24 5.09 -30.14 23.92
N PHE C 25 6.25 -29.54 24.20
CA PHE C 25 6.66 -28.34 23.48
C PHE C 25 7.19 -28.72 22.11
N GLY C 26 6.46 -29.57 21.39
CA GLY C 26 6.89 -30.10 20.13
C GLY C 26 6.20 -29.47 18.95
N ARG C 27 6.28 -30.15 17.80
N ARG C 27 6.25 -30.15 17.81
CA ARG C 27 5.74 -29.66 16.54
CA ARG C 27 5.77 -29.55 16.58
C ARG C 27 4.31 -29.15 16.69
C ARG C 27 4.29 -29.15 16.66
N GLU C 28 3.50 -29.86 17.46
CA GLU C 28 2.09 -29.54 17.56
C GLU C 28 1.78 -28.38 18.50
N ALA C 29 2.66 -28.03 19.43
CA ALA C 29 2.48 -26.76 20.14
C ALA C 29 2.70 -25.57 19.21
N TYR C 30 3.64 -25.70 18.27
CA TYR C 30 3.81 -24.67 17.26
C TYR C 30 2.60 -24.63 16.33
N ALA C 31 2.05 -25.81 16.04
CA ALA C 31 0.83 -25.85 15.25
C ALA C 31 -0.34 -25.23 15.99
N PHE C 32 -0.36 -25.35 17.33
CA PHE C 32 -1.42 -24.74 18.11
C PHE C 32 -1.31 -23.21 18.09
N VAL C 33 -0.09 -22.68 18.23
CA VAL C 33 0.11 -21.26 17.99
C VAL C 33 -0.46 -20.87 16.64
N ASP C 34 -0.29 -21.72 15.63
CA ASP C 34 -0.81 -21.38 14.31
C ASP C 34 -2.34 -21.42 14.28
N PHE C 35 -2.96 -22.31 15.05
CA PHE C 35 -4.43 -22.31 15.18
C PHE C 35 -4.92 -21.04 15.87
N LEU C 36 -4.17 -20.55 16.87
CA LEU C 36 -4.56 -19.31 17.53
C LEU C 36 -4.43 -18.13 16.58
N VAL C 37 -3.36 -18.12 15.79
CA VAL C 37 -3.11 -16.98 14.92
C VAL C 37 -4.12 -16.95 13.79
N GLU C 38 -4.52 -18.12 13.29
CA GLU C 38 -5.50 -18.16 12.19
C GLU C 38 -6.83 -17.60 12.64
N THR C 39 -7.32 -18.03 13.80
CA THR C 39 -8.59 -17.60 14.38
C THR C 39 -8.54 -16.20 14.98
N ASP C 40 -7.38 -15.53 14.92
CA ASP C 40 -7.22 -14.12 15.27
C ASP C 40 -7.29 -13.87 16.80
N GLN C 41 -6.87 -14.85 17.62
CA GLN C 41 -6.89 -14.83 19.08
C GLN C 41 -5.65 -14.14 19.67
N LYS C 42 -5.76 -13.73 20.93
CA LYS C 42 -4.61 -13.09 21.58
C LYS C 42 -3.93 -13.97 22.63
N PHE C 43 -4.67 -14.81 23.34
CA PHE C 43 -4.09 -15.43 24.54
C PHE C 43 -4.21 -16.94 24.51
N TRP C 44 -3.15 -17.58 25.00
CA TRP C 44 -3.06 -19.01 25.26
C TRP C 44 -2.88 -19.16 26.76
N GLN C 45 -3.91 -19.66 27.45
CA GLN C 45 -3.89 -19.80 28.92
C GLN C 45 -3.59 -21.25 29.28
N ILE C 46 -2.52 -21.46 30.03
CA ILE C 46 -2.10 -22.82 30.40
C ILE C 46 -2.24 -23.02 31.90
N LEU C 47 -2.19 -24.28 32.30
CA LEU C 47 -2.01 -24.69 33.68
C LEU C 47 -0.52 -24.56 34.02
N PRO C 48 -0.16 -24.66 35.32
CA PRO C 48 1.26 -24.50 35.70
C PRO C 48 2.15 -25.52 35.01
N LEU C 49 3.38 -25.09 34.68
CA LEU C 49 4.32 -25.89 33.91
C LEU C 49 5.27 -26.69 34.79
N THR C 50 4.92 -26.88 36.04
CA THR C 50 5.84 -27.34 37.04
C THR C 50 5.61 -28.81 37.33
N THR C 51 6.51 -29.40 38.10
CA THR C 51 6.56 -30.85 38.27
C THR C 51 5.29 -31.39 38.94
N THR C 52 5.07 -32.69 38.78
CA THR C 52 3.84 -33.32 39.24
C THR C 52 4.17 -34.62 39.92
N SER C 53 3.28 -35.03 40.83
CA SER C 53 3.47 -36.24 41.63
C SER C 53 2.20 -37.08 41.46
N PHE C 54 1.99 -38.03 42.38
CA PHE C 54 0.79 -38.86 42.30
C PHE C 54 -0.43 -37.99 42.42
N GLY C 55 -1.44 -38.30 41.61
CA GLY C 55 -2.54 -37.38 41.39
C GLY C 55 -2.31 -36.41 40.26
N ASP C 56 -1.07 -36.26 39.76
CA ASP C 56 -0.73 -35.54 38.52
C ASP C 56 -1.21 -34.07 38.50
N SER C 57 -1.58 -33.50 39.63
CA SER C 57 -2.10 -32.14 39.62
C SER C 57 -0.94 -31.17 39.36
N PRO C 58 -1.07 -30.25 38.38
CA PRO C 58 0.02 -29.29 38.18
C PRO C 58 0.10 -28.24 39.28
N TYR C 59 -0.71 -28.39 40.33
CA TYR C 59 -0.73 -27.43 41.42
C TYR C 59 -0.06 -27.96 42.69
N GLN C 60 0.62 -29.11 42.61
CA GLN C 60 1.39 -29.66 43.74
C GLN C 60 2.74 -30.14 43.22
N SER C 61 3.68 -29.23 43.11
CA SER C 61 5.00 -29.45 42.51
C SER C 61 6.08 -29.53 43.59
N PHE C 62 7.18 -30.17 43.22
CA PHE C 62 8.34 -30.19 44.10
C PHE C 62 9.06 -28.86 44.15
N SER C 63 8.84 -27.97 43.16
CA SER C 63 9.35 -26.61 43.32
C SER C 63 8.50 -25.63 42.52
N ALA C 64 8.67 -24.34 42.87
CA ALA C 64 7.94 -23.27 42.24
C ALA C 64 8.26 -23.11 40.76
N VAL C 65 9.50 -23.39 40.35
CA VAL C 65 9.92 -23.08 39.00
C VAL C 65 10.41 -24.29 38.21
N ALA C 66 10.66 -25.43 38.82
CA ALA C 66 11.14 -26.55 38.01
C ALA C 66 10.06 -26.99 37.01
N GLY C 67 10.50 -27.43 35.84
CA GLY C 67 9.59 -27.78 34.77
C GLY C 67 9.16 -29.23 34.83
N ASN C 68 7.96 -29.49 34.30
CA ASN C 68 7.50 -30.87 34.20
C ASN C 68 8.27 -31.54 33.06
N THR C 69 9.13 -32.50 33.39
CA THR C 69 9.92 -33.15 32.35
C THR C 69 9.05 -33.94 31.39
N HIS C 70 7.81 -34.30 31.78
CA HIS C 70 6.92 -34.99 30.85
C HIS C 70 6.69 -34.17 29.58
N LEU C 71 6.79 -32.85 29.67
CA LEU C 71 6.48 -31.99 28.54
C LEU C 71 7.65 -31.82 27.59
N ILE C 72 8.78 -32.45 27.90
CA ILE C 72 9.97 -32.39 27.04
C ILE C 72 9.71 -33.21 25.79
N ASP C 73 9.86 -32.58 24.62
CA ASP C 73 9.54 -33.22 23.36
C ASP C 73 10.76 -33.97 22.83
N PHE C 74 10.58 -35.24 22.54
CA PHE C 74 11.71 -36.07 22.12
C PHE C 74 12.15 -35.72 20.70
N ASP C 75 11.19 -35.46 19.80
CA ASP C 75 11.52 -35.12 18.42
C ASP C 75 12.44 -33.90 18.35
N LEU C 76 12.19 -32.90 19.20
CA LEU C 76 13.04 -31.72 19.24
C LEU C 76 14.45 -32.07 19.66
N LEU C 77 14.63 -33.19 20.36
CA LEU C 77 15.93 -33.62 20.85
C LEU C 77 16.71 -34.34 19.76
N THR C 78 16.09 -35.31 19.10
CA THR C 78 16.75 -35.91 17.95
C THR C 78 17.07 -34.87 16.87
N LEU C 79 16.24 -33.83 16.74
CA LEU C 79 16.58 -32.73 15.84
C LEU C 79 17.86 -32.00 16.26
N GLU C 80 18.30 -32.15 17.51
CA GLU C 80 19.59 -31.58 17.92
C GLU C 80 20.59 -32.67 18.27
N GLY C 81 20.28 -33.92 17.90
CA GLY C 81 21.27 -34.96 17.81
C GLY C 81 21.70 -35.55 19.13
N PHE C 82 20.79 -35.59 20.10
CA PHE C 82 21.05 -36.12 21.43
C PHE C 82 20.41 -37.47 21.65
N ILE C 83 19.43 -37.84 20.85
CA ILE C 83 18.97 -39.21 20.73
C ILE C 83 18.61 -39.47 19.27
N SER C 84 18.16 -40.68 19.00
CA SER C 84 17.67 -41.07 17.69
C SER C 84 16.21 -41.45 17.85
N LYS C 85 15.43 -41.22 16.78
CA LYS C 85 14.02 -41.53 16.86
C LYS C 85 13.77 -43.02 17.13
N ASP C 86 14.77 -43.87 16.93
CA ASP C 86 14.60 -45.29 17.18
C ASP C 86 14.69 -45.65 18.66
N ASP C 87 14.90 -44.68 19.54
CA ASP C 87 14.91 -44.92 20.97
C ASP C 87 13.55 -44.70 21.62
N TYR C 88 12.61 -44.07 20.94
CA TYR C 88 11.27 -43.91 21.51
C TYR C 88 10.12 -44.22 20.56
N GLN C 89 10.30 -44.21 19.24
CA GLN C 89 9.15 -44.03 18.36
C GLN C 89 8.23 -45.23 18.32
N ASN C 90 8.68 -46.42 18.74
CA ASN C 90 7.77 -47.55 18.88
C ASN C 90 7.54 -47.95 20.34
N ILE C 91 7.89 -47.07 21.29
CA ILE C 91 7.36 -47.22 22.63
C ILE C 91 5.87 -46.87 22.59
N SER C 92 5.08 -47.61 23.36
CA SER C 92 3.66 -47.29 23.53
C SER C 92 3.57 -46.53 24.84
N PHE C 93 3.36 -45.21 24.72
CA PHE C 93 3.24 -44.31 25.87
C PHE C 93 1.82 -44.14 26.34
N GLY C 94 0.85 -44.74 25.65
CA GLY C 94 -0.51 -44.72 26.12
C GLY C 94 -1.45 -45.36 25.12
N GLN C 95 -2.45 -46.08 25.64
CA GLN C 95 -3.35 -46.82 24.77
C GLN C 95 -4.23 -45.88 23.94
N ASP C 96 -5.01 -44.96 24.62
CA ASP C 96 -6.08 -44.09 24.10
C ASP C 96 -5.54 -42.69 23.84
N PRO C 97 -5.69 -42.14 22.63
CA PRO C 97 -5.15 -40.81 22.35
C PRO C 97 -5.77 -39.71 23.21
N GLU C 98 -6.98 -39.93 23.72
CA GLU C 98 -7.73 -38.89 24.42
C GLU C 98 -7.52 -38.87 25.93
N VAL C 99 -6.59 -39.70 26.46
CA VAL C 99 -6.38 -39.87 27.89
C VAL C 99 -4.89 -40.05 28.17
N VAL C 100 -4.32 -39.17 28.99
CA VAL C 100 -2.99 -39.40 29.51
C VAL C 100 -2.98 -40.63 30.41
N ASP C 101 -1.98 -41.49 30.26
CA ASP C 101 -1.77 -42.61 31.17
C ASP C 101 -0.58 -42.24 32.04
N TYR C 102 -0.86 -41.54 33.13
CA TYR C 102 0.24 -41.07 33.96
C TYR C 102 0.90 -42.22 34.71
N ALA C 103 0.15 -43.27 35.01
CA ALA C 103 0.72 -44.40 35.75
C ALA C 103 1.80 -45.04 34.89
N GLY C 104 3.05 -44.84 35.29
CA GLY C 104 4.16 -45.38 34.53
C GLY C 104 4.56 -44.58 33.31
N LEU C 105 3.90 -43.46 33.01
CA LEU C 105 4.48 -42.56 32.02
C LEU C 105 5.93 -42.24 32.35
N PHE C 106 6.21 -42.00 33.64
CA PHE C 106 7.57 -41.63 34.05
C PHE C 106 8.57 -42.77 33.77
N GLU C 107 8.21 -44.01 34.08
CA GLU C 107 9.16 -45.11 33.92
C GLU C 107 9.40 -45.46 32.45
N LYS C 108 8.50 -45.07 31.56
CA LYS C 108 8.76 -45.25 30.13
C LYS C 108 9.57 -44.10 29.55
N ARG C 109 9.38 -42.88 30.06
CA ARG C 109 10.13 -41.75 29.51
C ARG C 109 11.57 -41.70 30.05
N ARG C 110 11.80 -42.16 31.28
CA ARG C 110 13.09 -41.96 31.94
C ARG C 110 14.28 -42.53 31.20
N PRO C 111 14.26 -43.78 30.70
CA PRO C 111 15.43 -44.28 29.94
C PRO C 111 15.83 -43.36 28.79
N VAL C 112 14.83 -42.85 28.05
CA VAL C 112 15.08 -42.00 26.89
C VAL C 112 15.78 -40.73 27.31
N LEU C 113 15.24 -40.03 28.31
CA LEU C 113 15.85 -38.79 28.78
C LEU C 113 17.22 -39.03 29.39
N GLU C 114 17.45 -40.22 29.95
CA GLU C 114 18.81 -40.52 30.43
C GLU C 114 19.78 -40.62 29.25
N LYS C 115 19.38 -41.33 28.19
CA LYS C 115 20.19 -41.38 26.96
C LYS C 115 20.48 -39.98 26.43
N ALA C 116 19.45 -39.13 26.43
CA ALA C 116 19.65 -37.77 25.96
C ALA C 116 20.66 -37.02 26.83
N VAL C 117 20.56 -37.17 28.16
CA VAL C 117 21.47 -36.42 29.03
C VAL C 117 22.90 -36.88 28.85
N LYS C 118 23.13 -38.20 28.76
CA LYS C 118 24.50 -38.68 28.58
C LYS C 118 25.08 -38.19 27.26
N ASN C 119 24.33 -38.32 26.16
CA ASN C 119 24.80 -37.77 24.89
C ASN C 119 25.11 -36.27 25.00
N PHE C 120 24.20 -35.50 25.59
CA PHE C 120 24.41 -34.05 25.71
C PHE C 120 25.68 -33.74 26.49
N LEU C 121 26.03 -34.57 27.47
CA LEU C 121 27.25 -34.30 28.23
C LEU C 121 28.52 -34.71 27.48
N LYS C 122 28.44 -35.66 26.53
CA LYS C 122 29.64 -36.00 25.74
C LYS C 122 30.13 -34.81 24.91
N GLU C 123 29.23 -33.91 24.52
CA GLU C 123 29.62 -32.80 23.67
C GLU C 123 30.52 -31.83 24.42
N GLU C 124 31.50 -31.28 23.70
CA GLU C 124 32.54 -30.45 24.30
C GLU C 124 32.07 -29.05 24.65
N ARG C 125 30.86 -28.70 24.26
CA ARG C 125 30.36 -27.36 24.62
C ARG C 125 29.37 -27.49 25.77
N ALA C 126 29.03 -28.70 26.20
CA ALA C 126 28.04 -28.84 27.26
C ALA C 126 28.50 -28.16 28.54
N THR C 127 29.80 -28.19 28.84
CA THR C 127 30.24 -27.64 30.11
C THR C 127 29.80 -26.18 30.26
N ARG C 128 30.09 -25.35 29.26
CA ARG C 128 29.71 -23.94 29.41
C ARG C 128 28.25 -23.71 29.02
N MET C 129 27.71 -24.51 28.12
CA MET C 129 26.27 -24.43 27.86
C MET C 129 25.48 -24.56 29.16
N LEU C 130 25.74 -25.64 29.89
CA LEU C 130 25.02 -25.90 31.13
C LEU C 130 25.42 -24.94 32.25
N SER C 131 26.72 -24.58 32.33
CA SER C 131 27.14 -23.61 33.34
C SER C 131 26.40 -22.29 33.17
N ASP C 132 26.22 -21.82 31.94
CA ASP C 132 25.60 -20.52 31.78
C ASP C 132 24.07 -20.61 31.88
N PHE C 133 23.49 -21.75 31.52
CA PHE C 133 22.10 -21.99 31.96
C PHE C 133 21.97 -21.81 33.47
N LEU C 134 22.79 -22.51 34.25
CA LEU C 134 22.70 -22.43 35.70
C LEU C 134 22.86 -21.01 36.19
N GLN C 135 23.80 -20.24 35.61
CA GLN C 135 23.94 -18.85 36.02
C GLN C 135 22.65 -18.04 35.79
N GLU C 136 22.03 -18.18 34.61
CA GLU C 136 20.75 -17.51 34.35
C GLU C 136 19.60 -18.04 35.21
N GLU C 137 19.75 -19.24 35.80
CA GLU C 137 18.66 -19.96 36.49
C GLU C 137 19.14 -20.58 37.80
N LYS C 138 19.73 -19.75 38.68
CA LYS C 138 20.53 -20.20 39.83
C LYS C 138 19.86 -21.27 40.71
N TRP C 139 18.55 -21.40 40.69
CA TRP C 139 17.86 -22.35 41.58
C TRP C 139 18.06 -23.81 41.20
N VAL C 140 18.58 -24.12 40.00
CA VAL C 140 18.41 -25.48 39.50
C VAL C 140 19.10 -26.49 40.40
N THR C 141 20.31 -26.19 40.86
CA THR C 141 21.13 -27.22 41.51
C THR C 141 20.45 -27.76 42.76
N ASP C 142 19.86 -26.88 43.58
CA ASP C 142 19.20 -27.37 44.78
C ASP C 142 18.00 -28.24 44.45
N PHE C 143 17.20 -27.86 43.44
CA PHE C 143 16.14 -28.74 42.98
C PHE C 143 16.71 -30.08 42.51
N ALA C 144 17.87 -30.05 41.86
CA ALA C 144 18.46 -31.30 41.39
C ALA C 144 18.76 -32.20 42.59
N GLU C 145 19.45 -31.65 43.58
CA GLU C 145 19.80 -32.42 44.77
C GLU C 145 18.54 -32.95 45.47
N PHE C 146 17.51 -32.11 45.55
CA PHE C 146 16.23 -32.53 46.13
C PHE C 146 15.68 -33.75 45.42
N MET C 147 15.67 -33.74 44.09
CA MET C 147 15.06 -34.85 43.35
C MET C 147 15.91 -36.11 43.47
N ALA C 148 17.24 -35.96 43.50
CA ALA C 148 18.13 -37.11 43.67
C ALA C 148 17.91 -37.78 45.02
N ILE C 149 17.96 -37.01 46.11
CA ILE C 149 17.73 -37.56 47.44
C ILE C 149 16.34 -38.20 47.53
N LYS C 150 15.33 -37.53 46.97
CA LYS C 150 13.98 -38.08 46.97
C LYS C 150 13.96 -39.43 46.29
N GLU C 151 14.65 -39.56 45.15
CA GLU C 151 14.65 -40.85 44.46
C GLU C 151 15.46 -41.89 45.24
N HIS C 152 16.48 -41.44 45.98
CA HIS C 152 17.34 -42.33 46.76
C HIS C 152 16.57 -42.98 47.90
N PHE C 153 15.64 -42.25 48.50
CA PHE C 153 14.77 -42.80 49.53
C PHE C 153 13.49 -43.38 48.97
N GLY C 154 13.48 -43.77 47.71
CA GLY C 154 12.31 -44.44 47.19
C GLY C 154 11.13 -43.54 46.89
N ASN C 155 11.38 -42.28 46.52
CA ASN C 155 10.36 -41.27 46.27
C ASN C 155 9.49 -40.97 47.49
N LYS C 156 9.90 -41.33 48.71
CA LYS C 156 9.18 -40.85 49.88
C LYS C 156 9.22 -39.31 49.91
N ALA C 157 8.29 -38.71 50.67
CA ALA C 157 8.25 -37.26 50.69
C ALA C 157 9.34 -36.69 51.62
N LEU C 158 9.57 -35.38 51.49
CA LEU C 158 10.63 -34.72 52.25
C LEU C 158 10.51 -34.99 53.73
N GLN C 159 9.30 -34.85 54.27
CA GLN C 159 9.09 -35.02 55.71
C GLN C 159 9.31 -36.47 56.15
N GLU C 160 9.57 -37.37 55.20
CA GLU C 160 9.61 -38.81 55.43
C GLU C 160 10.96 -39.45 55.10
N TRP C 161 11.94 -38.67 54.67
CA TRP C 161 13.28 -39.20 54.43
C TRP C 161 13.80 -39.82 55.72
N ASP C 162 14.49 -40.96 55.61
CA ASP C 162 14.88 -41.70 56.80
C ASP C 162 16.11 -41.14 57.49
N ASP C 163 16.89 -40.28 56.83
CA ASP C 163 18.06 -39.64 57.44
C ASP C 163 17.66 -38.21 57.83
N LYS C 164 17.33 -38.02 59.11
CA LYS C 164 16.97 -36.69 59.58
C LYS C 164 18.10 -35.69 59.40
N ALA C 165 19.35 -36.15 59.38
CA ALA C 165 20.46 -35.22 59.20
C ALA C 165 20.35 -34.49 57.88
N ILE C 166 19.90 -35.18 56.82
CA ILE C 166 19.80 -34.50 55.53
C ILE C 166 18.53 -33.68 55.44
N ILE C 167 17.46 -34.09 56.12
CA ILE C 167 16.28 -33.25 56.19
C ILE C 167 16.59 -31.90 56.86
N ARG C 168 17.43 -31.90 57.88
CA ARG C 168 17.81 -30.62 58.53
C ARG C 168 18.93 -29.92 57.76
N ARG C 169 19.33 -30.46 56.61
CA ARG C 169 20.40 -29.82 55.86
C ARG C 169 21.65 -29.59 56.73
N GLU C 170 22.25 -30.70 57.18
CA GLU C 170 23.58 -30.66 57.78
C GLU C 170 24.62 -30.67 56.69
N GLU C 171 25.72 -29.93 56.91
CA GLU C 171 26.71 -29.78 55.85
C GLU C 171 27.53 -31.05 55.66
N GLU C 172 27.71 -31.81 56.74
CA GLU C 172 28.30 -33.15 56.64
C GLU C 172 27.48 -34.02 55.70
N ALA C 173 26.19 -34.19 56.01
CA ALA C 173 25.33 -35.06 55.21
C ALA C 173 25.13 -34.50 53.80
N LEU C 174 24.92 -33.19 53.68
CA LEU C 174 24.77 -32.58 52.36
C LEU C 174 26.00 -32.87 51.52
N ALA C 175 27.19 -32.72 52.11
CA ALA C 175 28.41 -32.99 51.38
C ALA C 175 28.44 -34.42 50.88
N GLY C 176 28.11 -35.36 51.78
CA GLY C 176 28.11 -36.76 51.41
C GLY C 176 27.16 -37.05 50.27
N TYR C 177 25.92 -36.58 50.39
CA TYR C 177 24.92 -36.95 49.40
C TYR C 177 25.24 -36.34 48.05
N ARG C 178 25.67 -35.06 48.03
CA ARG C 178 26.12 -34.44 46.79
C ARG C 178 27.17 -35.30 46.11
N GLN C 179 28.09 -35.87 46.90
CA GLN C 179 29.12 -36.68 46.28
C GLN C 179 28.57 -38.03 45.82
N LYS C 180 27.78 -38.70 46.66
CA LYS C 180 27.31 -40.04 46.30
C LYS C 180 26.31 -40.00 45.15
N LEU C 181 25.62 -38.88 44.95
CA LEU C 181 24.53 -38.80 44.00
C LEU C 181 24.86 -37.88 42.81
N SER C 182 26.14 -37.54 42.62
CA SER C 182 26.51 -36.53 41.64
C SER C 182 25.86 -36.79 40.26
N GLU C 183 25.88 -38.03 39.79
CA GLU C 183 25.44 -38.26 38.42
C GLU C 183 23.92 -38.33 38.28
N VAL C 184 23.17 -38.35 39.38
CA VAL C 184 21.71 -38.19 39.30
C VAL C 184 21.34 -36.71 39.37
N ILE C 185 22.03 -35.99 40.23
CA ILE C 185 21.93 -34.53 40.26
C ILE C 185 22.15 -33.94 38.87
N LYS C 186 23.14 -34.44 38.14
CA LYS C 186 23.44 -33.89 36.81
C LYS C 186 22.33 -34.23 35.79
N TYR C 187 21.75 -35.43 35.91
CA TYR C 187 20.54 -35.74 35.14
C TYR C 187 19.46 -34.68 35.34
N HIS C 188 19.14 -34.38 36.60
CA HIS C 188 18.02 -33.44 36.84
C HIS C 188 18.38 -32.03 36.38
N GLU C 189 19.63 -31.63 36.56
CA GLU C 189 20.11 -30.35 36.06
C GLU C 189 19.87 -30.22 34.56
N VAL C 190 20.22 -31.27 33.81
CA VAL C 190 20.21 -31.23 32.36
C VAL C 190 18.78 -31.35 31.81
N THR C 191 17.93 -32.17 32.44
CA THR C 191 16.53 -32.14 32.01
C THR C 191 15.92 -30.77 32.24
N GLN C 192 16.32 -30.05 33.29
CA GLN C 192 15.86 -28.66 33.43
C GLN C 192 16.37 -27.78 32.30
N TYR C 193 17.62 -27.97 31.89
CA TYR C 193 18.14 -27.19 30.76
C TYR C 193 17.30 -27.43 29.52
N PHE C 194 17.00 -28.69 29.24
CA PHE C 194 16.14 -29.09 28.13
C PHE C 194 14.79 -28.38 28.19
N PHE C 195 14.09 -28.56 29.32
CA PHE C 195 12.78 -27.97 29.51
C PHE C 195 12.83 -26.47 29.24
N TYR C 196 13.81 -25.78 29.82
CA TYR C 196 13.79 -24.34 29.71
C TYR C 196 14.11 -23.88 28.31
N LYS C 197 15.06 -24.56 27.66
CA LYS C 197 15.36 -24.32 26.26
C LYS C 197 14.10 -24.38 25.41
N GLN C 198 13.40 -25.51 25.47
CA GLN C 198 12.22 -25.70 24.64
C GLN C 198 11.10 -24.71 25.00
N TRP C 199 10.83 -24.51 26.29
CA TRP C 199 9.72 -23.64 26.64
C TRP C 199 9.96 -22.21 26.15
N PHE C 200 11.19 -21.73 26.23
CA PHE C 200 11.37 -20.39 25.72
C PHE C 200 11.39 -20.34 24.21
N GLU C 201 11.86 -21.40 23.53
CA GLU C 201 11.73 -21.43 22.06
C GLU C 201 10.27 -21.37 21.62
N LEU C 202 9.39 -22.06 22.34
CA LEU C 202 7.96 -22.02 22.05
C LEU C 202 7.35 -20.67 22.41
N LYS C 203 7.70 -20.13 23.60
CA LYS C 203 7.13 -18.85 24.01
C LYS C 203 7.52 -17.75 23.05
N GLU C 204 8.75 -17.81 22.56
CA GLU C 204 9.22 -16.80 21.62
C GLU C 204 8.52 -16.96 20.28
N TYR C 205 8.31 -18.20 19.84
CA TYR C 205 7.49 -18.39 18.64
C TYR C 205 6.17 -17.65 18.78
N ALA C 206 5.40 -18.01 19.81
CA ALA C 206 4.09 -17.41 20.01
C ALA C 206 4.18 -15.89 20.11
N ASN C 207 5.13 -15.38 20.89
CA ASN C 207 5.25 -13.94 21.07
C ASN C 207 5.48 -13.24 19.74
N ASP C 208 6.43 -13.74 18.95
CA ASP C 208 6.73 -13.12 17.66
C ASP C 208 5.58 -13.21 16.69
N LYS C 209 4.63 -14.13 16.91
CA LYS C 209 3.42 -14.12 16.10
C LYS C 209 2.24 -13.49 16.82
N GLY C 210 2.47 -12.83 17.97
CA GLY C 210 1.45 -12.03 18.62
C GLY C 210 0.51 -12.78 19.53
N ILE C 211 0.76 -14.09 19.76
CA ILE C 211 0.10 -14.86 20.80
C ILE C 211 0.81 -14.64 22.14
N GLN C 212 0.03 -14.47 23.19
CA GLN C 212 0.56 -14.19 24.52
C GLN C 212 0.07 -15.25 25.49
N ILE C 213 0.97 -15.65 26.40
CA ILE C 213 0.76 -16.79 27.29
C ILE C 213 0.32 -16.31 28.66
N ILE C 214 -0.88 -16.73 29.07
CA ILE C 214 -1.31 -16.60 30.45
C ILE C 214 -0.85 -17.85 31.21
N GLY C 215 0.03 -17.65 32.18
CA GLY C 215 0.51 -18.72 33.02
C GLY C 215 -0.22 -18.75 34.34
N ASP C 216 0.22 -19.65 35.20
CA ASP C 216 -0.53 -19.99 36.39
C ASP C 216 0.44 -20.20 37.54
N MET C 217 0.20 -19.53 38.65
CA MET C 217 0.93 -19.99 39.82
C MET C 217 -0.04 -20.21 40.97
N PRO C 218 0.14 -21.29 41.74
CA PRO C 218 -0.58 -21.41 43.02
C PRO C 218 -0.10 -20.38 44.02
N ILE C 219 -1.01 -19.91 44.87
CA ILE C 219 -0.53 -18.97 45.88
C ILE C 219 0.40 -19.67 46.86
N TYR C 220 0.14 -20.93 47.17
CA TYR C 220 1.01 -21.70 48.04
C TYR C 220 1.94 -22.65 47.28
N VAL C 221 3.08 -22.92 47.88
CA VAL C 221 3.97 -24.00 47.45
C VAL C 221 3.53 -25.28 48.17
N SER C 222 4.07 -26.42 47.76
CA SER C 222 3.70 -27.69 48.38
C SER C 222 4.53 -27.96 49.64
N ALA C 223 4.08 -28.92 50.46
CA ALA C 223 4.85 -29.24 51.67
C ALA C 223 6.05 -30.13 51.35
N ASP C 224 5.91 -31.07 50.44
CA ASP C 224 7.02 -31.88 49.97
C ASP C 224 7.66 -31.07 48.86
N SER C 225 8.62 -30.24 49.23
CA SER C 225 9.09 -29.14 48.40
C SER C 225 10.52 -28.75 48.74
N VAL C 226 11.29 -28.35 47.72
CA VAL C 226 12.60 -27.78 48.00
C VAL C 226 12.47 -26.42 48.70
N GLU C 227 11.42 -25.65 48.43
CA GLU C 227 11.24 -24.44 49.22
C GLU C 227 11.15 -24.77 50.71
N VAL C 228 10.32 -25.77 51.06
CA VAL C 228 10.21 -26.21 52.45
C VAL C 228 11.54 -26.72 52.96
N TRP C 229 12.33 -27.37 52.09
CA TRP C 229 13.61 -27.91 52.49
C TRP C 229 14.60 -26.81 52.87
N THR C 230 14.74 -25.81 52.00
CA THR C 230 15.85 -24.87 52.07
C THR C 230 15.52 -23.59 52.81
N MET C 231 14.26 -23.17 52.82
CA MET C 231 13.86 -21.89 53.41
C MET C 231 12.69 -22.10 54.35
N PRO C 232 12.87 -22.91 55.39
CA PRO C 232 11.74 -23.19 56.29
C PRO C 232 11.20 -21.96 57.01
N GLU C 233 11.99 -20.91 57.20
CA GLU C 233 11.51 -19.73 57.91
C GLU C 233 10.30 -19.11 57.23
N LEU C 234 10.15 -19.31 55.90
CA LEU C 234 9.00 -18.81 55.17
C LEU C 234 7.70 -19.46 55.63
N PHE C 235 7.77 -20.44 56.53
CA PHE C 235 6.63 -21.30 56.82
C PHE C 235 6.49 -21.52 58.33
N LYS C 236 5.35 -22.09 58.70
CA LYS C 236 5.06 -22.46 60.09
C LYS C 236 5.27 -23.96 60.26
N LEU C 237 6.54 -24.37 60.33
CA LEU C 237 6.91 -25.78 60.47
C LEU C 237 7.50 -26.04 61.85
N ASP C 238 7.85 -27.31 62.08
CA ASP C 238 8.48 -27.78 63.31
C ASP C 238 9.89 -28.31 63.02
N ARG C 239 10.52 -28.83 64.08
CA ARG C 239 11.88 -29.38 64.02
C ARG C 239 12.14 -30.11 62.71
N ASP C 240 11.26 -31.05 62.39
CA ASP C 240 11.44 -31.98 61.29
C ASP C 240 10.61 -31.61 60.07
N LYS C 241 10.44 -30.32 59.84
CA LYS C 241 9.84 -29.73 58.64
C LYS C 241 8.41 -30.23 58.35
N GLN C 242 7.75 -30.85 59.32
CA GLN C 242 6.34 -31.06 59.08
C GLN C 242 5.54 -29.79 59.45
N PRO C 243 4.46 -29.50 58.72
CA PRO C 243 3.79 -28.20 58.87
C PRO C 243 2.82 -28.16 60.04
N LEU C 244 2.84 -27.04 60.77
CA LEU C 244 1.95 -26.89 61.91
C LEU C 244 0.57 -26.39 61.48
N ALA C 245 0.50 -25.67 60.36
CA ALA C 245 -0.75 -25.26 59.75
C ALA C 245 -0.73 -25.66 58.29
N ILE C 246 -1.90 -26.02 57.77
CA ILE C 246 -2.06 -26.31 56.36
C ILE C 246 -3.19 -25.43 55.80
N ALA C 247 -3.31 -25.41 54.48
CA ALA C 247 -4.28 -24.56 53.82
C ALA C 247 -5.48 -25.37 53.33
N GLY C 248 -6.57 -24.66 53.06
CA GLY C 248 -7.74 -25.29 52.48
C GLY C 248 -8.90 -24.33 52.46
N VAL C 249 -10.10 -24.88 52.35
CA VAL C 249 -11.38 -24.15 52.35
C VAL C 249 -12.27 -24.81 53.38
N PRO C 250 -13.04 -24.07 54.18
CA PRO C 250 -13.96 -24.74 55.11
C PRO C 250 -15.16 -25.31 54.38
N ALA C 251 -16.18 -25.74 55.13
CA ALA C 251 -17.36 -26.37 54.55
C ALA C 251 -17.83 -25.64 53.29
N ASP C 252 -17.96 -26.41 52.22
CA ASP C 252 -17.85 -25.95 50.85
C ASP C 252 -19.05 -26.44 50.05
N ASP C 253 -18.98 -26.29 48.73
CA ASP C 253 -19.98 -26.87 47.86
C ASP C 253 -19.55 -28.20 47.26
N PHE C 254 -18.28 -28.56 47.35
CA PHE C 254 -17.89 -29.91 46.95
C PHE C 254 -17.91 -30.89 48.13
N SER C 255 -17.69 -30.41 49.36
CA SER C 255 -17.71 -31.30 50.51
C SER C 255 -18.14 -30.55 51.76
N ASP C 256 -19.05 -31.15 52.52
CA ASP C 256 -19.40 -30.60 53.83
C ASP C 256 -18.20 -30.61 54.77
N ASP C 257 -17.33 -31.61 54.63
CA ASP C 257 -16.08 -31.65 55.39
C ASP C 257 -15.08 -30.59 54.92
N GLY C 258 -15.38 -29.87 53.84
CA GLY C 258 -14.44 -28.90 53.31
C GLY C 258 -13.41 -29.51 52.38
N GLN C 259 -12.38 -28.70 52.10
CA GLN C 259 -11.36 -29.03 51.11
C GLN C 259 -9.99 -28.91 51.76
N LEU C 260 -9.26 -30.00 51.78
CA LEU C 260 -7.94 -30.04 52.36
C LEU C 260 -6.90 -29.89 51.26
N TRP C 261 -6.13 -28.81 51.27
CA TRP C 261 -5.08 -28.68 50.27
C TRP C 261 -3.73 -29.18 50.76
N GLY C 262 -3.36 -28.85 52.01
CA GLY C 262 -2.20 -29.45 52.64
C GLY C 262 -0.94 -28.62 52.61
N ASN C 263 -0.94 -27.47 51.92
CA ASN C 263 0.26 -26.67 51.76
C ASN C 263 0.67 -26.03 53.08
N PRO C 264 1.97 -25.86 53.32
CA PRO C 264 2.42 -25.04 54.45
C PRO C 264 1.89 -23.62 54.30
N ILE C 265 1.22 -23.15 55.36
CA ILE C 265 0.87 -21.75 55.48
C ILE C 265 2.13 -20.89 55.57
N TYR C 266 2.13 -19.77 54.85
CA TYR C 266 3.21 -18.80 55.03
C TYR C 266 3.18 -18.19 56.43
N ASN C 267 4.34 -18.13 57.08
CA ASN C 267 4.54 -17.28 58.26
C ASN C 267 4.65 -15.83 57.77
N TRP C 268 3.54 -15.10 57.80
CA TRP C 268 3.48 -13.86 57.04
C TRP C 268 4.28 -12.75 57.71
N ASP C 269 4.38 -12.77 59.04
CA ASP C 269 5.19 -11.75 59.70
C ASP C 269 6.62 -11.76 59.18
N TYR C 270 7.18 -12.94 58.98
CA TYR C 270 8.57 -13.01 58.50
C TYR C 270 8.70 -12.49 57.08
N HIS C 271 7.75 -12.82 56.22
CA HIS C 271 7.67 -12.23 54.89
C HIS C 271 7.64 -10.71 54.97
N LYS C 272 6.90 -10.16 55.94
CA LYS C 272 6.73 -8.71 56.05
C LYS C 272 8.05 -8.06 56.49
N GLU C 273 8.68 -8.60 57.55
CA GLU C 273 9.93 -8.00 58.00
C GLU C 273 11.09 -8.28 57.05
N SER C 274 10.91 -9.18 56.10
CA SER C 274 11.88 -9.44 55.05
C SER C 274 11.69 -8.55 53.82
N ASP C 275 10.73 -7.62 53.86
CA ASP C 275 10.35 -6.77 52.72
C ASP C 275 9.92 -7.60 51.51
N PHE C 276 9.34 -8.77 51.77
CA PHE C 276 8.75 -9.65 50.74
C PHE C 276 9.76 -10.06 49.67
N ASP C 277 11.02 -10.21 50.09
CA ASP C 277 12.11 -10.55 49.18
C ASP C 277 11.78 -11.79 48.35
N TRP C 278 11.37 -12.86 49.02
CA TRP C 278 11.07 -14.12 48.33
C TRP C 278 9.86 -13.95 47.40
N TRP C 279 8.82 -13.28 47.88
CA TRP C 279 7.64 -13.07 47.04
C TRP C 279 8.01 -12.29 45.78
N ILE C 280 8.88 -11.29 45.91
CA ILE C 280 9.26 -10.45 44.79
C ILE C 280 10.03 -11.26 43.75
N TYR C 281 10.95 -12.09 44.22
CA TYR C 281 11.72 -12.95 43.31
C TYR C 281 10.82 -13.96 42.60
N ARG C 282 9.78 -14.43 43.29
CA ARG C 282 8.81 -15.36 42.71
C ARG C 282 7.99 -14.71 41.60
N ILE C 283 7.47 -13.50 41.85
CA ILE C 283 6.69 -12.79 40.84
C ILE C 283 7.56 -12.46 39.63
N GLN C 284 8.82 -12.10 39.87
CA GLN C 284 9.70 -11.78 38.74
C GLN C 284 9.99 -13.01 37.90
N SER C 285 10.23 -14.15 38.55
CA SER C 285 10.41 -15.40 37.81
C SER C 285 9.20 -15.69 36.94
N GLY C 286 8.00 -15.58 37.53
CA GLY C 286 6.79 -15.91 36.81
C GLY C 286 6.39 -14.93 35.70
N VAL C 287 6.89 -13.70 35.75
CA VAL C 287 6.69 -12.79 34.63
C VAL C 287 7.85 -12.81 33.66
N LYS C 288 8.94 -13.47 34.00
CA LYS C 288 9.83 -13.89 32.92
C LYS C 288 9.23 -15.08 32.19
N MET C 289 8.52 -15.94 32.91
CA MET C 289 8.09 -17.23 32.38
C MET C 289 6.93 -17.09 31.40
N TYR C 290 6.07 -16.10 31.61
CA TYR C 290 4.87 -15.95 30.82
C TYR C 290 4.74 -14.49 30.43
N ASP C 291 3.59 -14.16 29.87
CA ASP C 291 3.25 -12.77 29.61
C ASP C 291 2.17 -12.27 30.56
N TYR C 292 1.37 -13.18 31.11
CA TYR C 292 0.40 -12.81 32.14
C TYR C 292 0.40 -13.89 33.22
N LEU C 293 -0.04 -13.51 34.40
CA LEU C 293 0.06 -14.36 35.58
C LEU C 293 -1.31 -14.48 36.21
N ARG C 294 -1.90 -15.68 36.18
CA ARG C 294 -3.14 -15.98 36.90
C ARG C 294 -2.70 -16.52 38.26
N ILE C 295 -3.16 -15.92 39.34
CA ILE C 295 -2.76 -16.37 40.68
C ILE C 295 -3.91 -17.08 41.35
N ASP C 296 -3.72 -18.37 41.63
CA ASP C 296 -4.79 -19.16 42.24
C ASP C 296 -5.06 -18.71 43.66
N HIS C 297 -6.35 -18.62 44.01
CA HIS C 297 -6.76 -18.28 45.36
C HIS C 297 -6.23 -16.90 45.77
N PHE C 298 -6.32 -15.94 44.84
CA PHE C 298 -5.90 -14.57 45.11
C PHE C 298 -6.42 -14.09 46.44
N LYS C 299 -7.65 -14.49 46.78
CA LYS C 299 -8.31 -14.30 48.07
C LYS C 299 -7.33 -14.44 49.23
N GLY C 300 -6.43 -15.42 49.14
CA GLY C 300 -5.52 -15.72 50.22
C GLY C 300 -4.61 -14.58 50.62
N PHE C 301 -4.47 -13.56 49.77
CA PHE C 301 -3.66 -12.41 50.15
C PHE C 301 -4.38 -11.50 51.14
N SER C 302 -5.67 -11.70 51.38
CA SER C 302 -6.43 -10.91 52.34
C SER C 302 -6.72 -11.67 53.63
N ASP C 303 -7.34 -12.84 53.51
CA ASP C 303 -7.74 -13.66 54.64
C ASP C 303 -7.62 -15.10 54.20
N TYR C 304 -7.01 -15.94 55.03
CA TYR C 304 -6.84 -17.33 54.65
C TYR C 304 -7.28 -18.24 55.77
N TRP C 305 -7.77 -19.41 55.37
CA TRP C 305 -8.25 -20.44 56.27
C TRP C 305 -7.06 -21.31 56.67
N GLU C 306 -6.75 -21.29 57.96
CA GLU C 306 -5.58 -21.95 58.52
C GLU C 306 -6.08 -23.19 59.23
N ILE C 307 -5.73 -24.37 58.69
CA ILE C 307 -6.16 -25.63 59.25
C ILE C 307 -5.09 -26.11 60.21
N ARG C 308 -5.50 -26.42 61.43
CA ARG C 308 -4.51 -26.75 62.46
C ARG C 308 -3.90 -28.12 62.14
N GLY C 309 -2.57 -28.20 62.21
CA GLY C 309 -1.79 -29.34 61.74
C GLY C 309 -2.32 -30.74 62.00
N ASP C 310 -2.50 -31.11 63.26
CA ASP C 310 -3.06 -32.43 63.55
C ASP C 310 -4.58 -32.34 63.57
N TYR C 311 -5.08 -31.96 62.41
CA TYR C 311 -6.48 -31.73 62.16
C TYR C 311 -7.25 -33.03 62.19
N GLN C 312 -8.50 -32.88 62.05
CA GLN C 312 -9.33 -34.05 61.92
C GLN C 312 -10.27 -34.01 60.73
N THR C 313 -10.81 -32.84 60.39
CA THR C 313 -11.38 -32.52 59.08
C THR C 313 -10.77 -31.20 58.61
N ALA C 314 -11.16 -30.77 57.41
CA ALA C 314 -10.73 -29.44 56.99
C ALA C 314 -11.50 -28.33 57.68
N ASN C 315 -12.47 -28.65 58.54
CA ASN C 315 -13.16 -27.62 59.31
C ASN C 315 -12.51 -27.37 60.66
N ASP C 316 -11.37 -28.00 60.95
CA ASP C 316 -10.61 -27.74 62.17
C ASP C 316 -9.64 -26.58 61.96
N GLY C 317 -10.22 -25.41 61.68
CA GLY C 317 -9.41 -24.28 61.28
C GLY C 317 -9.87 -22.93 61.79
N SER C 318 -9.34 -21.89 61.17
CA SER C 318 -9.44 -20.55 61.72
C SER C 318 -9.15 -19.56 60.61
N TRP C 319 -9.92 -18.50 60.51
CA TRP C 319 -9.54 -17.48 59.54
C TRP C 319 -8.41 -16.65 60.12
N GLN C 320 -7.53 -16.16 59.25
CA GLN C 320 -6.30 -15.49 59.68
C GLN C 320 -5.92 -14.42 58.68
N PRO C 321 -5.36 -13.30 59.14
CA PRO C 321 -5.04 -12.19 58.24
C PRO C 321 -3.72 -12.36 57.52
N ALA C 322 -3.63 -11.76 56.33
CA ALA C 322 -2.42 -11.70 55.54
C ALA C 322 -2.20 -10.28 55.04
N PRO C 323 -0.93 -9.88 54.82
CA PRO C 323 -0.63 -8.47 54.48
C PRO C 323 -0.69 -8.17 52.99
N GLY C 324 -1.83 -8.43 52.37
CA GLY C 324 -1.98 -8.23 50.95
C GLY C 324 -1.70 -6.83 50.40
N PRO C 325 -2.37 -5.82 50.96
CA PRO C 325 -2.13 -4.46 50.47
C PRO C 325 -0.65 -4.10 50.48
N GLU C 326 0.06 -4.36 51.58
CA GLU C 326 1.47 -3.98 51.66
C GLU C 326 2.34 -4.82 50.73
N LEU C 327 2.06 -6.12 50.60
CA LEU C 327 2.79 -6.94 49.64
C LEU C 327 2.69 -6.39 48.21
N PHE C 328 1.48 -6.04 47.76
CA PHE C 328 1.35 -5.57 46.38
C PHE C 328 1.79 -4.13 46.19
N ALA C 329 1.69 -3.30 47.22
CA ALA C 329 2.38 -2.00 47.21
C ALA C 329 3.86 -2.19 46.93
N THR C 330 4.50 -3.10 47.68
CA THR C 330 5.91 -3.41 47.45
C THR C 330 6.14 -3.95 46.03
N ILE C 331 5.24 -4.81 45.54
CA ILE C 331 5.43 -5.40 44.22
C ILE C 331 5.38 -4.31 43.13
N LYS C 332 4.48 -3.32 43.28
CA LYS C 332 4.42 -2.22 42.30
C LYS C 332 5.60 -1.29 42.43
N GLU C 333 6.17 -1.15 43.62
CA GLU C 333 7.30 -0.24 43.76
C GLU C 333 8.61 -0.87 43.26
N LYS C 334 8.96 -2.06 43.76
CA LYS C 334 10.18 -2.75 43.31
C LYS C 334 10.13 -3.17 41.85
N LEU C 335 9.18 -4.03 41.49
CA LEU C 335 8.94 -4.33 40.09
C LEU C 335 8.04 -3.21 39.55
N GLY C 336 7.51 -3.36 38.34
CA GLY C 336 6.65 -2.32 37.81
C GLY C 336 5.18 -2.61 37.98
N ASP C 337 4.37 -2.15 37.03
CA ASP C 337 3.01 -2.63 36.92
C ASP C 337 3.03 -3.97 36.19
N LEU C 338 2.53 -5.00 36.84
CA LEU C 338 2.71 -6.32 36.27
C LEU C 338 1.39 -6.86 35.75
N PRO C 339 1.44 -7.69 34.71
CA PRO C 339 0.23 -8.31 34.13
C PRO C 339 -0.24 -9.53 34.94
N ILE C 340 -0.96 -9.24 36.01
CA ILE C 340 -1.42 -10.24 36.95
C ILE C 340 -2.94 -10.33 36.87
N ILE C 341 -3.47 -11.54 36.79
CA ILE C 341 -4.91 -11.79 36.91
C ILE C 341 -5.19 -12.38 38.29
N ALA C 342 -6.16 -11.82 38.97
CA ALA C 342 -6.55 -12.31 40.28
C ALA C 342 -7.72 -13.26 40.11
N GLU C 343 -7.48 -14.55 40.30
CA GLU C 343 -8.63 -15.44 40.44
C GLU C 343 -9.25 -15.21 41.82
N ASN C 344 -10.49 -14.71 41.83
CA ASN C 344 -11.19 -14.28 43.04
C ASN C 344 -12.49 -15.06 43.25
N LEU C 345 -12.42 -16.38 43.07
CA LEU C 345 -13.55 -17.24 43.33
C LEU C 345 -13.65 -17.49 44.82
N GLY C 346 -14.88 -17.72 45.28
CA GLY C 346 -15.19 -17.78 46.70
C GLY C 346 -15.89 -16.52 47.17
N TYR C 347 -16.29 -16.56 48.45
CA TYR C 347 -16.88 -15.38 49.07
C TYR C 347 -15.80 -14.33 49.27
N ILE C 348 -16.15 -13.08 49.00
CA ILE C 348 -15.20 -11.97 48.90
C ILE C 348 -15.73 -10.85 49.79
N ASP C 349 -15.19 -10.74 51.02
CA ASP C 349 -15.69 -9.74 51.94
C ASP C 349 -15.18 -8.34 51.55
N GLU C 350 -15.62 -7.33 52.30
CA GLU C 350 -15.34 -5.96 51.90
C GLU C 350 -13.85 -5.69 51.86
N ARG C 351 -13.08 -6.36 52.73
CA ARG C 351 -11.66 -6.12 52.77
C ARG C 351 -10.94 -6.75 51.56
N ALA C 352 -11.38 -7.93 51.13
CA ALA C 352 -10.73 -8.52 49.94
C ALA C 352 -11.00 -7.68 48.69
N GLU C 353 -12.25 -7.21 48.49
CA GLU C 353 -12.50 -6.38 47.32
C GLU C 353 -11.71 -5.08 47.36
N ARG C 354 -11.50 -4.51 48.57
CA ARG C 354 -10.61 -3.35 48.66
C ARG C 354 -9.18 -3.70 48.23
N LEU C 355 -8.73 -4.92 48.53
CA LEU C 355 -7.42 -5.36 48.04
C LEU C 355 -7.39 -5.39 46.50
N LEU C 356 -8.34 -6.13 45.89
CA LEU C 356 -8.32 -6.27 44.42
C LEU C 356 -8.57 -4.92 43.75
N ALA C 357 -9.37 -4.05 44.38
CA ALA C 357 -9.53 -2.69 43.88
C ALA C 357 -8.20 -1.95 43.93
N GLY C 358 -7.49 -2.05 45.06
CA GLY C 358 -6.25 -1.34 45.22
C GLY C 358 -5.21 -1.68 44.17
N THR C 359 -5.04 -2.98 43.87
CA THR C 359 -4.04 -3.35 42.86
C THR C 359 -4.49 -2.93 41.47
N GLY C 360 -5.78 -3.08 41.18
CA GLY C 360 -6.31 -2.73 39.87
C GLY C 360 -6.33 -3.87 38.87
N PHE C 361 -5.67 -5.00 39.17
CA PHE C 361 -5.68 -6.20 38.35
C PHE C 361 -7.10 -6.65 38.03
N PRO C 362 -7.32 -7.23 36.85
CA PRO C 362 -8.64 -7.81 36.55
C PRO C 362 -8.88 -9.07 37.36
N GLY C 363 -10.16 -9.31 37.64
CA GLY C 363 -10.60 -10.51 38.30
C GLY C 363 -11.45 -11.32 37.33
N MET C 364 -11.74 -12.54 37.76
CA MET C 364 -12.41 -13.52 36.90
C MET C 364 -13.92 -13.36 36.98
N LYS C 365 -14.59 -13.92 35.98
CA LYS C 365 -16.02 -14.10 36.03
C LYS C 365 -16.25 -15.46 35.42
N ILE C 366 -17.08 -16.29 36.03
CA ILE C 366 -17.33 -17.62 35.49
C ILE C 366 -18.83 -17.79 35.27
N MET C 367 -19.24 -17.75 34.00
CA MET C 367 -20.65 -17.79 33.66
C MET C 367 -21.35 -18.98 34.28
N GLU C 368 -20.67 -20.15 34.34
CA GLU C 368 -21.31 -21.35 34.88
C GLU C 368 -21.84 -21.12 36.30
N PHE C 369 -21.29 -20.18 37.04
CA PHE C 369 -21.78 -19.88 38.39
C PHE C 369 -23.04 -19.00 38.39
N GLY C 370 -23.50 -18.55 37.23
CA GLY C 370 -24.39 -17.42 37.15
C GLY C 370 -25.87 -17.66 36.88
N PHE C 371 -26.27 -18.91 36.61
CA PHE C 371 -27.68 -19.18 36.32
C PHE C 371 -28.34 -20.10 37.35
N TYR C 372 -27.69 -20.34 38.50
CA TYR C 372 -28.37 -21.08 39.57
C TYR C 372 -29.45 -20.22 40.24
N ASP C 373 -29.26 -18.90 40.26
CA ASP C 373 -30.30 -17.96 40.70
C ASP C 373 -31.15 -17.56 39.50
N THR C 374 -32.36 -18.11 39.41
CA THR C 374 -33.26 -17.81 38.31
C THR C 374 -33.76 -16.36 38.32
N THR C 375 -33.44 -15.58 39.37
CA THR C 375 -33.85 -14.18 39.45
C THR C 375 -32.83 -13.23 38.84
N GLY C 376 -31.62 -13.68 38.49
CA GLY C 376 -30.64 -12.83 37.85
C GLY C 376 -29.81 -11.94 38.77
N ASN C 377 -29.79 -12.24 40.07
CA ASN C 377 -29.07 -11.40 41.03
C ASN C 377 -27.63 -11.88 41.28
N SER C 378 -27.32 -13.14 40.96
CA SER C 378 -25.95 -13.64 41.03
C SER C 378 -24.96 -12.70 40.35
N ILE C 379 -23.80 -12.50 40.97
CA ILE C 379 -22.84 -11.54 40.45
C ILE C 379 -22.11 -12.12 39.25
N ASP C 380 -22.46 -13.36 38.87
CA ASP C 380 -21.74 -14.07 37.82
C ASP C 380 -22.53 -14.16 36.52
N ILE C 381 -23.65 -13.45 36.40
CA ILE C 381 -24.46 -13.43 35.18
C ILE C 381 -23.99 -12.27 34.30
N PRO C 382 -23.99 -12.38 32.97
CA PRO C 382 -23.23 -11.41 32.15
C PRO C 382 -23.62 -9.94 32.30
N HIS C 383 -24.81 -9.60 32.82
CA HIS C 383 -25.09 -8.17 32.90
C HIS C 383 -24.53 -7.50 34.15
N ASN C 384 -23.92 -8.24 35.09
CA ASN C 384 -23.21 -7.65 36.21
C ASN C 384 -21.69 -7.58 35.98
N TYR C 385 -21.23 -7.83 34.75
CA TYR C 385 -19.82 -7.82 34.42
C TYR C 385 -19.36 -6.40 34.13
N THR C 386 -18.08 -6.13 34.39
CA THR C 386 -17.46 -4.86 34.06
C THR C 386 -16.33 -5.06 33.06
N GLU C 387 -15.81 -3.93 32.59
CA GLU C 387 -14.76 -3.97 31.59
C GLU C 387 -13.50 -4.67 32.12
N ASN C 388 -13.14 -4.43 33.38
CA ASN C 388 -11.86 -4.94 33.91
C ASN C 388 -12.01 -6.34 34.50
N THR C 389 -12.27 -7.32 33.62
CA THR C 389 -12.51 -8.69 34.02
C THR C 389 -12.08 -9.61 32.89
N ILE C 390 -11.63 -10.82 33.29
CA ILE C 390 -11.47 -11.95 32.39
C ILE C 390 -12.64 -12.89 32.60
N ALA C 391 -13.32 -13.26 31.53
CA ALA C 391 -14.53 -14.07 31.64
C ALA C 391 -14.34 -15.40 30.92
N TYR C 392 -14.77 -16.46 31.58
CA TYR C 392 -14.69 -17.82 31.10
C TYR C 392 -16.08 -18.42 31.19
N ALA C 393 -16.37 -19.39 30.32
CA ALA C 393 -17.58 -20.19 30.48
C ALA C 393 -17.49 -21.02 31.75
N GLY C 394 -16.39 -21.74 31.90
CA GLY C 394 -15.98 -22.32 33.16
C GLY C 394 -14.46 -22.41 33.16
N THR C 395 -13.90 -22.95 34.21
CA THR C 395 -12.47 -23.15 34.17
C THR C 395 -12.16 -24.62 34.47
N HIS C 396 -10.88 -24.99 34.41
CA HIS C 396 -10.50 -26.39 34.51
C HIS C 396 -10.97 -27.05 35.81
N ASP C 397 -11.32 -26.26 36.82
CA ASP C 397 -11.92 -26.80 38.02
C ASP C 397 -13.43 -26.98 37.89
N ASN C 398 -13.96 -26.86 36.68
CA ASN C 398 -15.40 -26.83 36.46
C ASN C 398 -15.81 -27.90 35.47
N GLU C 399 -17.09 -28.22 35.50
CA GLU C 399 -17.69 -28.98 34.43
C GLU C 399 -17.39 -28.32 33.10
N VAL C 400 -17.32 -29.14 32.04
CA VAL C 400 -17.44 -28.55 30.72
C VAL C 400 -18.90 -28.17 30.50
N ILE C 401 -19.12 -27.29 29.51
CA ILE C 401 -20.46 -26.75 29.29
C ILE C 401 -21.48 -27.87 29.22
N ASN C 402 -21.14 -28.94 28.50
CA ASN C 402 -22.14 -29.98 28.27
C ASN C 402 -22.54 -30.69 29.54
N GLY C 403 -21.70 -30.69 30.58
CA GLY C 403 -22.03 -31.33 31.85
C GLY C 403 -22.83 -30.43 32.76
N TRP C 404 -22.40 -29.16 32.82
CA TRP C 404 -23.07 -28.14 33.63
C TRP C 404 -24.52 -27.93 33.17
N PHE C 405 -24.76 -27.85 31.85
CA PHE C 405 -26.13 -27.72 31.37
C PHE C 405 -26.96 -28.97 31.68
N GLU C 406 -26.33 -30.15 31.65
CA GLU C 406 -27.06 -31.34 32.06
C GLU C 406 -27.45 -31.29 33.54
N ASN C 407 -26.67 -30.60 34.37
CA ASN C 407 -26.97 -30.59 35.80
C ASN C 407 -27.93 -29.48 36.27
N LEU C 408 -28.35 -28.58 35.39
CA LEU C 408 -29.33 -27.59 35.82
C LEU C 408 -30.67 -28.26 36.05
N THR C 409 -31.42 -27.74 37.03
CA THR C 409 -32.81 -28.14 37.19
C THR C 409 -33.61 -27.73 35.95
N VAL C 410 -34.86 -28.19 35.87
CA VAL C 410 -35.68 -27.82 34.71
C VAL C 410 -35.91 -26.31 34.73
N GLU C 411 -36.16 -25.73 35.91
CA GLU C 411 -36.36 -24.29 35.94
C GLU C 411 -35.06 -23.56 35.55
N GLN C 412 -33.92 -24.12 35.95
CA GLN C 412 -32.66 -23.43 35.66
C GLN C 412 -32.28 -23.53 34.19
N LYS C 413 -32.60 -24.63 33.50
CA LYS C 413 -32.23 -24.62 32.08
C LYS C 413 -33.25 -23.87 31.24
N ALA C 414 -34.52 -23.83 31.69
CA ALA C 414 -35.45 -22.86 31.11
C ALA C 414 -34.88 -21.44 31.17
N TYR C 415 -34.46 -21.02 32.36
CA TYR C 415 -33.91 -19.69 32.54
C TYR C 415 -32.67 -19.49 31.68
N ALA C 416 -31.76 -20.47 31.68
CA ALA C 416 -30.58 -20.40 30.83
C ALA C 416 -30.95 -20.16 29.38
N GLU C 417 -31.78 -21.06 28.80
CA GLU C 417 -32.09 -21.00 27.37
C GLU C 417 -32.82 -19.71 27.00
N ASN C 418 -33.76 -19.29 27.84
CA ASN C 418 -34.43 -18.01 27.64
C ASN C 418 -33.42 -16.87 27.61
N TYR C 419 -32.54 -16.80 28.62
CA TYR C 419 -31.65 -15.66 28.78
C TYR C 419 -30.70 -15.53 27.61
N MET C 420 -30.10 -16.64 27.21
CA MET C 420 -28.98 -16.63 26.27
C MET C 420 -29.42 -16.69 24.82
N ARG C 421 -30.73 -16.76 24.58
CA ARG C 421 -31.29 -16.75 23.23
C ARG C 421 -30.82 -17.98 22.45
N ARG C 422 -31.08 -19.15 23.04
CA ARG C 422 -30.74 -20.39 22.39
C ARG C 422 -31.66 -20.59 21.20
N LEU C 423 -31.09 -20.53 20.00
CA LEU C 423 -31.85 -20.88 18.81
C LEU C 423 -32.30 -22.34 18.91
N PRO C 424 -33.47 -22.66 18.35
CA PRO C 424 -33.89 -24.07 18.32
C PRO C 424 -32.93 -24.89 17.46
N ASN C 425 -32.52 -26.04 18.00
CA ASN C 425 -31.52 -26.94 17.40
C ASN C 425 -30.18 -26.23 17.23
N GLU C 426 -29.61 -25.86 18.39
CA GLU C 426 -28.33 -25.20 18.51
C GLU C 426 -27.59 -25.82 19.70
N PRO C 427 -26.29 -26.08 19.57
CA PRO C 427 -25.54 -26.66 20.71
C PRO C 427 -25.42 -25.64 21.84
N ILE C 428 -25.71 -26.12 23.06
CA ILE C 428 -25.60 -25.27 24.25
C ILE C 428 -24.21 -24.71 24.38
N THR C 429 -23.20 -25.49 23.95
CA THR C 429 -21.83 -25.02 23.91
C THR C 429 -21.71 -23.72 23.09
N GLU C 430 -22.47 -23.61 22.02
CA GLU C 430 -22.33 -22.43 21.18
C GLU C 430 -23.16 -21.24 21.69
N THR C 431 -24.38 -21.50 22.16
CA THR C 431 -25.14 -20.50 22.88
C THR C 431 -24.29 -19.82 23.96
N VAL C 432 -23.64 -20.64 24.80
CA VAL C 432 -22.86 -20.12 25.91
C VAL C 432 -21.65 -19.35 25.41
N LEU C 433 -20.92 -19.91 24.43
CA LEU C 433 -19.75 -19.21 23.92
C LEU C 433 -20.12 -17.87 23.29
N ARG C 434 -21.32 -17.76 22.71
CA ARG C 434 -21.76 -16.51 22.10
C ARG C 434 -22.12 -15.48 23.17
N THR C 435 -22.92 -15.87 24.17
CA THR C 435 -23.18 -14.97 25.30
C THR C 435 -21.86 -14.45 25.89
N LEU C 436 -20.98 -15.38 26.28
CA LEU C 436 -19.64 -15.07 26.76
C LEU C 436 -18.98 -14.01 25.92
N TYR C 437 -18.79 -14.30 24.63
CA TYR C 437 -18.05 -13.38 23.78
C TYR C 437 -18.75 -12.03 23.67
N ALA C 438 -20.06 -12.00 23.90
CA ALA C 438 -20.80 -10.75 23.84
C ALA C 438 -20.58 -9.84 25.06
N THR C 439 -20.01 -10.32 26.17
CA THR C 439 -19.97 -9.47 27.36
C THR C 439 -19.02 -8.28 27.18
N VAL C 440 -19.08 -7.37 28.14
CA VAL C 440 -18.19 -6.21 28.14
C VAL C 440 -16.79 -6.53 28.63
N SER C 441 -16.54 -7.76 29.05
CA SER C 441 -15.23 -8.18 29.54
C SER C 441 -14.12 -7.88 28.56
N GLN C 442 -13.06 -7.21 29.04
CA GLN C 442 -11.93 -6.92 28.17
C GLN C 442 -11.40 -8.20 27.52
N THR C 443 -11.45 -9.34 28.21
CA THR C 443 -10.94 -10.58 27.63
C THR C 443 -11.86 -11.75 27.92
N THR C 444 -12.07 -12.58 26.91
CA THR C 444 -12.80 -13.85 27.06
C THR C 444 -11.90 -15.04 26.73
N ILE C 445 -12.10 -16.15 27.44
CA ILE C 445 -11.26 -17.33 27.27
C ILE C 445 -12.15 -18.57 27.14
N THR C 446 -12.05 -19.25 25.98
CA THR C 446 -12.84 -20.46 25.72
C THR C 446 -12.03 -21.71 26.08
N CYS C 447 -12.72 -22.71 26.63
CA CYS C 447 -12.09 -24.00 26.89
C CYS C 447 -12.21 -24.88 25.65
N MET C 448 -11.09 -25.44 25.20
CA MET C 448 -11.09 -26.31 24.04
C MET C 448 -12.15 -27.40 24.13
N GLN C 449 -12.45 -27.89 25.34
CA GLN C 449 -13.49 -28.89 25.48
C GLN C 449 -14.81 -28.36 24.96
N ASP C 450 -15.15 -27.10 25.29
CA ASP C 450 -16.37 -26.44 24.80
C ASP C 450 -16.30 -26.18 23.30
N LEU C 451 -15.11 -25.84 22.77
CA LEU C 451 -14.99 -25.51 21.37
C LEU C 451 -15.11 -26.74 20.48
N LEU C 452 -14.81 -27.94 20.99
CA LEU C 452 -14.99 -29.18 20.24
C LEU C 452 -16.21 -29.97 20.71
N ASP C 453 -17.16 -29.30 21.38
CA ASP C 453 -18.47 -29.88 21.72
C ASP C 453 -18.35 -31.09 22.64
N LYS C 454 -17.27 -31.21 23.41
CA LYS C 454 -16.94 -32.48 24.03
C LYS C 454 -17.91 -32.82 25.15
N PRO C 455 -18.03 -34.09 25.50
CA PRO C 455 -19.00 -34.52 26.52
C PRO C 455 -18.49 -34.25 27.94
N ALA C 456 -19.34 -34.65 28.91
CA ALA C 456 -19.13 -34.27 30.32
C ALA C 456 -17.80 -34.74 30.89
N ASP C 457 -17.26 -35.87 30.41
CA ASP C 457 -16.06 -36.42 31.04
C ASP C 457 -14.76 -35.78 30.57
N SER C 458 -14.83 -34.86 29.61
CA SER C 458 -13.67 -34.04 29.25
C SER C 458 -13.29 -33.08 30.36
N ARG C 459 -14.07 -32.99 31.43
CA ARG C 459 -13.73 -32.19 32.61
C ARG C 459 -12.27 -32.42 32.99
N MET C 460 -11.52 -31.33 33.18
CA MET C 460 -10.11 -31.51 33.40
C MET C 460 -9.83 -31.96 34.81
N ASN C 461 -10.53 -31.40 35.79
CA ASN C 461 -10.31 -31.71 37.19
C ASN C 461 -11.64 -31.65 37.92
N MET C 462 -11.90 -32.64 38.79
CA MET C 462 -12.93 -32.46 39.81
C MET C 462 -12.28 -32.22 41.16
N PRO C 463 -12.45 -31.03 41.73
CA PRO C 463 -11.76 -30.73 43.00
C PRO C 463 -12.07 -31.73 44.09
N ASN C 464 -11.06 -32.00 44.91
CA ASN C 464 -11.13 -32.88 46.07
C ASN C 464 -11.31 -34.35 45.71
N THR C 465 -11.43 -34.70 44.43
CA THR C 465 -11.59 -36.11 44.05
C THR C 465 -10.21 -36.74 43.82
N VAL C 466 -10.18 -37.94 43.24
CA VAL C 466 -9.01 -38.78 43.38
C VAL C 466 -8.37 -39.18 42.05
N GLY C 467 -9.11 -39.90 41.20
CA GLY C 467 -8.59 -40.38 39.95
C GLY C 467 -9.15 -39.59 38.77
N GLY C 468 -8.59 -39.85 37.61
CA GLY C 468 -9.16 -39.37 36.36
C GLY C 468 -8.92 -37.92 36.01
N ASN C 469 -8.09 -37.21 36.77
CA ASN C 469 -7.91 -35.78 36.54
C ASN C 469 -6.66 -35.51 35.72
N TRP C 470 -6.67 -34.35 35.05
CA TRP C 470 -5.58 -33.84 34.23
C TRP C 470 -5.29 -34.76 33.06
N GLN C 471 -6.29 -35.55 32.70
CA GLN C 471 -6.11 -36.60 31.71
C GLN C 471 -6.61 -36.24 30.33
N TRP C 472 -7.49 -35.25 30.19
CA TRP C 472 -8.13 -35.01 28.89
C TRP C 472 -7.11 -34.57 27.86
N ARG C 473 -7.22 -35.14 26.67
CA ARG C 473 -6.38 -34.83 25.53
C ARG C 473 -7.24 -34.66 24.29
N MET C 474 -6.80 -33.74 23.43
CA MET C 474 -7.44 -33.48 22.15
C MET C 474 -6.87 -34.39 21.05
N ARG C 475 -7.76 -34.93 20.20
CA ARG C 475 -7.35 -35.61 18.97
C ARG C 475 -7.21 -34.59 17.84
N LYS C 476 -6.13 -34.73 17.06
CA LYS C 476 -5.88 -33.78 15.97
C LYS C 476 -7.08 -33.63 15.05
N GLU C 477 -7.88 -34.69 14.90
CA GLU C 477 -9.07 -34.66 14.04
C GLU C 477 -10.11 -33.66 14.54
N ASP C 478 -10.57 -33.82 15.78
CA ASP C 478 -11.66 -33.02 16.36
C ASP C 478 -11.63 -31.56 15.96
N LEU C 479 -10.42 -30.99 15.87
CA LEU C 479 -10.20 -29.58 15.53
C LEU C 479 -10.41 -29.38 14.02
N THR C 480 -11.67 -29.56 13.61
CA THR C 480 -12.12 -29.38 12.24
C THR C 480 -11.93 -27.94 11.71
N GLU C 481 -12.24 -27.72 10.44
CA GLU C 481 -12.22 -26.36 9.93
C GLU C 481 -13.51 -25.61 10.17
N ASN C 482 -14.62 -26.32 10.37
CA ASN C 482 -15.82 -25.67 10.87
C ASN C 482 -15.60 -25.07 12.25
N ARG C 483 -14.97 -25.81 13.16
CA ARG C 483 -14.81 -25.30 14.53
C ARG C 483 -13.83 -24.13 14.58
N LYS C 484 -12.77 -24.18 13.79
CA LYS C 484 -11.94 -22.99 13.66
C LYS C 484 -12.75 -21.83 13.10
N ALA C 485 -13.61 -22.11 12.11
CA ALA C 485 -14.47 -21.05 11.61
C ALA C 485 -15.33 -20.46 12.72
N PHE C 486 -15.82 -21.31 13.63
CA PHE C 486 -16.69 -20.81 14.70
C PHE C 486 -15.94 -19.90 15.65
N LEU C 487 -14.75 -20.31 16.08
CA LEU C 487 -13.96 -19.45 16.94
C LEU C 487 -13.72 -18.09 16.27
N LYS C 488 -13.30 -18.11 14.99
CA LYS C 488 -13.09 -16.83 14.29
C LYS C 488 -14.40 -16.06 14.12
N GLU C 489 -15.53 -16.76 14.04
CA GLU C 489 -16.79 -16.05 13.89
C GLU C 489 -17.09 -15.24 15.13
N ILE C 490 -17.24 -15.92 16.28
CA ILE C 490 -17.62 -15.18 17.48
C ILE C 490 -16.56 -14.17 17.86
N THR C 491 -15.30 -14.40 17.46
CA THR C 491 -14.29 -13.39 17.73
C THR C 491 -14.53 -12.15 16.89
N THR C 492 -14.89 -12.33 15.60
CA THR C 492 -15.06 -11.18 14.72
C THR C 492 -16.37 -10.45 15.01
N ILE C 493 -17.45 -11.18 15.26
CA ILE C 493 -18.78 -10.60 15.47
C ILE C 493 -18.76 -9.67 16.68
N TYR C 494 -18.09 -10.09 17.74
CA TYR C 494 -18.08 -9.32 18.97
C TYR C 494 -16.82 -8.48 19.15
N ASN C 495 -16.10 -8.26 18.05
CA ASN C 495 -15.03 -7.28 17.99
C ASN C 495 -14.00 -7.56 19.09
N ARG C 496 -13.38 -8.74 18.97
CA ARG C 496 -12.34 -9.19 19.88
C ARG C 496 -11.03 -9.55 19.18
N GLY C 497 -10.96 -9.34 17.87
CA GLY C 497 -9.91 -9.96 17.08
C GLY C 497 -8.55 -9.38 17.38
N ASN C 498 -7.53 -10.20 17.09
CA ASN C 498 -6.12 -9.89 17.29
C ASN C 498 -5.41 -10.27 16.00
N LYS C 499 -5.40 -9.36 15.03
CA LYS C 499 -4.79 -9.63 13.73
C LYS C 499 -3.43 -8.94 13.68
N LEU C 500 -2.48 -9.61 13.03
CA LEU C 500 -1.09 -9.13 12.91
C LEU C 500 -0.96 -7.61 12.66
N LYS D 4 -31.16 -1.67 41.91
CA LYS D 4 -30.35 -0.67 41.22
C LYS D 4 -30.49 -0.71 39.67
N ARG D 5 -30.72 -1.87 39.07
CA ARG D 5 -31.05 -1.89 37.66
C ARG D 5 -32.54 -1.64 37.47
N ALA D 6 -32.92 -1.17 36.29
CA ALA D 6 -34.28 -0.64 36.15
C ALA D 6 -34.72 -0.56 34.69
N SER D 7 -36.03 -0.39 34.52
CA SER D 7 -36.65 -0.30 33.21
C SER D 7 -37.71 0.81 33.18
N GLY D 8 -37.95 1.32 31.97
CA GLY D 8 -39.00 2.29 31.81
C GLY D 8 -39.55 2.33 30.41
N VAL D 9 -40.59 3.13 30.24
CA VAL D 9 -41.32 3.23 28.98
C VAL D 9 -41.33 4.67 28.47
N LEU D 10 -40.95 4.84 27.20
CA LEU D 10 -40.95 6.14 26.53
C LEU D 10 -42.30 6.31 25.82
N MET D 11 -43.12 7.21 26.34
CA MET D 11 -44.49 7.33 25.84
C MET D 11 -44.98 8.71 26.20
N HIS D 12 -45.02 9.63 25.24
CA HIS D 12 -45.51 10.99 25.54
C HIS D 12 -46.95 10.91 25.99
N ILE D 13 -47.40 11.93 26.71
CA ILE D 13 -48.79 12.07 27.16
C ILE D 13 -49.74 12.16 25.96
N THR D 14 -49.35 12.91 24.91
CA THR D 14 -50.23 13.09 23.74
C THR D 14 -50.65 11.76 23.11
N SER D 15 -49.82 10.69 23.24
CA SER D 15 -50.06 9.38 22.65
C SER D 15 -51.00 8.50 23.44
N LEU D 16 -51.46 8.96 24.61
CA LEU D 16 -52.39 8.16 25.39
C LEU D 16 -53.74 8.05 24.67
N PRO D 17 -54.43 6.94 24.85
CA PRO D 17 -55.78 6.82 24.30
C PRO D 17 -56.75 7.73 25.04
N GLY D 18 -57.87 8.00 24.40
CA GLY D 18 -58.86 8.93 24.92
C GLY D 18 -59.71 9.52 23.82
N ASP D 19 -60.88 10.01 24.20
CA ASP D 19 -61.91 10.38 23.24
C ASP D 19 -61.94 11.88 22.94
N LEU D 20 -61.01 12.66 23.47
CA LEU D 20 -60.86 14.08 23.15
C LEU D 20 -59.78 14.33 22.09
N GLY D 21 -59.36 13.29 21.38
CA GLY D 21 -58.47 13.45 20.24
C GLY D 21 -57.00 13.50 20.55
N ILE D 22 -56.64 13.68 21.81
CA ILE D 22 -55.24 13.82 22.18
C ILE D 22 -55.14 13.38 23.63
N GLY D 23 -54.07 12.66 23.93
CA GLY D 23 -53.89 12.10 25.24
C GLY D 23 -53.83 13.18 26.29
N THR D 24 -54.56 13.01 27.38
CA THR D 24 -54.66 13.99 28.44
C THR D 24 -54.15 13.39 29.76
N PHE D 25 -54.29 14.20 30.81
CA PHE D 25 -53.95 13.84 32.18
C PHE D 25 -55.11 13.07 32.78
N GLY D 26 -55.89 12.38 31.93
CA GLY D 26 -57.15 11.80 32.33
C GLY D 26 -57.03 10.45 33.02
N ARG D 27 -58.18 9.78 33.13
CA ARG D 27 -58.20 8.49 33.81
C ARG D 27 -57.42 7.44 33.05
N GLU D 28 -57.14 7.68 31.76
CA GLU D 28 -56.29 6.77 31.01
C GLU D 28 -54.81 7.04 31.23
N ALA D 29 -54.43 8.25 31.65
CA ALA D 29 -53.10 8.44 32.18
C ALA D 29 -52.90 7.61 33.45
N TYR D 30 -53.94 7.54 34.29
CA TYR D 30 -53.90 6.71 35.49
C TYR D 30 -53.86 5.23 35.14
N ALA D 31 -54.65 4.81 34.15
CA ALA D 31 -54.59 3.42 33.69
C ALA D 31 -53.20 3.07 33.19
N PHE D 32 -52.54 4.01 32.52
CA PHE D 32 -51.19 3.80 32.04
C PHE D 32 -50.20 3.58 33.20
N VAL D 33 -50.25 4.45 34.21
CA VAL D 33 -49.41 4.25 35.39
C VAL D 33 -49.65 2.86 35.98
N ASP D 34 -50.91 2.45 36.05
CA ASP D 34 -51.18 1.13 36.59
C ASP D 34 -50.58 0.04 35.71
N PHE D 35 -50.58 0.25 34.39
CA PHE D 35 -49.90 -0.67 33.49
C PHE D 35 -48.41 -0.78 33.81
N LEU D 36 -47.79 0.35 34.14
CA LEU D 36 -46.37 0.33 34.49
C LEU D 36 -46.15 -0.46 35.77
N VAL D 37 -47.07 -0.32 36.73
CA VAL D 37 -46.93 -1.06 37.98
C VAL D 37 -47.10 -2.57 37.75
N GLU D 38 -48.08 -2.96 36.93
CA GLU D 38 -48.37 -4.38 36.72
C GLU D 38 -47.22 -5.11 36.05
N THR D 39 -46.45 -4.42 35.21
CA THR D 39 -45.31 -5.01 34.50
C THR D 39 -43.97 -4.62 35.13
N ASP D 40 -44.00 -4.16 36.40
CA ASP D 40 -42.79 -3.94 37.20
C ASP D 40 -41.85 -2.91 36.58
N GLN D 41 -42.41 -1.82 36.08
CA GLN D 41 -41.60 -0.75 35.52
C GLN D 41 -41.17 0.23 36.62
N LYS D 42 -40.16 1.03 36.31
CA LYS D 42 -39.80 2.10 37.22
C LYS D 42 -39.96 3.47 36.61
N PHE D 43 -39.59 3.66 35.35
CA PHE D 43 -39.60 4.97 34.76
C PHE D 43 -40.68 5.11 33.68
N TRP D 44 -41.25 6.31 33.62
CA TRP D 44 -42.14 6.77 32.56
C TRP D 44 -41.45 7.99 31.95
N GLN D 45 -41.01 7.89 30.69
CA GLN D 45 -40.31 9.00 30.07
C GLN D 45 -41.26 9.74 29.13
N ILE D 46 -41.52 11.00 29.42
CA ILE D 46 -42.39 11.80 28.57
C ILE D 46 -41.56 12.83 27.80
N LEU D 47 -42.19 13.45 26.82
CA LEU D 47 -41.67 14.62 26.14
C LEU D 47 -42.09 15.86 26.90
N PRO D 48 -41.50 17.01 26.58
CA PRO D 48 -41.79 18.21 27.38
C PRO D 48 -43.28 18.55 27.37
N LEU D 49 -43.77 19.01 28.51
CA LEU D 49 -45.18 19.30 28.74
C LEU D 49 -45.53 20.72 28.41
N THR D 50 -44.60 21.46 27.80
CA THR D 50 -44.76 22.87 27.55
C THR D 50 -45.53 23.14 26.26
N THR D 51 -45.82 24.41 26.00
CA THR D 51 -46.80 24.79 24.99
C THR D 51 -46.28 24.51 23.58
N THR D 52 -47.20 24.28 22.66
CA THR D 52 -46.85 24.00 21.27
C THR D 52 -47.41 25.09 20.38
N SER D 53 -46.94 25.09 19.14
CA SER D 53 -47.20 26.12 18.13
C SER D 53 -47.39 25.40 16.80
N PHE D 54 -47.28 26.12 15.69
CA PHE D 54 -47.29 25.44 14.39
C PHE D 54 -46.11 24.47 14.29
N GLY D 55 -46.39 23.25 13.84
CA GLY D 55 -45.43 22.17 13.87
C GLY D 55 -45.66 21.20 15.01
N ASP D 56 -46.24 21.67 16.12
CA ASP D 56 -46.73 20.86 17.23
C ASP D 56 -45.60 20.26 18.07
N SER D 57 -44.36 20.72 17.87
CA SER D 57 -43.22 20.16 18.58
C SER D 57 -43.22 20.62 20.05
N PRO D 58 -43.10 19.72 21.00
CA PRO D 58 -43.02 20.18 22.41
C PRO D 58 -41.67 20.80 22.73
N TYR D 59 -40.82 20.98 21.72
CA TYR D 59 -39.52 21.58 21.91
C TYR D 59 -39.47 23.00 21.40
N GLN D 60 -40.59 23.52 20.93
CA GLN D 60 -40.69 24.90 20.50
C GLN D 60 -41.90 25.52 21.22
N SER D 61 -41.66 25.99 22.44
CA SER D 61 -42.73 26.48 23.32
C SER D 61 -42.62 27.99 23.56
N PHE D 62 -43.77 28.57 23.90
CA PHE D 62 -43.82 29.99 24.17
C PHE D 62 -43.14 30.34 25.49
N SER D 63 -42.86 29.35 26.34
CA SER D 63 -42.34 29.59 27.69
C SER D 63 -41.61 28.32 28.15
N ALA D 64 -40.69 28.50 29.08
CA ALA D 64 -39.91 27.38 29.58
C ALA D 64 -40.69 26.49 30.54
N VAL D 65 -41.82 26.94 31.08
CA VAL D 65 -42.51 26.20 32.14
C VAL D 65 -44.02 26.10 31.93
N ALA D 66 -44.59 26.90 31.04
CA ALA D 66 -46.05 26.93 30.92
C ALA D 66 -46.51 25.65 30.23
N GLY D 67 -47.57 25.04 30.77
CA GLY D 67 -48.00 23.73 30.33
C GLY D 67 -48.98 23.75 29.15
N ASN D 68 -48.92 22.68 28.34
CA ASN D 68 -49.69 22.56 27.10
C ASN D 68 -51.18 22.42 27.39
N THR D 69 -51.97 23.45 27.05
CA THR D 69 -53.39 23.42 27.40
C THR D 69 -54.11 22.23 26.76
N HIS D 70 -53.57 21.72 25.64
CA HIS D 70 -54.17 20.56 25.00
C HIS D 70 -54.26 19.38 25.95
N LEU D 71 -53.31 19.24 26.86
CA LEU D 71 -53.28 18.06 27.72
C LEU D 71 -54.26 18.13 28.87
N ILE D 72 -54.97 19.25 29.08
CA ILE D 72 -55.92 19.34 30.19
C ILE D 72 -57.11 18.45 29.91
N ASP D 73 -57.48 17.61 30.88
CA ASP D 73 -58.52 16.61 30.68
C ASP D 73 -59.88 17.19 31.04
N PHE D 74 -60.86 17.08 30.11
CA PHE D 74 -62.17 17.68 30.33
C PHE D 74 -62.97 16.93 31.39
N ASP D 75 -62.82 15.60 31.44
CA ASP D 75 -63.57 14.80 32.41
C ASP D 75 -63.21 15.19 33.85
N LEU D 76 -61.95 15.50 34.11
CA LEU D 76 -61.56 15.91 35.46
C LEU D 76 -62.12 17.29 35.83
N LEU D 77 -62.23 18.20 34.86
CA LEU D 77 -62.85 19.49 35.13
C LEU D 77 -64.36 19.32 35.40
N THR D 78 -65.05 18.46 34.65
CA THR D 78 -66.48 18.24 34.91
C THR D 78 -66.69 17.53 36.23
N LEU D 79 -65.73 16.69 36.64
CA LEU D 79 -65.73 16.20 38.00
C LEU D 79 -65.68 17.35 39.01
N GLU D 80 -64.76 18.31 38.81
CA GLU D 80 -64.77 19.48 39.68
C GLU D 80 -65.97 20.39 39.43
N GLY D 81 -66.74 20.14 38.36
CA GLY D 81 -67.99 20.83 38.13
C GLY D 81 -67.91 22.16 37.41
N PHE D 82 -66.79 22.47 36.75
CA PHE D 82 -66.69 23.70 35.99
C PHE D 82 -67.27 23.58 34.60
N ILE D 83 -67.50 22.35 34.15
CA ILE D 83 -68.13 22.06 32.85
C ILE D 83 -68.97 20.80 33.00
N SER D 84 -69.60 20.38 31.91
CA SER D 84 -70.39 19.15 31.91
C SER D 84 -70.16 18.45 30.58
N LYS D 85 -70.37 17.13 30.56
CA LYS D 85 -70.13 16.38 29.33
C LYS D 85 -71.00 16.88 28.19
N ASP D 86 -72.11 17.53 28.50
CA ASP D 86 -72.95 18.20 27.50
C ASP D 86 -72.20 19.24 26.67
N ASP D 87 -70.96 19.59 27.04
CA ASP D 87 -70.23 20.65 26.36
C ASP D 87 -69.16 20.15 25.41
N TYR D 88 -68.74 18.90 25.50
CA TYR D 88 -67.69 18.44 24.61
C TYR D 88 -67.88 17.02 24.06
N GLN D 89 -68.76 16.18 24.65
CA GLN D 89 -68.80 14.77 24.26
C GLN D 89 -69.37 14.56 22.86
N ASN D 90 -69.93 15.59 22.22
CA ASN D 90 -70.29 15.56 20.81
C ASN D 90 -69.54 16.70 20.14
N ILE D 91 -68.26 16.44 19.84
CA ILE D 91 -67.38 17.35 19.12
C ILE D 91 -66.40 16.46 18.37
N SER D 92 -66.30 16.63 17.05
CA SER D 92 -65.46 15.79 16.20
C SER D 92 -64.00 16.22 16.33
N PHE D 93 -63.36 15.76 17.42
CA PHE D 93 -61.98 16.12 17.77
C PHE D 93 -60.95 15.52 16.80
N GLY D 94 -61.42 14.81 15.79
CA GLY D 94 -60.63 13.93 14.94
C GLY D 94 -61.40 12.63 14.81
N GLN D 95 -60.92 11.75 13.95
CA GLN D 95 -61.59 10.44 13.97
C GLN D 95 -60.69 9.21 13.83
N ASP D 96 -59.44 9.38 13.35
CA ASP D 96 -58.50 8.26 13.35
C ASP D 96 -57.82 8.16 14.71
N PRO D 97 -58.28 7.28 15.60
CA PRO D 97 -57.80 7.32 16.99
C PRO D 97 -56.30 7.06 17.13
N GLU D 98 -55.63 6.59 16.09
CA GLU D 98 -54.18 6.46 16.11
C GLU D 98 -53.47 7.72 15.65
N VAL D 99 -54.18 8.82 15.43
CA VAL D 99 -53.57 10.05 14.92
C VAL D 99 -54.18 11.27 15.64
N VAL D 100 -53.33 12.01 16.35
CA VAL D 100 -53.75 13.32 16.86
C VAL D 100 -53.99 14.25 15.69
N ASP D 101 -55.10 14.97 15.75
CA ASP D 101 -55.48 15.96 14.73
C ASP D 101 -55.23 17.35 15.32
N TYR D 102 -53.98 17.80 15.22
CA TYR D 102 -53.64 19.12 15.71
C TYR D 102 -54.35 20.23 14.93
N ALA D 103 -54.78 19.94 13.70
CA ALA D 103 -55.49 20.93 12.90
C ALA D 103 -56.75 21.38 13.60
N GLY D 104 -56.80 22.67 13.95
CA GLY D 104 -57.96 23.23 14.61
C GLY D 104 -58.31 22.57 15.93
N LEU D 105 -57.34 21.92 16.56
CA LEU D 105 -57.60 21.36 17.90
C LEU D 105 -57.88 22.47 18.88
N PHE D 106 -57.00 23.47 18.92
CA PHE D 106 -57.22 24.67 19.72
C PHE D 106 -58.58 25.30 19.43
N GLU D 107 -58.92 25.46 18.14
CA GLU D 107 -60.24 25.94 17.73
C GLU D 107 -61.37 25.30 18.53
N LYS D 108 -61.43 23.94 18.56
CA LYS D 108 -62.52 23.23 19.22
C LYS D 108 -62.39 23.20 20.72
N ARG D 109 -61.16 23.25 21.23
CA ARG D 109 -60.98 23.12 22.68
C ARG D 109 -61.21 24.44 23.40
N ARG D 110 -60.95 25.56 22.72
CA ARG D 110 -60.92 26.84 23.41
C ARG D 110 -62.24 27.18 24.10
N PRO D 111 -63.41 27.03 23.49
CA PRO D 111 -64.67 27.35 24.21
C PRO D 111 -64.92 26.57 25.51
N VAL D 112 -64.68 25.26 25.50
CA VAL D 112 -64.79 24.44 26.70
C VAL D 112 -63.93 25.02 27.83
N LEU D 113 -62.66 25.31 27.54
CA LEU D 113 -61.80 25.87 28.59
C LEU D 113 -62.28 27.24 29.02
N GLU D 114 -62.87 28.03 28.10
CA GLU D 114 -63.35 29.34 28.50
C GLU D 114 -64.52 29.20 29.47
N LYS D 115 -65.45 28.29 29.17
CA LYS D 115 -66.56 28.06 30.10
C LYS D 115 -66.06 27.55 31.44
N ALA D 116 -65.06 26.67 31.42
CA ALA D 116 -64.47 26.17 32.66
C ALA D 116 -63.85 27.31 33.46
N VAL D 117 -63.17 28.24 32.80
CA VAL D 117 -62.52 29.34 33.52
C VAL D 117 -63.58 30.22 34.18
N LYS D 118 -64.66 30.54 33.45
CA LYS D 118 -65.67 31.43 34.04
C LYS D 118 -66.33 30.78 35.24
N ASN D 119 -66.66 29.49 35.13
CA ASN D 119 -67.30 28.85 36.27
C ASN D 119 -66.34 28.70 37.44
N PHE D 120 -65.04 28.49 37.19
CA PHE D 120 -64.10 28.47 38.30
C PHE D 120 -64.07 29.82 39.01
N LEU D 121 -64.08 30.92 38.24
CA LEU D 121 -64.03 32.24 38.85
C LEU D 121 -65.33 32.58 39.57
N LYS D 122 -66.41 31.91 39.22
CA LYS D 122 -67.69 32.16 39.92
C LYS D 122 -67.58 31.57 41.32
N GLU D 123 -66.65 30.67 41.56
CA GLU D 123 -66.51 30.10 42.93
C GLU D 123 -65.88 31.19 43.78
N GLU D 124 -66.21 31.25 45.07
CA GLU D 124 -65.69 32.34 45.94
C GLU D 124 -64.18 32.29 46.04
N ARG D 125 -63.70 31.25 46.71
CA ARG D 125 -62.26 31.09 47.06
C ARG D 125 -61.34 31.28 45.85
N ALA D 126 -61.86 31.24 44.64
CA ALA D 126 -61.10 31.33 43.38
C ALA D 126 -60.05 32.42 43.52
N THR D 127 -60.36 33.47 44.28
CA THR D 127 -59.43 34.59 44.51
C THR D 127 -58.23 34.07 45.30
N ARG D 128 -58.44 33.21 46.29
CA ARG D 128 -57.30 32.73 47.10
C ARG D 128 -56.69 31.48 46.50
N MET D 129 -57.51 30.61 45.92
CA MET D 129 -56.96 29.46 45.22
C MET D 129 -55.94 29.90 44.17
N LEU D 130 -56.31 30.90 43.36
CA LEU D 130 -55.42 31.39 42.33
C LEU D 130 -54.23 32.14 42.93
N SER D 131 -54.45 32.95 43.99
CA SER D 131 -53.35 33.68 44.63
C SER D 131 -52.34 32.75 45.28
N ASP D 132 -52.82 31.67 45.91
CA ASP D 132 -51.93 30.69 46.48
C ASP D 132 -51.20 29.88 45.39
N PHE D 133 -51.86 29.67 44.23
CA PHE D 133 -51.14 29.08 43.10
C PHE D 133 -50.06 30.03 42.58
N LEU D 134 -50.40 31.31 42.40
CA LEU D 134 -49.49 32.25 41.76
C LEU D 134 -48.26 32.52 42.61
N GLN D 135 -48.42 32.42 43.93
CA GLN D 135 -47.30 32.57 44.86
C GLN D 135 -46.24 31.51 44.65
N GLU D 136 -46.63 30.34 44.17
CA GLU D 136 -45.72 29.23 43.96
C GLU D 136 -45.32 29.06 42.50
N GLU D 137 -46.03 29.72 41.58
CA GLU D 137 -45.65 29.81 40.16
C GLU D 137 -45.75 31.27 39.74
N LYS D 138 -44.71 32.03 40.04
CA LYS D 138 -44.80 33.48 39.93
C LYS D 138 -44.55 33.97 38.52
N TRP D 139 -44.22 33.05 37.61
CA TRP D 139 -43.96 33.36 36.21
C TRP D 139 -45.24 33.41 35.41
N VAL D 140 -46.33 32.89 35.98
CA VAL D 140 -47.56 32.66 35.24
C VAL D 140 -48.10 33.94 34.61
N THR D 141 -48.08 35.05 35.33
CA THR D 141 -48.83 36.21 34.86
C THR D 141 -48.13 36.88 33.69
N ASP D 142 -46.81 36.91 33.71
CA ASP D 142 -46.11 37.43 32.55
C ASP D 142 -46.35 36.56 31.32
N PHE D 143 -46.41 35.23 31.50
CA PHE D 143 -46.79 34.36 30.39
C PHE D 143 -48.22 34.66 29.94
N ALA D 144 -49.13 34.88 30.89
CA ALA D 144 -50.52 35.14 30.55
C ALA D 144 -50.64 36.40 29.68
N GLU D 145 -50.01 37.50 30.11
CA GLU D 145 -49.96 38.71 29.28
C GLU D 145 -49.37 38.43 27.90
N PHE D 146 -48.23 37.71 27.85
CA PHE D 146 -47.60 37.46 26.55
C PHE D 146 -48.55 36.74 25.61
N MET D 147 -49.28 35.74 26.11
CA MET D 147 -50.20 35.00 25.26
C MET D 147 -51.37 35.88 24.82
N ALA D 148 -51.82 36.78 25.71
CA ALA D 148 -52.94 37.66 25.41
C ALA D 148 -52.57 38.64 24.31
N ILE D 149 -51.35 39.18 24.38
CA ILE D 149 -50.87 40.09 23.34
C ILE D 149 -50.56 39.34 22.04
N LYS D 150 -50.13 38.08 22.14
CA LYS D 150 -49.94 37.30 20.92
C LYS D 150 -51.27 37.08 20.22
N GLU D 151 -52.34 36.85 20.98
CA GLU D 151 -53.65 36.64 20.39
C GLU D 151 -54.23 37.93 19.83
N HIS D 152 -54.06 39.03 20.56
CA HIS D 152 -54.59 40.32 20.09
C HIS D 152 -53.99 40.70 18.74
N PHE D 153 -52.75 40.26 18.48
CA PHE D 153 -52.09 40.43 17.19
C PHE D 153 -52.22 39.19 16.29
N GLY D 154 -53.29 38.41 16.46
CA GLY D 154 -53.58 37.31 15.55
C GLY D 154 -52.54 36.21 15.52
N ASN D 155 -51.99 35.84 16.67
CA ASN D 155 -51.01 34.78 16.87
C ASN D 155 -49.68 35.03 16.15
N LYS D 156 -49.46 36.22 15.60
CA LYS D 156 -48.15 36.52 15.05
C LYS D 156 -47.06 36.32 16.10
N ALA D 157 -45.83 36.19 15.64
CA ALA D 157 -44.70 36.06 16.54
C ALA D 157 -44.35 37.41 17.17
N LEU D 158 -43.76 37.33 18.36
CA LEU D 158 -43.33 38.52 19.10
C LEU D 158 -42.53 39.45 18.21
N GLN D 159 -41.65 38.89 17.38
CA GLN D 159 -40.79 39.71 16.54
C GLN D 159 -41.58 40.51 15.52
N GLU D 160 -42.81 40.08 15.22
CA GLU D 160 -43.65 40.74 14.22
C GLU D 160 -44.90 41.35 14.84
N TRP D 161 -44.91 41.59 16.15
CA TRP D 161 -46.01 42.32 16.76
C TRP D 161 -46.13 43.69 16.11
N ASP D 162 -47.38 44.18 16.05
CA ASP D 162 -47.64 45.39 15.26
C ASP D 162 -47.16 46.65 15.98
N ASP D 163 -47.32 46.71 17.30
CA ASP D 163 -46.88 47.85 18.08
C ASP D 163 -45.44 47.63 18.54
N LYS D 164 -44.52 48.44 18.03
CA LYS D 164 -43.14 48.32 18.45
C LYS D 164 -42.98 48.66 19.93
N ALA D 165 -43.83 49.54 20.49
CA ALA D 165 -43.65 49.96 21.89
C ALA D 165 -43.92 48.83 22.87
N ILE D 166 -44.85 47.94 22.55
CA ILE D 166 -45.14 46.81 23.45
C ILE D 166 -44.12 45.68 23.29
N ILE D 167 -43.44 45.57 22.15
CA ILE D 167 -42.34 44.62 22.03
C ILE D 167 -41.22 45.00 22.97
N ARG D 168 -40.98 46.28 23.15
CA ARG D 168 -39.87 46.79 23.95
C ARG D 168 -40.20 46.88 25.44
N ARG D 169 -41.45 46.63 25.83
CA ARG D 169 -41.89 46.59 27.22
C ARG D 169 -41.92 47.98 27.85
N GLU D 170 -42.31 49.00 27.08
CA GLU D 170 -42.50 50.32 27.67
C GLU D 170 -43.65 50.28 28.68
N GLU D 171 -43.43 50.86 29.87
CA GLU D 171 -44.42 50.69 30.94
C GLU D 171 -45.76 51.34 30.61
N GLU D 172 -45.75 52.37 29.75
CA GLU D 172 -47.02 52.95 29.30
C GLU D 172 -47.79 51.96 28.42
N ALA D 173 -47.12 51.40 27.41
CA ALA D 173 -47.75 50.41 26.55
C ALA D 173 -48.17 49.17 27.36
N LEU D 174 -47.27 48.73 28.25
CA LEU D 174 -47.57 47.61 29.16
C LEU D 174 -48.88 47.86 29.89
N ALA D 175 -49.02 49.04 30.51
CA ALA D 175 -50.22 49.37 31.25
C ALA D 175 -51.46 49.34 30.35
N GLY D 176 -51.34 49.90 29.14
CA GLY D 176 -52.47 49.89 28.23
C GLY D 176 -52.98 48.49 27.93
N TYR D 177 -52.08 47.58 27.52
CA TYR D 177 -52.52 46.24 27.16
C TYR D 177 -53.01 45.44 28.37
N ARG D 178 -52.40 45.62 29.55
CA ARG D 178 -52.95 44.96 30.72
C ARG D 178 -54.39 45.41 30.98
N GLN D 179 -54.70 46.66 30.75
CA GLN D 179 -56.10 47.09 30.95
C GLN D 179 -57.00 46.56 29.84
N LYS D 180 -56.56 46.59 28.59
CA LYS D 180 -57.47 46.22 27.50
C LYS D 180 -57.82 44.74 27.49
N LEU D 181 -56.86 43.87 27.84
CA LEU D 181 -57.00 42.43 27.61
C LEU D 181 -57.06 41.61 28.90
N SER D 182 -57.45 42.24 30.03
CA SER D 182 -57.41 41.63 31.36
C SER D 182 -58.13 40.28 31.48
N GLU D 183 -59.17 40.05 30.69
CA GLU D 183 -59.91 38.80 30.83
C GLU D 183 -59.34 37.64 30.02
N VAL D 184 -58.77 37.91 28.85
CA VAL D 184 -58.05 36.78 28.25
C VAL D 184 -56.79 36.48 29.06
N ILE D 185 -56.15 37.50 29.66
CA ILE D 185 -55.03 37.25 30.57
C ILE D 185 -55.45 36.32 31.70
N LYS D 186 -56.56 36.66 32.36
CA LYS D 186 -57.01 35.81 33.45
C LYS D 186 -57.37 34.40 32.96
N TYR D 187 -57.79 34.27 31.70
CA TYR D 187 -58.06 32.95 31.14
C TYR D 187 -56.79 32.09 31.10
N HIS D 188 -55.71 32.66 30.57
CA HIS D 188 -54.45 31.92 30.54
C HIS D 188 -53.97 31.59 31.94
N GLU D 189 -54.10 32.54 32.87
CA GLU D 189 -53.78 32.26 34.28
C GLU D 189 -54.52 31.02 34.78
N VAL D 190 -55.85 31.04 34.68
CA VAL D 190 -56.66 29.97 35.25
C VAL D 190 -56.41 28.63 34.55
N THR D 191 -56.22 28.64 33.22
CA THR D 191 -55.93 27.37 32.56
C THR D 191 -54.57 26.83 32.99
N GLN D 192 -53.57 27.71 33.16
CA GLN D 192 -52.32 27.24 33.74
C GLN D 192 -52.55 26.60 35.10
N TYR D 193 -53.42 27.22 35.91
CA TYR D 193 -53.80 26.61 37.18
C TYR D 193 -54.32 25.19 36.96
N PHE D 194 -55.23 25.03 35.99
CA PHE D 194 -55.81 23.70 35.74
C PHE D 194 -54.72 22.70 35.38
N PHE D 195 -53.91 23.05 34.39
CA PHE D 195 -52.81 22.20 33.97
C PHE D 195 -51.97 21.77 35.17
N TYR D 196 -51.57 22.71 36.02
CA TYR D 196 -50.64 22.36 37.08
C TYR D 196 -51.31 21.50 38.14
N LYS D 197 -52.61 21.71 38.38
CA LYS D 197 -53.32 20.84 39.30
C LYS D 197 -53.38 19.41 38.77
N GLN D 198 -53.80 19.25 37.52
CA GLN D 198 -53.93 17.92 36.94
C GLN D 198 -52.57 17.22 36.78
N TRP D 199 -51.54 17.96 36.35
CA TRP D 199 -50.21 17.38 36.23
C TRP D 199 -49.71 16.86 37.57
N PHE D 200 -49.74 17.70 38.62
CA PHE D 200 -49.17 17.27 39.88
C PHE D 200 -50.02 16.22 40.59
N GLU D 201 -51.31 16.14 40.28
CA GLU D 201 -52.09 15.01 40.77
C GLU D 201 -51.61 13.71 40.13
N LEU D 202 -51.50 13.70 38.79
CA LEU D 202 -50.95 12.51 38.12
C LEU D 202 -49.58 12.16 38.67
N LYS D 203 -48.74 13.16 38.89
CA LYS D 203 -47.39 12.90 39.34
C LYS D 203 -47.37 12.34 40.76
N GLU D 204 -48.27 12.83 41.63
CA GLU D 204 -48.34 12.24 42.96
C GLU D 204 -48.82 10.80 42.90
N TYR D 205 -49.80 10.52 42.03
CA TYR D 205 -50.33 9.16 41.90
C TYR D 205 -49.24 8.19 41.44
N ALA D 206 -48.46 8.57 40.43
CA ALA D 206 -47.41 7.67 39.98
C ALA D 206 -46.29 7.55 41.02
N ASN D 207 -45.90 8.67 41.66
CA ASN D 207 -44.85 8.62 42.67
C ASN D 207 -45.19 7.58 43.73
N ASP D 208 -46.38 7.66 44.29
CA ASP D 208 -46.62 6.81 45.44
C ASP D 208 -46.92 5.37 45.04
N LYS D 209 -47.11 5.09 43.77
CA LYS D 209 -47.09 3.71 43.27
C LYS D 209 -45.70 3.30 42.81
N GLY D 210 -44.67 4.11 43.09
CA GLY D 210 -43.29 3.73 42.87
C GLY D 210 -42.72 4.03 41.50
N ILE D 211 -43.51 4.67 40.60
CA ILE D 211 -43.10 5.05 39.24
C ILE D 211 -42.51 6.47 39.28
N GLN D 212 -41.42 6.68 38.53
CA GLN D 212 -40.82 8.00 38.38
C GLN D 212 -41.07 8.55 36.99
N ILE D 213 -40.95 9.88 36.85
CA ILE D 213 -41.21 10.58 35.60
C ILE D 213 -39.92 11.20 35.10
N ILE D 214 -39.41 10.70 33.98
CA ILE D 214 -38.36 11.38 33.24
C ILE D 214 -39.04 12.35 32.27
N GLY D 215 -38.82 13.64 32.50
CA GLY D 215 -39.21 14.66 31.56
C GLY D 215 -38.01 15.18 30.80
N ASP D 216 -38.27 16.10 29.89
CA ASP D 216 -37.26 16.59 28.98
C ASP D 216 -37.16 18.10 29.13
N MET D 217 -36.00 18.63 28.77
CA MET D 217 -35.76 20.06 28.77
C MET D 217 -34.84 20.50 27.64
N PRO D 218 -35.36 21.16 26.62
CA PRO D 218 -34.49 21.69 25.57
C PRO D 218 -33.47 22.66 26.15
N ILE D 219 -32.22 22.53 25.74
CA ILE D 219 -31.21 23.49 26.18
C ILE D 219 -31.60 24.88 25.73
N TYR D 220 -32.34 24.99 24.64
CA TYR D 220 -32.70 26.28 24.07
C TYR D 220 -34.19 26.55 24.23
N VAL D 221 -34.53 27.84 24.32
CA VAL D 221 -35.92 28.29 24.33
C VAL D 221 -36.24 28.90 22.97
N SER D 222 -37.53 28.95 22.63
CA SER D 222 -37.95 29.50 21.34
C SER D 222 -37.64 30.99 21.22
N ALA D 223 -37.47 31.46 19.96
CA ALA D 223 -37.32 32.90 19.72
C ALA D 223 -38.60 33.68 20.01
N ASP D 224 -39.75 33.12 19.67
CA ASP D 224 -41.06 33.71 19.97
C ASP D 224 -41.47 33.28 21.37
N SER D 225 -41.09 34.06 22.38
CA SER D 225 -41.27 33.55 23.74
C SER D 225 -41.29 34.69 24.77
N VAL D 226 -41.71 34.31 25.98
CA VAL D 226 -41.79 35.24 27.11
C VAL D 226 -40.42 35.48 27.74
N GLU D 227 -39.52 34.51 27.65
CA GLU D 227 -38.14 34.74 28.09
C GLU D 227 -37.44 35.75 27.18
N VAL D 228 -37.66 35.65 25.86
CA VAL D 228 -37.12 36.62 24.91
C VAL D 228 -37.79 37.98 25.10
N TRP D 229 -39.05 37.98 25.54
CA TRP D 229 -39.79 39.22 25.73
C TRP D 229 -39.33 39.97 26.98
N THR D 230 -39.29 39.29 28.13
CA THR D 230 -39.09 39.97 29.40
C THR D 230 -37.62 40.02 29.82
N MET D 231 -36.80 39.09 29.34
CA MET D 231 -35.39 38.99 29.72
C MET D 231 -34.51 39.00 28.49
N PRO D 232 -34.51 40.08 27.72
CA PRO D 232 -33.72 40.09 26.48
C PRO D 232 -32.21 40.08 26.72
N GLU D 233 -31.74 40.43 27.91
CA GLU D 233 -30.32 40.48 28.21
C GLU D 233 -29.68 39.11 28.26
N LEU D 234 -30.50 38.06 28.42
CA LEU D 234 -30.04 36.68 28.44
C LEU D 234 -29.61 36.17 27.07
N PHE D 235 -29.87 36.94 26.01
CA PHE D 235 -29.63 36.47 24.66
C PHE D 235 -28.83 37.48 23.83
N LYS D 236 -28.73 37.25 22.52
CA LYS D 236 -27.92 38.05 21.60
C LYS D 236 -28.86 38.56 20.53
N LEU D 237 -29.44 39.73 20.74
CA LEU D 237 -30.43 40.26 19.80
C LEU D 237 -30.20 41.74 19.56
N ASP D 238 -30.84 42.24 18.50
CA ASP D 238 -31.01 43.68 18.30
C ASP D 238 -32.20 44.16 19.12
N ARG D 239 -32.35 45.47 19.26
CA ARG D 239 -33.35 45.91 20.23
C ARG D 239 -34.76 45.94 19.65
N ASP D 240 -34.94 45.44 18.43
CA ASP D 240 -36.23 44.93 18.02
C ASP D 240 -36.38 43.44 18.36
N LYS D 241 -35.52 42.91 19.24
CA LYS D 241 -35.62 41.56 19.79
C LYS D 241 -35.65 40.51 18.68
N GLN D 242 -34.93 40.79 17.56
CA GLN D 242 -34.62 39.86 16.47
C GLN D 242 -33.28 39.19 16.75
N PRO D 243 -33.20 37.87 16.65
CA PRO D 243 -31.95 37.16 16.94
C PRO D 243 -30.86 37.42 15.89
N LEU D 244 -29.73 37.97 16.34
CA LEU D 244 -28.61 38.16 15.45
C LEU D 244 -27.94 36.85 15.07
N ALA D 245 -28.27 35.77 15.77
CA ALA D 245 -27.79 34.42 15.46
C ALA D 245 -28.83 33.44 15.96
N ILE D 246 -28.77 32.22 15.44
CA ILE D 246 -29.71 31.18 15.85
C ILE D 246 -29.04 29.81 15.88
N ALA D 247 -29.52 28.97 16.79
CA ALA D 247 -28.91 27.68 17.01
C ALA D 247 -29.24 26.70 15.90
N GLY D 248 -28.53 25.59 15.89
CA GLY D 248 -28.70 24.55 14.89
C GLY D 248 -27.46 23.71 14.78
N VAL D 249 -27.53 22.72 13.89
CA VAL D 249 -26.42 21.78 13.68
C VAL D 249 -25.89 21.98 12.27
N PRO D 250 -24.57 21.94 12.06
CA PRO D 250 -24.05 22.00 10.69
C PRO D 250 -24.24 20.68 9.94
N ALA D 251 -23.63 20.59 8.75
CA ALA D 251 -23.76 19.46 7.85
C ALA D 251 -23.64 18.13 8.56
N ASP D 252 -24.61 17.25 8.30
CA ASP D 252 -24.66 15.94 8.92
C ASP D 252 -25.36 14.99 7.97
N ASP D 253 -25.10 13.69 8.15
CA ASP D 253 -25.54 12.61 7.25
C ASP D 253 -26.95 12.81 6.70
N PHE D 254 -27.87 13.33 7.52
CA PHE D 254 -29.26 13.42 7.10
C PHE D 254 -29.64 14.82 6.62
N SER D 255 -28.65 15.69 6.40
CA SER D 255 -28.93 17.03 5.88
C SER D 255 -27.61 17.60 5.34
N ASP D 256 -27.46 17.61 4.02
CA ASP D 256 -26.24 18.13 3.40
C ASP D 256 -25.98 19.55 3.83
N ASP D 257 -27.05 20.33 4.04
CA ASP D 257 -26.97 21.76 4.30
C ASP D 257 -27.07 22.13 5.76
N GLY D 258 -27.38 21.19 6.65
CA GLY D 258 -27.43 21.45 8.08
C GLY D 258 -28.83 21.40 8.63
N GLN D 259 -28.97 21.86 9.88
CA GLN D 259 -30.23 21.75 10.60
C GLN D 259 -30.53 23.07 11.30
N LEU D 260 -31.65 23.68 10.94
CA LEU D 260 -32.04 24.98 11.44
C LEU D 260 -32.96 24.79 12.63
N TRP D 261 -32.54 25.31 13.78
CA TRP D 261 -33.43 25.24 14.92
C TRP D 261 -34.21 26.52 15.11
N GLY D 262 -33.53 27.66 15.00
CA GLY D 262 -34.15 28.95 15.11
C GLY D 262 -34.03 29.58 16.47
N ASN D 263 -33.49 28.86 17.46
CA ASN D 263 -33.46 29.35 18.82
C ASN D 263 -32.43 30.47 18.97
N PRO D 264 -32.66 31.42 19.87
CA PRO D 264 -31.67 32.47 20.12
C PRO D 264 -30.48 31.96 20.92
N ILE D 265 -29.31 32.49 20.59
CA ILE D 265 -28.07 32.12 21.25
C ILE D 265 -27.98 32.80 22.60
N TYR D 266 -27.60 32.03 23.61
CA TYR D 266 -27.32 32.57 24.94
C TYR D 266 -26.11 33.50 24.90
N ASN D 267 -26.27 34.70 25.46
CA ASN D 267 -25.12 35.53 25.73
C ASN D 267 -24.47 34.98 26.98
N TRP D 268 -23.53 34.04 26.80
CA TRP D 268 -23.04 33.29 27.94
C TRP D 268 -22.23 34.16 28.89
N ASP D 269 -21.59 35.21 28.39
CA ASP D 269 -20.84 36.11 29.28
C ASP D 269 -21.76 36.73 30.34
N TYR D 270 -22.93 37.23 29.92
CA TYR D 270 -23.91 37.76 30.87
C TYR D 270 -24.39 36.69 31.87
N HIS D 271 -24.66 35.48 31.38
CA HIS D 271 -25.03 34.39 32.26
C HIS D 271 -23.97 34.13 33.31
N LYS D 272 -22.70 34.16 32.91
CA LYS D 272 -21.61 33.90 33.84
C LYS D 272 -21.56 34.96 34.93
N GLU D 273 -21.55 36.24 34.54
CA GLU D 273 -21.31 37.22 35.60
C GLU D 273 -22.52 37.46 36.51
N SER D 274 -23.71 36.97 36.16
CA SER D 274 -24.82 36.93 37.11
C SER D 274 -24.83 35.63 37.93
N ASP D 275 -23.74 34.86 37.87
CA ASP D 275 -23.58 33.56 38.53
C ASP D 275 -24.75 32.61 38.22
N PHE D 276 -25.16 32.61 36.94
CA PHE D 276 -26.04 31.58 36.35
C PHE D 276 -27.40 31.51 37.03
N ASP D 277 -27.87 32.65 37.57
CA ASP D 277 -29.14 32.71 38.30
C ASP D 277 -30.30 32.14 37.49
N TRP D 278 -30.40 32.53 36.22
CA TRP D 278 -31.49 32.06 35.39
C TRP D 278 -31.47 30.55 35.23
N TRP D 279 -30.28 29.97 35.01
CA TRP D 279 -30.20 28.54 34.78
C TRP D 279 -30.42 27.76 36.07
N ILE D 280 -30.03 28.34 37.21
CA ILE D 280 -30.39 27.75 38.49
C ILE D 280 -31.90 27.59 38.58
N TYR D 281 -32.63 28.70 38.53
CA TYR D 281 -34.08 28.60 38.68
C TYR D 281 -34.67 27.64 37.63
N ARG D 282 -34.13 27.66 36.41
CA ARG D 282 -34.66 26.80 35.37
C ARG D 282 -34.55 25.32 35.74
N ILE D 283 -33.33 24.87 36.09
CA ILE D 283 -33.13 23.49 36.50
C ILE D 283 -33.95 23.15 37.73
N GLN D 284 -34.06 24.09 38.68
CA GLN D 284 -34.83 23.85 39.90
C GLN D 284 -36.28 23.50 39.59
N SER D 285 -36.95 24.36 38.79
CA SER D 285 -38.31 24.05 38.35
C SER D 285 -38.36 22.77 37.54
N GLY D 286 -37.32 22.50 36.74
CA GLY D 286 -37.32 21.28 35.98
C GLY D 286 -37.35 20.03 36.86
N VAL D 287 -36.63 20.08 37.98
CA VAL D 287 -36.59 18.91 38.86
C VAL D 287 -37.71 18.91 39.89
N LYS D 288 -38.54 19.97 39.97
CA LYS D 288 -39.79 19.74 40.69
C LYS D 288 -40.95 19.37 39.76
N MET D 289 -40.87 19.76 38.47
CA MET D 289 -41.84 19.25 37.49
C MET D 289 -41.73 17.74 37.30
N TYR D 290 -40.52 17.21 37.21
CA TYR D 290 -40.29 15.81 36.91
C TYR D 290 -39.36 15.19 37.94
N ASP D 291 -39.43 13.88 38.06
CA ASP D 291 -38.53 13.16 38.94
C ASP D 291 -37.11 13.16 38.38
N TYR D 292 -36.96 12.93 37.07
CA TYR D 292 -35.67 13.01 36.37
C TYR D 292 -35.84 13.91 35.17
N LEU D 293 -34.72 14.46 34.70
CA LEU D 293 -34.74 15.58 33.75
C LEU D 293 -33.66 15.37 32.70
N ARG D 294 -34.05 14.86 31.54
CA ARG D 294 -33.14 14.71 30.42
C ARG D 294 -32.92 16.05 29.75
N ILE D 295 -31.67 16.46 29.59
CA ILE D 295 -31.34 17.71 28.92
C ILE D 295 -30.98 17.38 27.48
N ASP D 296 -31.84 17.82 26.55
CA ASP D 296 -31.59 17.73 25.13
C ASP D 296 -30.30 18.45 24.75
N HIS D 297 -29.56 17.86 23.81
CA HIS D 297 -28.39 18.49 23.19
C HIS D 297 -27.41 18.99 24.25
N PHE D 298 -26.87 18.05 25.02
CA PHE D 298 -26.03 18.40 26.16
C PHE D 298 -24.67 18.92 25.72
N LYS D 299 -24.19 18.50 24.54
CA LYS D 299 -22.91 19.01 24.06
C LYS D 299 -22.94 20.52 23.89
N GLY D 300 -24.12 21.13 23.92
CA GLY D 300 -24.24 22.57 23.83
C GLY D 300 -23.77 23.33 25.05
N PHE D 301 -23.54 22.65 26.17
CA PHE D 301 -22.99 23.37 27.29
C PHE D 301 -21.48 23.58 27.20
N SER D 302 -20.78 22.97 26.24
CA SER D 302 -19.38 23.35 26.04
C SER D 302 -19.08 23.91 24.64
N ASP D 303 -19.83 23.52 23.60
CA ASP D 303 -19.67 24.07 22.25
C ASP D 303 -21.03 24.13 21.58
N TYR D 304 -21.35 25.24 20.93
CA TYR D 304 -22.58 25.31 20.16
C TYR D 304 -22.31 25.93 18.80
N TRP D 305 -23.09 25.50 17.81
CA TRP D 305 -23.11 26.09 16.49
C TRP D 305 -24.00 27.34 16.47
N GLU D 306 -23.38 28.50 16.18
CA GLU D 306 -24.04 29.80 16.09
C GLU D 306 -24.24 30.14 14.61
N ILE D 307 -25.46 29.99 14.12
CA ILE D 307 -25.76 30.29 12.70
C ILE D 307 -26.02 31.78 12.55
N ARG D 308 -25.41 32.43 11.56
CA ARG D 308 -25.57 33.89 11.33
C ARG D 308 -27.05 34.19 11.14
N GLY D 309 -27.51 35.38 11.51
CA GLY D 309 -28.94 35.72 11.42
C GLY D 309 -29.37 36.22 10.05
N ASP D 310 -28.46 36.21 9.10
CA ASP D 310 -28.67 36.66 7.71
C ASP D 310 -28.24 35.54 6.81
N TYR D 311 -28.41 34.31 7.28
CA TYR D 311 -27.96 33.09 6.60
C TYR D 311 -28.98 32.68 5.56
N GLN D 312 -28.59 31.72 4.72
CA GLN D 312 -29.50 31.12 3.72
C GLN D 312 -29.43 29.62 3.94
N THR D 313 -28.34 29.15 4.53
CA THR D 313 -28.20 27.71 4.84
C THR D 313 -27.55 27.58 6.21
N ALA D 314 -27.78 26.47 6.91
CA ALA D 314 -27.18 26.30 8.24
C ALA D 314 -25.67 26.07 8.16
N ASN D 315 -25.02 26.29 7.01
CA ASN D 315 -23.56 26.09 6.95
C ASN D 315 -22.93 27.45 7.16
N ASP D 316 -23.77 28.46 7.35
CA ASP D 316 -23.25 29.83 7.60
C ASP D 316 -23.19 30.00 9.12
N GLY D 317 -22.45 29.13 9.78
CA GLY D 317 -22.34 29.19 11.22
C GLY D 317 -20.92 29.38 11.68
N SER D 318 -20.71 29.13 12.96
CA SER D 318 -19.42 29.35 13.61
C SER D 318 -19.48 28.64 14.96
N TRP D 319 -18.57 27.70 15.22
CA TRP D 319 -18.53 27.05 16.52
C TRP D 319 -18.15 28.07 17.59
N GLN D 320 -18.84 28.01 18.75
CA GLN D 320 -18.67 28.99 19.82
C GLN D 320 -18.59 28.29 21.18
N PRO D 321 -17.77 28.82 22.09
CA PRO D 321 -17.64 28.21 23.42
C PRO D 321 -18.84 28.51 24.32
N ALA D 322 -18.83 27.86 25.49
CA ALA D 322 -19.91 27.92 26.47
C ALA D 322 -19.34 27.43 27.80
N PRO D 323 -19.75 28.02 28.92
CA PRO D 323 -19.14 27.66 30.21
C PRO D 323 -19.81 26.51 30.98
N GLY D 324 -19.91 25.32 30.40
CA GLY D 324 -20.59 24.19 31.01
C GLY D 324 -20.04 23.67 32.34
N PRO D 325 -18.70 23.54 32.42
CA PRO D 325 -18.12 23.14 33.71
C PRO D 325 -18.54 24.04 34.87
N GLU D 326 -18.37 25.36 34.75
CA GLU D 326 -18.72 26.22 35.87
C GLU D 326 -20.23 26.40 36.03
N LEU D 327 -21.00 26.25 34.95
CA LEU D 327 -22.44 26.22 35.10
C LEU D 327 -22.86 25.06 36.00
N PHE D 328 -22.39 23.84 35.67
CA PHE D 328 -22.82 22.68 36.43
C PHE D 328 -22.16 22.59 37.79
N ALA D 329 -20.98 23.18 37.94
CA ALA D 329 -20.38 23.33 39.27
C ALA D 329 -21.22 24.25 40.16
N THR D 330 -21.60 25.43 39.64
CA THR D 330 -22.42 26.34 40.43
C THR D 330 -23.78 25.73 40.73
N ILE D 331 -24.30 24.90 39.81
CA ILE D 331 -25.57 24.26 40.13
C ILE D 331 -25.39 23.23 41.24
N LYS D 332 -24.26 22.52 41.26
CA LYS D 332 -24.07 21.62 42.37
C LYS D 332 -23.83 22.37 43.67
N GLU D 333 -23.28 23.59 43.59
CA GLU D 333 -23.18 24.48 44.74
C GLU D 333 -24.56 24.77 45.32
N LYS D 334 -25.44 25.39 44.52
CA LYS D 334 -26.71 25.88 45.07
C LYS D 334 -27.70 24.75 45.34
N LEU D 335 -27.72 23.73 44.49
CA LEU D 335 -28.82 22.76 44.49
C LEU D 335 -28.41 21.35 44.87
N GLY D 336 -27.14 21.00 44.80
CA GLY D 336 -26.71 19.67 45.18
C GLY D 336 -26.64 18.73 43.99
N ASP D 337 -26.72 17.44 44.30
CA ASP D 337 -26.59 16.41 43.28
C ASP D 337 -27.97 16.06 42.75
N LEU D 338 -28.25 16.50 41.52
CA LEU D 338 -29.47 16.51 40.71
C LEU D 338 -29.62 15.26 39.87
N PRO D 339 -30.86 14.76 39.75
CA PRO D 339 -31.22 13.65 38.82
C PRO D 339 -31.33 14.09 37.35
N ILE D 340 -30.17 14.17 36.69
CA ILE D 340 -30.07 14.71 35.35
C ILE D 340 -29.55 13.63 34.43
N ILE D 341 -30.11 13.57 33.23
CA ILE D 341 -29.70 12.63 32.21
C ILE D 341 -29.26 13.42 30.99
N ALA D 342 -27.98 13.31 30.63
CA ALA D 342 -27.46 14.08 29.52
C ALA D 342 -27.75 13.39 28.20
N GLU D 343 -28.27 14.13 27.22
CA GLU D 343 -28.44 13.61 25.87
C GLU D 343 -27.20 14.00 25.08
N ASN D 344 -26.25 13.05 24.96
CA ASN D 344 -24.89 13.31 24.48
C ASN D 344 -24.66 12.77 23.07
N LEU D 345 -25.63 12.93 22.19
CA LEU D 345 -25.48 12.47 20.82
C LEU D 345 -24.82 13.55 19.95
N GLY D 346 -24.33 13.12 18.78
CA GLY D 346 -23.47 13.94 17.97
C GLY D 346 -22.01 13.57 18.14
N TYR D 347 -21.13 14.49 17.73
CA TYR D 347 -19.69 14.31 17.87
C TYR D 347 -19.23 14.89 19.20
N ILE D 348 -18.57 14.06 20.02
CA ILE D 348 -18.16 14.52 21.34
C ILE D 348 -16.64 14.71 21.42
N ASP D 349 -16.17 15.92 21.10
CA ASP D 349 -14.75 16.22 21.24
C ASP D 349 -14.33 16.13 22.71
N GLU D 350 -13.02 15.99 22.92
CA GLU D 350 -12.58 15.64 24.27
C GLU D 350 -12.97 16.68 25.32
N ARG D 351 -13.32 17.91 24.91
CA ARG D 351 -13.78 18.90 25.88
C ARG D 351 -15.17 18.58 26.40
N ALA D 352 -16.09 18.21 25.50
CA ALA D 352 -17.43 17.85 25.94
C ALA D 352 -17.42 16.54 26.72
N GLU D 353 -16.54 15.60 26.35
CA GLU D 353 -16.38 14.40 27.15
C GLU D 353 -15.87 14.72 28.54
N ARG D 354 -14.90 15.63 28.66
CA ARG D 354 -14.45 16.02 29.98
C ARG D 354 -15.59 16.62 30.78
N LEU D 355 -16.36 17.52 30.16
CA LEU D 355 -17.54 18.10 30.83
C LEU D 355 -18.46 17.02 31.38
N LEU D 356 -18.86 16.08 30.51
CA LEU D 356 -19.79 15.04 30.94
C LEU D 356 -19.23 14.24 32.11
N ALA D 357 -17.98 13.75 31.99
CA ALA D 357 -17.40 12.97 33.07
C ALA D 357 -17.27 13.80 34.35
N GLY D 358 -17.07 15.11 34.23
CA GLY D 358 -17.04 15.95 35.41
C GLY D 358 -18.38 15.99 36.13
N THR D 359 -19.47 16.16 35.39
CA THR D 359 -20.78 16.16 36.04
C THR D 359 -21.12 14.79 36.63
N GLY D 360 -20.51 13.71 36.15
CA GLY D 360 -20.88 12.40 36.65
C GLY D 360 -22.22 11.88 36.21
N PHE D 361 -22.96 12.63 35.33
CA PHE D 361 -24.30 12.25 34.91
C PHE D 361 -24.27 11.08 33.93
N PRO D 362 -25.32 10.27 33.90
CA PRO D 362 -25.44 9.24 32.86
C PRO D 362 -25.71 9.87 31.49
N GLY D 363 -24.90 9.46 30.51
CA GLY D 363 -25.18 9.76 29.12
C GLY D 363 -26.14 8.74 28.52
N MET D 364 -26.26 8.79 27.20
CA MET D 364 -27.28 8.04 26.48
C MET D 364 -26.66 7.10 25.44
N LYS D 365 -27.28 5.92 25.31
CA LYS D 365 -26.88 4.93 24.32
C LYS D 365 -28.08 4.66 23.42
N ILE D 366 -27.88 4.79 22.11
CA ILE D 366 -28.93 4.51 21.13
C ILE D 366 -28.50 3.31 20.30
N MET D 367 -29.18 2.18 20.52
CA MET D 367 -28.75 0.94 19.90
C MET D 367 -28.89 0.96 18.37
N GLU D 368 -29.78 1.80 17.83
CA GLU D 368 -30.01 1.79 16.39
C GLU D 368 -28.86 2.39 15.61
N PHE D 369 -28.08 3.28 16.25
CA PHE D 369 -26.80 3.74 15.74
C PHE D 369 -25.73 2.67 15.81
N GLY D 370 -26.06 1.49 16.30
CA GLY D 370 -25.05 0.55 16.71
C GLY D 370 -24.59 -0.36 15.60
N PHE D 371 -25.52 -0.81 14.76
CA PHE D 371 -25.24 -1.92 13.87
C PHE D 371 -24.91 -1.49 12.44
N TYR D 372 -24.59 -0.22 12.20
CA TYR D 372 -24.22 0.18 10.85
C TYR D 372 -22.84 -0.32 10.51
N ASP D 373 -21.93 -0.25 11.47
CA ASP D 373 -20.55 -0.66 11.27
C ASP D 373 -20.47 -2.10 11.77
N THR D 374 -20.37 -3.05 10.83
CA THR D 374 -20.46 -4.48 11.11
C THR D 374 -19.19 -5.08 11.67
N THR D 375 -18.08 -4.32 11.73
CA THR D 375 -16.88 -4.74 12.44
C THR D 375 -16.95 -4.50 13.95
N GLY D 376 -18.05 -3.95 14.47
CA GLY D 376 -18.31 -3.90 15.89
C GLY D 376 -17.63 -2.80 16.69
N ASN D 377 -17.09 -1.78 16.04
CA ASN D 377 -16.43 -0.69 16.76
C ASN D 377 -17.38 0.42 17.18
N SER D 378 -18.66 0.30 16.83
CA SER D 378 -19.62 1.37 17.10
C SER D 378 -19.86 1.51 18.61
N ILE D 379 -19.57 2.69 19.16
CA ILE D 379 -19.77 2.90 20.58
C ILE D 379 -21.21 2.66 21.01
N ASP D 380 -22.10 2.41 20.06
CA ASP D 380 -23.48 2.13 20.35
C ASP D 380 -23.81 0.64 20.27
N ILE D 381 -22.81 -0.20 19.99
CA ILE D 381 -23.03 -1.64 20.02
C ILE D 381 -23.03 -2.01 21.49
N PRO D 382 -23.96 -2.85 21.96
CA PRO D 382 -24.12 -3.10 23.41
C PRO D 382 -22.84 -3.46 24.18
N HIS D 383 -21.89 -4.15 23.56
CA HIS D 383 -20.72 -4.54 24.34
C HIS D 383 -19.79 -3.37 24.70
N ASN D 384 -19.98 -2.17 24.13
CA ASN D 384 -19.20 -1.00 24.55
C ASN D 384 -19.94 -0.15 25.56
N TYR D 385 -21.03 -0.67 26.11
CA TYR D 385 -21.80 0.03 27.12
C TYR D 385 -21.10 -0.07 28.48
N THR D 386 -21.34 0.94 29.31
CA THR D 386 -20.92 0.99 30.70
C THR D 386 -22.14 1.09 31.59
N GLU D 387 -21.92 0.96 32.90
CA GLU D 387 -23.05 0.90 33.82
C GLU D 387 -23.86 2.21 33.80
N ASN D 388 -23.17 3.36 33.80
CA ASN D 388 -23.78 4.67 34.00
C ASN D 388 -24.24 5.29 32.67
N THR D 389 -25.26 4.66 32.10
CA THR D 389 -25.93 5.12 30.88
C THR D 389 -27.40 4.72 30.94
N ILE D 390 -28.24 5.46 30.22
CA ILE D 390 -29.58 5.02 29.89
C ILE D 390 -29.58 4.48 28.47
N ALA D 391 -30.19 3.31 28.27
CA ALA D 391 -30.14 2.63 26.99
C ALA D 391 -31.52 2.61 26.33
N TYR D 392 -31.56 3.11 25.09
CA TYR D 392 -32.75 3.09 24.27
C TYR D 392 -32.47 2.29 23.03
N ALA D 393 -33.47 1.52 22.58
CA ALA D 393 -33.42 0.98 21.21
C ALA D 393 -33.47 2.13 20.22
N GLY D 394 -34.51 2.96 20.33
CA GLY D 394 -34.53 4.26 19.72
C GLY D 394 -35.20 5.26 20.65
N THR D 395 -35.19 6.51 20.21
CA THR D 395 -35.83 7.64 20.86
C THR D 395 -36.91 8.18 19.91
N HIS D 396 -37.79 9.04 20.42
CA HIS D 396 -38.81 9.69 19.62
C HIS D 396 -38.28 10.23 18.29
N ASP D 397 -37.02 10.71 18.26
CA ASP D 397 -36.37 11.26 17.06
C ASP D 397 -35.90 10.21 16.07
N ASN D 398 -36.07 8.92 16.36
CA ASN D 398 -35.49 7.82 15.58
C ASN D 398 -36.58 7.04 14.87
N GLU D 399 -36.18 6.25 13.89
CA GLU D 399 -37.12 5.30 13.31
C GLU D 399 -37.44 4.23 14.34
N VAL D 400 -38.70 3.79 14.38
CA VAL D 400 -39.05 2.67 15.24
C VAL D 400 -38.24 1.47 14.78
N ILE D 401 -38.19 0.41 15.59
CA ILE D 401 -37.30 -0.72 15.27
C ILE D 401 -37.59 -1.27 13.89
N ASN D 402 -38.89 -1.55 13.62
CA ASN D 402 -39.32 -2.08 12.33
C ASN D 402 -38.85 -1.23 11.15
N GLY D 403 -38.71 0.07 11.33
CA GLY D 403 -38.21 0.93 10.26
C GLY D 403 -36.71 0.96 10.13
N TRP D 404 -36.00 1.03 11.26
CA TRP D 404 -34.54 0.91 11.25
C TRP D 404 -34.10 -0.39 10.60
N PHE D 405 -34.92 -1.43 10.72
CA PHE D 405 -34.53 -2.73 10.20
C PHE D 405 -34.60 -2.76 8.68
N GLU D 406 -35.76 -2.40 8.10
CA GLU D 406 -35.96 -2.44 6.65
C GLU D 406 -34.94 -1.60 5.89
N ASN D 407 -34.33 -0.60 6.53
CA ASN D 407 -33.34 0.24 5.88
C ASN D 407 -31.92 -0.19 6.20
N LEU D 408 -31.75 -1.35 6.82
CA LEU D 408 -30.45 -1.99 6.90
C LEU D 408 -30.12 -2.67 5.58
N THR D 409 -28.86 -2.50 5.15
CA THR D 409 -28.31 -3.22 4.01
C THR D 409 -28.31 -4.73 4.26
N VAL D 410 -27.87 -5.53 3.28
CA VAL D 410 -27.87 -6.99 3.43
C VAL D 410 -26.85 -7.41 4.50
N GLU D 411 -25.62 -6.91 4.36
CA GLU D 411 -24.56 -7.11 5.36
C GLU D 411 -25.06 -6.77 6.75
N GLN D 412 -25.71 -5.62 6.89
CA GLN D 412 -26.08 -5.10 8.19
C GLN D 412 -27.21 -5.91 8.80
N LYS D 413 -28.25 -6.18 8.04
CA LYS D 413 -29.31 -7.04 8.57
C LYS D 413 -28.72 -8.35 9.09
N ALA D 414 -27.74 -8.88 8.35
CA ALA D 414 -27.11 -10.14 8.75
C ALA D 414 -26.36 -9.98 10.07
N TYR D 415 -25.44 -9.02 10.12
CA TYR D 415 -24.74 -8.69 11.35
C TYR D 415 -25.72 -8.62 12.52
N ALA D 416 -26.66 -7.68 12.44
CA ALA D 416 -27.69 -7.48 13.44
C ALA D 416 -28.24 -8.81 13.97
N GLU D 417 -28.75 -9.66 13.08
CA GLU D 417 -29.46 -10.82 13.59
C GLU D 417 -28.53 -11.86 14.17
N ASN D 418 -27.27 -11.90 13.70
CA ASN D 418 -26.30 -12.82 14.29
C ASN D 418 -25.88 -12.36 15.69
N TYR D 419 -25.42 -11.10 15.80
CA TYR D 419 -25.09 -10.49 17.09
C TYR D 419 -26.21 -10.64 18.11
N MET D 420 -27.42 -10.25 17.76
CA MET D 420 -28.51 -10.26 18.72
C MET D 420 -29.20 -11.61 18.82
N ARG D 421 -28.67 -12.64 18.17
CA ARG D 421 -29.19 -14.01 18.28
C ARG D 421 -30.69 -14.06 17.97
N ARG D 422 -31.06 -13.68 16.75
CA ARG D 422 -32.48 -13.70 16.40
C ARG D 422 -32.93 -15.14 16.16
N LEU D 423 -33.91 -15.58 16.93
CA LEU D 423 -34.48 -16.91 16.72
C LEU D 423 -35.31 -16.92 15.44
N PRO D 424 -35.53 -18.11 14.85
CA PRO D 424 -36.40 -18.17 13.68
C PRO D 424 -37.83 -17.75 14.03
N ASN D 425 -38.45 -17.01 13.09
CA ASN D 425 -39.80 -16.47 13.18
C ASN D 425 -39.89 -15.27 14.11
N GLU D 426 -38.83 -14.99 14.84
CA GLU D 426 -38.94 -14.03 15.93
C GLU D 426 -39.16 -12.62 15.36
N PRO D 427 -40.08 -11.85 15.94
CA PRO D 427 -40.24 -10.45 15.52
C PRO D 427 -39.02 -9.63 15.92
N ILE D 428 -38.51 -8.86 14.97
CA ILE D 428 -37.27 -8.14 15.21
C ILE D 428 -37.37 -7.18 16.39
N THR D 429 -38.58 -6.68 16.70
CA THR D 429 -38.70 -5.82 17.88
C THR D 429 -38.34 -6.59 19.15
N GLU D 430 -38.95 -7.77 19.35
CA GLU D 430 -38.64 -8.65 20.49
C GLU D 430 -37.19 -9.18 20.49
N THR D 431 -36.45 -9.07 19.39
CA THR D 431 -35.04 -9.42 19.42
C THR D 431 -34.21 -8.26 19.93
N VAL D 432 -34.49 -7.09 19.37
CA VAL D 432 -33.79 -5.88 19.77
C VAL D 432 -34.07 -5.52 21.23
N LEU D 433 -35.28 -5.77 21.72
CA LEU D 433 -35.57 -5.44 23.11
C LEU D 433 -34.87 -6.40 24.05
N ARG D 434 -34.90 -7.68 23.76
CA ARG D 434 -34.21 -8.64 24.64
C ARG D 434 -32.73 -8.31 24.63
N THR D 435 -32.19 -7.88 23.53
CA THR D 435 -30.77 -7.53 23.57
C THR D 435 -30.53 -6.27 24.39
N LEU D 436 -31.42 -5.27 24.25
CA LEU D 436 -31.29 -4.03 25.03
C LEU D 436 -31.37 -4.30 26.53
N TYR D 437 -32.41 -5.01 26.97
CA TYR D 437 -32.59 -5.23 28.40
C TYR D 437 -31.46 -6.05 29.00
N ALA D 438 -30.64 -6.69 28.18
CA ALA D 438 -29.54 -7.51 28.65
C ALA D 438 -28.24 -6.74 28.79
N THR D 439 -28.22 -5.46 28.44
CA THR D 439 -26.95 -4.76 28.55
C THR D 439 -26.63 -4.47 30.01
N VAL D 440 -25.38 -4.05 30.22
CA VAL D 440 -24.89 -3.66 31.54
C VAL D 440 -25.42 -2.31 31.98
N SER D 441 -26.23 -1.64 31.15
CA SER D 441 -26.78 -0.31 31.46
C SER D 441 -27.69 -0.30 32.69
N GLN D 442 -27.57 0.75 33.53
CA GLN D 442 -28.36 0.81 34.75
C GLN D 442 -29.84 0.94 34.47
N THR D 443 -30.21 1.58 33.35
CA THR D 443 -31.60 1.78 32.94
C THR D 443 -31.78 1.41 31.48
N THR D 444 -32.87 0.70 31.19
CA THR D 444 -33.31 0.51 29.81
C THR D 444 -34.72 1.08 29.61
N ILE D 445 -34.88 1.89 28.57
CA ILE D 445 -36.16 2.58 28.29
C ILE D 445 -36.64 2.15 26.91
N THR D 446 -37.83 1.56 26.86
CA THR D 446 -38.43 1.01 25.63
C THR D 446 -39.52 1.90 25.07
N CYS D 447 -39.51 2.12 23.75
CA CYS D 447 -40.54 2.90 23.07
C CYS D 447 -41.83 2.11 22.92
N MET D 448 -42.96 2.68 23.37
CA MET D 448 -44.25 1.98 23.36
C MET D 448 -44.63 1.52 21.96
N GLN D 449 -44.21 2.28 20.96
CA GLN D 449 -44.29 1.87 19.55
C GLN D 449 -43.66 0.50 19.35
N ASP D 450 -42.39 0.36 19.72
CA ASP D 450 -41.73 -0.92 19.52
C ASP D 450 -42.34 -2.01 20.40
N LEU D 451 -42.96 -1.65 21.52
CA LEU D 451 -43.62 -2.67 22.34
C LEU D 451 -44.88 -3.19 21.67
N LEU D 452 -45.51 -2.41 20.80
CA LEU D 452 -46.71 -2.90 20.13
C LEU D 452 -46.45 -3.33 18.68
N ASP D 453 -45.18 -3.50 18.30
CA ASP D 453 -44.82 -3.97 16.95
C ASP D 453 -45.32 -3.01 15.87
N LYS D 454 -45.52 -1.75 16.20
CA LYS D 454 -46.12 -0.83 15.24
C LYS D 454 -45.19 -0.63 14.04
N PRO D 455 -45.75 -0.44 12.84
CA PRO D 455 -44.92 -0.32 11.63
C PRO D 455 -44.32 1.08 11.47
N ALA D 456 -43.38 1.18 10.53
CA ALA D 456 -42.54 2.37 10.35
C ALA D 456 -43.26 3.72 10.53
N ASP D 457 -44.41 3.90 9.89
CA ASP D 457 -45.13 5.19 9.96
C ASP D 457 -45.57 5.52 11.38
N SER D 458 -45.33 4.60 12.33
CA SER D 458 -45.55 4.88 13.73
C SER D 458 -44.56 5.89 14.29
N ARG D 459 -43.45 6.13 13.59
CA ARG D 459 -42.42 7.04 14.07
C ARG D 459 -43.03 8.37 14.51
N MET D 460 -42.51 8.91 15.63
CA MET D 460 -43.09 10.11 16.23
C MET D 460 -42.59 11.39 15.58
N ASN D 461 -41.29 11.52 15.36
CA ASN D 461 -40.75 12.73 14.76
C ASN D 461 -39.66 12.37 13.78
N MET D 462 -39.60 13.08 12.67
CA MET D 462 -38.42 13.04 11.83
C MET D 462 -37.69 14.36 11.93
N PRO D 463 -36.44 14.38 12.37
CA PRO D 463 -35.72 15.66 12.48
C PRO D 463 -35.80 16.46 11.20
N ASN D 464 -35.80 17.79 11.34
CA ASN D 464 -35.72 18.76 10.25
C ASN D 464 -36.93 18.71 9.29
N THR D 465 -37.98 17.95 9.60
CA THR D 465 -39.12 17.86 8.71
C THR D 465 -40.27 18.79 9.17
N VAL D 466 -41.28 18.89 8.31
CA VAL D 466 -42.24 19.99 8.32
C VAL D 466 -43.59 19.57 8.90
N GLY D 467 -43.97 18.30 8.71
CA GLY D 467 -45.32 17.92 9.09
C GLY D 467 -45.46 16.49 9.56
N GLY D 468 -46.70 16.14 9.94
CA GLY D 468 -47.04 14.78 10.25
C GLY D 468 -46.30 14.18 11.42
N ASN D 469 -45.55 15.01 12.14
CA ASN D 469 -44.83 14.63 13.34
C ASN D 469 -45.67 14.87 14.59
N TRP D 470 -45.35 14.11 15.65
CA TRP D 470 -45.92 14.22 17.01
C TRP D 470 -47.34 13.68 17.10
N GLN D 471 -47.79 12.92 16.09
CA GLN D 471 -49.18 12.56 15.94
C GLN D 471 -49.52 11.16 16.42
N TRP D 472 -48.54 10.25 16.48
CA TRP D 472 -48.86 8.86 16.79
C TRP D 472 -49.56 8.75 18.15
N ARG D 473 -50.64 7.98 18.17
CA ARG D 473 -51.34 7.60 19.40
C ARG D 473 -51.53 6.09 19.35
N MET D 474 -51.99 5.56 20.48
CA MET D 474 -52.01 4.12 20.74
C MET D 474 -53.45 3.67 20.99
N ARG D 475 -53.92 2.72 20.19
CA ARG D 475 -55.23 2.11 20.43
C ARG D 475 -55.19 1.29 21.71
N LYS D 476 -56.14 1.55 22.60
CA LYS D 476 -56.19 0.85 23.89
C LYS D 476 -56.33 -0.65 23.71
N GLU D 477 -56.79 -1.10 22.54
CA GLU D 477 -56.95 -2.50 22.22
C GLU D 477 -55.67 -3.15 21.71
N ASP D 478 -54.58 -2.37 21.57
CA ASP D 478 -53.30 -2.92 21.15
C ASP D 478 -52.40 -3.29 22.31
N LEU D 479 -52.63 -2.71 23.49
CA LEU D 479 -51.90 -3.09 24.69
C LEU D 479 -52.63 -4.28 25.31
N THR D 480 -52.35 -5.46 24.74
CA THR D 480 -52.99 -6.71 25.13
C THR D 480 -52.29 -7.33 26.32
N GLU D 481 -52.88 -8.42 26.82
CA GLU D 481 -52.27 -9.12 27.95
C GLU D 481 -50.95 -9.79 27.58
N ASN D 482 -50.83 -10.28 26.33
CA ASN D 482 -49.58 -10.89 25.88
C ASN D 482 -48.47 -9.86 25.71
N ARG D 483 -48.81 -8.61 25.38
CA ARG D 483 -47.77 -7.58 25.28
C ARG D 483 -47.28 -7.14 26.67
N LYS D 484 -48.22 -6.94 27.61
CA LYS D 484 -47.85 -6.77 28.99
C LYS D 484 -46.94 -7.91 29.45
N ALA D 485 -47.30 -9.14 29.11
CA ALA D 485 -46.51 -10.31 29.50
C ALA D 485 -45.09 -10.22 28.97
N PHE D 486 -44.93 -9.76 27.72
CA PHE D 486 -43.58 -9.65 27.18
C PHE D 486 -42.76 -8.64 27.98
N LEU D 487 -43.35 -7.47 28.28
CA LEU D 487 -42.61 -6.46 29.04
C LEU D 487 -42.19 -6.98 30.42
N LYS D 488 -43.10 -7.66 31.12
CA LYS D 488 -42.79 -8.22 32.43
C LYS D 488 -41.74 -9.32 32.32
N GLU D 489 -41.80 -10.13 31.27
CA GLU D 489 -40.85 -11.22 31.11
C GLU D 489 -39.44 -10.68 30.91
N ILE D 490 -39.27 -9.66 30.07
CA ILE D 490 -37.90 -9.19 29.85
C ILE D 490 -37.39 -8.35 31.02
N THR D 491 -38.29 -7.80 31.83
CA THR D 491 -37.80 -7.12 33.00
C THR D 491 -37.41 -8.09 34.09
N THR D 492 -38.08 -9.24 34.14
CA THR D 492 -37.72 -10.22 35.16
C THR D 492 -36.49 -11.04 34.74
N ILE D 493 -36.42 -11.42 33.47
CA ILE D 493 -35.31 -12.27 33.02
C ILE D 493 -33.99 -11.55 33.24
N TYR D 494 -33.92 -10.28 32.86
CA TYR D 494 -32.68 -9.53 32.98
C TYR D 494 -32.61 -8.67 34.25
N ASN D 495 -33.45 -8.99 35.25
CA ASN D 495 -33.27 -8.46 36.61
C ASN D 495 -33.30 -6.93 36.63
N ARG D 496 -34.42 -6.38 36.16
CA ARG D 496 -34.58 -4.94 36.04
C ARG D 496 -35.81 -4.41 36.75
N GLY D 497 -36.56 -5.27 37.45
CA GLY D 497 -37.84 -4.87 38.00
C GLY D 497 -37.72 -3.97 39.22
N ASN D 498 -38.76 -3.16 39.37
CA ASN D 498 -38.91 -2.15 40.46
C ASN D 498 -39.75 -2.74 41.59
N LYS D 499 -41.05 -2.92 41.34
CA LYS D 499 -41.96 -3.49 42.37
C LYS D 499 -41.83 -2.70 43.68
N LYS E 4 -11.79 -7.56 -18.40
CA LYS E 4 -12.39 -7.97 -19.66
C LYS E 4 -13.91 -7.93 -19.59
N ARG E 5 -14.53 -8.84 -18.82
CA ARG E 5 -15.98 -8.84 -18.74
C ARG E 5 -16.44 -7.57 -18.03
N ALA E 6 -17.52 -6.98 -18.53
CA ALA E 6 -17.91 -5.65 -18.08
C ALA E 6 -19.43 -5.55 -18.07
N SER E 7 -19.90 -4.38 -17.64
CA SER E 7 -21.33 -4.21 -17.47
C SER E 7 -21.71 -2.76 -17.76
N GLY E 8 -22.99 -2.56 -18.05
CA GLY E 8 -23.39 -1.22 -18.41
C GLY E 8 -24.87 -1.00 -18.26
N VAL E 9 -25.23 0.26 -18.34
CA VAL E 9 -26.61 0.69 -18.20
C VAL E 9 -27.01 1.45 -19.46
N LEU E 10 -28.23 1.20 -19.91
CA LEU E 10 -28.83 1.87 -21.06
C LEU E 10 -29.87 2.85 -20.53
N MET E 11 -29.57 4.13 -20.72
CA MET E 11 -30.35 5.21 -20.13
C MET E 11 -30.11 6.41 -21.04
N HIS E 12 -31.11 6.77 -21.83
CA HIS E 12 -30.92 7.89 -22.74
C HIS E 12 -30.96 9.20 -21.99
N ILE E 13 -30.26 10.21 -22.52
CA ILE E 13 -30.10 11.49 -21.81
C ILE E 13 -31.46 12.07 -21.44
N THR E 14 -32.44 11.94 -22.35
CA THR E 14 -33.73 12.58 -22.10
C THR E 14 -34.41 12.03 -20.85
N SER E 15 -34.19 10.76 -20.52
CA SER E 15 -34.89 10.10 -19.43
C SER E 15 -34.31 10.47 -18.06
N LEU E 16 -33.25 11.28 -18.03
CA LEU E 16 -32.65 11.68 -16.77
C LEU E 16 -33.59 12.61 -15.99
N PRO E 17 -33.54 12.56 -14.67
CA PRO E 17 -34.39 13.44 -13.85
C PRO E 17 -33.90 14.88 -13.91
N GLY E 18 -34.78 15.79 -13.48
CA GLY E 18 -34.46 17.21 -13.44
C GLY E 18 -35.72 18.04 -13.60
N ASP E 19 -35.50 19.34 -13.78
CA ASP E 19 -36.60 20.30 -13.73
C ASP E 19 -36.94 20.98 -15.04
N LEU E 20 -36.15 20.78 -16.10
CA LEU E 20 -36.43 21.44 -17.36
C LEU E 20 -37.33 20.60 -18.27
N GLY E 21 -38.13 19.70 -17.70
CA GLY E 21 -39.10 18.89 -18.43
C GLY E 21 -38.51 17.72 -19.20
N ILE E 22 -37.18 17.59 -19.23
CA ILE E 22 -36.48 16.59 -20.01
C ILE E 22 -35.03 16.56 -19.53
N GLY E 23 -34.43 15.37 -19.47
CA GLY E 23 -33.06 15.27 -18.98
C GLY E 23 -32.06 15.98 -19.87
N THR E 24 -30.99 16.48 -19.26
CA THR E 24 -30.06 17.38 -19.93
C THR E 24 -28.65 17.03 -19.52
N PHE E 25 -27.68 17.77 -20.05
CA PHE E 25 -26.26 17.57 -19.79
C PHE E 25 -25.84 18.17 -18.48
N GLY E 26 -26.79 18.38 -17.58
CA GLY E 26 -26.57 19.08 -16.34
C GLY E 26 -26.18 18.20 -15.19
N ARG E 27 -26.49 18.67 -13.98
CA ARG E 27 -25.90 18.07 -12.79
C ARG E 27 -26.42 16.66 -12.57
N GLU E 28 -27.66 16.36 -12.99
CA GLU E 28 -28.19 15.03 -12.75
C GLU E 28 -27.52 13.98 -13.64
N ALA E 29 -26.96 14.40 -14.80
CA ALA E 29 -26.13 13.50 -15.61
C ALA E 29 -24.79 13.20 -14.92
N TYR E 30 -24.16 14.22 -14.34
CA TYR E 30 -22.95 13.98 -13.54
C TYR E 30 -23.24 13.04 -12.37
N ALA E 31 -24.35 13.30 -11.65
CA ALA E 31 -24.79 12.38 -10.60
C ALA E 31 -24.97 10.97 -11.14
N PHE E 32 -25.43 10.85 -12.39
CA PHE E 32 -25.65 9.54 -12.99
C PHE E 32 -24.33 8.83 -13.27
N VAL E 33 -23.31 9.57 -13.71
CA VAL E 33 -21.97 8.98 -13.81
C VAL E 33 -21.54 8.46 -12.45
N ASP E 34 -21.78 9.25 -11.41
CA ASP E 34 -21.39 8.84 -10.06
C ASP E 34 -22.11 7.55 -9.67
N PHE E 35 -23.38 7.41 -10.05
CA PHE E 35 -24.11 6.16 -9.84
C PHE E 35 -23.43 5.00 -10.55
N LEU E 36 -23.07 5.19 -11.82
CA LEU E 36 -22.38 4.13 -12.55
C LEU E 36 -21.11 3.71 -11.82
N VAL E 37 -20.40 4.66 -11.22
CA VAL E 37 -19.12 4.34 -10.60
C VAL E 37 -19.32 3.62 -9.26
N GLU E 38 -20.28 4.07 -8.46
CA GLU E 38 -20.48 3.39 -7.18
C GLU E 38 -20.87 1.94 -7.36
N THR E 39 -21.42 1.58 -8.52
CA THR E 39 -21.89 0.23 -8.83
C THR E 39 -20.95 -0.55 -9.74
N ASP E 40 -19.78 0.00 -10.06
CA ASP E 40 -18.73 -0.66 -10.82
C ASP E 40 -19.11 -0.87 -12.29
N GLN E 41 -20.00 -0.05 -12.84
CA GLN E 41 -20.30 -0.16 -14.27
C GLN E 41 -19.17 0.40 -15.11
N LYS E 42 -19.05 -0.10 -16.34
CA LYS E 42 -18.11 0.42 -17.30
C LYS E 42 -18.75 1.17 -18.46
N PHE E 43 -20.02 0.91 -18.76
CA PHE E 43 -20.61 1.45 -19.97
C PHE E 43 -21.91 2.20 -19.69
N TRP E 44 -22.03 3.39 -20.30
CA TRP E 44 -23.30 4.12 -20.40
C TRP E 44 -23.70 4.17 -21.86
N GLN E 45 -24.79 3.47 -22.21
CA GLN E 45 -25.27 3.40 -23.58
C GLN E 45 -26.45 4.34 -23.70
N ILE E 46 -26.46 5.15 -24.76
CA ILE E 46 -27.46 6.16 -24.98
C ILE E 46 -28.05 5.98 -26.37
N LEU E 47 -29.14 6.68 -26.63
CA LEU E 47 -29.69 6.81 -27.98
C LEU E 47 -28.94 7.94 -28.70
N PRO E 48 -29.16 8.11 -30.00
CA PRO E 48 -28.43 9.17 -30.72
C PRO E 48 -28.74 10.55 -30.16
N LEU E 49 -27.72 11.41 -30.14
CA LEU E 49 -27.79 12.73 -29.53
C LEU E 49 -28.10 13.83 -30.55
N THR E 50 -28.74 13.51 -31.65
CA THR E 50 -28.97 14.46 -32.72
C THR E 50 -30.38 15.06 -32.65
N THR E 51 -30.68 15.96 -33.58
CA THR E 51 -31.93 16.72 -33.59
C THR E 51 -33.14 15.82 -33.90
N THR E 52 -34.33 16.34 -33.63
CA THR E 52 -35.56 15.55 -33.73
C THR E 52 -36.68 16.33 -34.40
N SER E 53 -37.58 15.60 -35.07
CA SER E 53 -38.79 16.10 -35.73
C SER E 53 -40.00 15.76 -34.88
N PHE E 54 -41.19 15.92 -35.47
CA PHE E 54 -42.38 15.26 -34.97
C PHE E 54 -42.12 13.76 -34.87
N GLY E 55 -42.87 13.08 -34.01
CA GLY E 55 -42.60 11.68 -33.74
C GLY E 55 -41.60 11.51 -32.60
N ASP E 56 -40.61 12.41 -32.52
CA ASP E 56 -39.61 12.60 -31.45
C ASP E 56 -38.43 11.61 -31.44
N SER E 57 -38.33 10.71 -32.42
CA SER E 57 -37.32 9.65 -32.37
C SER E 57 -35.92 10.20 -32.61
N PRO E 58 -34.92 9.79 -31.81
CA PRO E 58 -33.55 10.25 -32.07
C PRO E 58 -33.02 9.77 -33.39
N TYR E 59 -33.71 8.86 -34.03
CA TYR E 59 -33.24 8.23 -35.24
C TYR E 59 -33.75 8.89 -36.51
N GLN E 60 -34.36 10.08 -36.42
CA GLN E 60 -34.76 10.84 -37.61
C GLN E 60 -34.34 12.31 -37.43
N SER E 61 -33.16 12.64 -37.96
CA SER E 61 -32.52 13.90 -37.64
C SER E 61 -32.31 14.74 -38.89
N PHE E 62 -32.15 16.04 -38.65
CA PHE E 62 -31.82 16.96 -39.71
C PHE E 62 -30.37 16.84 -40.14
N SER E 63 -29.50 16.40 -39.23
CA SER E 63 -28.10 16.24 -39.53
C SER E 63 -27.57 15.02 -38.77
N ALA E 64 -26.59 14.35 -39.38
CA ALA E 64 -25.89 13.25 -38.72
C ALA E 64 -25.13 13.68 -37.48
N VAL E 65 -24.87 14.97 -37.27
CA VAL E 65 -23.96 15.34 -36.21
C VAL E 65 -24.46 16.50 -35.33
N ALA E 66 -25.33 17.34 -35.87
CA ALA E 66 -25.91 18.42 -35.09
C ALA E 66 -26.71 17.84 -33.94
N GLY E 67 -26.66 18.50 -32.79
CA GLY E 67 -27.16 17.94 -31.55
C GLY E 67 -28.54 18.47 -31.20
N ASN E 68 -29.37 17.58 -30.63
CA ASN E 68 -30.66 17.98 -30.07
C ASN E 68 -30.48 19.08 -29.02
N THR E 69 -30.99 20.27 -29.31
CA THR E 69 -30.78 21.34 -28.34
C THR E 69 -31.69 21.20 -27.11
N HIS E 70 -32.76 20.39 -27.17
CA HIS E 70 -33.55 20.11 -25.97
C HIS E 70 -32.65 19.70 -24.80
N LEU E 71 -31.54 19.04 -25.08
CA LEU E 71 -30.66 18.51 -24.05
C LEU E 71 -29.68 19.55 -23.48
N ILE E 72 -29.85 20.83 -23.78
CA ILE E 72 -28.95 21.87 -23.26
C ILE E 72 -29.38 22.26 -21.86
N ASP E 73 -28.47 22.12 -20.90
CA ASP E 73 -28.80 22.46 -19.53
C ASP E 73 -28.82 23.97 -19.37
N PHE E 74 -29.94 24.50 -18.87
CA PHE E 74 -30.01 25.94 -18.63
C PHE E 74 -29.11 26.35 -17.48
N ASP E 75 -28.89 25.45 -16.50
CA ASP E 75 -28.15 25.80 -15.30
C ASP E 75 -26.65 25.89 -15.57
N LEU E 76 -26.13 24.99 -16.39
CA LEU E 76 -24.78 25.15 -16.91
C LEU E 76 -24.63 26.50 -17.60
N LEU E 77 -25.68 26.96 -18.29
CA LEU E 77 -25.61 28.24 -18.98
C LEU E 77 -25.61 29.41 -17.99
N THR E 78 -26.58 29.40 -17.05
CA THR E 78 -26.63 30.38 -15.97
C THR E 78 -25.26 30.57 -15.33
N LEU E 79 -24.56 29.47 -15.06
CA LEU E 79 -23.23 29.55 -14.47
C LEU E 79 -22.19 30.25 -15.35
N GLU E 80 -22.45 30.45 -16.64
CA GLU E 80 -21.48 31.12 -17.51
C GLU E 80 -21.82 32.58 -17.76
N GLY E 81 -22.87 33.09 -17.10
CA GLY E 81 -23.26 34.48 -17.26
C GLY E 81 -24.12 34.74 -18.48
N PHE E 82 -24.66 33.69 -19.08
CA PHE E 82 -25.37 33.80 -20.34
C PHE E 82 -26.87 33.91 -20.16
N ILE E 83 -27.40 33.46 -19.01
CA ILE E 83 -28.77 33.76 -18.57
C ILE E 83 -28.80 33.82 -17.05
N SER E 84 -29.99 34.03 -16.50
CA SER E 84 -30.22 34.04 -15.06
C SER E 84 -31.24 32.98 -14.72
N LYS E 85 -31.04 32.32 -13.58
CA LYS E 85 -31.92 31.23 -13.15
C LYS E 85 -33.40 31.63 -13.17
N ASP E 86 -33.70 32.93 -13.20
CA ASP E 86 -35.07 33.42 -13.21
C ASP E 86 -35.71 33.41 -14.60
N ASP E 87 -34.92 33.30 -15.67
CA ASP E 87 -35.52 33.27 -17.00
C ASP E 87 -36.22 31.94 -17.29
N TYR E 88 -36.00 30.90 -16.49
CA TYR E 88 -36.63 29.60 -16.71
C TYR E 88 -37.15 28.91 -15.47
N GLN E 89 -36.84 29.40 -14.27
CA GLN E 89 -37.15 28.66 -13.04
C GLN E 89 -38.64 28.43 -12.83
N ASN E 90 -39.51 29.34 -13.31
CA ASN E 90 -40.94 29.23 -13.10
C ASN E 90 -41.72 28.91 -14.39
N ILE E 91 -41.03 28.44 -15.43
CA ILE E 91 -41.69 27.81 -16.56
C ILE E 91 -41.93 26.34 -16.20
N SER E 92 -43.19 25.90 -16.32
CA SER E 92 -43.53 24.47 -16.23
C SER E 92 -43.29 23.84 -17.59
N PHE E 93 -42.44 22.81 -17.62
CA PHE E 93 -42.11 22.15 -18.88
C PHE E 93 -42.82 20.82 -19.09
N GLY E 94 -43.37 20.21 -18.03
CA GLY E 94 -44.38 19.20 -18.17
C GLY E 94 -45.34 19.30 -17.01
N GLN E 95 -46.15 18.30 -16.77
CA GLN E 95 -46.70 18.13 -15.43
C GLN E 95 -46.25 16.84 -14.75
N ASP E 96 -45.99 15.79 -15.53
CA ASP E 96 -45.61 14.47 -15.04
C ASP E 96 -44.10 14.33 -15.12
N PRO E 97 -43.37 14.27 -14.00
CA PRO E 97 -41.91 14.07 -14.11
C PRO E 97 -41.53 12.80 -14.86
N GLU E 98 -42.44 11.84 -14.99
CA GLU E 98 -42.17 10.54 -15.63
C GLU E 98 -42.46 10.52 -17.13
N VAL E 99 -42.93 11.63 -17.71
CA VAL E 99 -43.20 11.75 -19.14
C VAL E 99 -42.47 12.99 -19.65
N VAL E 100 -42.13 12.99 -20.94
CA VAL E 100 -41.68 14.19 -21.62
C VAL E 100 -42.82 14.73 -22.43
N ASP E 101 -43.16 16.00 -22.21
CA ASP E 101 -44.08 16.72 -23.08
C ASP E 101 -43.27 17.34 -24.20
N TYR E 102 -43.03 16.54 -25.25
CA TYR E 102 -42.32 17.06 -26.43
C TYR E 102 -43.13 18.13 -27.13
N ALA E 103 -44.45 17.95 -27.16
CA ALA E 103 -45.32 18.98 -27.70
C ALA E 103 -45.20 20.24 -26.86
N GLY E 104 -44.74 21.31 -27.49
CA GLY E 104 -44.59 22.59 -26.82
C GLY E 104 -43.18 22.85 -26.31
N LEU E 105 -42.52 21.82 -25.79
CA LEU E 105 -41.20 21.96 -25.18
C LEU E 105 -40.24 22.82 -26.00
N PHE E 106 -40.30 22.74 -27.34
CA PHE E 106 -39.40 23.64 -28.07
C PHE E 106 -39.92 25.09 -28.08
N GLU E 107 -41.25 25.30 -28.11
CA GLU E 107 -41.72 26.67 -28.02
C GLU E 107 -41.51 27.26 -26.63
N LYS E 108 -41.45 26.41 -25.62
CA LYS E 108 -41.19 26.91 -24.29
C LYS E 108 -39.70 27.12 -24.04
N ARG E 109 -38.83 26.41 -24.77
CA ARG E 109 -37.40 26.59 -24.54
C ARG E 109 -36.75 27.64 -25.44
N ARG E 110 -37.33 27.92 -26.62
CA ARG E 110 -36.57 28.78 -27.55
C ARG E 110 -36.33 30.19 -27.05
N PRO E 111 -37.27 30.87 -26.36
CA PRO E 111 -36.94 32.20 -25.79
C PRO E 111 -35.70 32.18 -24.89
N VAL E 112 -35.61 31.19 -24.00
CA VAL E 112 -34.46 31.07 -23.11
C VAL E 112 -33.17 30.98 -23.93
N LEU E 113 -33.14 30.07 -24.91
CA LEU E 113 -31.91 29.88 -25.68
C LEU E 113 -31.57 31.12 -26.51
N GLU E 114 -32.57 31.73 -27.15
CA GLU E 114 -32.40 33.00 -27.84
C GLU E 114 -31.65 34.01 -26.97
N LYS E 115 -32.19 34.28 -25.77
CA LYS E 115 -31.52 35.21 -24.85
C LYS E 115 -30.11 34.75 -24.52
N ALA E 116 -29.90 33.44 -24.38
CA ALA E 116 -28.56 32.93 -24.07
C ALA E 116 -27.57 33.23 -25.20
N VAL E 117 -28.01 33.10 -26.46
CA VAL E 117 -27.14 33.46 -27.58
C VAL E 117 -26.89 34.97 -27.55
N LYS E 118 -27.94 35.76 -27.23
CA LYS E 118 -27.85 37.21 -27.21
C LYS E 118 -26.81 37.71 -26.21
N ASN E 119 -26.62 36.98 -25.11
CA ASN E 119 -25.58 37.36 -24.17
C ASN E 119 -24.23 36.69 -24.46
N PHE E 120 -24.19 35.49 -25.06
CA PHE E 120 -22.90 34.92 -25.43
C PHE E 120 -22.21 35.77 -26.49
N LEU E 121 -23.00 36.34 -27.42
CA LEU E 121 -22.36 37.06 -28.52
C LEU E 121 -21.98 38.47 -28.10
N LYS E 122 -22.79 39.09 -27.24
CA LYS E 122 -22.49 40.38 -26.63
C LYS E 122 -21.18 40.36 -25.83
N GLU E 123 -20.68 39.19 -25.46
CA GLU E 123 -19.49 38.99 -24.65
C GLU E 123 -18.22 39.10 -25.48
N GLU E 124 -17.09 39.24 -24.78
CA GLU E 124 -15.82 39.61 -25.40
C GLU E 124 -15.27 38.58 -26.36
N ARG E 125 -14.88 37.40 -25.88
CA ARG E 125 -14.08 36.51 -26.71
C ARG E 125 -14.92 35.75 -27.76
N ALA E 126 -16.22 36.06 -27.85
CA ALA E 126 -17.15 35.23 -28.62
C ALA E 126 -16.65 34.99 -30.04
N THR E 127 -16.23 36.04 -30.74
CA THR E 127 -15.84 35.89 -32.14
C THR E 127 -14.71 34.88 -32.31
N ARG E 128 -13.78 34.82 -31.36
CA ARG E 128 -12.72 33.81 -31.46
C ARG E 128 -13.18 32.45 -30.98
N MET E 129 -14.05 32.41 -29.96
CA MET E 129 -14.55 31.13 -29.48
C MET E 129 -15.36 30.41 -30.55
N LEU E 130 -16.16 31.17 -31.32
CA LEU E 130 -17.05 30.59 -32.32
C LEU E 130 -16.28 30.13 -33.54
N SER E 131 -15.50 31.03 -34.15
CA SER E 131 -14.72 30.66 -35.34
C SER E 131 -13.93 29.40 -35.06
N ASP E 132 -13.24 29.36 -33.91
CA ASP E 132 -12.45 28.19 -33.55
C ASP E 132 -13.30 26.93 -33.46
N PHE E 133 -14.46 27.04 -32.80
CA PHE E 133 -15.39 25.92 -32.79
C PHE E 133 -15.75 25.52 -34.22
N LEU E 134 -16.13 26.50 -35.04
CA LEU E 134 -16.50 26.16 -36.41
C LEU E 134 -15.31 25.55 -37.14
N GLN E 135 -14.09 25.91 -36.74
CA GLN E 135 -12.96 25.30 -37.43
C GLN E 135 -12.80 23.83 -37.06
N GLU E 136 -13.25 23.43 -35.87
CA GLU E 136 -13.21 22.02 -35.48
C GLU E 136 -14.40 21.23 -36.01
N GLU E 137 -15.51 21.91 -36.31
CA GLU E 137 -16.76 21.26 -36.71
C GLU E 137 -17.30 22.03 -37.91
N LYS E 138 -16.82 21.68 -39.10
CA LYS E 138 -17.01 22.58 -40.23
C LYS E 138 -18.43 22.52 -40.82
N TRP E 139 -19.15 21.42 -40.62
CA TRP E 139 -20.55 21.18 -40.98
C TRP E 139 -21.55 22.12 -40.29
N VAL E 140 -21.14 22.84 -39.24
CA VAL E 140 -22.11 23.50 -38.38
C VAL E 140 -22.93 24.49 -39.19
N THR E 141 -22.23 25.32 -39.95
CA THR E 141 -22.87 26.51 -40.48
C THR E 141 -23.82 26.15 -41.61
N ASP E 142 -23.40 25.22 -42.48
CA ASP E 142 -24.33 24.59 -43.42
C ASP E 142 -25.60 24.14 -42.72
N PHE E 143 -25.46 23.35 -41.64
CA PHE E 143 -26.64 22.92 -40.91
C PHE E 143 -27.45 24.14 -40.45
N ALA E 144 -26.75 25.21 -40.09
CA ALA E 144 -27.48 26.34 -39.55
C ALA E 144 -28.33 26.97 -40.64
N GLU E 145 -27.78 27.12 -41.85
CA GLU E 145 -28.59 27.66 -42.93
C GLU E 145 -29.79 26.74 -43.18
N PHE E 146 -29.56 25.42 -43.15
CA PHE E 146 -30.65 24.49 -43.38
C PHE E 146 -31.77 24.78 -42.38
N MET E 147 -31.40 24.89 -41.10
CA MET E 147 -32.40 25.08 -40.06
C MET E 147 -33.09 26.43 -40.22
N ALA E 148 -32.32 27.48 -40.53
CA ALA E 148 -32.93 28.79 -40.74
C ALA E 148 -33.88 28.75 -41.93
N ILE E 149 -33.46 28.11 -43.04
CA ILE E 149 -34.37 28.06 -44.16
C ILE E 149 -35.64 27.32 -43.77
N LYS E 150 -35.49 26.22 -43.02
CA LYS E 150 -36.64 25.42 -42.63
C LYS E 150 -37.60 26.25 -41.79
N GLU E 151 -37.07 27.10 -40.92
CA GLU E 151 -37.96 27.85 -40.04
C GLU E 151 -38.57 29.02 -40.80
N HIS E 152 -37.91 29.50 -41.84
CA HIS E 152 -38.50 30.51 -42.70
C HIS E 152 -39.71 29.96 -43.45
N PHE E 153 -39.67 28.68 -43.85
CA PHE E 153 -40.80 28.05 -44.52
C PHE E 153 -41.73 27.34 -43.56
N GLY E 154 -41.78 27.79 -42.31
CA GLY E 154 -42.65 27.14 -41.34
C GLY E 154 -42.35 25.70 -41.04
N ASN E 155 -41.07 25.36 -40.83
CA ASN E 155 -40.66 24.01 -40.39
C ASN E 155 -41.20 22.93 -41.32
N LYS E 156 -41.19 23.22 -42.61
CA LYS E 156 -41.57 22.20 -43.55
C LYS E 156 -40.32 21.45 -44.01
N ALA E 157 -40.50 20.19 -44.38
CA ALA E 157 -39.35 19.39 -44.79
C ALA E 157 -38.67 20.02 -46.00
N LEU E 158 -37.39 19.70 -46.17
CA LEU E 158 -36.63 20.20 -47.31
C LEU E 158 -37.44 20.14 -48.59
N GLN E 159 -37.89 18.94 -48.94
CA GLN E 159 -38.56 18.70 -50.21
C GLN E 159 -39.78 19.63 -50.42
N GLU E 160 -40.42 20.07 -49.33
CA GLU E 160 -41.63 20.89 -49.45
C GLU E 160 -41.38 22.39 -49.26
N TRP E 161 -40.12 22.82 -49.23
CA TRP E 161 -39.81 24.24 -49.37
C TRP E 161 -40.45 24.82 -50.63
N ASP E 162 -40.73 26.13 -50.63
CA ASP E 162 -41.43 26.75 -51.75
C ASP E 162 -40.48 27.22 -52.85
N ASP E 163 -39.40 27.90 -52.46
CA ASP E 163 -38.37 28.35 -53.41
C ASP E 163 -37.63 27.12 -53.91
N LYS E 164 -37.98 26.69 -55.12
CA LYS E 164 -37.29 25.54 -55.68
C LYS E 164 -35.80 25.83 -55.84
N ALA E 165 -35.45 27.09 -56.09
CA ALA E 165 -34.04 27.43 -56.28
C ALA E 165 -33.25 27.22 -54.99
N ILE E 166 -33.86 27.50 -53.83
CA ILE E 166 -33.20 27.27 -52.56
C ILE E 166 -33.15 25.79 -52.24
N ILE E 167 -33.98 24.98 -52.87
CA ILE E 167 -33.82 23.52 -52.77
C ILE E 167 -32.61 23.05 -53.58
N ARG E 168 -32.45 23.61 -54.77
CA ARG E 168 -31.35 23.22 -55.71
C ARG E 168 -30.02 23.85 -55.32
N ARG E 169 -29.97 24.56 -54.18
CA ARG E 169 -28.74 25.20 -53.73
C ARG E 169 -28.15 26.11 -54.80
N GLU E 170 -29.00 26.86 -55.50
CA GLU E 170 -28.52 27.87 -56.44
C GLU E 170 -27.81 28.99 -55.69
N GLU E 171 -26.58 29.31 -56.10
CA GLU E 171 -25.79 30.23 -55.29
C GLU E 171 -26.42 31.61 -55.28
N GLU E 172 -27.14 31.93 -56.34
CA GLU E 172 -28.05 33.09 -56.39
C GLU E 172 -28.91 33.21 -55.15
N ALA E 173 -29.73 32.17 -54.90
CA ALA E 173 -30.66 32.17 -53.77
C ALA E 173 -29.93 31.98 -52.44
N LEU E 174 -28.86 31.18 -52.42
CA LEU E 174 -28.14 30.97 -51.19
C LEU E 174 -27.66 32.30 -50.63
N ALA E 175 -27.11 33.16 -51.48
CA ALA E 175 -26.59 34.44 -50.98
C ALA E 175 -27.72 35.28 -50.38
N GLY E 176 -28.87 35.32 -51.05
CA GLY E 176 -30.00 36.08 -50.53
C GLY E 176 -30.45 35.58 -49.18
N TYR E 177 -30.60 34.27 -49.05
CA TYR E 177 -31.07 33.69 -47.80
C TYR E 177 -30.05 33.86 -46.68
N ARG E 178 -28.78 33.68 -46.99
CA ARG E 178 -27.76 33.88 -45.98
C ARG E 178 -27.81 35.30 -45.45
N GLN E 179 -28.12 36.26 -46.33
CA GLN E 179 -28.24 37.65 -45.88
C GLN E 179 -29.48 37.86 -45.03
N LYS E 180 -30.67 37.49 -45.54
CA LYS E 180 -31.90 37.74 -44.78
C LYS E 180 -31.85 37.09 -43.41
N LEU E 181 -31.50 35.81 -43.36
CA LEU E 181 -31.68 35.01 -42.16
C LEU E 181 -30.44 34.97 -41.27
N SER E 182 -29.49 35.88 -41.46
CA SER E 182 -28.18 35.76 -40.82
C SER E 182 -28.29 35.61 -39.30
N GLU E 183 -29.25 36.29 -38.67
CA GLU E 183 -29.34 36.23 -37.22
C GLU E 183 -29.89 34.88 -36.75
N VAL E 184 -30.92 34.37 -37.44
CA VAL E 184 -31.39 33.02 -37.15
C VAL E 184 -30.26 32.01 -37.30
N ILE E 185 -29.50 32.14 -38.39
CA ILE E 185 -28.38 31.24 -38.67
C ILE E 185 -27.40 31.20 -37.51
N LYS E 186 -26.95 32.39 -37.09
CA LYS E 186 -26.00 32.44 -36.00
C LYS E 186 -26.61 31.85 -34.74
N TYR E 187 -27.92 31.98 -34.57
CA TYR E 187 -28.56 31.31 -33.44
C TYR E 187 -28.24 29.85 -33.47
N HIS E 188 -28.43 29.23 -34.63
CA HIS E 188 -28.24 27.78 -34.72
C HIS E 188 -26.76 27.40 -34.65
N GLU E 189 -25.84 28.31 -34.95
CA GLU E 189 -24.42 28.04 -34.70
C GLU E 189 -24.08 28.08 -33.20
N VAL E 190 -24.58 29.07 -32.49
CA VAL E 190 -24.16 29.18 -31.10
C VAL E 190 -24.84 28.12 -30.23
N THR E 191 -26.11 27.84 -30.55
CA THR E 191 -26.80 26.63 -30.12
C THR E 191 -25.91 25.40 -30.17
N GLN E 192 -25.23 25.21 -31.30
CA GLN E 192 -24.40 24.03 -31.51
C GLN E 192 -23.15 24.10 -30.64
N TYR E 193 -22.58 25.31 -30.53
CA TYR E 193 -21.44 25.52 -29.65
C TYR E 193 -21.78 25.12 -28.21
N PHE E 194 -22.94 25.56 -27.72
CA PHE E 194 -23.40 25.19 -26.39
C PHE E 194 -23.49 23.69 -26.25
N PHE E 195 -24.23 23.06 -27.16
CA PHE E 195 -24.39 21.62 -27.10
C PHE E 195 -23.03 20.93 -26.98
N TYR E 196 -22.17 21.16 -27.97
CA TYR E 196 -20.91 20.42 -28.02
C TYR E 196 -20.06 20.70 -26.79
N LYS E 197 -20.10 21.93 -26.27
CA LYS E 197 -19.29 22.24 -25.11
C LYS E 197 -19.76 21.41 -23.91
N GLN E 198 -21.05 21.43 -23.65
CA GLN E 198 -21.54 20.69 -22.49
C GLN E 198 -21.38 19.19 -22.69
N TRP E 199 -21.62 18.70 -23.90
CA TRP E 199 -21.49 17.27 -24.17
C TRP E 199 -20.08 16.80 -23.88
N PHE E 200 -19.08 17.46 -24.44
CA PHE E 200 -17.74 16.94 -24.24
C PHE E 200 -17.26 17.14 -22.80
N GLU E 201 -17.78 18.12 -22.06
CA GLU E 201 -17.41 18.20 -20.63
C GLU E 201 -18.03 17.08 -19.83
N LEU E 202 -19.31 16.79 -20.06
CA LEU E 202 -19.88 15.58 -19.51
C LEU E 202 -19.05 14.34 -19.90
N LYS E 203 -18.57 14.29 -21.14
CA LYS E 203 -17.89 13.09 -21.64
C LYS E 203 -16.51 12.92 -21.03
N GLU E 204 -15.70 13.98 -21.00
CA GLU E 204 -14.43 13.93 -20.27
C GLU E 204 -14.67 13.62 -18.80
N TYR E 205 -15.79 14.06 -18.23
CA TYR E 205 -16.04 13.78 -16.82
C TYR E 205 -16.29 12.29 -16.60
N ALA E 206 -17.13 11.68 -17.43
CA ALA E 206 -17.37 10.25 -17.31
C ALA E 206 -16.11 9.45 -17.62
N ASN E 207 -15.43 9.80 -18.73
CA ASN E 207 -14.18 9.15 -19.10
C ASN E 207 -13.19 9.13 -17.94
N ASP E 208 -12.98 10.29 -17.32
CA ASP E 208 -11.95 10.40 -16.30
C ASP E 208 -12.29 9.60 -15.06
N LYS E 209 -13.58 9.40 -14.75
CA LYS E 209 -14.00 8.50 -13.69
C LYS E 209 -14.15 7.06 -14.18
N GLY E 210 -13.67 6.75 -15.38
CA GLY E 210 -13.58 5.40 -15.91
C GLY E 210 -14.79 4.86 -16.64
N ILE E 211 -15.84 5.66 -16.79
CA ILE E 211 -17.05 5.25 -17.50
C ILE E 211 -16.91 5.58 -18.98
N GLN E 212 -17.23 4.61 -19.84
CA GLN E 212 -17.17 4.80 -21.28
C GLN E 212 -18.57 4.84 -21.86
N ILE E 213 -18.74 5.64 -22.91
CA ILE E 213 -20.06 5.88 -23.49
C ILE E 213 -20.19 5.11 -24.80
N ILE E 214 -21.27 4.33 -24.91
CA ILE E 214 -21.69 3.75 -26.17
C ILE E 214 -22.73 4.66 -26.83
N GLY E 215 -22.41 5.15 -28.02
CA GLY E 215 -23.31 5.94 -28.81
C GLY E 215 -23.92 5.16 -29.96
N ASP E 216 -24.96 5.73 -30.56
CA ASP E 216 -25.77 5.06 -31.56
C ASP E 216 -25.74 5.85 -32.86
N MET E 217 -25.60 5.13 -33.96
CA MET E 217 -25.55 5.69 -35.30
C MET E 217 -26.49 4.89 -36.18
N PRO E 218 -27.48 5.49 -36.78
CA PRO E 218 -28.32 4.72 -37.70
C PRO E 218 -27.65 4.63 -39.06
N ILE E 219 -27.68 3.42 -39.64
CA ILE E 219 -27.06 3.21 -40.93
C ILE E 219 -27.42 4.34 -41.90
N TYR E 220 -28.65 4.87 -41.78
CA TYR E 220 -29.18 5.84 -42.73
C TYR E 220 -29.33 7.23 -42.13
N VAL E 221 -29.20 8.24 -42.99
CA VAL E 221 -29.56 9.64 -42.73
C VAL E 221 -31.04 9.84 -43.08
N SER E 222 -31.60 10.98 -42.71
CA SER E 222 -33.00 11.28 -42.96
C SER E 222 -33.20 11.93 -44.33
N ALA E 223 -34.43 11.82 -44.85
CA ALA E 223 -34.69 12.44 -46.14
C ALA E 223 -34.78 13.95 -46.04
N ASP E 224 -35.20 14.45 -44.88
CA ASP E 224 -35.32 15.87 -44.61
C ASP E 224 -34.07 16.26 -43.82
N SER E 225 -32.95 16.35 -44.53
CA SER E 225 -31.66 16.50 -43.87
C SER E 225 -30.73 17.40 -44.67
N VAL E 226 -29.83 18.07 -43.95
CA VAL E 226 -28.80 18.83 -44.63
C VAL E 226 -27.97 17.94 -45.57
N GLU E 227 -27.90 16.63 -45.30
CA GLU E 227 -27.08 15.76 -46.16
C GLU E 227 -27.75 15.55 -47.52
N VAL E 228 -29.03 15.22 -47.51
CA VAL E 228 -29.79 15.21 -48.75
C VAL E 228 -29.69 16.56 -49.47
N TRP E 229 -29.58 17.65 -48.71
CA TRP E 229 -29.60 18.98 -49.30
C TRP E 229 -28.29 19.33 -50.01
N THR E 230 -27.15 19.08 -49.35
CA THR E 230 -25.86 19.49 -49.88
C THR E 230 -25.09 18.41 -50.62
N MET E 231 -25.47 17.15 -50.49
CA MET E 231 -24.73 16.05 -51.11
C MET E 231 -25.66 15.05 -51.80
N PRO E 232 -26.54 15.50 -52.70
CA PRO E 232 -27.48 14.57 -53.32
C PRO E 232 -26.82 13.42 -54.13
N GLU E 233 -25.50 13.48 -54.39
CA GLU E 233 -24.78 12.39 -55.09
C GLU E 233 -24.75 11.10 -54.27
N LEU E 234 -24.78 11.22 -52.94
CA LEU E 234 -24.75 10.05 -52.08
C LEU E 234 -25.99 9.16 -52.21
N PHE E 235 -27.04 9.63 -52.90
CA PHE E 235 -28.37 9.04 -52.79
C PHE E 235 -28.93 8.68 -54.16
N LYS E 236 -30.12 8.06 -54.15
CA LYS E 236 -30.90 7.85 -55.37
C LYS E 236 -32.07 8.82 -55.33
N LEU E 237 -31.80 10.07 -55.73
CA LEU E 237 -32.78 11.14 -55.70
C LEU E 237 -33.18 11.56 -57.11
N ASP E 238 -34.38 12.15 -57.22
CA ASP E 238 -34.83 12.84 -58.44
C ASP E 238 -34.36 14.29 -58.38
N ARG E 239 -34.65 15.06 -59.44
CA ARG E 239 -33.93 16.32 -59.60
C ARG E 239 -34.30 17.33 -58.53
N ASP E 240 -35.52 17.30 -57.98
CA ASP E 240 -35.87 18.15 -56.86
C ASP E 240 -35.92 17.36 -55.54
N LYS E 241 -34.96 16.46 -55.40
CA LYS E 241 -34.52 15.91 -54.13
C LYS E 241 -35.55 15.03 -53.45
N GLN E 242 -36.60 14.59 -54.15
CA GLN E 242 -37.40 13.55 -53.51
C GLN E 242 -36.78 12.19 -53.80
N PRO E 243 -36.82 11.24 -52.87
CA PRO E 243 -36.10 9.99 -53.07
C PRO E 243 -36.81 9.05 -54.04
N LEU E 244 -36.02 8.44 -54.93
CA LEU E 244 -36.59 7.46 -55.85
C LEU E 244 -36.82 6.13 -55.17
N ALA E 245 -36.10 5.89 -54.08
CA ALA E 245 -36.15 4.63 -53.34
C ALA E 245 -35.89 4.96 -51.87
N ILE E 246 -36.68 4.39 -50.96
CA ILE E 246 -36.52 4.65 -49.53
C ILE E 246 -36.30 3.34 -48.74
N ALA E 247 -36.02 3.52 -47.46
CA ALA E 247 -35.57 2.43 -46.60
C ALA E 247 -36.70 1.89 -45.74
N GLY E 248 -36.65 0.60 -45.52
CA GLY E 248 -37.63 -0.06 -44.69
C GLY E 248 -37.26 -1.51 -44.58
N VAL E 249 -38.25 -2.33 -44.23
CA VAL E 249 -38.07 -3.76 -43.97
C VAL E 249 -39.39 -4.44 -44.31
N PRO E 250 -39.38 -5.52 -45.11
CA PRO E 250 -40.65 -6.08 -45.60
C PRO E 250 -41.46 -6.78 -44.51
N ALA E 251 -42.55 -7.44 -44.88
CA ALA E 251 -43.48 -8.04 -43.92
C ALA E 251 -42.76 -8.69 -42.77
N ASP E 252 -43.10 -8.22 -41.58
CA ASP E 252 -42.34 -8.36 -40.36
C ASP E 252 -43.20 -9.06 -39.33
N ASP E 253 -42.68 -9.15 -38.12
CA ASP E 253 -43.54 -9.52 -37.01
C ASP E 253 -44.24 -8.30 -36.41
N PHE E 254 -43.68 -7.11 -36.61
CA PHE E 254 -44.37 -5.88 -36.24
C PHE E 254 -45.53 -5.59 -37.20
N SER E 255 -45.21 -5.37 -38.47
CA SER E 255 -46.20 -5.05 -39.47
C SER E 255 -46.37 -6.24 -40.40
N ASP E 256 -47.58 -6.47 -40.86
CA ASP E 256 -47.71 -7.34 -42.00
C ASP E 256 -47.58 -6.57 -43.31
N ASP E 257 -47.63 -5.24 -43.27
CA ASP E 257 -47.27 -4.48 -44.45
C ASP E 257 -45.80 -4.08 -44.46
N GLY E 258 -45.04 -4.38 -43.40
CA GLY E 258 -43.66 -3.98 -43.27
C GLY E 258 -43.51 -2.58 -42.67
N GLN E 259 -42.27 -2.21 -42.38
CA GLN E 259 -41.94 -0.92 -41.78
C GLN E 259 -41.43 0.04 -42.85
N LEU E 260 -42.12 1.17 -43.00
CA LEU E 260 -41.57 2.27 -43.78
C LEU E 260 -40.62 3.08 -42.91
N TRP E 261 -39.33 3.05 -43.25
CA TRP E 261 -38.41 3.95 -42.56
C TRP E 261 -38.28 5.27 -43.28
N GLY E 262 -38.33 5.25 -44.62
CA GLY E 262 -38.39 6.48 -45.39
C GLY E 262 -37.08 7.20 -45.60
N ASN E 263 -35.96 6.63 -45.15
CA ASN E 263 -34.67 7.22 -45.39
C ASN E 263 -34.29 7.11 -46.86
N PRO E 264 -33.57 8.08 -47.39
CA PRO E 264 -33.01 7.91 -48.73
C PRO E 264 -32.08 6.71 -48.76
N ILE E 265 -32.15 5.96 -49.86
CA ILE E 265 -31.24 4.86 -50.09
C ILE E 265 -29.94 5.39 -50.67
N TYR E 266 -28.81 4.84 -50.20
CA TYR E 266 -27.50 5.23 -50.69
C TYR E 266 -27.27 4.82 -52.14
N ASN E 267 -26.51 5.64 -52.85
CA ASN E 267 -26.01 5.25 -54.16
C ASN E 267 -24.67 4.56 -53.96
N TRP E 268 -24.74 3.28 -53.62
CA TRP E 268 -23.57 2.60 -53.08
C TRP E 268 -22.43 2.56 -54.08
N ASP E 269 -22.73 2.55 -55.38
CA ASP E 269 -21.68 2.60 -56.40
C ASP E 269 -20.90 3.91 -56.30
N TYR E 270 -21.59 5.04 -56.05
CA TYR E 270 -20.89 6.30 -55.86
C TYR E 270 -19.97 6.25 -54.64
N HIS E 271 -20.44 5.64 -53.56
CA HIS E 271 -19.61 5.52 -52.37
C HIS E 271 -18.37 4.68 -52.67
N LYS E 272 -18.54 3.55 -53.34
CA LYS E 272 -17.40 2.70 -53.67
C LYS E 272 -16.38 3.47 -54.54
N GLU E 273 -16.83 4.12 -55.63
CA GLU E 273 -15.84 4.75 -56.50
C GLU E 273 -15.20 5.99 -55.90
N SER E 274 -15.71 6.52 -54.79
CA SER E 274 -15.05 7.61 -54.06
C SER E 274 -14.21 7.09 -52.90
N ASP E 275 -14.06 5.77 -52.78
CA ASP E 275 -13.35 5.13 -51.66
C ASP E 275 -13.95 5.53 -50.31
N PHE E 276 -15.28 5.68 -50.29
CA PHE E 276 -16.07 5.96 -49.10
C PHE E 276 -15.51 7.13 -48.30
N ASP E 277 -15.15 8.21 -49.00
CA ASP E 277 -14.70 9.43 -48.32
C ASP E 277 -15.69 9.85 -47.24
N TRP E 278 -16.97 9.93 -47.63
CA TRP E 278 -18.02 10.42 -46.74
C TRP E 278 -18.22 9.48 -45.54
N TRP E 279 -18.25 8.16 -45.79
CA TRP E 279 -18.43 7.23 -44.69
C TRP E 279 -17.24 7.26 -43.75
N ILE E 280 -16.03 7.36 -44.29
CA ILE E 280 -14.87 7.43 -43.40
C ILE E 280 -15.02 8.61 -42.46
N TYR E 281 -15.42 9.76 -42.99
CA TYR E 281 -15.57 10.94 -42.13
C TYR E 281 -16.73 10.77 -41.13
N ARG E 282 -17.82 10.15 -41.57
CA ARG E 282 -18.94 9.92 -40.66
C ARG E 282 -18.52 9.04 -39.49
N ILE E 283 -17.82 7.94 -39.79
CA ILE E 283 -17.37 6.99 -38.77
C ILE E 283 -16.29 7.63 -37.89
N GLN E 284 -15.43 8.44 -38.48
CA GLN E 284 -14.41 9.14 -37.73
C GLN E 284 -15.03 10.11 -36.70
N SER E 285 -16.05 10.87 -37.11
CA SER E 285 -16.75 11.75 -36.19
C SER E 285 -17.52 10.96 -35.15
N GLY E 286 -18.13 9.85 -35.54
CA GLY E 286 -18.78 8.98 -34.57
C GLY E 286 -17.84 8.49 -33.48
N VAL E 287 -16.67 7.95 -33.87
CA VAL E 287 -15.72 7.46 -32.88
C VAL E 287 -15.07 8.60 -32.10
N LYS E 288 -15.19 9.85 -32.57
CA LYS E 288 -14.76 10.96 -31.71
C LYS E 288 -15.85 11.35 -30.72
N MET E 289 -17.11 11.19 -31.09
CA MET E 289 -18.21 11.61 -30.22
C MET E 289 -18.42 10.67 -29.05
N TYR E 290 -17.92 9.45 -29.18
CA TYR E 290 -18.30 8.35 -28.34
C TYR E 290 -17.06 7.52 -28.07
N ASP E 291 -17.17 6.63 -27.09
CA ASP E 291 -16.09 5.69 -26.84
C ASP E 291 -16.32 4.40 -27.61
N TYR E 292 -17.56 3.92 -27.66
CA TYR E 292 -17.96 2.82 -28.53
C TYR E 292 -19.16 3.27 -29.35
N LEU E 293 -19.28 2.73 -30.56
CA LEU E 293 -20.27 3.14 -31.54
C LEU E 293 -21.08 1.91 -31.97
N ARG E 294 -22.40 2.03 -31.94
CA ARG E 294 -23.31 0.95 -32.31
C ARG E 294 -24.04 1.32 -33.59
N ILE E 295 -24.02 0.45 -34.59
CA ILE E 295 -24.61 0.79 -35.88
C ILE E 295 -25.93 0.06 -36.04
N ASP E 296 -27.02 0.80 -35.86
CA ASP E 296 -28.37 0.31 -36.08
C ASP E 296 -28.51 -0.28 -37.48
N HIS E 297 -28.98 -1.52 -37.55
CA HIS E 297 -29.27 -2.19 -38.84
C HIS E 297 -27.97 -2.50 -39.61
N PHE E 298 -26.93 -2.90 -38.86
CA PHE E 298 -25.64 -3.28 -39.44
C PHE E 298 -25.80 -4.20 -40.64
N LYS E 299 -26.76 -5.14 -40.55
CA LYS E 299 -27.17 -6.06 -41.61
C LYS E 299 -27.20 -5.37 -42.96
N GLY E 300 -27.73 -4.15 -43.01
CA GLY E 300 -27.86 -3.40 -44.24
C GLY E 300 -26.56 -3.01 -44.92
N PHE E 301 -25.42 -3.42 -44.36
CA PHE E 301 -24.14 -3.25 -45.02
C PHE E 301 -23.82 -4.39 -45.97
N SER E 302 -24.66 -5.43 -45.99
CA SER E 302 -24.51 -6.55 -46.90
C SER E 302 -25.70 -6.66 -47.85
N ASP E 303 -26.91 -6.59 -47.32
CA ASP E 303 -28.15 -6.64 -48.11
C ASP E 303 -29.13 -5.65 -47.51
N TYR E 304 -29.74 -4.80 -48.34
CA TYR E 304 -30.74 -3.86 -47.86
C TYR E 304 -32.03 -3.98 -48.66
N TRP E 305 -33.13 -3.61 -48.02
CA TRP E 305 -34.45 -3.67 -48.62
C TRP E 305 -34.80 -2.29 -49.18
N GLU E 306 -35.09 -2.23 -50.46
CA GLU E 306 -35.19 -0.97 -51.19
C GLU E 306 -36.63 -0.83 -51.67
N ILE E 307 -37.34 0.15 -51.10
CA ILE E 307 -38.76 0.39 -51.42
C ILE E 307 -38.83 1.49 -52.46
N ARG E 308 -39.76 1.37 -53.41
CA ARG E 308 -39.91 2.36 -54.50
C ARG E 308 -40.57 3.61 -53.96
N GLY E 309 -40.21 4.76 -54.52
CA GLY E 309 -40.73 6.08 -54.12
C GLY E 309 -42.24 6.14 -54.17
N ASP E 310 -42.85 5.68 -55.25
CA ASP E 310 -44.32 5.67 -55.38
C ASP E 310 -44.79 4.31 -54.91
N TYR E 311 -44.68 4.07 -53.62
CA TYR E 311 -45.06 2.78 -53.00
C TYR E 311 -46.47 2.91 -52.44
N GLN E 312 -47.12 1.75 -52.23
CA GLN E 312 -48.48 1.67 -51.65
C GLN E 312 -48.35 0.88 -50.34
N THR E 313 -47.28 0.09 -50.26
CA THR E 313 -46.97 -0.72 -49.07
C THR E 313 -45.45 -0.85 -48.97
N ALA E 314 -44.95 -1.22 -47.80
CA ALA E 314 -43.49 -1.38 -47.70
C ALA E 314 -43.10 -2.70 -48.36
N ASN E 315 -44.09 -3.49 -48.77
CA ASN E 315 -43.77 -4.71 -49.47
C ASN E 315 -43.52 -4.51 -50.96
N ASP E 316 -43.53 -3.27 -51.44
CA ASP E 316 -43.29 -2.98 -52.86
C ASP E 316 -41.82 -2.61 -53.03
N GLY E 317 -40.98 -3.64 -52.96
CA GLY E 317 -39.56 -3.40 -52.88
C GLY E 317 -38.72 -4.60 -53.31
N SER E 318 -37.44 -4.51 -53.01
CA SER E 318 -36.44 -5.35 -53.64
C SER E 318 -35.24 -5.53 -52.72
N TRP E 319 -34.69 -6.74 -52.65
CA TRP E 319 -33.42 -6.88 -51.96
C TRP E 319 -32.31 -6.38 -52.87
N GLN E 320 -31.33 -5.68 -52.29
CA GLN E 320 -30.31 -4.99 -53.04
C GLN E 320 -29.00 -5.16 -52.32
N PRO E 321 -27.89 -5.30 -53.04
CA PRO E 321 -26.61 -5.58 -52.39
C PRO E 321 -25.81 -4.32 -52.10
N ALA E 322 -25.04 -4.38 -51.00
CA ALA E 322 -24.19 -3.28 -50.55
C ALA E 322 -22.78 -3.76 -50.27
N PRO E 323 -21.76 -2.91 -50.50
CA PRO E 323 -20.35 -3.35 -50.49
C PRO E 323 -19.70 -3.36 -49.10
N GLY E 324 -20.32 -4.05 -48.15
CA GLY E 324 -19.85 -4.06 -46.78
C GLY E 324 -18.39 -4.41 -46.54
N PRO E 325 -17.92 -5.54 -47.08
CA PRO E 325 -16.51 -5.89 -46.89
C PRO E 325 -15.54 -4.83 -47.42
N GLU E 326 -15.75 -4.29 -48.62
CA GLU E 326 -14.88 -3.22 -49.09
C GLU E 326 -14.92 -2.02 -48.17
N LEU E 327 -16.13 -1.58 -47.79
CA LEU E 327 -16.23 -0.42 -46.90
C LEU E 327 -15.43 -0.63 -45.62
N PHE E 328 -15.56 -1.80 -44.99
CA PHE E 328 -14.95 -1.94 -43.67
C PHE E 328 -13.46 -2.23 -43.75
N ALA E 329 -13.01 -2.86 -44.84
CA ALA E 329 -11.58 -2.91 -45.12
C ALA E 329 -11.01 -1.49 -45.25
N THR E 330 -11.69 -0.66 -46.05
CA THR E 330 -11.25 0.73 -46.21
C THR E 330 -11.21 1.44 -44.88
N ILE E 331 -12.24 1.23 -44.06
CA ILE E 331 -12.34 1.88 -42.76
C ILE E 331 -11.19 1.42 -41.87
N LYS E 332 -10.80 0.14 -41.97
CA LYS E 332 -9.72 -0.36 -41.12
C LYS E 332 -8.39 0.24 -41.54
N GLU E 333 -8.09 0.24 -42.84
CA GLU E 333 -6.86 0.87 -43.31
C GLU E 333 -6.79 2.34 -42.91
N LYS E 334 -7.87 3.08 -43.17
CA LYS E 334 -7.82 4.53 -42.98
C LYS E 334 -7.84 4.92 -41.52
N LEU E 335 -8.60 4.22 -40.70
CA LEU E 335 -8.84 4.69 -39.35
C LEU E 335 -8.25 3.83 -38.26
N GLY E 336 -7.76 2.62 -38.57
CA GLY E 336 -7.39 1.63 -37.58
C GLY E 336 -8.57 0.82 -37.08
N ASP E 337 -8.28 -0.12 -36.17
CA ASP E 337 -9.33 -0.86 -35.49
C ASP E 337 -10.22 0.07 -34.68
N LEU E 338 -11.54 -0.07 -34.84
CA LEU E 338 -12.46 0.89 -34.27
C LEU E 338 -13.44 0.21 -33.31
N PRO E 339 -13.83 0.90 -32.27
CA PRO E 339 -14.79 0.36 -31.27
C PRO E 339 -16.24 0.33 -31.73
N ILE E 340 -16.58 -0.62 -32.62
CA ILE E 340 -17.90 -0.69 -33.20
C ILE E 340 -18.64 -1.92 -32.67
N ILE E 341 -19.87 -1.72 -32.26
CA ILE E 341 -20.82 -2.79 -31.99
C ILE E 341 -21.78 -2.88 -33.17
N ALA E 342 -22.07 -4.09 -33.61
CA ALA E 342 -22.97 -4.32 -34.73
C ALA E 342 -24.30 -4.80 -34.17
N GLU E 343 -25.34 -3.98 -34.33
CA GLU E 343 -26.69 -4.48 -34.06
C GLU E 343 -27.10 -5.35 -35.23
N ASN E 344 -27.18 -6.67 -35.01
CA ASN E 344 -27.41 -7.66 -36.07
C ASN E 344 -28.75 -8.38 -35.93
N LEU E 345 -29.83 -7.62 -35.63
CA LEU E 345 -31.17 -8.17 -35.54
C LEU E 345 -31.77 -8.39 -36.95
N GLY E 346 -32.66 -9.37 -37.04
CA GLY E 346 -33.21 -9.76 -38.33
C GLY E 346 -32.58 -11.05 -38.82
N TYR E 347 -32.93 -11.39 -40.07
CA TYR E 347 -32.46 -12.64 -40.68
C TYR E 347 -31.05 -12.44 -41.24
N ILE E 348 -30.07 -12.99 -40.56
CA ILE E 348 -28.67 -12.83 -40.92
C ILE E 348 -28.28 -14.06 -41.74
N ASP E 349 -28.34 -13.93 -43.06
CA ASP E 349 -27.88 -15.00 -43.94
C ASP E 349 -26.36 -15.01 -43.98
N GLU E 350 -25.81 -16.01 -44.67
CA GLU E 350 -24.39 -16.27 -44.54
C GLU E 350 -23.52 -15.19 -45.17
N ARG E 351 -24.01 -14.45 -46.15
CA ARG E 351 -23.27 -13.26 -46.56
C ARG E 351 -23.11 -12.29 -45.40
N ALA E 352 -24.19 -11.98 -44.70
CA ALA E 352 -24.08 -11.08 -43.57
C ALA E 352 -23.25 -11.69 -42.46
N GLU E 353 -23.39 -13.01 -42.28
CA GLU E 353 -22.61 -13.72 -41.26
C GLU E 353 -21.12 -13.59 -41.53
N ARG E 354 -20.71 -13.73 -42.78
CA ARG E 354 -19.29 -13.60 -43.07
C ARG E 354 -18.83 -12.14 -43.01
N LEU E 355 -19.69 -11.18 -43.35
CA LEU E 355 -19.32 -9.77 -43.19
C LEU E 355 -19.05 -9.43 -41.72
N LEU E 356 -20.01 -9.76 -40.84
CA LEU E 356 -19.77 -9.61 -39.40
C LEU E 356 -18.50 -10.33 -38.97
N ALA E 357 -18.36 -11.61 -39.34
CA ALA E 357 -17.17 -12.35 -38.93
C ALA E 357 -15.88 -11.65 -39.36
N GLY E 358 -15.86 -11.07 -40.56
CA GLY E 358 -14.66 -10.44 -41.05
C GLY E 358 -14.29 -9.17 -40.30
N THR E 359 -15.29 -8.41 -39.86
CA THR E 359 -14.93 -7.21 -39.11
C THR E 359 -14.35 -7.58 -37.75
N GLY E 360 -14.91 -8.59 -37.09
CA GLY E 360 -14.56 -8.90 -35.73
C GLY E 360 -15.33 -8.14 -34.68
N PHE E 361 -16.17 -7.18 -35.08
CA PHE E 361 -16.98 -6.48 -34.11
C PHE E 361 -17.89 -7.48 -33.39
N PRO E 362 -18.14 -7.30 -32.10
CA PRO E 362 -19.21 -8.04 -31.43
C PRO E 362 -20.57 -7.80 -32.07
N GLY E 363 -21.44 -8.79 -31.95
CA GLY E 363 -22.84 -8.65 -32.27
C GLY E 363 -23.67 -8.47 -31.02
N MET E 364 -24.97 -8.59 -31.18
CA MET E 364 -25.90 -8.47 -30.08
C MET E 364 -26.69 -9.75 -29.86
N LYS E 365 -27.02 -10.03 -28.61
CA LYS E 365 -28.04 -10.98 -28.26
C LYS E 365 -29.07 -10.24 -27.42
N ILE E 366 -30.35 -10.47 -27.72
CA ILE E 366 -31.44 -9.86 -26.97
C ILE E 366 -32.22 -11.00 -26.34
N MET E 367 -32.08 -11.16 -25.01
CA MET E 367 -32.63 -12.32 -24.34
C MET E 367 -34.13 -12.47 -24.56
N GLU E 368 -34.86 -11.36 -24.70
CA GLU E 368 -36.31 -11.43 -24.85
C GLU E 368 -36.73 -12.20 -26.11
N PHE E 369 -35.91 -12.20 -27.15
CA PHE E 369 -36.20 -12.99 -28.34
C PHE E 369 -35.99 -14.49 -28.14
N GLY E 370 -35.34 -14.90 -27.05
CA GLY E 370 -34.82 -16.23 -26.94
C GLY E 370 -35.68 -17.29 -26.31
N PHE E 371 -36.91 -16.98 -25.91
CA PHE E 371 -37.70 -17.93 -25.12
C PHE E 371 -39.03 -18.33 -25.75
N TYR E 372 -39.40 -17.77 -26.91
CA TYR E 372 -40.65 -18.16 -27.51
C TYR E 372 -40.63 -19.63 -27.93
N ASP E 373 -39.48 -20.10 -28.38
CA ASP E 373 -39.28 -21.48 -28.79
C ASP E 373 -38.78 -22.26 -27.58
N THR E 374 -39.66 -23.05 -26.98
CA THR E 374 -39.31 -23.79 -25.77
C THR E 374 -38.50 -25.06 -26.05
N THR E 375 -38.13 -25.32 -27.30
CA THR E 375 -37.17 -26.39 -27.57
C THR E 375 -35.77 -25.99 -27.12
N GLY E 376 -35.53 -24.70 -26.85
CA GLY E 376 -34.21 -24.23 -26.48
C GLY E 376 -33.30 -23.94 -27.65
N ASN E 377 -33.83 -23.84 -28.87
CA ASN E 377 -33.03 -23.79 -30.07
C ASN E 377 -32.81 -22.38 -30.61
N SER E 378 -33.37 -21.38 -29.95
CA SER E 378 -33.22 -20.01 -30.44
C SER E 378 -31.77 -19.56 -30.32
N ILE E 379 -31.25 -18.90 -31.35
CA ILE E 379 -29.90 -18.35 -31.25
C ILE E 379 -29.79 -17.24 -30.23
N ASP E 380 -30.93 -16.75 -29.72
CA ASP E 380 -30.95 -15.69 -28.72
C ASP E 380 -31.03 -16.19 -27.28
N ILE E 381 -31.15 -17.50 -27.06
CA ILE E 381 -31.24 -18.09 -25.71
C ILE E 381 -29.84 -18.12 -25.09
N PRO E 382 -29.71 -17.98 -23.75
CA PRO E 382 -28.37 -17.83 -23.12
C PRO E 382 -27.28 -18.83 -23.50
N HIS E 383 -27.58 -20.13 -23.61
CA HIS E 383 -26.49 -21.09 -23.81
C HIS E 383 -25.89 -21.04 -25.21
N ASN E 384 -26.53 -20.37 -26.15
CA ASN E 384 -25.91 -20.25 -27.45
C ASN E 384 -25.02 -19.01 -27.56
N TYR E 385 -24.76 -18.32 -26.45
CA TYR E 385 -23.99 -17.09 -26.62
C TYR E 385 -22.51 -17.42 -26.75
N THR E 386 -21.77 -16.50 -27.38
CA THR E 386 -20.33 -16.52 -27.44
C THR E 386 -19.76 -15.33 -26.65
N GLU E 387 -18.44 -15.36 -26.48
CA GLU E 387 -17.79 -14.29 -25.72
C GLU E 387 -17.90 -12.95 -26.43
N ASN E 388 -17.74 -12.94 -27.76
CA ASN E 388 -17.71 -11.70 -28.54
C ASN E 388 -19.12 -11.23 -28.91
N THR E 389 -19.91 -10.91 -27.89
CA THR E 389 -21.24 -10.35 -28.05
C THR E 389 -21.48 -9.37 -26.91
N ILE E 390 -22.42 -8.47 -27.14
CA ILE E 390 -22.99 -7.65 -26.08
C ILE E 390 -24.44 -8.12 -25.93
N ALA E 391 -24.86 -8.36 -24.70
CA ALA E 391 -26.16 -8.97 -24.44
C ALA E 391 -27.07 -7.98 -23.71
N TYR E 392 -28.32 -7.90 -24.15
CA TYR E 392 -29.37 -7.09 -23.55
C TYR E 392 -30.49 -8.04 -23.15
N ALA E 393 -31.17 -7.73 -22.05
CA ALA E 393 -32.48 -8.34 -21.82
C ALA E 393 -33.46 -7.88 -22.90
N GLY E 394 -33.70 -6.58 -22.94
CA GLY E 394 -34.31 -5.97 -24.10
C GLY E 394 -33.59 -4.67 -24.37
N THR E 395 -33.79 -4.16 -25.56
CA THR E 395 -33.30 -2.85 -25.93
C THR E 395 -34.47 -1.86 -25.90
N HIS E 396 -34.19 -0.59 -26.26
CA HIS E 396 -35.23 0.45 -26.28
C HIS E 396 -36.34 0.16 -27.28
N ASP E 397 -36.08 -0.65 -28.31
CA ASP E 397 -37.10 -1.02 -29.27
C ASP E 397 -38.01 -2.13 -28.74
N ASN E 398 -37.80 -2.58 -27.50
CA ASN E 398 -38.42 -3.77 -26.96
C ASN E 398 -39.28 -3.43 -25.75
N GLU E 399 -40.15 -4.38 -25.39
CA GLU E 399 -40.89 -4.30 -24.15
C GLU E 399 -39.93 -4.24 -22.96
N VAL E 400 -40.38 -3.65 -21.87
CA VAL E 400 -39.65 -3.85 -20.63
C VAL E 400 -39.87 -5.29 -20.18
N ILE E 401 -38.99 -5.78 -19.29
CA ILE E 401 -39.07 -7.20 -18.89
C ILE E 401 -40.46 -7.52 -18.38
N ASN E 402 -41.08 -6.59 -17.65
CA ASN E 402 -42.40 -6.85 -17.09
C ASN E 402 -43.45 -7.07 -18.19
N GLY E 403 -43.41 -6.29 -19.27
CA GLY E 403 -44.37 -6.50 -20.35
C GLY E 403 -44.10 -7.77 -21.13
N TRP E 404 -42.82 -8.05 -21.40
CA TRP E 404 -42.42 -9.24 -22.16
C TRP E 404 -42.85 -10.52 -21.44
N PHE E 405 -42.55 -10.64 -20.15
CA PHE E 405 -42.99 -11.82 -19.40
C PHE E 405 -44.49 -12.07 -19.59
N GLU E 406 -45.29 -11.01 -19.55
CA GLU E 406 -46.74 -11.15 -19.51
C GLU E 406 -47.38 -11.26 -20.88
N ASN E 407 -46.65 -11.09 -21.98
CA ASN E 407 -47.26 -11.57 -23.23
C ASN E 407 -46.91 -13.02 -23.59
N LEU E 408 -46.00 -13.67 -22.87
CA LEU E 408 -45.72 -15.08 -23.12
C LEU E 408 -46.95 -15.96 -22.90
N THR E 409 -47.06 -17.02 -23.69
CA THR E 409 -48.06 -18.05 -23.39
C THR E 409 -47.72 -18.70 -22.06
N VAL E 410 -48.67 -19.49 -21.54
CA VAL E 410 -48.42 -20.10 -20.24
C VAL E 410 -47.29 -21.13 -20.33
N GLU E 411 -47.13 -21.78 -21.49
CA GLU E 411 -46.00 -22.70 -21.68
C GLU E 411 -44.69 -21.95 -21.74
N GLN E 412 -44.64 -20.87 -22.52
CA GLN E 412 -43.43 -20.07 -22.57
C GLN E 412 -43.10 -19.51 -21.20
N LYS E 413 -44.10 -19.07 -20.44
CA LYS E 413 -43.85 -18.65 -19.07
C LYS E 413 -43.16 -19.76 -18.27
N ALA E 414 -43.75 -20.96 -18.26
CA ALA E 414 -43.23 -22.01 -17.39
C ALA E 414 -41.82 -22.44 -17.82
N TYR E 415 -41.59 -22.53 -19.14
CA TYR E 415 -40.25 -22.83 -19.65
C TYR E 415 -39.24 -21.77 -19.22
N ALA E 416 -39.60 -20.49 -19.33
CA ALA E 416 -38.68 -19.43 -18.93
C ALA E 416 -38.38 -19.49 -17.43
N GLU E 417 -39.39 -19.75 -16.63
CA GLU E 417 -39.17 -19.78 -15.18
C GLU E 417 -38.31 -20.98 -14.80
N ASN E 418 -38.55 -22.12 -15.46
CA ASN E 418 -37.69 -23.29 -15.30
C ASN E 418 -36.24 -22.95 -15.62
N TYR E 419 -36.00 -22.49 -16.85
CA TYR E 419 -34.67 -22.14 -17.33
C TYR E 419 -33.94 -21.20 -16.38
N MET E 420 -34.51 -20.02 -16.17
CA MET E 420 -33.77 -18.99 -15.43
C MET E 420 -33.74 -19.23 -13.92
N ARG E 421 -34.30 -20.35 -13.44
CA ARG E 421 -34.29 -20.71 -12.02
C ARG E 421 -34.96 -19.60 -11.21
N ARG E 422 -36.18 -19.29 -11.60
CA ARG E 422 -36.92 -18.26 -10.91
C ARG E 422 -37.23 -18.73 -9.49
N LEU E 423 -36.75 -17.98 -8.50
CA LEU E 423 -37.12 -18.25 -7.12
C LEU E 423 -38.62 -17.97 -6.93
N PRO E 424 -39.20 -18.42 -5.82
CA PRO E 424 -40.61 -18.11 -5.57
C PRO E 424 -40.76 -16.70 -5.01
N ASN E 425 -41.65 -15.93 -5.65
CA ASN E 425 -41.97 -14.55 -5.26
C ASN E 425 -40.75 -13.64 -5.34
N GLU E 426 -39.86 -13.92 -6.29
CA GLU E 426 -38.78 -13.04 -6.71
C GLU E 426 -39.20 -12.36 -8.01
N PRO E 427 -39.03 -11.04 -8.13
CA PRO E 427 -39.49 -10.35 -9.34
C PRO E 427 -38.85 -10.91 -10.61
N ILE E 428 -39.63 -10.95 -11.69
CA ILE E 428 -39.13 -11.46 -12.96
C ILE E 428 -37.97 -10.61 -13.48
N THR E 429 -38.02 -9.30 -13.23
CA THR E 429 -36.92 -8.43 -13.62
C THR E 429 -35.60 -8.89 -13.02
N GLU E 430 -35.60 -9.21 -11.73
CA GLU E 430 -34.36 -9.58 -11.05
C GLU E 430 -33.87 -10.96 -11.51
N THR E 431 -34.80 -11.90 -11.72
CA THR E 431 -34.46 -13.18 -12.36
C THR E 431 -33.71 -12.94 -13.65
N VAL E 432 -34.37 -12.25 -14.59
CA VAL E 432 -33.82 -12.12 -15.94
C VAL E 432 -32.48 -11.41 -15.89
N LEU E 433 -32.32 -10.43 -15.00
CA LEU E 433 -31.05 -9.71 -14.94
C LEU E 433 -29.94 -10.58 -14.38
N ARG E 434 -30.26 -11.44 -13.40
CA ARG E 434 -29.27 -12.37 -12.92
C ARG E 434 -28.82 -13.31 -14.03
N THR E 435 -29.79 -13.89 -14.76
CA THR E 435 -29.45 -14.75 -15.89
C THR E 435 -28.53 -14.02 -16.89
N LEU E 436 -29.00 -12.90 -17.44
CA LEU E 436 -28.21 -12.10 -18.37
C LEU E 436 -26.79 -11.89 -17.89
N TYR E 437 -26.63 -11.51 -16.63
CA TYR E 437 -25.27 -11.27 -16.17
C TYR E 437 -24.43 -12.57 -16.11
N ALA E 438 -25.09 -13.73 -15.98
CA ALA E 438 -24.38 -15.00 -15.85
C ALA E 438 -23.78 -15.53 -17.15
N THR E 439 -24.08 -14.92 -18.31
CA THR E 439 -23.73 -15.43 -19.63
C THR E 439 -22.26 -15.18 -19.97
N VAL E 440 -21.74 -15.99 -20.90
CA VAL E 440 -20.37 -15.83 -21.35
C VAL E 440 -20.12 -14.52 -22.07
N SER E 441 -21.16 -13.74 -22.39
CA SER E 441 -21.00 -12.47 -23.09
C SER E 441 -20.00 -11.57 -22.38
N GLN E 442 -19.10 -10.95 -23.13
CA GLN E 442 -18.08 -10.04 -22.52
C GLN E 442 -18.74 -8.79 -21.97
N THR E 443 -19.92 -8.44 -22.46
CA THR E 443 -20.57 -7.25 -21.98
C THR E 443 -22.07 -7.48 -21.92
N THR E 444 -22.69 -7.00 -20.85
CA THR E 444 -24.14 -7.06 -20.63
C THR E 444 -24.61 -5.68 -20.29
N ILE E 445 -25.68 -5.24 -20.93
CA ILE E 445 -26.27 -3.93 -20.68
C ILE E 445 -27.68 -4.12 -20.16
N THR E 446 -27.98 -3.46 -19.03
CA THR E 446 -29.29 -3.43 -18.40
C THR E 446 -30.07 -2.21 -18.84
N CYS E 447 -31.39 -2.34 -19.00
CA CYS E 447 -32.24 -1.15 -19.09
C CYS E 447 -32.46 -0.58 -17.70
N MET E 448 -32.54 0.76 -17.59
CA MET E 448 -32.89 1.35 -16.30
C MET E 448 -34.35 1.05 -15.94
N GLN E 449 -35.22 0.90 -16.94
CA GLN E 449 -36.58 0.43 -16.69
C GLN E 449 -36.60 -0.84 -15.88
N ASP E 450 -35.84 -1.85 -16.31
CA ASP E 450 -35.90 -3.16 -15.66
C ASP E 450 -35.18 -3.17 -14.33
N LEU E 451 -34.24 -2.24 -14.12
CA LEU E 451 -33.62 -2.05 -12.82
C LEU E 451 -34.52 -1.32 -11.83
N LEU E 452 -35.56 -0.65 -12.30
CA LEU E 452 -36.52 -0.02 -11.41
C LEU E 452 -37.87 -0.73 -11.40
N ASP E 453 -37.95 -1.95 -11.92
CA ASP E 453 -39.17 -2.76 -11.87
C ASP E 453 -40.38 -2.00 -12.43
N LYS E 454 -40.14 -1.10 -13.37
CA LYS E 454 -41.18 -0.24 -13.91
C LYS E 454 -42.15 -1.03 -14.81
N PRO E 455 -43.40 -0.61 -14.89
CA PRO E 455 -44.40 -1.42 -15.59
C PRO E 455 -44.27 -1.42 -17.12
N ALA E 456 -45.24 -2.04 -17.80
CA ALA E 456 -45.18 -2.18 -19.24
C ALA E 456 -45.08 -0.82 -19.93
N ASP E 457 -45.88 0.16 -19.48
CA ASP E 457 -45.93 1.49 -20.12
C ASP E 457 -44.57 2.19 -20.16
N SER E 458 -43.54 1.60 -19.54
CA SER E 458 -42.21 2.18 -19.47
C SER E 458 -41.42 1.98 -20.74
N ARG E 459 -41.97 1.20 -21.67
CA ARG E 459 -41.33 1.00 -22.96
C ARG E 459 -40.94 2.34 -23.57
N MET E 460 -39.70 2.40 -24.04
CA MET E 460 -39.19 3.62 -24.63
C MET E 460 -39.73 3.85 -26.03
N ASN E 461 -39.98 2.79 -26.80
CA ASN E 461 -40.50 2.97 -28.14
C ASN E 461 -41.14 1.68 -28.65
N MET E 462 -42.38 1.79 -29.12
CA MET E 462 -43.01 0.68 -29.83
C MET E 462 -42.89 0.96 -31.31
N PRO E 463 -42.10 0.20 -32.06
CA PRO E 463 -41.79 0.56 -33.44
C PRO E 463 -43.03 0.65 -34.33
N ASN E 464 -42.98 1.58 -35.28
CA ASN E 464 -44.01 1.75 -36.30
C ASN E 464 -45.35 2.21 -35.68
N THR E 465 -45.25 3.10 -34.69
CA THR E 465 -46.39 3.66 -33.98
C THR E 465 -46.19 5.16 -33.86
N VAL E 466 -47.27 5.86 -33.56
CA VAL E 466 -47.33 7.30 -33.68
C VAL E 466 -47.67 7.83 -32.29
N GLY E 467 -46.66 8.31 -31.59
CA GLY E 467 -46.83 8.89 -30.28
C GLY E 467 -46.77 7.87 -29.17
N GLY E 468 -46.59 8.38 -27.94
CA GLY E 468 -46.30 7.59 -26.78
C GLY E 468 -44.85 7.17 -26.67
N ASN E 469 -44.01 7.51 -27.65
CA ASN E 469 -42.66 6.98 -27.75
C ASN E 469 -41.63 8.02 -27.32
N TRP E 470 -40.55 7.54 -26.70
CA TRP E 470 -39.40 8.36 -26.31
C TRP E 470 -39.72 9.30 -25.14
N GLN E 471 -40.66 8.94 -24.30
CA GLN E 471 -41.09 9.85 -23.27
C GLN E 471 -40.81 9.39 -21.86
N TRP E 472 -40.36 8.15 -21.66
CA TRP E 472 -40.19 7.66 -20.29
C TRP E 472 -39.07 8.42 -19.58
N ARG E 473 -39.35 8.81 -18.35
CA ARG E 473 -38.35 9.47 -17.50
C ARG E 473 -38.30 8.80 -16.14
N MET E 474 -37.19 9.03 -15.45
CA MET E 474 -36.80 8.31 -14.24
C MET E 474 -36.78 9.30 -13.09
N ARG E 475 -37.71 9.15 -12.14
CA ARG E 475 -37.76 9.99 -10.95
C ARG E 475 -36.55 9.74 -10.06
N LYS E 476 -35.85 10.80 -9.68
CA LYS E 476 -34.64 10.67 -8.85
C LYS E 476 -34.90 9.77 -7.64
N GLU E 477 -36.09 9.87 -7.06
CA GLU E 477 -36.42 9.15 -5.84
C GLU E 477 -36.50 7.64 -6.03
N ASP E 478 -36.64 7.16 -7.27
CA ASP E 478 -36.76 5.73 -7.52
C ASP E 478 -35.43 4.99 -7.39
N LEU E 479 -34.30 5.70 -7.52
CA LEU E 479 -32.97 5.11 -7.36
C LEU E 479 -32.68 4.89 -5.88
N THR E 480 -33.33 3.86 -5.33
CA THR E 480 -33.14 3.33 -3.98
C THR E 480 -31.68 2.93 -3.72
N GLU E 481 -31.36 2.72 -2.45
CA GLU E 481 -30.09 2.10 -2.11
C GLU E 481 -30.10 0.62 -2.44
N ASN E 482 -31.27 -0.03 -2.35
CA ASN E 482 -31.37 -1.46 -2.65
C ASN E 482 -31.36 -1.72 -4.13
N ARG E 483 -31.92 -0.80 -4.93
CA ARG E 483 -31.83 -0.98 -6.37
C ARG E 483 -30.40 -0.77 -6.86
N LYS E 484 -29.64 0.18 -6.28
CA LYS E 484 -28.22 0.25 -6.63
C LYS E 484 -27.47 -0.96 -6.09
N ALA E 485 -27.95 -1.51 -4.97
CA ALA E 485 -27.29 -2.66 -4.37
C ALA E 485 -27.41 -3.88 -5.27
N PHE E 486 -28.60 -4.07 -5.87
CA PHE E 486 -28.82 -5.20 -6.77
C PHE E 486 -27.84 -5.17 -7.95
N LEU E 487 -27.65 -3.99 -8.55
CA LEU E 487 -26.70 -3.84 -9.65
C LEU E 487 -25.28 -4.13 -9.19
N LYS E 488 -24.86 -3.58 -8.05
CA LYS E 488 -23.54 -3.94 -7.52
C LYS E 488 -23.43 -5.45 -7.30
N GLU E 489 -24.53 -6.07 -6.84
CA GLU E 489 -24.52 -7.49 -6.50
C GLU E 489 -24.31 -8.33 -7.75
N ILE E 490 -25.20 -8.18 -8.74
CA ILE E 490 -25.08 -9.02 -9.91
C ILE E 490 -23.81 -8.69 -10.69
N THR E 491 -23.38 -7.43 -10.72
CA THR E 491 -22.10 -7.13 -11.33
C THR E 491 -20.98 -7.89 -10.66
N THR E 492 -21.04 -8.03 -9.34
CA THR E 492 -19.93 -8.58 -8.59
C THR E 492 -19.95 -10.09 -8.60
N ILE E 493 -21.15 -10.67 -8.46
CA ILE E 493 -21.30 -12.11 -8.45
C ILE E 493 -20.76 -12.71 -9.73
N TYR E 494 -20.93 -12.01 -10.86
CA TYR E 494 -20.59 -12.57 -12.15
C TYR E 494 -19.31 -11.98 -12.73
N ASN E 495 -18.51 -11.32 -11.90
CA ASN E 495 -17.18 -10.81 -12.25
C ASN E 495 -17.23 -9.94 -13.50
N ARG E 496 -17.94 -8.81 -13.37
CA ARG E 496 -18.07 -7.79 -14.41
C ARG E 496 -17.66 -6.40 -13.95
N GLY E 497 -17.15 -6.34 -12.74
CA GLY E 497 -16.74 -5.07 -12.11
C GLY E 497 -15.67 -4.33 -12.86
N ASN E 498 -15.81 -3.01 -12.88
CA ASN E 498 -14.84 -2.05 -13.44
C ASN E 498 -14.56 -1.10 -12.29
N LYS E 499 -13.39 -1.18 -11.67
CA LYS E 499 -13.15 -0.31 -10.50
C LYS E 499 -11.98 0.62 -10.77
N LEU E 500 -11.93 1.72 -10.01
CA LEU E 500 -10.87 2.76 -10.06
C LEU E 500 -9.50 2.07 -10.12
N LYS F 4 -25.86 -30.52 -31.82
CA LYS F 4 -24.49 -30.24 -31.43
C LYS F 4 -24.27 -30.49 -29.94
N ARG F 5 -25.14 -29.89 -29.12
CA ARG F 5 -25.05 -29.95 -27.67
C ARG F 5 -25.51 -31.29 -27.14
N ALA F 6 -24.66 -31.94 -26.34
CA ALA F 6 -24.91 -33.30 -25.92
C ALA F 6 -24.74 -33.47 -24.41
N SER F 7 -25.14 -34.65 -23.96
CA SER F 7 -25.16 -34.96 -22.54
C SER F 7 -24.77 -36.41 -22.35
N GLY F 8 -24.31 -36.70 -21.15
CA GLY F 8 -23.89 -38.07 -20.91
C GLY F 8 -23.81 -38.33 -19.42
N VAL F 9 -23.67 -39.62 -19.11
CA VAL F 9 -23.57 -40.08 -17.73
C VAL F 9 -22.22 -40.77 -17.51
N LEU F 10 -21.55 -40.39 -16.42
CA LEU F 10 -20.32 -41.06 -15.98
C LEU F 10 -20.69 -42.20 -15.05
N MET F 11 -20.46 -43.42 -15.51
CA MET F 11 -20.93 -44.62 -14.83
C MET F 11 -20.02 -45.78 -15.21
N HIS F 12 -19.09 -46.12 -14.33
CA HIS F 12 -18.20 -47.22 -14.64
C HIS F 12 -18.98 -48.54 -14.67
N ILE F 13 -18.43 -49.51 -15.40
CA ILE F 13 -19.16 -50.76 -15.62
C ILE F 13 -19.24 -51.56 -14.34
N THR F 14 -18.15 -51.58 -13.56
CA THR F 14 -18.13 -52.24 -12.26
C THR F 14 -19.24 -51.75 -11.35
N SER F 15 -19.74 -50.54 -11.58
CA SER F 15 -20.69 -49.92 -10.69
C SER F 15 -22.13 -50.28 -11.02
N LEU F 16 -22.37 -50.94 -12.14
CA LEU F 16 -23.71 -51.39 -12.48
C LEU F 16 -24.28 -52.31 -11.41
N PRO F 17 -25.60 -52.41 -11.31
CA PRO F 17 -26.19 -53.45 -10.46
C PRO F 17 -26.00 -54.84 -11.06
N GLY F 18 -26.11 -55.86 -10.21
CA GLY F 18 -26.02 -57.23 -10.68
C GLY F 18 -25.80 -58.19 -9.53
N ASP F 19 -25.95 -59.48 -9.86
CA ASP F 19 -25.89 -60.55 -8.87
C ASP F 19 -24.51 -61.17 -8.74
N LEU F 20 -23.52 -60.73 -9.51
CA LEU F 20 -22.17 -61.30 -9.42
C LEU F 20 -21.22 -60.39 -8.67
N GLY F 21 -21.74 -59.55 -7.76
CA GLY F 21 -20.92 -58.73 -6.88
C GLY F 21 -20.19 -57.61 -7.55
N ILE F 22 -20.28 -57.49 -8.87
CA ILE F 22 -19.65 -56.44 -9.65
C ILE F 22 -20.43 -56.32 -10.94
N GLY F 23 -20.62 -55.10 -11.41
CA GLY F 23 -21.28 -54.93 -12.69
C GLY F 23 -20.43 -55.51 -13.80
N THR F 24 -21.10 -56.10 -14.80
CA THR F 24 -20.43 -56.76 -15.93
C THR F 24 -21.18 -56.39 -17.21
N PHE F 25 -20.82 -57.05 -18.31
CA PHE F 25 -21.36 -56.76 -19.64
C PHE F 25 -22.65 -57.50 -19.93
N GLY F 26 -23.37 -57.97 -18.94
CA GLY F 26 -24.59 -58.72 -19.14
C GLY F 26 -25.83 -57.87 -19.33
N ARG F 27 -26.96 -58.40 -18.87
CA ARG F 27 -28.25 -57.78 -19.14
C ARG F 27 -28.35 -56.39 -18.53
N GLU F 28 -27.72 -56.15 -17.37
CA GLU F 28 -27.88 -54.85 -16.76
C GLU F 28 -27.15 -53.75 -17.53
N ALA F 29 -26.05 -54.05 -18.20
CA ALA F 29 -25.44 -53.05 -19.07
C ALA F 29 -26.42 -52.65 -20.19
N TYR F 30 -27.04 -53.66 -20.82
CA TYR F 30 -28.05 -53.40 -21.84
C TYR F 30 -29.19 -52.55 -21.30
N ALA F 31 -29.62 -52.84 -20.06
CA ALA F 31 -30.67 -52.05 -19.44
C ALA F 31 -30.25 -50.59 -19.32
N PHE F 32 -29.00 -50.36 -18.91
CA PHE F 32 -28.49 -49.00 -18.75
C PHE F 32 -28.40 -48.27 -20.09
N VAL F 33 -28.06 -48.99 -21.16
CA VAL F 33 -28.06 -48.36 -22.48
C VAL F 33 -29.48 -47.92 -22.85
N ASP F 34 -30.46 -48.78 -22.55
CA ASP F 34 -31.86 -48.42 -22.80
C ASP F 34 -32.28 -47.22 -21.96
N PHE F 35 -31.78 -47.14 -20.72
CA PHE F 35 -32.05 -45.99 -19.86
C PHE F 35 -31.44 -44.71 -20.44
N LEU F 36 -30.27 -44.82 -21.06
CA LEU F 36 -29.68 -43.67 -21.73
C LEU F 36 -30.54 -43.24 -22.92
N VAL F 37 -31.11 -44.19 -23.67
CA VAL F 37 -32.01 -43.77 -24.74
C VAL F 37 -33.30 -43.17 -24.18
N GLU F 38 -33.80 -43.73 -23.08
CA GLU F 38 -34.99 -43.21 -22.41
C GLU F 38 -34.88 -41.71 -22.18
N THR F 39 -33.80 -41.29 -21.53
CA THR F 39 -33.56 -39.92 -21.11
C THR F 39 -32.81 -39.09 -22.16
N ASP F 40 -32.70 -39.60 -23.39
CA ASP F 40 -32.17 -38.86 -24.54
C ASP F 40 -30.69 -38.48 -24.38
N GLN F 41 -29.93 -39.38 -23.79
CA GLN F 41 -28.51 -39.14 -23.64
C GLN F 41 -27.76 -39.41 -24.95
N LYS F 42 -26.52 -38.96 -25.00
CA LYS F 42 -25.60 -39.34 -26.05
C LYS F 42 -24.49 -40.21 -25.53
N PHE F 43 -23.84 -39.80 -24.46
CA PHE F 43 -22.60 -40.44 -24.06
C PHE F 43 -22.77 -41.27 -22.79
N TRP F 44 -22.13 -42.43 -22.80
CA TRP F 44 -21.87 -43.21 -21.62
C TRP F 44 -20.36 -43.14 -21.41
N GLN F 45 -19.90 -42.57 -20.30
CA GLN F 45 -18.47 -42.47 -20.09
C GLN F 45 -18.05 -43.45 -19.01
N ILE F 46 -17.09 -44.30 -19.33
CA ILE F 46 -16.61 -45.31 -18.39
C ILE F 46 -15.15 -45.03 -18.06
N LEU F 47 -14.68 -45.68 -17.01
CA LEU F 47 -13.26 -45.73 -16.67
C LEU F 47 -12.60 -46.84 -17.47
N PRO F 48 -11.26 -46.90 -17.49
CA PRO F 48 -10.58 -47.88 -18.35
C PRO F 48 -11.01 -49.31 -18.05
N LEU F 49 -11.10 -50.11 -19.10
CA LEU F 49 -11.56 -51.48 -18.98
C LEU F 49 -10.45 -52.45 -18.65
N THR F 50 -9.27 -51.94 -18.27
CA THR F 50 -8.05 -52.71 -18.17
C THR F 50 -8.02 -53.52 -16.87
N THR F 51 -7.16 -54.55 -16.88
CA THR F 51 -6.89 -55.41 -15.72
C THR F 51 -6.55 -54.57 -14.50
N THR F 52 -6.94 -55.05 -13.32
CA THR F 52 -6.59 -54.35 -12.09
C THR F 52 -5.71 -55.24 -11.22
N SER F 53 -4.93 -54.59 -10.37
CA SER F 53 -4.03 -55.22 -9.43
C SER F 53 -4.52 -54.89 -8.01
N PHE F 54 -3.69 -55.22 -7.01
CA PHE F 54 -3.93 -54.74 -5.66
C PHE F 54 -4.10 -53.22 -5.68
N GLY F 55 -5.18 -52.73 -5.09
CA GLY F 55 -5.57 -51.34 -5.19
C GLY F 55 -6.81 -51.11 -6.04
N ASP F 56 -7.09 -52.01 -6.99
CA ASP F 56 -8.33 -52.04 -7.78
C ASP F 56 -8.48 -50.85 -8.71
N SER F 57 -7.54 -49.92 -8.68
CA SER F 57 -7.53 -48.82 -9.62
C SER F 57 -7.48 -49.35 -11.04
N PRO F 58 -8.38 -48.92 -11.93
CA PRO F 58 -8.24 -49.25 -13.35
C PRO F 58 -7.20 -48.43 -14.09
N TYR F 59 -6.31 -47.73 -13.39
CA TYR F 59 -5.21 -46.98 -13.99
C TYR F 59 -3.86 -47.58 -13.67
N GLN F 60 -3.83 -48.67 -12.92
CA GLN F 60 -2.63 -49.49 -12.72
C GLN F 60 -2.97 -50.88 -13.27
N SER F 61 -2.38 -51.23 -14.40
CA SER F 61 -2.81 -52.41 -15.15
C SER F 61 -1.62 -53.17 -15.70
N PHE F 62 -1.81 -54.49 -15.84
CA PHE F 62 -0.77 -55.34 -16.39
C PHE F 62 -0.58 -55.14 -17.90
N SER F 63 -1.55 -54.54 -18.62
CA SER F 63 -1.40 -54.32 -20.06
C SER F 63 -2.22 -53.10 -20.52
N ALA F 64 -1.78 -52.51 -21.63
CA ALA F 64 -2.46 -51.36 -22.21
C ALA F 64 -3.87 -51.70 -22.71
N VAL F 65 -4.07 -52.93 -23.18
CA VAL F 65 -5.32 -53.29 -23.82
C VAL F 65 -5.96 -54.56 -23.27
N ALA F 66 -5.28 -55.42 -22.52
CA ALA F 66 -5.97 -56.59 -21.99
C ALA F 66 -7.13 -56.18 -21.07
N GLY F 67 -8.27 -56.84 -21.22
CA GLY F 67 -9.46 -56.45 -20.47
C GLY F 67 -9.50 -57.04 -19.06
N ASN F 68 -10.13 -56.28 -18.15
CA ASN F 68 -10.42 -56.74 -16.80
C ASN F 68 -11.30 -57.98 -16.85
N THR F 69 -10.76 -59.11 -16.40
CA THR F 69 -11.51 -60.36 -16.42
C THR F 69 -12.78 -60.28 -15.57
N HIS F 70 -12.81 -59.40 -14.54
CA HIS F 70 -13.93 -59.33 -13.61
C HIS F 70 -15.23 -58.91 -14.27
N LEU F 71 -15.15 -58.20 -15.41
CA LEU F 71 -16.32 -57.66 -16.08
C LEU F 71 -16.93 -58.64 -17.08
N ILE F 72 -16.35 -59.84 -17.24
CA ILE F 72 -16.97 -60.90 -18.03
C ILE F 72 -18.21 -61.40 -17.29
N ASP F 73 -19.32 -61.51 -18.01
CA ASP F 73 -20.62 -61.84 -17.44
C ASP F 73 -20.91 -63.33 -17.58
N PHE F 74 -21.30 -63.97 -16.47
CA PHE F 74 -21.48 -65.43 -16.46
C PHE F 74 -22.77 -65.85 -17.18
N ASP F 75 -23.80 -65.00 -17.16
CA ASP F 75 -25.06 -65.34 -17.83
C ASP F 75 -24.89 -65.46 -19.33
N LEU F 76 -24.14 -64.53 -19.94
CA LEU F 76 -23.89 -64.63 -21.38
C LEU F 76 -23.11 -65.89 -21.70
N LEU F 77 -22.16 -66.25 -20.84
CA LEU F 77 -21.43 -67.49 -21.04
C LEU F 77 -22.35 -68.70 -20.91
N THR F 78 -23.41 -68.60 -20.09
CA THR F 78 -24.37 -69.69 -20.01
C THR F 78 -25.24 -69.76 -21.27
N LEU F 79 -25.62 -68.61 -21.81
CA LEU F 79 -26.40 -68.63 -23.05
C LEU F 79 -25.58 -69.14 -24.23
N GLU F 80 -24.25 -68.92 -24.22
CA GLU F 80 -23.41 -69.57 -25.23
C GLU F 80 -23.14 -71.04 -24.88
N GLY F 81 -23.42 -71.45 -23.65
CA GLY F 81 -23.43 -72.85 -23.29
C GLY F 81 -22.07 -73.37 -22.90
N PHE F 82 -21.28 -72.56 -22.22
CA PHE F 82 -19.96 -72.96 -21.76
C PHE F 82 -19.94 -73.34 -20.29
N ILE F 83 -20.87 -72.78 -19.52
CA ILE F 83 -21.17 -73.21 -18.17
C ILE F 83 -22.68 -73.18 -18.02
N SER F 84 -23.17 -73.43 -16.82
CA SER F 84 -24.55 -73.08 -16.53
C SER F 84 -24.70 -72.70 -15.07
N LYS F 85 -25.89 -72.20 -14.75
CA LYS F 85 -26.10 -71.36 -13.58
C LYS F 85 -25.74 -72.06 -12.28
N ASP F 86 -25.84 -73.39 -12.24
CA ASP F 86 -25.41 -74.15 -11.07
C ASP F 86 -23.92 -74.04 -10.81
N ASP F 87 -23.14 -73.50 -11.74
CA ASP F 87 -21.72 -73.32 -11.52
C ASP F 87 -21.39 -72.05 -10.73
N TYR F 88 -22.25 -71.03 -10.76
CA TYR F 88 -21.99 -69.78 -10.04
C TYR F 88 -23.14 -69.22 -9.20
N GLN F 89 -24.41 -69.52 -9.53
CA GLN F 89 -25.55 -68.77 -9.00
C GLN F 89 -25.75 -68.99 -7.49
N ASN F 90 -24.89 -69.80 -6.88
CA ASN F 90 -24.94 -70.02 -5.44
C ASN F 90 -23.68 -69.52 -4.73
N ILE F 91 -22.73 -68.94 -5.45
CA ILE F 91 -21.60 -68.25 -4.85
C ILE F 91 -22.07 -66.88 -4.36
N SER F 92 -21.82 -66.58 -3.10
CA SER F 92 -22.05 -65.23 -2.61
C SER F 92 -20.77 -64.44 -2.86
N PHE F 93 -20.89 -63.39 -3.67
CA PHE F 93 -19.72 -62.62 -4.07
C PHE F 93 -19.52 -61.37 -3.22
N GLY F 94 -20.49 -60.98 -2.41
CA GLY F 94 -20.34 -59.80 -1.58
C GLY F 94 -21.47 -59.53 -0.61
N GLN F 95 -21.15 -58.94 0.54
CA GLN F 95 -22.17 -58.56 1.51
C GLN F 95 -23.14 -57.53 0.96
N ASP F 96 -22.63 -56.29 0.69
CA ASP F 96 -23.39 -55.11 0.27
C ASP F 96 -23.49 -55.04 -1.25
N PRO F 97 -24.68 -54.82 -1.80
CA PRO F 97 -24.78 -54.58 -3.25
C PRO F 97 -24.30 -53.20 -3.66
N GLU F 98 -24.13 -52.29 -2.71
CA GLU F 98 -23.55 -50.97 -2.95
C GLU F 98 -22.02 -50.96 -2.82
N VAL F 99 -21.38 -52.12 -2.62
CA VAL F 99 -19.95 -52.17 -2.36
C VAL F 99 -19.38 -53.39 -3.08
N VAL F 100 -18.30 -53.18 -3.83
CA VAL F 100 -17.59 -54.27 -4.49
C VAL F 100 -16.61 -54.84 -3.47
N ASP F 101 -16.72 -56.15 -3.23
CA ASP F 101 -15.74 -56.86 -2.41
C ASP F 101 -14.68 -57.43 -3.35
N TYR F 102 -13.71 -56.58 -3.67
CA TYR F 102 -12.65 -56.98 -4.59
C TYR F 102 -11.79 -58.10 -4.02
N ALA F 103 -11.60 -58.12 -2.70
CA ALA F 103 -10.88 -59.21 -2.04
C ALA F 103 -11.60 -60.54 -2.28
N GLY F 104 -10.82 -61.55 -2.68
CA GLY F 104 -11.37 -62.87 -2.97
C GLY F 104 -12.31 -62.94 -4.15
N LEU F 105 -12.66 -61.81 -4.77
CA LEU F 105 -13.41 -61.84 -6.01
C LEU F 105 -12.66 -62.63 -7.09
N PHE F 106 -11.33 -62.45 -7.17
CA PHE F 106 -10.52 -63.26 -8.08
C PHE F 106 -10.63 -64.74 -7.71
N GLU F 107 -10.47 -65.04 -6.41
CA GLU F 107 -10.51 -66.43 -5.95
C GLU F 107 -11.84 -67.09 -6.26
N LYS F 108 -12.95 -66.34 -6.18
CA LYS F 108 -14.27 -66.93 -6.42
C LYS F 108 -14.61 -67.01 -7.90
N ARG F 109 -14.25 -65.98 -8.67
CA ARG F 109 -14.58 -65.96 -10.09
C ARG F 109 -13.74 -66.94 -10.89
N ARG F 110 -12.56 -67.32 -10.37
CA ARG F 110 -11.63 -68.09 -11.19
C ARG F 110 -12.12 -69.48 -11.55
N PRO F 111 -12.58 -70.32 -10.61
CA PRO F 111 -12.99 -71.67 -11.01
C PRO F 111 -14.07 -71.66 -12.08
N VAL F 112 -15.01 -70.70 -11.99
CA VAL F 112 -16.07 -70.60 -12.99
C VAL F 112 -15.47 -70.32 -14.36
N LEU F 113 -14.53 -69.39 -14.44
CA LEU F 113 -13.95 -69.08 -15.74
C LEU F 113 -13.16 -70.27 -16.28
N GLU F 114 -12.47 -71.03 -15.41
CA GLU F 114 -11.71 -72.17 -15.91
C GLU F 114 -12.64 -73.21 -16.52
N LYS F 115 -13.79 -73.44 -15.89
CA LYS F 115 -14.73 -74.39 -16.49
C LYS F 115 -15.29 -73.84 -17.78
N ALA F 116 -15.56 -72.53 -17.82
CA ALA F 116 -15.96 -71.88 -19.07
C ALA F 116 -14.94 -72.11 -20.19
N VAL F 117 -13.65 -71.97 -19.87
CA VAL F 117 -12.61 -72.06 -20.89
C VAL F 117 -12.44 -73.51 -21.36
N LYS F 118 -12.38 -74.44 -20.41
CA LYS F 118 -12.32 -75.85 -20.77
C LYS F 118 -13.46 -76.22 -21.68
N ASN F 119 -14.64 -75.66 -21.44
CA ASN F 119 -15.79 -76.00 -22.27
C ASN F 119 -15.76 -75.28 -23.62
N PHE F 120 -15.23 -74.06 -23.69
CA PHE F 120 -15.02 -73.44 -24.99
C PHE F 120 -14.06 -74.26 -25.83
N LEU F 121 -12.98 -74.76 -25.22
CA LEU F 121 -11.95 -75.48 -25.96
C LEU F 121 -12.51 -76.77 -26.58
N LYS F 122 -13.48 -77.40 -25.91
CA LYS F 122 -14.01 -78.65 -26.42
C LYS F 122 -14.91 -78.46 -27.64
N GLU F 123 -15.22 -77.23 -28.01
CA GLU F 123 -16.15 -77.07 -29.13
C GLU F 123 -15.43 -77.34 -30.45
N GLU F 124 -16.23 -77.52 -31.50
CA GLU F 124 -15.76 -77.98 -32.80
C GLU F 124 -14.68 -77.09 -33.39
N ARG F 125 -15.02 -75.84 -33.67
CA ARG F 125 -14.14 -74.95 -34.40
C ARG F 125 -13.39 -73.99 -33.48
N ALA F 126 -13.23 -74.36 -32.21
CA ALA F 126 -12.56 -73.52 -31.22
C ALA F 126 -11.19 -73.09 -31.72
N THR F 127 -10.41 -74.05 -32.21
CA THR F 127 -9.09 -73.79 -32.77
C THR F 127 -9.09 -72.58 -33.71
N ARG F 128 -10.09 -72.51 -34.60
CA ARG F 128 -10.09 -71.42 -35.57
C ARG F 128 -10.70 -70.16 -34.98
N MET F 129 -11.70 -70.31 -34.12
CA MET F 129 -12.30 -69.14 -33.48
C MET F 129 -11.24 -68.35 -32.75
N LEU F 130 -10.31 -69.04 -32.09
CA LEU F 130 -9.25 -68.35 -31.38
C LEU F 130 -8.30 -67.64 -32.34
N SER F 131 -7.94 -68.27 -33.47
CA SER F 131 -6.88 -67.69 -34.29
C SER F 131 -7.36 -66.42 -35.00
N ASP F 132 -8.59 -66.43 -35.55
CA ASP F 132 -9.19 -65.20 -36.03
C ASP F 132 -9.27 -64.13 -34.95
N PHE F 133 -9.49 -64.53 -33.69
CA PHE F 133 -9.37 -63.56 -32.61
C PHE F 133 -7.93 -63.08 -32.49
N LEU F 134 -6.98 -64.02 -32.41
CA LEU F 134 -5.61 -63.61 -32.10
C LEU F 134 -5.01 -62.75 -33.22
N GLN F 135 -5.43 -62.94 -34.47
CA GLN F 135 -4.87 -62.08 -35.51
C GLN F 135 -5.39 -60.66 -35.43
N GLU F 136 -6.55 -60.42 -34.81
CA GLU F 136 -7.02 -59.05 -34.59
C GLU F 136 -6.60 -58.49 -33.25
N GLU F 137 -6.07 -59.32 -32.35
CA GLU F 137 -5.58 -58.94 -31.03
C GLU F 137 -4.22 -59.59 -30.78
N LYS F 138 -3.28 -59.35 -31.70
CA LYS F 138 -1.98 -60.05 -31.74
C LYS F 138 -1.15 -59.94 -30.45
N TRP F 139 -1.55 -59.11 -29.47
CA TRP F 139 -0.85 -58.96 -28.19
C TRP F 139 -1.29 -59.98 -27.14
N VAL F 140 -2.43 -60.63 -27.34
CA VAL F 140 -3.05 -61.48 -26.33
C VAL F 140 -2.07 -62.51 -25.81
N THR F 141 -1.24 -63.09 -26.69
CA THR F 141 -0.45 -64.25 -26.29
C THR F 141 0.70 -63.83 -25.38
N ASP F 142 1.34 -62.69 -25.66
CA ASP F 142 2.40 -62.19 -24.77
C ASP F 142 1.80 -61.77 -23.43
N PHE F 143 0.60 -61.20 -23.45
CA PHE F 143 -0.09 -60.90 -22.19
C PHE F 143 -0.38 -62.19 -21.42
N ALA F 144 -0.79 -63.24 -22.12
CA ALA F 144 -1.10 -64.52 -21.47
C ALA F 144 0.15 -65.14 -20.85
N GLU F 145 1.28 -65.08 -21.55
CA GLU F 145 2.52 -65.60 -20.99
C GLU F 145 2.91 -64.82 -19.74
N PHE F 146 2.76 -63.49 -19.79
CA PHE F 146 3.13 -62.66 -18.64
C PHE F 146 2.22 -62.96 -17.44
N MET F 147 0.92 -63.16 -17.70
CA MET F 147 0.02 -63.43 -16.59
C MET F 147 0.29 -64.79 -15.96
N ALA F 148 0.59 -65.80 -16.80
CA ALA F 148 0.87 -67.15 -16.32
C ALA F 148 2.15 -67.18 -15.50
N ILE F 149 3.21 -66.54 -15.99
CA ILE F 149 4.45 -66.47 -15.25
C ILE F 149 4.25 -65.70 -13.95
N LYS F 150 3.44 -64.62 -13.98
CA LYS F 150 3.14 -63.87 -12.76
C LYS F 150 2.49 -64.76 -11.72
N GLU F 151 1.50 -65.55 -12.12
CA GLU F 151 0.86 -66.47 -11.19
C GLU F 151 1.81 -67.59 -10.76
N HIS F 152 2.76 -67.95 -11.62
CA HIS F 152 3.70 -69.00 -11.26
C HIS F 152 4.58 -68.55 -10.10
N PHE F 153 4.98 -67.28 -10.09
CA PHE F 153 5.76 -66.73 -9.00
C PHE F 153 4.88 -66.20 -7.87
N GLY F 154 3.66 -66.69 -7.76
CA GLY F 154 2.76 -66.24 -6.71
C GLY F 154 2.35 -64.77 -6.75
N ASN F 155 2.18 -64.23 -7.96
CA ASN F 155 1.66 -62.87 -8.20
C ASN F 155 2.63 -61.76 -7.81
N LYS F 156 3.88 -62.07 -7.46
CA LYS F 156 4.87 -61.02 -7.25
C LYS F 156 4.99 -60.15 -8.50
N ALA F 157 5.42 -58.91 -8.32
CA ALA F 157 5.53 -58.03 -9.48
C ALA F 157 6.72 -58.43 -10.33
N LEU F 158 6.67 -58.03 -11.61
CA LEU F 158 7.68 -58.46 -12.59
C LEU F 158 9.10 -58.29 -12.07
N GLN F 159 9.39 -57.16 -11.43
CA GLN F 159 10.74 -56.87 -10.96
C GLN F 159 11.17 -57.72 -9.76
N GLU F 160 10.26 -58.48 -9.17
CA GLU F 160 10.57 -59.35 -8.03
C GLU F 160 10.45 -60.85 -8.35
N TRP F 161 10.30 -61.20 -9.63
CA TRP F 161 10.31 -62.60 -10.04
C TRP F 161 11.64 -63.25 -9.69
N ASP F 162 11.58 -64.49 -9.21
CA ASP F 162 12.77 -65.16 -8.68
C ASP F 162 13.81 -65.41 -9.78
N ASP F 163 13.41 -66.11 -10.84
CA ASP F 163 14.31 -66.38 -11.96
C ASP F 163 14.53 -65.09 -12.74
N LYS F 164 15.78 -64.67 -12.87
CA LYS F 164 16.03 -63.40 -13.54
C LYS F 164 16.32 -63.58 -15.03
N ALA F 165 16.56 -64.80 -15.49
CA ALA F 165 16.64 -65.00 -16.94
C ALA F 165 15.28 -64.81 -17.59
N ILE F 166 14.20 -65.11 -16.87
CA ILE F 166 12.90 -64.95 -17.48
C ILE F 166 12.40 -63.51 -17.37
N ILE F 167 12.97 -62.71 -16.46
CA ILE F 167 12.67 -61.29 -16.48
C ILE F 167 13.35 -60.63 -17.68
N ARG F 168 14.56 -61.06 -18.01
CA ARG F 168 15.27 -60.45 -19.13
C ARG F 168 14.88 -61.04 -20.48
N ARG F 169 13.96 -62.01 -20.50
CA ARG F 169 13.44 -62.59 -21.74
C ARG F 169 14.53 -63.30 -22.55
N GLU F 170 15.34 -64.10 -21.85
CA GLU F 170 16.24 -65.02 -22.54
C GLU F 170 15.41 -66.10 -23.26
N GLU F 171 15.65 -66.28 -24.55
CA GLU F 171 14.73 -67.09 -25.33
C GLU F 171 14.77 -68.56 -24.95
N GLU F 172 15.82 -69.01 -24.28
CA GLU F 172 15.86 -70.37 -23.76
C GLU F 172 14.93 -70.52 -22.56
N ALA F 173 15.00 -69.57 -21.62
CA ALA F 173 14.09 -69.59 -20.48
C ALA F 173 12.65 -69.35 -20.93
N LEU F 174 12.47 -68.47 -21.91
CA LEU F 174 11.15 -68.29 -22.50
C LEU F 174 10.61 -69.63 -22.99
N ALA F 175 11.41 -70.36 -23.77
CA ALA F 175 10.95 -71.62 -24.33
C ALA F 175 10.63 -72.64 -23.24
N GLY F 176 11.28 -72.54 -22.07
CA GLY F 176 10.92 -73.44 -20.99
C GLY F 176 9.60 -73.07 -20.31
N TYR F 177 9.45 -71.80 -19.93
CA TYR F 177 8.22 -71.38 -19.25
C TYR F 177 7.01 -71.58 -20.15
N ARG F 178 7.17 -71.34 -21.46
CA ARG F 178 6.04 -71.48 -22.37
C ARG F 178 5.54 -72.91 -22.39
N GLN F 179 6.46 -73.86 -22.18
CA GLN F 179 6.13 -75.28 -22.12
C GLN F 179 5.44 -75.63 -20.80
N LYS F 180 6.11 -75.33 -19.68
CA LYS F 180 5.59 -75.75 -18.37
C LYS F 180 4.15 -75.30 -18.15
N LEU F 181 3.76 -74.14 -18.70
CA LEU F 181 2.56 -73.43 -18.28
C LEU F 181 1.52 -73.29 -19.38
N SER F 182 1.66 -74.02 -20.50
CA SER F 182 0.88 -73.73 -21.71
C SER F 182 -0.63 -73.79 -21.49
N GLU F 183 -1.10 -74.45 -20.42
CA GLU F 183 -2.53 -74.49 -20.16
C GLU F 183 -3.03 -73.20 -19.49
N VAL F 184 -2.24 -72.63 -18.60
CA VAL F 184 -2.60 -71.33 -18.04
C VAL F 184 -2.54 -70.24 -19.12
N ILE F 185 -1.53 -70.30 -19.97
CA ILE F 185 -1.47 -69.38 -21.10
C ILE F 185 -2.74 -69.51 -21.94
N LYS F 186 -3.15 -70.75 -22.25
CA LYS F 186 -4.39 -70.89 -23.00
C LYS F 186 -5.57 -70.26 -22.25
N TYR F 187 -5.57 -70.34 -20.92
CA TYR F 187 -6.71 -69.82 -20.16
C TYR F 187 -6.80 -68.29 -20.27
N HIS F 188 -5.69 -67.61 -20.05
CA HIS F 188 -5.73 -66.16 -20.19
C HIS F 188 -6.09 -65.76 -21.61
N GLU F 189 -5.60 -66.51 -22.62
CA GLU F 189 -5.95 -66.25 -24.02
C GLU F 189 -7.45 -66.32 -24.25
N VAL F 190 -8.09 -67.39 -23.76
CA VAL F 190 -9.51 -67.59 -24.00
C VAL F 190 -10.35 -66.60 -23.19
N THR F 191 -9.92 -66.23 -21.99
CA THR F 191 -10.69 -65.23 -21.25
C THR F 191 -10.65 -63.88 -21.93
N GLN F 192 -9.50 -63.49 -22.49
CA GLN F 192 -9.46 -62.26 -23.26
C GLN F 192 -10.36 -62.33 -24.49
N TYR F 193 -10.39 -63.49 -25.16
CA TYR F 193 -11.37 -63.70 -26.23
C TYR F 193 -12.81 -63.45 -25.74
N PHE F 194 -13.14 -63.99 -24.55
CA PHE F 194 -14.44 -63.78 -23.91
C PHE F 194 -14.76 -62.30 -23.72
N PHE F 195 -13.92 -61.63 -22.92
CA PHE F 195 -14.03 -60.20 -22.68
C PHE F 195 -14.29 -59.45 -23.96
N TYR F 196 -13.51 -59.70 -25.00
CA TYR F 196 -13.60 -58.82 -26.13
C TYR F 196 -14.87 -59.10 -26.92
N LYS F 197 -15.36 -60.33 -26.87
CA LYS F 197 -16.63 -60.62 -27.55
C LYS F 197 -17.79 -59.94 -26.83
N GLN F 198 -17.85 -60.11 -25.50
CA GLN F 198 -18.92 -59.47 -24.74
C GLN F 198 -18.86 -57.94 -24.84
N TRP F 199 -17.65 -57.36 -24.81
CA TRP F 199 -17.54 -55.91 -24.87
C TRP F 199 -17.95 -55.35 -26.22
N PHE F 200 -17.55 -56.00 -27.31
CA PHE F 200 -17.95 -55.45 -28.60
C PHE F 200 -19.41 -55.73 -28.93
N GLU F 201 -20.01 -56.79 -28.39
CA GLU F 201 -21.45 -56.93 -28.51
C GLU F 201 -22.16 -55.79 -27.80
N LEU F 202 -21.77 -55.49 -26.55
CA LEU F 202 -22.39 -54.37 -25.84
C LEU F 202 -22.16 -53.06 -26.57
N LYS F 203 -20.96 -52.87 -27.11
CA LYS F 203 -20.65 -51.62 -27.77
C LYS F 203 -21.51 -51.42 -29.01
N GLU F 204 -21.76 -52.47 -29.78
CA GLU F 204 -22.56 -52.18 -30.96
C GLU F 204 -24.04 -52.08 -30.61
N TYR F 205 -24.50 -52.77 -29.58
CA TYR F 205 -25.85 -52.48 -29.09
C TYR F 205 -26.04 -50.98 -28.85
N ALA F 206 -25.18 -50.42 -27.99
CA ALA F 206 -25.29 -49.00 -27.65
C ALA F 206 -25.09 -48.09 -28.87
N ASN F 207 -24.10 -48.39 -29.73
CA ASN F 207 -23.82 -47.55 -30.88
C ASN F 207 -24.98 -47.54 -31.85
N ASP F 208 -25.72 -48.63 -31.91
CA ASP F 208 -26.81 -48.67 -32.86
C ASP F 208 -28.09 -48.14 -32.26
N LYS F 209 -28.14 -47.93 -30.95
CA LYS F 209 -29.15 -47.05 -30.38
C LYS F 209 -28.68 -45.60 -30.27
N GLY F 210 -27.58 -45.25 -30.94
CA GLY F 210 -27.06 -43.90 -30.90
C GLY F 210 -26.30 -43.53 -29.65
N ILE F 211 -25.88 -44.51 -28.83
CA ILE F 211 -25.05 -44.19 -27.67
C ILE F 211 -23.59 -44.33 -28.09
N GLN F 212 -22.76 -43.41 -27.62
CA GLN F 212 -21.31 -43.48 -27.78
C GLN F 212 -20.66 -43.70 -26.42
N ILE F 213 -19.55 -44.42 -26.42
CA ILE F 213 -18.81 -44.73 -25.20
C ILE F 213 -17.56 -43.88 -25.16
N ILE F 214 -17.37 -43.16 -24.05
CA ILE F 214 -16.12 -42.45 -23.80
C ILE F 214 -15.27 -43.32 -22.89
N GLY F 215 -14.22 -43.89 -23.47
CA GLY F 215 -13.25 -44.61 -22.68
C GLY F 215 -12.10 -43.72 -22.21
N ASP F 216 -11.36 -44.22 -21.23
CA ASP F 216 -10.28 -43.48 -20.60
C ASP F 216 -8.96 -44.18 -20.89
N MET F 217 -7.89 -43.40 -20.89
CA MET F 217 -6.56 -43.93 -21.14
C MET F 217 -5.52 -43.18 -20.31
N PRO F 218 -4.88 -43.83 -19.35
CA PRO F 218 -3.81 -43.17 -18.60
C PRO F 218 -2.61 -42.98 -19.52
N ILE F 219 -2.00 -41.81 -19.44
CA ILE F 219 -0.85 -41.56 -20.29
C ILE F 219 0.28 -42.52 -19.94
N TYR F 220 0.43 -42.87 -18.67
CA TYR F 220 1.49 -43.76 -18.25
C TYR F 220 0.95 -45.18 -18.10
N VAL F 221 1.71 -46.18 -18.60
CA VAL F 221 1.41 -47.59 -18.34
C VAL F 221 2.12 -48.03 -17.06
N SER F 222 1.72 -49.17 -16.53
CA SER F 222 2.20 -49.58 -15.21
C SER F 222 3.60 -50.17 -15.29
N ALA F 223 4.30 -50.15 -14.14
CA ALA F 223 5.68 -50.64 -14.08
C ALA F 223 5.76 -52.16 -14.01
N ASP F 224 4.80 -52.81 -13.36
CA ASP F 224 4.73 -54.25 -13.40
C ASP F 224 3.70 -54.59 -14.48
N SER F 225 4.19 -54.64 -15.72
CA SER F 225 3.33 -54.79 -16.88
C SER F 225 4.07 -55.54 -17.97
N VAL F 226 3.32 -55.90 -19.02
CA VAL F 226 3.86 -56.66 -20.13
C VAL F 226 4.59 -55.76 -21.12
N GLU F 227 4.23 -54.47 -21.17
CA GLU F 227 5.00 -53.52 -21.95
C GLU F 227 6.43 -53.45 -21.41
N VAL F 228 6.57 -53.28 -20.10
CA VAL F 228 7.89 -53.25 -19.48
C VAL F 228 8.63 -54.54 -19.77
N TRP F 229 7.93 -55.66 -19.69
CA TRP F 229 8.56 -56.95 -19.95
C TRP F 229 9.10 -57.03 -21.38
N THR F 230 8.28 -56.70 -22.38
CA THR F 230 8.63 -57.01 -23.76
C THR F 230 9.23 -55.86 -24.55
N MET F 231 9.08 -54.62 -24.10
CA MET F 231 9.55 -53.46 -24.86
C MET F 231 10.23 -52.47 -23.91
N PRO F 232 11.27 -52.91 -23.19
CA PRO F 232 11.86 -52.03 -22.18
C PRO F 232 12.59 -50.83 -22.77
N GLU F 233 12.77 -50.76 -24.09
CA GLU F 233 13.43 -49.60 -24.70
C GLU F 233 12.53 -48.39 -24.68
N LEU F 234 11.24 -48.59 -24.47
CA LEU F 234 10.29 -47.50 -24.36
C LEU F 234 10.45 -46.73 -23.06
N PHE F 235 11.21 -47.26 -22.12
CA PHE F 235 11.19 -46.76 -20.75
C PHE F 235 12.60 -46.45 -20.29
N LYS F 236 12.70 -45.59 -19.27
CA LYS F 236 13.99 -45.31 -18.63
C LYS F 236 14.23 -46.37 -17.57
N LEU F 237 14.73 -47.53 -18.02
CA LEU F 237 14.85 -48.70 -17.17
C LEU F 237 16.29 -49.08 -16.90
N ASP F 238 16.50 -49.73 -15.75
CA ASP F 238 17.81 -50.27 -15.41
C ASP F 238 17.98 -51.66 -16.04
N ARG F 239 19.09 -52.34 -15.74
CA ARG F 239 19.42 -53.59 -16.42
C ARG F 239 18.37 -54.67 -16.16
N ASP F 240 17.92 -54.78 -14.91
CA ASP F 240 16.94 -55.79 -14.53
C ASP F 240 15.54 -55.21 -14.36
N LYS F 241 15.17 -54.31 -15.26
CA LYS F 241 13.82 -53.83 -15.48
C LYS F 241 13.23 -53.06 -14.31
N GLN F 242 14.06 -52.66 -13.34
CA GLN F 242 13.61 -51.66 -12.37
C GLN F 242 13.64 -50.27 -13.02
N PRO F 243 12.62 -49.45 -12.79
CA PRO F 243 12.59 -48.13 -13.44
C PRO F 243 13.59 -47.18 -12.80
N LEU F 244 14.43 -46.58 -13.65
CA LEU F 244 15.39 -45.60 -13.16
C LEU F 244 14.68 -44.42 -12.53
N ALA F 245 13.58 -43.97 -13.14
CA ALA F 245 12.79 -42.83 -12.70
C ALA F 245 11.31 -43.21 -12.70
N ILE F 246 10.53 -42.70 -11.74
CA ILE F 246 9.10 -42.99 -11.68
C ILE F 246 8.30 -41.69 -11.84
N ALA F 247 6.98 -41.83 -11.93
CA ALA F 247 6.07 -40.75 -12.28
C ALA F 247 5.29 -40.27 -11.06
N GLY F 248 4.85 -39.02 -11.16
CA GLY F 248 4.00 -38.41 -10.15
C GLY F 248 3.87 -36.92 -10.42
N VAL F 249 3.47 -36.19 -9.39
CA VAL F 249 3.38 -34.73 -9.47
C VAL F 249 3.97 -34.10 -8.23
N PRO F 250 4.61 -32.96 -8.35
CA PRO F 250 5.20 -32.31 -7.18
C PRO F 250 4.13 -31.81 -6.21
N ALA F 251 4.60 -31.22 -5.11
CA ALA F 251 3.70 -30.66 -4.10
C ALA F 251 2.59 -29.81 -4.72
N ASP F 252 1.36 -30.12 -4.33
CA ASP F 252 0.15 -29.46 -4.75
C ASP F 252 -0.64 -29.10 -3.51
N ASP F 253 -1.83 -28.49 -3.71
CA ASP F 253 -2.72 -28.24 -2.59
C ASP F 253 -3.31 -29.53 -2.04
N PHE F 254 -3.41 -30.57 -2.87
CA PHE F 254 -3.86 -31.88 -2.44
C PHE F 254 -2.94 -32.43 -1.36
N SER F 255 -1.69 -32.69 -1.72
CA SER F 255 -0.72 -33.33 -0.84
C SER F 255 0.43 -32.38 -0.53
N ASP F 256 0.81 -32.32 0.75
CA ASP F 256 1.88 -31.43 1.19
C ASP F 256 3.21 -31.78 0.53
N ASP F 257 3.37 -33.01 0.04
CA ASP F 257 4.69 -33.48 -0.34
C ASP F 257 4.65 -34.26 -1.64
N GLY F 258 3.74 -33.87 -2.55
CA GLY F 258 3.64 -34.51 -3.84
C GLY F 258 2.71 -35.72 -3.84
N GLN F 259 2.49 -36.23 -5.05
CA GLN F 259 1.67 -37.41 -5.32
C GLN F 259 2.53 -38.42 -6.05
N LEU F 260 2.71 -39.61 -5.47
CA LEU F 260 3.51 -40.66 -6.07
C LEU F 260 2.65 -41.58 -6.94
N TRP F 261 3.00 -41.71 -8.22
CA TRP F 261 2.24 -42.53 -9.16
C TRP F 261 2.88 -43.89 -9.40
N GLY F 262 4.19 -43.92 -9.64
CA GLY F 262 4.92 -45.16 -9.69
C GLY F 262 5.22 -45.68 -11.08
N ASN F 263 4.62 -45.10 -12.12
CA ASN F 263 4.79 -45.63 -13.46
C ASN F 263 6.20 -45.34 -13.96
N PRO F 264 6.73 -46.19 -14.83
CA PRO F 264 8.00 -45.87 -15.49
C PRO F 264 7.84 -44.65 -16.39
N ILE F 265 8.97 -44.13 -16.86
CA ILE F 265 8.99 -42.94 -17.67
C ILE F 265 9.38 -43.33 -19.08
N TYR F 266 8.75 -42.70 -20.05
CA TYR F 266 9.13 -42.90 -21.43
C TYR F 266 10.52 -42.32 -21.72
N ASN F 267 11.37 -43.12 -22.37
CA ASN F 267 12.55 -42.62 -23.06
C ASN F 267 12.05 -41.94 -24.33
N TRP F 268 11.68 -40.66 -24.20
CA TRP F 268 10.96 -40.01 -25.29
C TRP F 268 11.82 -39.89 -26.54
N ASP F 269 13.14 -39.80 -26.41
CA ASP F 269 13.98 -39.72 -27.59
C ASP F 269 13.83 -40.99 -28.45
N TYR F 270 13.77 -42.16 -27.81
CA TYR F 270 13.51 -43.39 -28.55
C TYR F 270 12.15 -43.34 -29.24
N HIS F 271 11.11 -42.91 -28.53
CA HIS F 271 9.81 -42.75 -29.15
C HIS F 271 9.90 -41.84 -30.37
N LYS F 272 10.61 -40.71 -30.23
CA LYS F 272 10.64 -39.72 -31.30
C LYS F 272 11.29 -40.29 -32.55
N GLU F 273 12.47 -40.91 -32.43
CA GLU F 273 13.05 -41.39 -33.68
C GLU F 273 12.59 -42.80 -34.06
N SER F 274 11.75 -43.43 -33.24
CA SER F 274 10.90 -44.54 -33.67
C SER F 274 9.62 -44.08 -34.41
N ASP F 275 9.50 -42.78 -34.72
CA ASP F 275 8.33 -42.21 -35.40
C ASP F 275 7.03 -42.43 -34.59
N PHE F 276 7.17 -42.60 -33.26
CA PHE F 276 6.05 -42.78 -32.34
C PHE F 276 5.19 -43.99 -32.70
N ASP F 277 5.84 -45.07 -33.14
CA ASP F 277 5.16 -46.27 -33.60
C ASP F 277 4.28 -46.87 -32.50
N TRP F 278 4.83 -47.07 -31.30
CA TRP F 278 4.03 -47.60 -30.21
C TRP F 278 2.84 -46.69 -29.90
N TRP F 279 3.05 -45.36 -29.99
CA TRP F 279 1.97 -44.45 -29.62
C TRP F 279 0.87 -44.46 -30.65
N ILE F 280 1.24 -44.58 -31.92
CA ILE F 280 0.24 -44.69 -32.97
C ILE F 280 -0.60 -45.95 -32.75
N TYR F 281 0.06 -47.07 -32.46
CA TYR F 281 -0.73 -48.28 -32.26
C TYR F 281 -1.65 -48.13 -31.06
N ARG F 282 -1.13 -47.55 -29.96
CA ARG F 282 -1.93 -47.38 -28.75
C ARG F 282 -3.19 -46.57 -29.04
N ILE F 283 -3.01 -45.39 -29.63
CA ILE F 283 -4.14 -44.54 -29.97
C ILE F 283 -5.12 -45.27 -30.87
N GLN F 284 -4.60 -45.99 -31.87
CA GLN F 284 -5.45 -46.69 -32.84
C GLN F 284 -6.35 -47.70 -32.14
N SER F 285 -5.80 -48.51 -31.23
CA SER F 285 -6.64 -49.43 -30.47
C SER F 285 -7.58 -48.69 -29.51
N GLY F 286 -7.20 -47.50 -29.07
CA GLY F 286 -8.11 -46.74 -28.23
C GLY F 286 -9.37 -46.33 -28.97
N VAL F 287 -9.20 -45.78 -30.18
CA VAL F 287 -10.38 -45.34 -30.92
C VAL F 287 -11.09 -46.49 -31.63
N LYS F 288 -10.45 -47.65 -31.79
CA LYS F 288 -11.20 -48.84 -32.21
C LYS F 288 -11.95 -49.48 -31.05
N MET F 289 -11.50 -49.24 -29.80
CA MET F 289 -12.11 -49.83 -28.61
C MET F 289 -13.28 -49.00 -28.09
N TYR F 290 -13.09 -47.68 -28.01
CA TYR F 290 -14.13 -46.76 -27.54
C TYR F 290 -14.45 -45.73 -28.62
N ASP F 291 -15.62 -45.11 -28.49
CA ASP F 291 -16.07 -44.12 -29.46
C ASP F 291 -15.34 -42.81 -29.31
N TYR F 292 -15.14 -42.37 -28.05
CA TYR F 292 -14.31 -41.21 -27.76
C TYR F 292 -13.31 -41.63 -26.70
N LEU F 293 -12.12 -41.02 -26.74
CA LEU F 293 -11.00 -41.48 -25.93
C LEU F 293 -10.38 -40.33 -25.16
N ARG F 294 -10.56 -40.32 -23.85
CA ARG F 294 -10.06 -39.28 -22.99
C ARG F 294 -8.69 -39.69 -22.43
N ILE F 295 -7.80 -38.72 -22.26
CA ILE F 295 -6.42 -39.02 -21.88
C ILE F 295 -6.14 -38.37 -20.52
N ASP F 296 -6.03 -39.21 -19.50
CA ASP F 296 -5.60 -38.77 -18.18
C ASP F 296 -4.22 -38.12 -18.26
N HIS F 297 -4.07 -36.98 -17.57
CA HIS F 297 -2.78 -36.26 -17.50
C HIS F 297 -2.24 -35.90 -18.88
N PHE F 298 -3.12 -35.42 -19.75
CA PHE F 298 -2.70 -34.99 -21.08
C PHE F 298 -1.50 -34.05 -21.02
N LYS F 299 -1.38 -33.23 -19.97
CA LYS F 299 -0.34 -32.23 -19.97
C LYS F 299 1.04 -32.84 -19.85
N GLY F 300 1.12 -34.12 -19.53
CA GLY F 300 2.36 -34.87 -19.61
C GLY F 300 2.90 -35.05 -21.01
N PHE F 301 2.19 -34.56 -22.02
CA PHE F 301 2.69 -34.65 -23.39
C PHE F 301 3.55 -33.45 -23.77
N SER F 302 3.64 -32.40 -22.94
CA SER F 302 4.67 -31.39 -23.14
C SER F 302 5.70 -31.34 -22.02
N ASP F 303 5.29 -31.58 -20.77
CA ASP F 303 6.17 -31.55 -19.60
C ASP F 303 5.72 -32.57 -18.57
N TYR F 304 6.66 -33.36 -18.05
CA TYR F 304 6.34 -34.30 -16.99
C TYR F 304 7.31 -34.17 -15.82
N TRP F 305 6.83 -34.57 -14.65
CA TRP F 305 7.62 -34.61 -13.42
C TRP F 305 8.18 -36.01 -13.21
N GLU F 306 9.50 -36.11 -13.18
CA GLU F 306 10.25 -37.36 -13.06
C GLU F 306 10.82 -37.44 -11.65
N ILE F 307 10.40 -38.46 -10.87
CA ILE F 307 10.82 -38.64 -9.48
C ILE F 307 11.99 -39.62 -9.44
N ARG F 308 12.96 -39.32 -8.58
CA ARG F 308 14.20 -40.10 -8.53
C ARG F 308 13.94 -41.52 -8.04
N GLY F 309 14.74 -42.45 -8.56
CA GLY F 309 14.63 -43.83 -8.13
C GLY F 309 14.64 -43.97 -6.61
N ASP F 310 15.62 -43.34 -5.96
CA ASP F 310 15.78 -43.45 -4.51
C ASP F 310 15.10 -42.26 -3.81
N TYR F 311 13.81 -42.14 -4.06
CA TYR F 311 13.06 -41.00 -3.53
C TYR F 311 12.85 -41.15 -2.02
N GLN F 312 12.48 -40.05 -1.38
CA GLN F 312 11.92 -40.09 -0.03
C GLN F 312 10.47 -39.62 -0.03
N THR F 313 10.23 -38.41 -0.50
CA THR F 313 8.89 -37.98 -0.87
C THR F 313 8.83 -37.82 -2.38
N ALA F 314 7.70 -37.36 -2.86
CA ALA F 314 7.59 -37.13 -4.30
C ALA F 314 8.20 -35.80 -4.74
N ASN F 315 8.81 -35.04 -3.84
CA ASN F 315 9.45 -33.79 -4.24
C ASN F 315 10.89 -33.97 -4.68
N ASP F 316 11.46 -35.16 -4.48
CA ASP F 316 12.77 -35.51 -5.04
C ASP F 316 12.57 -35.77 -6.53
N GLY F 317 12.41 -34.68 -7.29
CA GLY F 317 12.08 -34.81 -8.69
C GLY F 317 12.62 -33.74 -9.60
N SER F 318 12.15 -33.72 -10.84
CA SER F 318 12.69 -32.80 -11.83
C SER F 318 11.69 -32.67 -12.97
N TRP F 319 11.68 -31.54 -13.65
CA TRP F 319 10.80 -31.34 -14.80
C TRP F 319 11.53 -31.72 -16.07
N GLN F 320 10.84 -32.44 -16.97
CA GLN F 320 11.46 -32.94 -18.19
C GLN F 320 10.51 -32.76 -19.35
N PRO F 321 11.02 -32.40 -20.53
CA PRO F 321 10.13 -32.12 -21.68
C PRO F 321 9.63 -33.40 -22.35
N ALA F 322 8.54 -33.25 -23.10
CA ALA F 322 8.04 -34.36 -23.88
C ALA F 322 7.77 -33.89 -25.30
N PRO F 323 8.00 -34.75 -26.30
CA PRO F 323 7.80 -34.35 -27.71
C PRO F 323 6.34 -34.34 -28.14
N GLY F 324 5.55 -33.45 -27.52
CA GLY F 324 4.10 -33.45 -27.66
C GLY F 324 3.55 -33.04 -29.01
N PRO F 325 3.90 -31.82 -29.45
CA PRO F 325 3.39 -31.35 -30.74
C PRO F 325 3.71 -32.29 -31.88
N GLU F 326 4.94 -32.81 -31.90
CA GLU F 326 5.36 -33.70 -32.97
C GLU F 326 4.63 -35.05 -32.87
N LEU F 327 4.45 -35.57 -31.65
CA LEU F 327 3.62 -36.75 -31.48
C LEU F 327 2.24 -36.56 -32.11
N PHE F 328 1.54 -35.47 -31.79
CA PHE F 328 0.18 -35.36 -32.28
C PHE F 328 0.11 -34.98 -33.76
N ALA F 329 1.14 -34.33 -34.30
CA ALA F 329 1.21 -34.16 -35.75
C ALA F 329 1.33 -35.51 -36.46
N THR F 330 2.27 -36.37 -36.02
CA THR F 330 2.39 -37.69 -36.61
C THR F 330 1.10 -38.48 -36.46
N ILE F 331 0.41 -38.35 -35.32
CA ILE F 331 -0.83 -39.09 -35.11
C ILE F 331 -1.90 -38.65 -36.10
N LYS F 332 -2.07 -37.33 -36.27
CA LYS F 332 -3.06 -36.82 -37.23
C LYS F 332 -2.68 -37.15 -38.66
N GLU F 333 -1.38 -37.18 -38.96
CA GLU F 333 -0.94 -37.55 -40.31
C GLU F 333 -1.26 -39.01 -40.60
N LYS F 334 -1.01 -39.91 -39.64
CA LYS F 334 -1.17 -41.34 -39.84
C LYS F 334 -2.62 -41.82 -39.69
N LEU F 335 -3.47 -41.10 -38.97
CA LEU F 335 -4.75 -41.67 -38.56
C LEU F 335 -5.97 -40.79 -38.79
N GLY F 336 -5.80 -39.53 -39.18
CA GLY F 336 -6.92 -38.60 -39.33
C GLY F 336 -7.19 -37.81 -38.07
N ASP F 337 -8.29 -37.09 -38.09
CA ASP F 337 -8.71 -36.38 -36.89
C ASP F 337 -9.48 -37.29 -35.95
N LEU F 338 -9.15 -37.24 -34.66
CA LEU F 338 -9.61 -38.26 -33.73
C LEU F 338 -10.47 -37.67 -32.62
N PRO F 339 -11.43 -38.47 -32.10
CA PRO F 339 -12.24 -38.11 -30.91
C PRO F 339 -11.47 -38.30 -29.61
N ILE F 340 -10.66 -37.29 -29.30
CA ILE F 340 -9.82 -37.27 -28.12
C ILE F 340 -10.28 -36.14 -27.21
N ILE F 341 -10.43 -36.43 -25.94
CA ILE F 341 -10.70 -35.44 -24.92
C ILE F 341 -9.48 -35.33 -24.03
N ALA F 342 -9.02 -34.11 -23.80
CA ALA F 342 -7.83 -33.87 -23.00
C ALA F 342 -8.24 -33.54 -21.58
N GLU F 343 -7.71 -34.30 -20.62
CA GLU F 343 -7.93 -33.99 -19.21
C GLU F 343 -6.81 -33.08 -18.76
N ASN F 344 -6.99 -31.79 -19.06
CA ASN F 344 -5.96 -30.78 -18.90
C ASN F 344 -6.08 -30.05 -17.57
N LEU F 345 -6.12 -30.80 -16.46
CA LEU F 345 -6.18 -30.17 -15.16
C LEU F 345 -4.78 -29.98 -14.59
N GLY F 346 -4.70 -29.17 -13.55
CA GLY F 346 -3.41 -28.78 -13.03
C GLY F 346 -2.91 -27.54 -13.73
N TYR F 347 -1.70 -27.13 -13.35
CA TYR F 347 -1.12 -25.91 -13.90
C TYR F 347 -0.69 -26.15 -15.35
N ILE F 348 -1.14 -25.28 -16.24
CA ILE F 348 -0.97 -25.43 -17.68
C ILE F 348 -0.10 -24.26 -18.15
N ASP F 349 1.22 -24.45 -18.22
CA ASP F 349 2.09 -23.39 -18.72
C ASP F 349 1.78 -23.11 -20.18
N GLU F 350 2.47 -22.13 -20.77
CA GLU F 350 2.04 -21.66 -22.08
C GLU F 350 2.40 -22.63 -23.20
N ARG F 351 3.48 -23.40 -23.06
CA ARG F 351 3.77 -24.46 -24.02
C ARG F 351 2.65 -25.49 -24.07
N ALA F 352 2.14 -25.89 -22.91
CA ALA F 352 1.01 -26.80 -22.87
C ALA F 352 -0.21 -26.17 -23.50
N GLU F 353 -0.44 -24.88 -23.23
CA GLU F 353 -1.54 -24.16 -23.86
C GLU F 353 -1.44 -24.27 -25.38
N ARG F 354 -0.25 -24.06 -25.94
CA ARG F 354 -0.06 -24.13 -27.38
C ARG F 354 -0.31 -25.53 -27.92
N LEU F 355 0.20 -26.57 -27.24
CA LEU F 355 -0.10 -27.96 -27.62
C LEU F 355 -1.61 -28.19 -27.72
N LEU F 356 -2.32 -27.96 -26.61
CA LEU F 356 -3.76 -28.19 -26.62
C LEU F 356 -4.46 -27.42 -27.74
N ALA F 357 -4.12 -26.14 -27.90
CA ALA F 357 -4.78 -25.33 -28.91
C ALA F 357 -4.51 -25.88 -30.30
N GLY F 358 -3.29 -26.37 -30.54
CA GLY F 358 -2.95 -26.92 -31.84
C GLY F 358 -3.68 -28.21 -32.15
N THR F 359 -4.03 -28.99 -31.13
CA THR F 359 -4.74 -30.23 -31.41
C THR F 359 -6.21 -30.00 -31.76
N GLY F 360 -6.78 -28.87 -31.35
CA GLY F 360 -8.21 -28.71 -31.44
C GLY F 360 -9.04 -29.64 -30.55
N PHE F 361 -8.39 -30.48 -29.73
CA PHE F 361 -9.11 -31.35 -28.82
C PHE F 361 -9.89 -30.52 -27.79
N PRO F 362 -11.05 -31.01 -27.35
CA PRO F 362 -11.78 -30.34 -26.26
C PRO F 362 -11.13 -30.60 -24.90
N GLY F 363 -11.03 -29.54 -24.10
CA GLY F 363 -10.55 -29.66 -22.74
C GLY F 363 -11.69 -29.92 -21.73
N MET F 364 -11.31 -30.08 -20.47
CA MET F 364 -12.28 -30.37 -19.43
C MET F 364 -12.50 -29.17 -18.51
N LYS F 365 -13.74 -28.97 -18.11
CA LYS F 365 -14.03 -28.03 -17.05
C LYS F 365 -14.69 -28.82 -15.93
N ILE F 366 -14.31 -28.49 -14.69
CA ILE F 366 -14.84 -29.12 -13.48
C ILE F 366 -15.41 -28.04 -12.58
N MET F 367 -16.73 -27.97 -12.47
CA MET F 367 -17.36 -26.92 -11.68
C MET F 367 -16.85 -26.88 -10.23
N GLU F 368 -16.57 -28.04 -9.62
CA GLU F 368 -16.25 -28.01 -8.20
C GLU F 368 -14.96 -27.27 -7.91
N PHE F 369 -14.10 -27.04 -8.90
CA PHE F 369 -12.96 -26.16 -8.71
C PHE F 369 -13.27 -24.72 -9.03
N GLY F 370 -14.54 -24.33 -9.06
CA GLY F 370 -14.90 -23.02 -9.58
C GLY F 370 -15.36 -22.03 -8.54
N PHE F 371 -15.85 -22.53 -7.41
CA PHE F 371 -16.51 -21.71 -6.41
C PHE F 371 -15.66 -21.50 -5.16
N TYR F 372 -14.41 -21.93 -5.18
CA TYR F 372 -13.57 -21.65 -4.02
C TYR F 372 -13.19 -20.18 -3.98
N ASP F 373 -13.17 -19.53 -5.13
CA ASP F 373 -12.85 -18.11 -5.25
C ASP F 373 -14.16 -17.34 -5.48
N THR F 374 -14.58 -16.55 -4.47
CA THR F 374 -15.87 -15.87 -4.50
C THR F 374 -15.84 -14.54 -5.26
N THR F 375 -14.72 -14.18 -5.87
CA THR F 375 -14.65 -13.09 -6.83
C THR F 375 -14.98 -13.53 -8.25
N GLY F 376 -15.14 -14.83 -8.49
CA GLY F 376 -15.54 -15.32 -9.79
C GLY F 376 -14.49 -15.40 -10.88
N ASN F 377 -13.21 -15.56 -10.54
CA ASN F 377 -12.14 -15.62 -11.54
C ASN F 377 -11.62 -17.03 -11.81
N SER F 378 -12.14 -18.05 -11.12
CA SER F 378 -11.78 -19.44 -11.43
C SER F 378 -11.97 -19.74 -12.91
N ILE F 379 -10.96 -20.37 -13.53
CA ILE F 379 -11.18 -20.83 -14.90
C ILE F 379 -12.26 -21.88 -14.95
N ASP F 380 -12.66 -22.41 -13.80
CA ASP F 380 -13.62 -23.49 -13.74
C ASP F 380 -15.02 -23.03 -13.29
N ILE F 381 -15.28 -21.73 -13.27
CA ILE F 381 -16.61 -21.17 -12.99
C ILE F 381 -17.37 -20.99 -14.31
N PRO F 382 -18.67 -21.34 -14.38
CA PRO F 382 -19.31 -21.53 -15.71
C PRO F 382 -19.29 -20.32 -16.65
N HIS F 383 -19.31 -19.08 -16.13
CA HIS F 383 -19.28 -17.98 -17.10
C HIS F 383 -17.90 -17.84 -17.80
N ASN F 384 -16.92 -18.73 -17.61
CA ASN F 384 -15.66 -18.68 -18.35
C ASN F 384 -15.52 -19.84 -19.32
N TYR F 385 -16.63 -20.49 -19.66
CA TYR F 385 -16.52 -21.67 -20.51
C TYR F 385 -16.62 -21.30 -21.99
N THR F 386 -16.08 -22.19 -22.82
CA THR F 386 -16.13 -22.12 -24.26
C THR F 386 -16.89 -23.33 -24.81
N GLU F 387 -17.17 -23.29 -26.11
CA GLU F 387 -17.92 -24.37 -26.72
C GLU F 387 -17.13 -25.68 -26.73
N ASN F 388 -15.80 -25.61 -26.95
CA ASN F 388 -14.96 -26.80 -27.06
C ASN F 388 -14.47 -27.27 -25.70
N THR F 389 -15.40 -27.66 -24.86
CA THR F 389 -15.06 -28.20 -23.54
C THR F 389 -16.09 -29.26 -23.18
N ILE F 390 -15.64 -30.25 -22.43
CA ILE F 390 -16.52 -31.20 -21.76
C ILE F 390 -16.65 -30.74 -20.31
N ALA F 391 -17.87 -30.79 -19.77
CA ALA F 391 -18.13 -30.14 -18.50
C ALA F 391 -18.69 -31.13 -17.49
N TYR F 392 -18.10 -31.15 -16.30
CA TYR F 392 -18.47 -32.06 -15.23
C TYR F 392 -18.68 -31.28 -13.95
N ALA F 393 -19.68 -31.70 -13.16
CA ALA F 393 -19.70 -31.32 -11.76
C ALA F 393 -18.46 -31.88 -11.07
N GLY F 394 -18.34 -33.19 -11.03
CA GLY F 394 -17.09 -33.82 -10.69
C GLY F 394 -16.79 -34.93 -11.69
N THR F 395 -15.57 -35.45 -11.59
CA THR F 395 -15.21 -36.72 -12.19
C THR F 395 -14.99 -37.74 -11.09
N HIS F 396 -14.58 -38.95 -11.49
CA HIS F 396 -14.38 -40.05 -10.55
C HIS F 396 -13.38 -39.75 -9.44
N ASP F 397 -12.49 -38.76 -9.63
CA ASP F 397 -11.50 -38.35 -8.63
C ASP F 397 -12.01 -37.27 -7.68
N ASN F 398 -13.19 -36.74 -7.90
CA ASN F 398 -13.69 -35.64 -7.10
C ASN F 398 -14.66 -36.17 -6.06
N GLU F 399 -14.94 -35.32 -5.07
CA GLU F 399 -16.05 -35.58 -4.18
C GLU F 399 -17.34 -35.55 -4.98
N VAL F 400 -18.35 -36.30 -4.52
CA VAL F 400 -19.68 -36.14 -5.09
C VAL F 400 -20.18 -34.76 -4.67
N ILE F 401 -21.25 -34.27 -5.32
CA ILE F 401 -21.68 -32.89 -5.09
C ILE F 401 -22.01 -32.67 -3.63
N ASN F 402 -22.78 -33.59 -3.02
CA ASN F 402 -23.15 -33.50 -1.61
C ASN F 402 -21.92 -33.37 -0.70
N GLY F 403 -20.80 -33.96 -1.07
CA GLY F 403 -19.61 -33.84 -0.26
C GLY F 403 -18.83 -32.56 -0.50
N TRP F 404 -18.76 -32.12 -1.76
CA TRP F 404 -18.16 -30.83 -2.08
C TRP F 404 -18.87 -29.70 -1.35
N PHE F 405 -20.20 -29.73 -1.33
CA PHE F 405 -20.93 -28.64 -0.72
C PHE F 405 -20.67 -28.54 0.77
N GLU F 406 -20.59 -29.70 1.45
CA GLU F 406 -20.44 -29.70 2.90
C GLU F 406 -19.16 -28.99 3.33
N ASN F 407 -18.06 -29.22 2.63
CA ASN F 407 -16.76 -28.67 3.00
C ASN F 407 -16.51 -27.30 2.39
N LEU F 408 -17.55 -26.61 1.97
CA LEU F 408 -17.43 -25.23 1.57
C LEU F 408 -17.54 -24.38 2.82
N THR F 409 -16.64 -23.40 2.93
CA THR F 409 -16.77 -22.35 3.95
C THR F 409 -18.10 -21.62 3.79
N VAL F 410 -18.51 -20.93 4.86
CA VAL F 410 -19.86 -20.35 4.92
C VAL F 410 -20.07 -19.31 3.81
N GLU F 411 -19.01 -18.56 3.46
CA GLU F 411 -19.08 -17.55 2.39
C GLU F 411 -19.10 -18.21 1.00
N GLN F 412 -18.29 -19.25 0.78
CA GLN F 412 -18.34 -20.00 -0.47
C GLN F 412 -19.70 -20.65 -0.65
N LYS F 413 -20.24 -21.23 0.41
CA LYS F 413 -21.60 -21.76 0.35
C LYS F 413 -22.59 -20.67 -0.08
N ALA F 414 -22.46 -19.47 0.51
CA ALA F 414 -23.34 -18.38 0.12
C ALA F 414 -23.19 -18.08 -1.38
N TYR F 415 -21.94 -17.88 -1.82
CA TYR F 415 -21.66 -17.47 -3.18
C TYR F 415 -22.18 -18.49 -4.17
N ALA F 416 -21.96 -19.77 -3.89
CA ALA F 416 -22.48 -20.84 -4.72
C ALA F 416 -24.00 -20.78 -4.78
N GLU F 417 -24.65 -20.66 -3.63
CA GLU F 417 -26.12 -20.65 -3.63
C GLU F 417 -26.66 -19.47 -4.44
N ASN F 418 -25.97 -18.32 -4.40
CA ASN F 418 -26.40 -17.15 -5.16
C ASN F 418 -26.19 -17.38 -6.66
N TYR F 419 -24.92 -17.54 -7.06
CA TYR F 419 -24.53 -17.74 -8.45
C TYR F 419 -25.46 -18.68 -9.19
N MET F 420 -25.76 -19.82 -8.59
CA MET F 420 -26.49 -20.88 -9.26
C MET F 420 -27.99 -20.82 -9.01
N ARG F 421 -28.44 -19.87 -8.19
CA ARG F 421 -29.87 -19.65 -7.93
C ARG F 421 -30.51 -20.90 -7.33
N ARG F 422 -29.92 -21.39 -6.25
CA ARG F 422 -30.53 -22.52 -5.56
C ARG F 422 -31.90 -22.10 -5.00
N LEU F 423 -32.96 -22.74 -5.49
CA LEU F 423 -34.30 -22.47 -4.97
C LEU F 423 -34.40 -22.91 -3.50
N PRO F 424 -35.44 -22.45 -2.79
CA PRO F 424 -35.64 -22.92 -1.42
C PRO F 424 -36.00 -24.39 -1.40
N ASN F 425 -35.31 -25.15 -0.54
CA ASN F 425 -35.55 -26.58 -0.34
C ASN F 425 -35.20 -27.41 -1.56
N GLU F 426 -34.22 -26.94 -2.37
CA GLU F 426 -33.76 -27.68 -3.53
C GLU F 426 -32.48 -28.42 -3.20
N PRO F 427 -32.42 -29.73 -3.49
CA PRO F 427 -31.18 -30.48 -3.25
C PRO F 427 -30.03 -29.90 -4.06
N ILE F 428 -28.89 -29.73 -3.40
CA ILE F 428 -27.79 -29.02 -4.04
C ILE F 428 -27.32 -29.74 -5.31
N THR F 429 -27.48 -31.06 -5.37
CA THR F 429 -27.14 -31.75 -6.61
C THR F 429 -28.03 -31.27 -7.76
N GLU F 430 -29.31 -31.07 -7.49
CA GLU F 430 -30.21 -30.67 -8.56
C GLU F 430 -29.86 -29.28 -9.06
N THR F 431 -29.57 -28.35 -8.15
CA THR F 431 -29.22 -27.02 -8.62
C THR F 431 -27.88 -27.04 -9.36
N VAL F 432 -26.93 -27.87 -8.91
CA VAL F 432 -25.65 -27.89 -9.60
C VAL F 432 -25.78 -28.49 -11.00
N LEU F 433 -26.57 -29.54 -11.16
CA LEU F 433 -26.69 -30.12 -12.49
C LEU F 433 -27.50 -29.22 -13.40
N ARG F 434 -28.45 -28.46 -12.84
CA ARG F 434 -29.13 -27.46 -13.66
C ARG F 434 -28.16 -26.39 -14.16
N THR F 435 -27.44 -25.75 -13.23
CA THR F 435 -26.37 -24.84 -13.62
C THR F 435 -25.52 -25.45 -14.71
N LEU F 436 -25.06 -26.69 -14.52
CA LEU F 436 -24.08 -27.30 -15.41
C LEU F 436 -24.64 -27.49 -16.80
N TYR F 437 -25.82 -28.09 -16.91
CA TYR F 437 -26.38 -28.32 -18.23
C TYR F 437 -26.72 -27.02 -18.93
N ALA F 438 -26.79 -25.90 -18.18
CA ALA F 438 -27.01 -24.59 -18.79
C ALA F 438 -25.73 -23.97 -19.39
N THR F 439 -24.56 -24.56 -19.16
CA THR F 439 -23.33 -23.98 -19.69
C THR F 439 -23.32 -24.06 -21.22
N VAL F 440 -22.44 -23.26 -21.81
CA VAL F 440 -22.27 -23.22 -23.28
C VAL F 440 -21.40 -24.39 -23.73
N SER F 441 -20.91 -25.18 -22.78
CA SER F 441 -20.09 -26.35 -23.10
C SER F 441 -20.90 -27.31 -23.98
N GLN F 442 -20.25 -27.81 -25.02
CA GLN F 442 -20.83 -28.66 -26.08
C GLN F 442 -21.33 -29.97 -25.50
N THR F 443 -20.73 -30.44 -24.42
CA THR F 443 -21.12 -31.69 -23.81
C THR F 443 -21.05 -31.54 -22.30
N THR F 444 -22.06 -32.04 -21.61
CA THR F 444 -21.99 -32.13 -20.15
C THR F 444 -22.17 -33.59 -19.72
N ILE F 445 -21.38 -34.02 -18.75
CA ILE F 445 -21.45 -35.36 -18.17
C ILE F 445 -21.81 -35.24 -16.70
N THR F 446 -22.84 -35.97 -16.27
CA THR F 446 -23.21 -36.04 -14.86
C THR F 446 -22.88 -37.41 -14.28
N CYS F 447 -22.31 -37.44 -13.07
CA CYS F 447 -22.02 -38.68 -12.38
C CYS F 447 -23.28 -39.32 -11.83
N MET F 448 -23.40 -40.63 -12.03
CA MET F 448 -24.58 -41.35 -11.54
C MET F 448 -24.80 -41.10 -10.05
N GLN F 449 -23.72 -40.92 -9.29
CA GLN F 449 -23.84 -40.61 -7.86
C GLN F 449 -24.62 -39.31 -7.64
N ASP F 450 -24.50 -38.36 -8.57
CA ASP F 450 -25.15 -37.07 -8.38
C ASP F 450 -26.61 -37.10 -8.83
N LEU F 451 -26.92 -37.87 -9.87
CA LEU F 451 -28.31 -38.07 -10.25
C LEU F 451 -29.08 -38.93 -9.26
N LEU F 452 -28.40 -39.53 -8.28
CA LEU F 452 -29.06 -40.38 -7.29
C LEU F 452 -29.00 -39.78 -5.88
N ASP F 453 -28.34 -38.62 -5.72
CA ASP F 453 -28.31 -37.85 -4.48
C ASP F 453 -27.54 -38.59 -3.39
N LYS F 454 -26.53 -39.36 -3.78
CA LYS F 454 -25.85 -40.20 -2.82
C LYS F 454 -24.98 -39.38 -1.87
N PRO F 455 -24.82 -39.84 -0.63
CA PRO F 455 -23.95 -39.15 0.34
C PRO F 455 -22.47 -39.10 -0.05
N ALA F 456 -21.64 -38.52 0.82
CA ALA F 456 -20.26 -38.23 0.45
C ALA F 456 -19.43 -39.49 0.19
N ASP F 457 -19.60 -40.54 1.00
CA ASP F 457 -18.71 -41.71 0.83
C ASP F 457 -19.01 -42.48 -0.44
N SER F 458 -20.08 -42.14 -1.17
CA SER F 458 -20.23 -42.83 -2.46
C SER F 458 -19.16 -42.42 -3.49
N ARG F 459 -18.20 -41.61 -3.05
CA ARG F 459 -17.10 -41.20 -3.92
C ARG F 459 -16.37 -42.42 -4.46
N MET F 460 -16.05 -42.37 -5.76
CA MET F 460 -15.45 -43.52 -6.44
C MET F 460 -14.01 -43.74 -6.02
N ASN F 461 -13.21 -42.67 -5.99
CA ASN F 461 -11.81 -42.77 -5.61
C ASN F 461 -11.36 -41.46 -4.96
N MET F 462 -10.55 -41.58 -3.90
CA MET F 462 -9.84 -40.43 -3.38
C MET F 462 -8.37 -40.62 -3.72
N PRO F 463 -7.78 -39.76 -4.56
CA PRO F 463 -6.38 -39.93 -4.95
C PRO F 463 -5.43 -40.03 -3.75
N ASN F 464 -4.30 -40.66 -4.00
CA ASN F 464 -3.20 -40.84 -3.06
C ASN F 464 -3.52 -41.81 -1.92
N THR F 465 -4.76 -42.25 -1.76
CA THR F 465 -5.13 -43.07 -0.62
C THR F 465 -5.16 -44.55 -1.00
N VAL F 466 -5.29 -45.40 0.02
CA VAL F 466 -4.95 -46.82 -0.05
C VAL F 466 -6.19 -47.72 -0.15
N GLY F 467 -7.31 -47.31 0.44
CA GLY F 467 -8.40 -48.23 0.68
C GLY F 467 -9.76 -47.65 0.35
N GLY F 468 -10.73 -48.56 0.24
CA GLY F 468 -12.12 -48.20 0.01
C GLY F 468 -12.39 -47.55 -1.33
N ASN F 469 -11.43 -47.67 -2.23
CA ASN F 469 -11.50 -47.02 -3.52
C ASN F 469 -12.08 -47.96 -4.57
N TRP F 470 -12.78 -47.37 -5.53
CA TRP F 470 -13.28 -48.04 -6.73
C TRP F 470 -14.42 -49.02 -6.48
N GLN F 471 -15.13 -48.90 -5.37
CA GLN F 471 -16.13 -49.90 -5.00
C GLN F 471 -17.57 -49.51 -5.29
N TRP F 472 -17.89 -48.22 -5.44
CA TRP F 472 -19.29 -47.83 -5.35
C TRP F 472 -20.15 -48.51 -6.40
N ARG F 473 -21.31 -48.98 -5.99
CA ARG F 473 -22.26 -49.58 -6.90
C ARG F 473 -23.63 -48.95 -6.73
N MET F 474 -24.36 -48.99 -7.82
CA MET F 474 -25.74 -48.54 -7.91
C MET F 474 -26.69 -49.69 -7.60
N ARG F 475 -27.73 -49.42 -6.81
CA ARG F 475 -28.85 -50.33 -6.65
C ARG F 475 -29.88 -50.07 -7.74
N LYS F 476 -30.43 -51.16 -8.32
CA LYS F 476 -31.55 -50.99 -9.24
C LYS F 476 -32.69 -50.21 -8.59
N GLU F 477 -32.78 -50.27 -7.26
CA GLU F 477 -33.69 -49.45 -6.46
C GLU F 477 -33.71 -48.00 -6.94
N ASP F 478 -32.55 -47.35 -6.88
CA ASP F 478 -32.46 -45.90 -6.90
C ASP F 478 -32.71 -45.28 -8.27
N LEU F 479 -32.63 -46.04 -9.37
CA LEU F 479 -32.95 -45.45 -10.66
C LEU F 479 -34.47 -45.38 -10.87
N THR F 480 -35.13 -44.62 -10.00
CA THR F 480 -36.58 -44.46 -10.03
C THR F 480 -37.03 -43.67 -11.26
N GLU F 481 -38.35 -43.75 -11.52
CA GLU F 481 -38.95 -42.96 -12.60
C GLU F 481 -38.68 -41.47 -12.44
N ASN F 482 -38.83 -40.95 -11.22
CA ASN F 482 -38.65 -39.52 -10.98
C ASN F 482 -37.22 -39.08 -11.27
N ARG F 483 -36.25 -39.96 -10.99
CA ARG F 483 -34.85 -39.64 -11.26
C ARG F 483 -34.52 -39.70 -12.76
N LYS F 484 -35.25 -40.51 -13.53
CA LYS F 484 -35.08 -40.48 -14.98
C LYS F 484 -35.72 -39.24 -15.60
N ALA F 485 -36.93 -38.90 -15.14
CA ALA F 485 -37.62 -37.71 -15.61
C ALA F 485 -36.83 -36.44 -15.28
N PHE F 486 -36.09 -36.43 -14.17
CA PHE F 486 -35.23 -35.29 -13.89
C PHE F 486 -34.18 -35.10 -14.99
N LEU F 487 -33.47 -36.17 -15.32
CA LEU F 487 -32.36 -36.05 -16.25
C LEU F 487 -32.87 -35.74 -17.66
N LYS F 488 -33.98 -36.39 -18.04
CA LYS F 488 -34.68 -36.01 -19.25
C LYS F 488 -35.04 -34.53 -19.23
N GLU F 489 -35.56 -34.04 -18.11
CA GLU F 489 -35.94 -32.64 -17.99
C GLU F 489 -34.78 -31.71 -18.29
N ILE F 490 -33.65 -31.89 -17.60
CA ILE F 490 -32.60 -30.89 -17.76
C ILE F 490 -31.86 -31.07 -19.08
N THR F 491 -32.01 -32.23 -19.74
CA THR F 491 -31.52 -32.36 -21.10
C THR F 491 -32.41 -31.62 -22.09
N THR F 492 -33.72 -31.59 -21.82
CA THR F 492 -34.65 -30.96 -22.75
C THR F 492 -34.74 -29.44 -22.54
N ILE F 493 -34.68 -28.99 -21.28
CA ILE F 493 -34.75 -27.56 -20.98
C ILE F 493 -33.58 -26.83 -21.60
N TYR F 494 -32.40 -27.44 -21.54
CA TYR F 494 -31.20 -26.75 -21.98
C TYR F 494 -30.74 -27.24 -23.35
N ASN F 495 -31.60 -27.98 -24.06
CA ASN F 495 -31.40 -28.34 -25.46
C ASN F 495 -30.12 -29.16 -25.65
N ARG F 496 -30.08 -30.33 -25.01
CA ARG F 496 -28.93 -31.24 -25.08
C ARG F 496 -29.37 -32.62 -25.54
N GLY F 497 -30.63 -32.78 -25.92
CA GLY F 497 -31.22 -34.07 -26.30
C GLY F 497 -30.62 -34.69 -27.53
N ASN F 498 -30.41 -36.00 -27.50
CA ASN F 498 -29.90 -36.75 -28.66
C ASN F 498 -30.86 -37.88 -28.96
N LYS F 499 -31.70 -37.68 -29.98
CA LYS F 499 -32.80 -38.62 -30.38
C LYS F 499 -33.77 -38.75 -29.20
N LYS G 3 4.76 10.85 -23.36
CA LYS G 3 4.73 11.23 -24.80
C LYS G 3 4.99 9.99 -25.62
N LYS G 4 5.33 10.20 -26.90
CA LYS G 4 5.80 9.07 -27.73
C LYS G 4 7.33 9.12 -27.71
N ARG G 5 7.93 10.25 -27.36
CA ARG G 5 9.40 10.40 -27.27
C ARG G 5 9.83 9.90 -25.90
N ALA G 6 11.02 9.32 -25.80
CA ALA G 6 11.36 8.67 -24.55
C ALA G 6 12.85 8.83 -24.30
N SER G 7 13.28 8.38 -23.13
CA SER G 7 14.66 8.53 -22.75
C SER G 7 14.96 7.50 -21.71
N GLY G 8 16.23 7.12 -21.68
CA GLY G 8 16.64 6.21 -20.63
C GLY G 8 18.14 6.20 -20.51
N VAL G 9 18.58 5.36 -19.58
CA VAL G 9 19.98 5.22 -19.23
C VAL G 9 20.39 3.77 -19.45
N LEU G 10 21.61 3.60 -19.96
CA LEU G 10 22.23 2.29 -20.16
C LEU G 10 23.26 2.10 -19.06
N MET G 11 22.99 1.14 -18.19
CA MET G 11 23.75 1.01 -16.94
C MET G 11 23.49 -0.40 -16.43
N HIS G 12 24.49 -1.28 -16.48
CA HIS G 12 24.27 -2.70 -16.09
C HIS G 12 24.16 -2.91 -14.58
N ILE G 13 23.53 -4.01 -14.18
CA ILE G 13 23.35 -4.30 -12.76
C ILE G 13 24.69 -4.37 -12.06
N THR G 14 25.76 -4.74 -12.78
CA THR G 14 27.04 -4.88 -12.13
C THR G 14 27.73 -3.55 -11.84
N SER G 15 27.33 -2.48 -12.51
CA SER G 15 27.97 -1.19 -12.30
C SER G 15 27.36 -0.40 -11.15
N LEU G 16 26.27 -0.87 -10.56
CA LEU G 16 25.68 -0.18 -9.43
C LEU G 16 26.70 -0.07 -8.29
N PRO G 17 26.61 0.96 -7.46
CA PRO G 17 27.44 1.02 -6.24
C PRO G 17 26.96 0.04 -5.18
N GLY G 18 27.87 -0.34 -4.30
CA GLY G 18 27.58 -1.30 -3.25
C GLY G 18 28.86 -1.86 -2.66
N ASP G 19 28.74 -2.36 -1.44
CA ASP G 19 29.92 -2.90 -0.74
C ASP G 19 30.13 -4.39 -0.99
N LEU G 20 29.41 -5.00 -1.94
CA LEU G 20 29.59 -6.41 -2.21
C LEU G 20 30.51 -6.65 -3.40
N GLY G 21 31.38 -5.69 -3.71
CA GLY G 21 32.28 -5.78 -4.84
C GLY G 21 31.64 -5.61 -6.19
N ILE G 22 30.31 -5.64 -6.26
CA ILE G 22 29.61 -5.65 -7.54
C ILE G 22 28.17 -5.20 -7.28
N GLY G 23 27.64 -4.39 -8.20
CA GLY G 23 26.25 -4.01 -8.12
C GLY G 23 25.36 -5.23 -8.09
N THR G 24 24.20 -5.10 -7.45
CA THR G 24 23.31 -6.23 -7.19
C THR G 24 21.86 -5.72 -7.12
N PHE G 25 20.92 -6.65 -6.86
CA PHE G 25 19.49 -6.35 -6.81
C PHE G 25 19.07 -5.69 -5.49
N GLY G 26 19.98 -5.04 -4.78
CA GLY G 26 19.68 -4.48 -3.48
C GLY G 26 19.14 -3.06 -3.53
N ARG G 27 19.26 -2.38 -2.39
CA ARG G 27 18.68 -1.05 -2.25
C ARG G 27 19.14 -0.10 -3.36
N GLU G 28 20.36 -0.28 -3.85
CA GLU G 28 20.90 0.70 -4.79
C GLU G 28 20.27 0.60 -6.18
N ALA G 29 19.73 -0.55 -6.55
CA ALA G 29 18.93 -0.58 -7.77
C ALA G 29 17.63 0.18 -7.57
N TYR G 30 17.04 0.06 -6.38
CA TYR G 30 15.80 0.78 -6.08
C TYR G 30 16.04 2.30 -6.11
N ALA G 31 17.18 2.73 -5.55
CA ALA G 31 17.59 4.12 -5.60
C ALA G 31 17.93 4.55 -7.02
N PHE G 32 18.49 3.63 -7.83
CA PHE G 32 18.69 3.97 -9.23
C PHE G 32 17.36 4.25 -9.94
N VAL G 33 16.35 3.43 -9.67
CA VAL G 33 15.01 3.72 -10.16
C VAL G 33 14.55 5.07 -9.68
N ASP G 34 14.84 5.38 -8.40
CA ASP G 34 14.40 6.66 -7.86
C ASP G 34 15.04 7.83 -8.58
N PHE G 35 16.30 7.65 -9.01
CA PHE G 35 16.97 8.68 -9.82
C PHE G 35 16.39 8.75 -11.24
N LEU G 36 16.00 7.61 -11.79
CA LEU G 36 15.35 7.61 -13.10
C LEU G 36 14.00 8.31 -13.04
N VAL G 37 13.25 8.09 -11.95
CA VAL G 37 11.95 8.73 -11.83
C VAL G 37 12.14 10.20 -11.55
N GLU G 38 13.21 10.55 -10.87
CA GLU G 38 13.47 11.97 -10.63
C GLU G 38 14.08 12.66 -11.84
N THR G 39 14.44 11.96 -12.92
CA THR G 39 14.82 12.69 -14.14
C THR G 39 13.89 12.43 -15.32
N ASP G 40 12.74 11.77 -15.11
CA ASP G 40 11.70 11.55 -16.11
C ASP G 40 12.16 10.60 -17.21
N GLN G 41 13.14 9.79 -16.91
CA GLN G 41 13.54 8.69 -17.76
C GLN G 41 12.39 7.70 -17.90
N LYS G 42 12.37 7.02 -19.05
CA LYS G 42 11.43 5.96 -19.35
C LYS G 42 12.08 4.58 -19.30
N PHE G 43 13.37 4.48 -19.62
CA PHE G 43 13.99 3.17 -19.82
C PHE G 43 15.26 3.02 -19.02
N TRP G 44 15.45 1.80 -18.53
CA TRP G 44 16.67 1.36 -17.87
C TRP G 44 17.17 0.15 -18.67
N GLN G 45 18.20 0.36 -19.47
CA GLN G 45 18.74 -0.68 -20.31
C GLN G 45 19.92 -1.31 -19.59
N ILE G 46 19.85 -2.64 -19.42
CA ILE G 46 20.88 -3.46 -18.80
C ILE G 46 21.47 -4.42 -19.83
N LEU G 47 22.64 -4.98 -19.49
CA LEU G 47 23.24 -6.11 -20.19
C LEU G 47 22.51 -7.38 -19.73
N PRO G 48 22.87 -8.56 -20.24
CA PRO G 48 22.08 -9.75 -19.89
C PRO G 48 22.43 -10.28 -18.50
N LEU G 49 21.41 -10.79 -17.83
CA LEU G 49 21.50 -11.22 -16.43
C LEU G 49 21.97 -12.65 -16.28
N THR G 50 22.66 -13.15 -17.29
CA THR G 50 22.95 -14.57 -17.42
C THR G 50 24.30 -14.93 -16.79
N THR G 51 24.49 -16.21 -16.52
CA THR G 51 25.68 -16.70 -15.85
C THR G 51 26.95 -16.30 -16.59
N THR G 52 28.05 -16.20 -15.85
CA THR G 52 29.32 -15.88 -16.47
C THR G 52 30.37 -16.90 -16.02
N SER G 53 31.46 -16.95 -16.78
CA SER G 53 32.61 -17.82 -16.53
C SER G 53 33.88 -17.00 -16.80
N PHE G 54 35.01 -17.66 -17.04
CA PHE G 54 36.24 -16.92 -17.34
C PHE G 54 36.00 -15.88 -18.43
N GLY G 55 36.57 -14.69 -18.23
CA GLY G 55 36.27 -13.54 -19.05
C GLY G 55 35.15 -12.66 -18.51
N ASP G 56 34.24 -13.23 -17.71
CA ASP G 56 33.12 -12.54 -17.03
C ASP G 56 32.10 -11.94 -18.00
N SER G 57 32.11 -12.34 -19.26
CA SER G 57 31.21 -11.73 -20.23
C SER G 57 29.82 -12.35 -20.15
N PRO G 58 28.75 -11.55 -20.00
CA PRO G 58 27.40 -12.12 -19.92
C PRO G 58 26.87 -12.68 -21.24
N TYR G 59 27.60 -12.51 -22.34
CA TYR G 59 27.21 -13.02 -23.65
C TYR G 59 27.84 -14.39 -23.95
N GLN G 60 28.28 -15.12 -22.93
CA GLN G 60 28.79 -16.49 -23.08
C GLN G 60 28.51 -17.24 -21.78
N SER G 61 27.31 -17.82 -21.68
CA SER G 61 26.78 -18.24 -20.38
C SER G 61 26.53 -19.73 -20.36
N PHE G 62 26.39 -20.26 -19.14
CA PHE G 62 26.05 -21.66 -18.96
C PHE G 62 24.60 -21.96 -19.33
N SER G 63 23.75 -20.94 -19.42
CA SER G 63 22.36 -21.19 -19.73
C SER G 63 21.76 -19.95 -20.39
N ALA G 64 20.80 -20.18 -21.28
CA ALA G 64 20.10 -19.09 -21.93
C ALA G 64 19.25 -18.27 -20.96
N VAL G 65 18.84 -18.85 -19.84
CA VAL G 65 17.86 -18.22 -18.98
C VAL G 65 18.31 -18.08 -17.53
N ALA G 66 19.24 -18.89 -17.05
CA ALA G 66 19.57 -18.91 -15.63
C ALA G 66 20.21 -17.60 -15.20
N GLY G 67 19.93 -17.21 -13.96
CA GLY G 67 20.35 -15.94 -13.44
C GLY G 67 21.75 -15.95 -12.85
N ASN G 68 22.55 -14.98 -13.27
CA ASN G 68 23.89 -14.76 -12.72
C ASN G 68 23.81 -14.57 -11.22
N THR G 69 24.50 -15.43 -10.50
CA THR G 69 24.34 -15.50 -9.07
C THR G 69 25.06 -14.38 -8.34
N HIS G 70 25.95 -13.66 -9.00
CA HIS G 70 26.60 -12.58 -8.26
C HIS G 70 25.65 -11.44 -7.98
N LEU G 71 24.56 -11.31 -8.74
CA LEU G 71 23.71 -10.14 -8.53
C LEU G 71 22.73 -10.31 -7.38
N ILE G 72 22.69 -11.48 -6.72
CA ILE G 72 21.87 -11.62 -5.52
C ILE G 72 22.42 -10.72 -4.44
N ASP G 73 21.53 -9.98 -3.80
CA ASP G 73 21.92 -9.04 -2.76
C ASP G 73 21.84 -9.71 -1.40
N PHE G 74 22.94 -9.62 -0.64
CA PHE G 74 22.96 -10.22 0.69
C PHE G 74 22.08 -9.48 1.69
N ASP G 75 21.96 -8.14 1.56
CA ASP G 75 21.20 -7.37 2.55
C ASP G 75 19.75 -7.81 2.61
N LEU G 76 19.17 -8.17 1.45
CA LEU G 76 17.79 -8.64 1.39
C LEU G 76 17.62 -10.06 1.92
N LEU G 77 18.64 -10.90 1.77
CA LEU G 77 18.56 -12.20 2.42
C LEU G 77 18.65 -12.04 3.93
N THR G 78 19.48 -11.10 4.38
CA THR G 78 19.54 -10.77 5.81
C THR G 78 18.18 -10.28 6.30
N LEU G 79 17.50 -9.48 5.48
CA LEU G 79 16.15 -9.05 5.81
C LEU G 79 15.10 -10.15 5.68
N GLU G 80 15.45 -11.31 5.14
CA GLU G 80 14.48 -12.41 5.09
C GLU G 80 14.60 -13.40 6.25
N GLY G 81 15.62 -13.28 7.09
CA GLY G 81 15.84 -14.26 8.14
C GLY G 81 16.70 -15.43 7.73
N PHE G 82 17.67 -15.20 6.86
CA PHE G 82 18.46 -16.28 6.30
C PHE G 82 19.93 -16.19 6.64
N ILE G 83 20.48 -14.97 6.77
CA ILE G 83 21.83 -14.77 7.28
C ILE G 83 21.86 -13.46 8.07
N SER G 84 23.01 -13.16 8.66
CA SER G 84 23.25 -11.89 9.32
C SER G 84 24.41 -11.17 8.64
N LYS G 85 24.57 -9.89 8.97
CA LYS G 85 25.62 -9.08 8.36
C LYS G 85 27.01 -9.48 8.82
N ASP G 86 27.13 -10.13 10.00
CA ASP G 86 28.38 -10.74 10.44
C ASP G 86 28.95 -11.69 9.39
N ASP G 87 28.07 -12.35 8.64
CA ASP G 87 28.46 -13.40 7.71
C ASP G 87 29.10 -12.87 6.43
N TYR G 88 28.93 -11.57 6.13
CA TYR G 88 29.53 -11.04 4.91
C TYR G 88 30.14 -9.65 5.00
N GLN G 89 29.90 -8.86 6.06
CA GLN G 89 30.36 -7.47 6.05
C GLN G 89 31.87 -7.34 6.24
N ASN G 90 32.58 -8.43 6.46
CA ASN G 90 34.02 -8.39 6.69
C ASN G 90 34.81 -9.03 5.56
N ILE G 91 34.15 -9.43 4.48
CA ILE G 91 34.79 -10.16 3.39
C ILE G 91 35.28 -9.16 2.36
N SER G 92 36.43 -9.46 1.75
CA SER G 92 37.17 -8.53 0.87
C SER G 92 36.74 -8.74 -0.57
N PHE G 93 35.77 -7.94 -1.03
CA PHE G 93 35.23 -8.13 -2.38
C PHE G 93 35.84 -7.20 -3.41
N GLY G 94 36.78 -6.34 -3.02
CA GLY G 94 37.45 -5.49 -4.00
C GLY G 94 38.50 -4.64 -3.32
N GLN G 95 39.19 -3.84 -4.13
CA GLN G 95 39.93 -2.71 -3.61
C GLN G 95 39.34 -1.38 -4.09
N ASP G 96 39.31 -1.15 -5.41
CA ASP G 96 38.75 0.10 -5.94
C ASP G 96 37.27 -0.11 -6.26
N PRO G 97 36.39 0.82 -5.87
CA PRO G 97 34.96 0.59 -6.09
C PRO G 97 34.53 0.81 -7.52
N GLU G 98 35.29 1.59 -8.30
CA GLU G 98 35.07 1.73 -9.74
C GLU G 98 35.34 0.45 -10.53
N VAL G 99 35.99 -0.55 -9.95
CA VAL G 99 36.38 -1.76 -10.66
C VAL G 99 35.82 -2.98 -9.96
N VAL G 100 35.13 -3.83 -10.71
CA VAL G 100 34.80 -5.16 -10.21
C VAL G 100 36.06 -6.02 -10.28
N ASP G 101 36.35 -6.74 -9.20
CA ASP G 101 37.44 -7.72 -9.23
C ASP G 101 36.76 -9.08 -9.31
N TYR G 102 36.74 -9.66 -10.51
CA TYR G 102 36.03 -10.91 -10.68
C TYR G 102 36.84 -12.11 -10.23
N ALA G 103 38.17 -12.02 -10.31
CA ALA G 103 39.04 -13.10 -9.86
C ALA G 103 38.73 -13.46 -8.42
N GLY G 104 38.24 -14.68 -8.22
CA GLY G 104 37.94 -15.16 -6.88
C GLY G 104 36.62 -14.70 -6.31
N LEU G 105 35.78 -14.02 -7.08
CA LEU G 105 34.54 -13.48 -6.54
C LEU G 105 33.50 -14.56 -6.28
N PHE G 106 33.39 -15.55 -7.18
CA PHE G 106 32.42 -16.62 -7.00
C PHE G 106 32.67 -17.37 -5.69
N GLU G 107 33.93 -17.66 -5.39
CA GLU G 107 34.27 -18.44 -4.20
C GLU G 107 34.17 -17.59 -2.94
N LYS G 108 34.53 -16.32 -3.02
CA LYS G 108 34.32 -15.43 -1.89
C LYS G 108 32.84 -15.36 -1.49
N ARG G 109 31.93 -15.30 -2.48
CA ARG G 109 30.50 -15.21 -2.16
C ARG G 109 29.87 -16.56 -1.81
N ARG G 110 30.50 -17.68 -2.18
CA ARG G 110 29.86 -18.99 -2.03
C ARG G 110 29.42 -19.33 -0.60
N PRO G 111 30.22 -19.14 0.45
CA PRO G 111 29.77 -19.59 1.78
C PRO G 111 28.54 -18.85 2.28
N VAL G 112 28.46 -17.55 1.97
CA VAL G 112 27.31 -16.74 2.38
C VAL G 112 26.03 -17.33 1.81
N LEU G 113 26.00 -17.50 0.48
CA LEU G 113 24.84 -18.07 -0.19
C LEU G 113 24.51 -19.46 0.35
N GLU G 114 25.54 -20.29 0.61
CA GLU G 114 25.29 -21.62 1.15
C GLU G 114 24.58 -21.55 2.51
N LYS G 115 24.98 -20.60 3.35
CA LYS G 115 24.28 -20.42 4.62
C LYS G 115 22.82 -20.05 4.37
N ALA G 116 22.60 -19.02 3.55
CA ALA G 116 21.24 -18.55 3.30
C ALA G 116 20.37 -19.67 2.73
N VAL G 117 20.96 -20.55 1.92
CA VAL G 117 20.19 -21.65 1.36
C VAL G 117 19.85 -22.66 2.44
N LYS G 118 20.85 -23.03 3.26
CA LYS G 118 20.60 -24.01 4.32
C LYS G 118 19.45 -23.55 5.20
N ASN G 119 19.39 -22.24 5.47
CA ASN G 119 18.37 -21.67 6.35
C ASN G 119 17.01 -21.54 5.68
N PHE G 120 16.97 -21.19 4.37
CA PHE G 120 15.70 -21.17 3.65
C PHE G 120 15.07 -22.55 3.62
N LEU G 121 15.86 -23.58 3.28
CA LEU G 121 15.35 -24.94 3.30
C LEU G 121 14.94 -25.39 4.70
N LYS G 122 15.60 -24.84 5.74
CA LYS G 122 15.28 -25.22 7.12
C LYS G 122 13.81 -25.01 7.47
N GLU G 123 13.17 -23.97 6.92
CA GLU G 123 11.78 -23.65 7.23
C GLU G 123 10.81 -24.67 6.66
N GLU G 124 9.71 -24.90 7.38
CA GLU G 124 8.81 -26.01 7.05
C GLU G 124 8.11 -25.77 5.72
N ARG G 125 7.41 -24.65 5.58
CA ARG G 125 6.65 -24.38 4.36
C ARG G 125 7.50 -23.66 3.33
N ALA G 126 8.68 -24.23 3.09
CA ALA G 126 9.62 -23.79 2.07
C ALA G 126 9.70 -24.72 0.88
N THR G 127 9.60 -26.04 1.11
CA THR G 127 9.53 -26.98 0.00
C THR G 127 8.43 -26.56 -0.97
N ARG G 128 7.23 -26.26 -0.44
CA ARG G 128 6.12 -25.88 -1.32
C ARG G 128 6.43 -24.63 -2.11
N MET G 129 7.31 -23.78 -1.60
CA MET G 129 7.65 -22.59 -2.36
C MET G 129 8.76 -22.84 -3.37
N LEU G 130 9.65 -23.79 -3.09
CA LEU G 130 10.58 -24.22 -4.13
C LEU G 130 9.83 -24.86 -5.29
N SER G 131 8.90 -25.78 -4.97
CA SER G 131 8.18 -26.52 -6.01
C SER G 131 7.44 -25.61 -6.94
N ASP G 132 6.56 -24.77 -6.39
CA ASP G 132 5.87 -23.77 -7.20
C ASP G 132 6.84 -23.02 -8.11
N PHE G 133 7.96 -22.54 -7.55
CA PHE G 133 8.93 -21.84 -8.37
C PHE G 133 9.36 -22.71 -9.54
N LEU G 134 9.72 -23.97 -9.25
CA LEU G 134 10.23 -24.88 -10.27
C LEU G 134 9.17 -25.22 -11.31
N GLN G 135 7.89 -25.20 -10.93
CA GLN G 135 6.87 -25.43 -11.96
C GLN G 135 6.64 -24.19 -12.83
N GLU G 136 7.00 -22.99 -12.35
CA GLU G 136 6.92 -21.79 -13.17
C GLU G 136 8.18 -21.55 -14.00
N GLU G 137 9.28 -22.20 -13.62
CA GLU G 137 10.56 -22.11 -14.34
C GLU G 137 11.07 -23.55 -14.35
N LYS G 138 10.77 -24.26 -15.44
CA LYS G 138 10.97 -25.70 -15.48
C LYS G 138 12.37 -26.09 -15.91
N TRP G 139 13.14 -25.14 -16.45
CA TRP G 139 14.51 -25.38 -16.87
C TRP G 139 15.47 -25.55 -15.69
N VAL G 140 15.04 -25.25 -14.47
CA VAL G 140 15.99 -24.96 -13.39
C VAL G 140 16.77 -26.20 -13.00
N THR G 141 16.05 -27.27 -12.67
CA THR G 141 16.68 -28.46 -12.12
C THR G 141 17.78 -28.99 -13.04
N ASP G 142 17.56 -28.94 -14.37
CA ASP G 142 18.56 -29.52 -15.26
C ASP G 142 19.79 -28.63 -15.39
N PHE G 143 19.63 -27.31 -15.21
CA PHE G 143 20.77 -26.43 -15.04
C PHE G 143 21.48 -26.63 -13.68
N ALA G 144 20.73 -26.96 -12.62
CA ALA G 144 21.37 -27.24 -11.34
C ALA G 144 22.15 -28.54 -11.39
N GLU G 145 21.69 -29.48 -12.22
CA GLU G 145 22.44 -30.70 -12.49
C GLU G 145 23.73 -30.37 -13.23
N PHE G 146 23.63 -29.55 -14.26
CA PHE G 146 24.83 -29.11 -14.98
C PHE G 146 25.85 -28.51 -14.03
N MET G 147 25.41 -27.61 -13.16
CA MET G 147 26.38 -26.96 -12.29
C MET G 147 26.96 -27.93 -11.28
N ALA G 148 26.13 -28.81 -10.70
CA ALA G 148 26.64 -29.74 -9.70
C ALA G 148 27.70 -30.66 -10.31
N ILE G 149 27.41 -31.20 -11.49
CA ILE G 149 28.41 -32.03 -12.16
C ILE G 149 29.67 -31.23 -12.45
N LYS G 150 29.52 -30.02 -12.99
CA LYS G 150 30.68 -29.18 -13.29
C LYS G 150 31.58 -29.01 -12.07
N GLU G 151 30.99 -28.58 -10.94
CA GLU G 151 31.74 -28.45 -9.69
C GLU G 151 32.39 -29.77 -9.29
N HIS G 152 31.68 -30.89 -9.48
CA HIS G 152 32.24 -32.21 -9.15
C HIS G 152 33.56 -32.45 -9.87
N PHE G 153 33.58 -32.24 -11.18
CA PHE G 153 34.80 -32.45 -11.96
C PHE G 153 35.80 -31.31 -11.80
N GLY G 154 35.67 -30.51 -10.75
CA GLY G 154 36.61 -29.43 -10.57
C GLY G 154 36.48 -28.35 -11.60
N ASN G 155 35.27 -28.11 -12.09
CA ASN G 155 34.95 -26.97 -12.93
C ASN G 155 35.61 -27.03 -14.29
N LYS G 156 35.84 -28.22 -14.81
CA LYS G 156 36.24 -28.28 -16.20
C LYS G 156 35.07 -27.87 -17.11
N ALA G 157 35.40 -27.52 -18.34
CA ALA G 157 34.35 -27.32 -19.33
C ALA G 157 33.57 -28.62 -19.52
N LEU G 158 32.39 -28.49 -20.11
CA LEU G 158 31.56 -29.65 -20.38
C LEU G 158 32.30 -30.69 -21.22
N GLN G 159 33.01 -30.24 -22.25
CA GLN G 159 33.68 -31.18 -23.15
C GLN G 159 34.83 -31.94 -22.48
N GLU G 160 35.26 -31.54 -21.28
CA GLU G 160 36.38 -32.21 -20.63
C GLU G 160 35.98 -32.81 -19.29
N TRP G 161 34.72 -33.21 -19.15
CA TRP G 161 34.35 -34.04 -18.02
C TRP G 161 35.07 -35.39 -18.15
N ASP G 162 35.28 -36.04 -17.00
CA ASP G 162 36.07 -37.29 -16.99
C ASP G 162 35.25 -38.51 -17.41
N ASP G 163 34.02 -38.63 -16.91
CA ASP G 163 33.11 -39.73 -17.25
C ASP G 163 32.35 -39.37 -18.54
N LYS G 164 32.69 -40.02 -19.65
CA LYS G 164 32.06 -39.68 -20.93
C LYS G 164 30.65 -40.21 -21.05
N ALA G 165 30.21 -41.10 -20.17
CA ALA G 165 28.82 -41.52 -20.20
C ALA G 165 27.91 -40.35 -19.87
N ILE G 166 28.33 -39.52 -18.91
CA ILE G 166 27.50 -38.40 -18.50
C ILE G 166 27.57 -37.26 -19.51
N ILE G 167 28.69 -37.12 -20.24
CA ILE G 167 28.74 -36.11 -21.30
C ILE G 167 27.61 -36.31 -22.29
N ARG G 168 27.36 -37.57 -22.66
CA ARG G 168 26.30 -37.92 -23.60
C ARG G 168 25.03 -38.39 -22.89
N ARG G 169 24.92 -38.15 -21.59
CA ARG G 169 23.65 -38.25 -20.86
C ARG G 169 23.03 -39.65 -20.96
N GLU G 170 23.86 -40.66 -20.68
CA GLU G 170 23.30 -42.00 -20.43
C GLU G 170 22.39 -41.95 -19.22
N GLU G 171 21.27 -42.65 -19.29
CA GLU G 171 20.21 -42.49 -18.30
C GLU G 171 20.59 -43.09 -16.94
N GLU G 172 21.41 -44.15 -16.93
CA GLU G 172 21.81 -44.74 -15.66
C GLU G 172 22.88 -43.90 -14.97
N ALA G 173 23.80 -43.33 -15.77
CA ALA G 173 24.73 -42.33 -15.24
C ALA G 173 23.98 -41.11 -14.70
N LEU G 174 22.97 -40.65 -15.43
CA LEU G 174 22.16 -39.53 -14.94
C LEU G 174 21.54 -39.85 -13.58
N ALA G 175 20.94 -41.03 -13.44
CA ALA G 175 20.34 -41.37 -12.15
C ALA G 175 21.39 -41.34 -11.06
N GLY G 176 22.56 -41.91 -11.35
CA GLY G 176 23.61 -41.98 -10.35
C GLY G 176 24.07 -40.62 -9.89
N TYR G 177 24.33 -39.72 -10.84
CA TYR G 177 24.81 -38.38 -10.47
C TYR G 177 23.72 -37.57 -9.77
N ARG G 178 22.47 -37.71 -10.19
CA ARG G 178 21.37 -37.03 -9.50
C ARG G 178 21.31 -37.45 -8.04
N GLN G 179 21.55 -38.73 -7.76
CA GLN G 179 21.41 -39.12 -6.37
C GLN G 179 22.69 -38.89 -5.56
N LYS G 180 23.85 -39.13 -6.18
CA LYS G 180 25.14 -38.72 -5.61
C LYS G 180 25.08 -37.27 -5.15
N LEU G 181 24.79 -36.37 -6.09
CA LEU G 181 25.01 -34.94 -5.93
C LEU G 181 23.76 -34.17 -5.51
N SER G 182 22.72 -34.87 -5.04
CA SER G 182 21.42 -34.24 -4.82
C SER G 182 21.51 -32.96 -3.98
N GLU G 183 22.30 -33.00 -2.90
CA GLU G 183 22.38 -31.86 -1.99
C GLU G 183 23.02 -30.65 -2.68
N VAL G 184 23.98 -30.88 -3.56
CA VAL G 184 24.57 -29.77 -4.32
C VAL G 184 23.61 -29.25 -5.36
N ILE G 185 22.82 -30.14 -5.97
CA ILE G 185 21.84 -29.72 -6.96
C ILE G 185 20.83 -28.78 -6.33
N LYS G 186 20.40 -29.08 -5.09
CA LYS G 186 19.37 -28.25 -4.47
C LYS G 186 19.88 -26.86 -4.14
N TYR G 187 21.19 -26.70 -3.91
CA TYR G 187 21.75 -25.36 -3.73
C TYR G 187 21.55 -24.50 -4.98
N HIS G 188 21.82 -25.05 -6.15
CA HIS G 188 21.70 -24.25 -7.35
C HIS G 188 20.24 -23.96 -7.66
N GLU G 189 19.37 -24.94 -7.39
CA GLU G 189 17.93 -24.66 -7.50
C GLU G 189 17.54 -23.46 -6.62
N VAL G 190 17.89 -23.52 -5.33
CA VAL G 190 17.47 -22.49 -4.40
C VAL G 190 18.14 -21.16 -4.71
N THR G 191 19.36 -21.20 -5.21
CA THR G 191 20.01 -19.98 -5.67
C THR G 191 19.22 -19.34 -6.81
N GLN G 192 18.66 -20.15 -7.71
CA GLN G 192 17.86 -19.59 -8.80
C GLN G 192 16.51 -19.06 -8.28
N TYR G 193 15.96 -19.70 -7.25
CA TYR G 193 14.78 -19.18 -6.57
C TYR G 193 15.03 -17.78 -5.99
N PHE G 194 16.18 -17.59 -5.33
CA PHE G 194 16.53 -16.29 -4.79
C PHE G 194 16.73 -15.26 -5.90
N PHE G 195 17.56 -15.61 -6.89
CA PHE G 195 17.74 -14.73 -8.04
C PHE G 195 16.42 -14.20 -8.58
N TYR G 196 15.45 -15.10 -8.79
CA TYR G 196 14.19 -14.65 -9.41
C TYR G 196 13.30 -13.87 -8.45
N LYS G 197 13.27 -14.27 -7.16
CA LYS G 197 12.53 -13.47 -6.17
C LYS G 197 13.01 -12.02 -6.19
N GLN G 198 14.33 -11.83 -6.07
CA GLN G 198 14.87 -10.47 -6.03
C GLN G 198 14.69 -9.75 -7.36
N TRP G 199 14.85 -10.47 -8.48
CA TRP G 199 14.68 -9.80 -9.77
C TRP G 199 13.27 -9.25 -9.92
N PHE G 200 12.26 -10.07 -9.64
CA PHE G 200 10.91 -9.59 -9.90
C PHE G 200 10.47 -8.56 -8.86
N GLU G 201 11.00 -8.63 -7.64
CA GLU G 201 10.74 -7.52 -6.72
C GLU G 201 11.26 -6.22 -7.31
N LEU G 202 12.51 -6.24 -7.80
CA LEU G 202 13.05 -5.02 -8.41
C LEU G 202 12.21 -4.60 -9.61
N LYS G 203 11.68 -5.57 -10.36
CA LYS G 203 10.98 -5.22 -11.59
C LYS G 203 9.58 -4.67 -11.33
N GLU G 204 8.87 -5.16 -10.31
CA GLU G 204 7.63 -4.51 -9.95
C GLU G 204 7.88 -3.12 -9.38
N TYR G 205 8.92 -2.96 -8.55
CA TYR G 205 9.24 -1.62 -8.09
C TYR G 205 9.40 -0.67 -9.28
N ALA G 206 10.17 -1.09 -10.28
CA ALA G 206 10.41 -0.24 -11.44
C ALA G 206 9.14 -0.01 -12.26
N ASN G 207 8.36 -1.07 -12.49
CA ASN G 207 7.18 -0.94 -13.33
C ASN G 207 6.17 0.01 -12.72
N ASP G 208 5.97 -0.09 -11.39
CA ASP G 208 4.95 0.71 -10.73
C ASP G 208 5.30 2.19 -10.66
N LYS G 209 6.52 2.58 -11.00
CA LYS G 209 6.88 3.97 -11.13
C LYS G 209 7.01 4.42 -12.58
N GLY G 210 6.64 3.56 -13.54
CA GLY G 210 6.74 3.93 -14.93
C GLY G 210 8.12 3.78 -15.55
N ILE G 211 9.07 3.22 -14.80
CA ILE G 211 10.36 2.78 -15.33
C ILE G 211 10.21 1.43 -16.00
N GLN G 212 10.68 1.33 -17.24
CA GLN G 212 10.61 0.09 -18.00
C GLN G 212 12.02 -0.40 -18.28
N ILE G 213 12.23 -1.73 -18.21
CA ILE G 213 13.54 -2.35 -18.34
C ILE G 213 13.74 -2.93 -19.74
N ILE G 214 14.80 -2.52 -20.40
CA ILE G 214 15.21 -3.13 -21.65
C ILE G 214 16.23 -4.23 -21.35
N GLY G 215 15.87 -5.47 -21.64
CA GLY G 215 16.74 -6.60 -21.41
C GLY G 215 17.69 -6.86 -22.55
N ASP G 216 18.21 -8.09 -22.58
CA ASP G 216 19.21 -8.48 -23.57
C ASP G 216 19.17 -9.99 -23.67
N MET G 217 18.73 -10.48 -24.82
CA MET G 217 18.90 -11.87 -25.19
C MET G 217 20.20 -12.00 -25.97
N PRO G 218 21.22 -12.67 -25.45
CA PRO G 218 22.43 -12.89 -26.24
C PRO G 218 22.19 -13.94 -27.31
N ILE G 219 22.65 -13.65 -28.53
CA ILE G 219 22.34 -14.51 -29.69
C ILE G 219 22.76 -15.94 -29.43
N TYR G 220 24.01 -16.14 -29.03
CA TYR G 220 24.67 -17.42 -28.87
C TYR G 220 24.89 -17.70 -27.38
N VAL G 221 25.08 -18.98 -27.06
CA VAL G 221 25.47 -19.40 -25.73
C VAL G 221 26.88 -19.99 -25.78
N SER G 222 27.40 -20.32 -24.61
CA SER G 222 28.72 -20.92 -24.48
C SER G 222 28.71 -22.38 -24.99
N ALA G 223 29.88 -22.86 -25.38
CA ALA G 223 30.00 -24.31 -25.59
C ALA G 223 29.86 -25.07 -24.28
N ASP G 224 30.43 -24.52 -23.21
CA ASP G 224 30.28 -25.08 -21.86
C ASP G 224 28.89 -24.66 -21.40
N SER G 225 27.87 -25.48 -21.68
CA SER G 225 26.51 -24.98 -21.52
C SER G 225 25.48 -26.10 -21.31
N VAL G 226 24.42 -25.76 -20.56
CA VAL G 226 23.35 -26.74 -20.33
C VAL G 226 22.60 -27.07 -21.62
N GLU G 227 22.50 -26.15 -22.57
CA GLU G 227 21.78 -26.47 -23.81
C GLU G 227 22.60 -27.37 -24.72
N VAL G 228 23.89 -27.05 -24.91
CA VAL G 228 24.79 -27.97 -25.60
C VAL G 228 24.73 -29.36 -24.96
N TRP G 229 24.65 -29.42 -23.63
CA TRP G 229 24.59 -30.71 -22.93
C TRP G 229 23.27 -31.44 -23.21
N THR G 230 22.15 -30.73 -23.08
CA THR G 230 20.83 -31.35 -23.11
C THR G 230 20.11 -31.21 -24.45
N MET G 231 20.56 -30.33 -25.34
CA MET G 231 19.95 -30.18 -26.66
C MET G 231 21.04 -29.96 -27.72
N PRO G 232 21.92 -30.94 -27.90
CA PRO G 232 22.98 -30.79 -28.91
C PRO G 232 22.44 -30.78 -30.32
N GLU G 233 21.17 -31.17 -30.50
CA GLU G 233 20.47 -31.11 -31.78
C GLU G 233 20.32 -29.67 -32.28
N LEU G 234 20.45 -28.68 -31.38
CA LEU G 234 20.37 -27.27 -31.76
C LEU G 234 21.62 -26.75 -32.46
N PHE G 235 22.76 -27.43 -32.28
CA PHE G 235 24.07 -26.92 -32.69
C PHE G 235 24.71 -27.81 -33.74
N LYS G 236 25.77 -27.27 -34.33
CA LYS G 236 26.66 -28.00 -35.24
C LYS G 236 27.75 -28.62 -34.38
N LEU G 237 27.49 -29.83 -33.89
CA LEU G 237 28.40 -30.52 -33.00
C LEU G 237 28.94 -31.80 -33.64
N ASP G 238 29.90 -32.42 -32.95
CA ASP G 238 30.21 -33.82 -33.15
C ASP G 238 29.73 -34.59 -31.92
N ARG G 239 30.08 -35.88 -31.87
CA ARG G 239 29.30 -36.81 -31.03
C ARG G 239 29.61 -36.64 -29.55
N ASP G 240 30.87 -36.37 -29.18
CA ASP G 240 31.20 -35.99 -27.82
C ASP G 240 31.32 -34.47 -27.65
N LYS G 241 30.62 -33.71 -28.50
CA LYS G 241 30.13 -32.35 -28.23
C LYS G 241 31.16 -31.24 -28.36
N GLN G 242 32.27 -31.48 -29.07
CA GLN G 242 33.10 -30.34 -29.43
C GLN G 242 32.50 -29.61 -30.63
N PRO G 243 32.52 -28.27 -30.63
CA PRO G 243 31.93 -27.52 -31.74
C PRO G 243 32.60 -27.83 -33.08
N LEU G 244 31.80 -28.04 -34.13
CA LEU G 244 32.34 -28.24 -35.47
C LEU G 244 32.88 -26.92 -36.04
N ALA G 245 32.15 -25.84 -35.82
CA ALA G 245 32.62 -24.48 -36.13
C ALA G 245 32.25 -23.59 -34.96
N ILE G 246 32.90 -22.42 -34.89
CA ILE G 246 32.60 -21.47 -33.84
C ILE G 246 32.22 -20.14 -34.44
N ALA G 247 31.81 -19.25 -33.55
CA ALA G 247 31.15 -18.00 -33.89
C ALA G 247 32.10 -16.83 -33.73
N GLY G 248 31.77 -15.76 -34.42
CA GLY G 248 32.61 -14.58 -34.45
C GLY G 248 32.19 -13.70 -35.62
N VAL G 249 33.15 -12.94 -36.11
CA VAL G 249 32.80 -11.85 -36.99
C VAL G 249 34.12 -11.48 -37.69
N PRO G 250 34.09 -11.17 -38.98
CA PRO G 250 35.32 -11.01 -39.74
C PRO G 250 35.85 -9.58 -39.65
N ALA G 251 37.01 -9.40 -40.27
CA ALA G 251 37.60 -8.07 -40.40
C ALA G 251 36.66 -7.13 -41.14
N ASP G 252 36.79 -5.84 -40.82
CA ASP G 252 36.07 -4.79 -41.51
C ASP G 252 36.96 -3.56 -41.55
N ASP G 253 36.37 -2.39 -41.79
CA ASP G 253 37.16 -1.25 -42.24
C ASP G 253 37.69 -0.34 -41.12
N PHE G 254 37.45 -0.61 -39.84
CA PHE G 254 38.35 -0.01 -38.85
C PHE G 254 39.08 -1.03 -37.96
N SER G 255 38.72 -2.30 -37.98
CA SER G 255 39.57 -3.32 -37.35
C SER G 255 39.70 -4.48 -38.34
N ASP G 256 40.95 -4.84 -38.65
CA ASP G 256 41.36 -5.75 -39.73
C ASP G 256 41.46 -7.21 -39.30
N ASP G 257 41.18 -7.52 -38.04
CA ASP G 257 41.45 -8.84 -37.50
C ASP G 257 40.20 -9.64 -37.15
N GLY G 258 39.06 -8.97 -37.03
CA GLY G 258 37.83 -9.65 -36.70
C GLY G 258 37.79 -10.04 -35.24
N GLN G 259 36.71 -10.72 -34.86
CA GLN G 259 36.56 -11.19 -33.49
C GLN G 259 36.31 -12.68 -33.49
N LEU G 260 37.20 -13.41 -32.85
CA LEU G 260 36.89 -14.75 -32.37
C LEU G 260 35.96 -14.61 -31.17
N TRP G 261 34.74 -15.17 -31.26
CA TRP G 261 33.85 -15.20 -30.11
C TRP G 261 33.94 -16.53 -29.35
N GLY G 262 33.88 -17.64 -30.08
CA GLY G 262 34.10 -18.96 -29.52
C GLY G 262 32.84 -19.80 -29.40
N ASN G 263 31.66 -19.17 -29.32
CA ASN G 263 30.43 -19.89 -29.05
C ASN G 263 30.17 -20.96 -30.12
N PRO G 264 29.40 -21.97 -29.77
CA PRO G 264 28.90 -22.92 -30.77
C PRO G 264 27.98 -22.26 -31.79
N ILE G 265 27.90 -22.91 -32.96
CA ILE G 265 27.13 -22.45 -34.11
C ILE G 265 25.82 -23.21 -34.17
N TYR G 266 24.76 -22.51 -34.57
CA TYR G 266 23.47 -23.15 -34.68
C TYR G 266 23.36 -23.95 -35.96
N ASN G 267 22.82 -25.15 -35.83
CA ASN G 267 22.35 -25.90 -37.00
C ASN G 267 20.95 -25.41 -37.30
N TRP G 268 20.86 -24.33 -38.08
CA TRP G 268 19.58 -23.69 -38.34
C TRP G 268 18.56 -24.65 -38.98
N ASP G 269 19.02 -25.72 -39.62
CA ASP G 269 18.09 -26.62 -40.31
C ASP G 269 17.22 -27.38 -39.30
N TYR G 270 17.84 -27.96 -38.26
CA TYR G 270 17.05 -28.61 -37.22
C TYR G 270 16.10 -27.61 -36.59
N HIS G 271 16.53 -26.35 -36.49
CA HIS G 271 15.67 -25.31 -35.93
C HIS G 271 14.42 -25.15 -36.76
N LYS G 272 14.57 -24.82 -38.05
CA LYS G 272 13.41 -24.61 -38.91
C LYS G 272 12.51 -25.83 -38.92
N GLU G 273 13.09 -27.05 -38.90
CA GLU G 273 12.21 -28.20 -38.84
C GLU G 273 11.49 -28.31 -37.50
N SER G 274 12.10 -27.79 -36.42
CA SER G 274 11.41 -27.75 -35.14
C SER G 274 10.41 -26.61 -35.05
N ASP G 275 10.19 -25.89 -36.16
CA ASP G 275 9.43 -24.64 -36.17
C ASP G 275 9.84 -23.75 -35.01
N PHE G 276 11.16 -23.66 -34.80
CA PHE G 276 11.78 -22.72 -33.88
C PHE G 276 11.22 -22.82 -32.46
N ASP G 277 10.83 -24.03 -32.05
CA ASP G 277 10.38 -24.27 -30.68
C ASP G 277 11.28 -23.57 -29.68
N TRP G 278 12.59 -23.78 -29.80
CA TRP G 278 13.50 -23.21 -28.79
C TRP G 278 13.47 -21.68 -28.81
N TRP G 279 13.41 -21.07 -30.00
CA TRP G 279 13.41 -19.62 -30.04
C TRP G 279 12.10 -19.04 -29.53
N ILE G 280 10.98 -19.70 -29.80
CA ILE G 280 9.74 -19.28 -29.16
C ILE G 280 9.91 -19.30 -27.64
N TYR G 281 10.55 -20.34 -27.12
CA TYR G 281 10.80 -20.41 -25.68
C TYR G 281 11.64 -19.23 -25.22
N ARG G 282 12.67 -18.89 -25.98
CA ARG G 282 13.61 -17.85 -25.52
C ARG G 282 12.97 -16.47 -25.56
N ILE G 283 12.38 -16.09 -26.71
CA ILE G 283 11.63 -14.84 -26.81
C ILE G 283 10.57 -14.77 -25.70
N GLN G 284 9.90 -15.89 -25.42
CA GLN G 284 8.81 -15.84 -24.45
C GLN G 284 9.34 -15.52 -23.05
N SER G 285 10.31 -16.30 -22.57
CA SER G 285 10.92 -16.05 -21.26
C SER G 285 11.48 -14.64 -21.20
N GLY G 286 12.06 -14.17 -22.31
CA GLY G 286 12.68 -12.86 -22.32
C GLY G 286 11.68 -11.73 -22.12
N VAL G 287 10.57 -11.77 -22.87
CA VAL G 287 9.56 -10.72 -22.68
C VAL G 287 8.72 -10.95 -21.44
N LYS G 288 8.92 -12.04 -20.72
CA LYS G 288 8.44 -12.04 -19.35
C LYS G 288 9.41 -11.33 -18.43
N MET G 289 10.71 -11.56 -18.58
CA MET G 289 11.65 -11.02 -17.61
C MET G 289 11.93 -9.54 -17.81
N TYR G 290 11.38 -8.94 -18.83
CA TYR G 290 11.69 -7.57 -19.13
C TYR G 290 10.42 -6.90 -19.64
N ASP G 291 10.59 -5.69 -20.15
CA ASP G 291 9.51 -4.97 -20.79
C ASP G 291 9.78 -4.72 -22.26
N TYR G 292 11.04 -4.50 -22.61
CA TYR G 292 11.51 -4.52 -23.98
C TYR G 292 12.68 -5.50 -24.04
N LEU G 293 12.72 -6.29 -25.11
CA LEU G 293 13.75 -7.31 -25.30
C LEU G 293 14.70 -6.84 -26.41
N ARG G 294 15.98 -6.70 -26.09
CA ARG G 294 16.95 -6.29 -27.09
C ARG G 294 17.63 -7.52 -27.66
N ILE G 295 17.30 -7.84 -28.91
CA ILE G 295 17.86 -9.01 -29.58
C ILE G 295 19.25 -8.67 -30.08
N ASP G 296 20.21 -9.41 -29.62
CA ASP G 296 21.60 -9.05 -29.76
C ASP G 296 22.18 -9.66 -31.04
N HIS G 297 23.03 -8.89 -31.73
CA HIS G 297 23.64 -9.25 -33.01
C HIS G 297 22.60 -9.70 -34.03
N PHE G 298 21.65 -8.78 -34.31
CA PHE G 298 20.54 -9.07 -35.23
C PHE G 298 21.01 -9.60 -36.56
N LYS G 299 22.10 -9.05 -37.09
CA LYS G 299 22.66 -9.53 -38.35
C LYS G 299 22.86 -11.05 -38.32
N GLY G 300 22.99 -11.63 -37.14
CA GLY G 300 23.12 -13.06 -37.01
C GLY G 300 21.90 -13.88 -37.39
N PHE G 301 20.80 -13.23 -37.77
CA PHE G 301 19.59 -13.95 -38.14
C PHE G 301 19.31 -13.93 -39.65
N SER G 302 20.15 -13.28 -40.44
CA SER G 302 20.06 -13.39 -41.88
C SER G 302 21.24 -14.15 -42.48
N ASP G 303 22.46 -13.71 -42.15
CA ASP G 303 23.70 -14.37 -42.55
C ASP G 303 24.68 -14.21 -41.40
N TYR G 304 25.19 -15.34 -40.88
CA TYR G 304 26.11 -15.34 -39.75
C TYR G 304 27.49 -15.86 -40.15
N TRP G 305 28.49 -15.44 -39.38
CA TRP G 305 29.89 -15.74 -39.68
C TRP G 305 30.31 -17.05 -38.99
N GLU G 306 30.83 -17.98 -39.81
CA GLU G 306 31.10 -19.35 -39.41
C GLU G 306 32.62 -19.56 -39.50
N ILE G 307 33.30 -19.49 -38.36
CA ILE G 307 34.73 -19.77 -38.33
C ILE G 307 34.91 -21.28 -38.23
N ARG G 308 35.54 -21.85 -39.25
CA ARG G 308 35.73 -23.29 -39.31
C ARG G 308 36.65 -23.74 -38.18
N GLY G 309 36.55 -25.03 -37.85
CA GLY G 309 37.33 -25.56 -36.74
C GLY G 309 38.84 -25.39 -36.92
N ASP G 310 39.34 -25.65 -38.13
CA ASP G 310 40.78 -25.59 -38.39
C ASP G 310 41.25 -24.16 -38.61
N TYR G 311 40.88 -23.27 -37.68
CA TYR G 311 41.14 -21.85 -37.84
C TYR G 311 42.45 -21.46 -37.18
N GLN G 312 43.10 -20.47 -37.78
CA GLN G 312 44.13 -19.71 -37.11
C GLN G 312 43.85 -18.21 -37.11
N THR G 313 42.78 -17.77 -37.79
CA THR G 313 42.39 -16.37 -37.86
C THR G 313 40.87 -16.28 -37.78
N ALA G 314 40.38 -15.15 -37.25
CA ALA G 314 38.95 -14.89 -37.33
C ALA G 314 38.49 -14.75 -38.78
N ASN G 315 39.39 -14.40 -39.70
CA ASN G 315 39.09 -14.33 -41.12
C ASN G 315 39.27 -15.67 -41.82
N ASP G 316 39.11 -16.76 -41.08
CA ASP G 316 39.14 -18.14 -41.57
C ASP G 316 37.73 -18.72 -41.61
N GLY G 317 36.75 -17.91 -42.02
CA GLY G 317 35.38 -18.36 -41.95
C GLY G 317 34.56 -18.05 -43.19
N SER G 318 33.24 -18.15 -43.08
CA SER G 318 32.35 -17.91 -44.21
C SER G 318 31.09 -17.21 -43.72
N TRP G 319 30.35 -16.62 -44.66
CA TRP G 319 29.01 -16.11 -44.35
C TRP G 319 28.00 -17.19 -44.75
N GLN G 320 27.29 -17.74 -43.77
CA GLN G 320 26.29 -18.78 -43.95
C GLN G 320 24.90 -18.21 -43.75
N PRO G 321 23.89 -18.73 -44.45
CA PRO G 321 22.54 -18.18 -44.28
C PRO G 321 21.83 -18.77 -43.07
N ALA G 322 21.09 -17.87 -42.35
CA ALA G 322 20.14 -18.25 -41.32
C ALA G 322 18.76 -17.83 -41.75
N PRO G 323 17.73 -18.62 -41.43
CA PRO G 323 16.36 -18.41 -41.93
C PRO G 323 15.55 -17.38 -41.14
N GLY G 324 16.06 -16.14 -41.09
CA GLY G 324 15.47 -15.06 -40.32
C GLY G 324 13.99 -14.78 -40.49
N PRO G 325 13.55 -14.52 -41.73
CA PRO G 325 12.15 -14.11 -41.93
C PRO G 325 11.14 -15.16 -41.48
N GLU G 326 11.43 -16.43 -41.72
CA GLU G 326 10.59 -17.50 -41.19
C GLU G 326 10.55 -17.47 -39.66
N LEU G 327 11.70 -17.20 -39.02
CA LEU G 327 11.78 -17.27 -37.56
C LEU G 327 10.99 -16.15 -36.90
N PHE G 328 11.11 -14.92 -37.39
CA PHE G 328 10.31 -13.87 -36.78
C PHE G 328 8.86 -13.93 -37.19
N ALA G 329 8.57 -14.38 -38.41
CA ALA G 329 7.19 -14.68 -38.80
C ALA G 329 6.56 -15.67 -37.83
N THR G 330 7.25 -16.79 -37.55
CA THR G 330 6.78 -17.77 -36.57
C THR G 330 6.56 -17.12 -35.21
N ILE G 331 7.56 -16.38 -34.72
CA ILE G 331 7.46 -15.74 -33.41
C ILE G 331 6.23 -14.85 -33.34
N LYS G 332 6.06 -13.98 -34.35
CA LYS G 332 4.90 -13.10 -34.44
C LYS G 332 3.62 -13.90 -34.51
N GLU G 333 3.65 -15.03 -35.19
CA GLU G 333 2.46 -15.85 -35.38
C GLU G 333 2.02 -16.51 -34.09
N LYS G 334 2.96 -16.79 -33.17
CA LYS G 334 2.62 -17.46 -31.92
C LYS G 334 2.55 -16.53 -30.72
N LEU G 335 3.34 -15.45 -30.72
CA LEU G 335 3.38 -14.53 -29.60
C LEU G 335 2.78 -13.16 -29.91
N GLY G 336 2.74 -12.75 -31.17
CA GLY G 336 2.07 -11.53 -31.57
C GLY G 336 3.00 -10.35 -31.80
N ASP G 337 2.47 -9.13 -31.62
CA ASP G 337 3.33 -7.96 -31.57
C ASP G 337 4.12 -7.97 -30.27
N LEU G 338 5.42 -7.70 -30.38
CA LEU G 338 6.26 -7.88 -29.24
C LEU G 338 7.22 -6.70 -29.15
N PRO G 339 7.52 -6.25 -27.92
CA PRO G 339 8.44 -5.11 -27.67
C PRO G 339 9.93 -5.44 -27.84
N ILE G 340 10.35 -5.57 -29.11
CA ILE G 340 11.69 -6.04 -29.44
C ILE G 340 12.47 -4.94 -30.13
N ILE G 341 13.74 -4.83 -29.78
CA ILE G 341 14.70 -3.96 -30.45
C ILE G 341 15.71 -4.85 -31.15
N ALA G 342 16.17 -4.42 -32.31
CA ALA G 342 17.18 -5.18 -33.04
C ALA G 342 18.50 -4.43 -32.97
N GLU G 343 19.59 -5.16 -32.73
CA GLU G 343 20.92 -4.55 -32.71
C GLU G 343 21.56 -4.80 -34.08
N ASN G 344 21.13 -3.98 -35.05
CA ASN G 344 21.44 -4.17 -36.47
C ASN G 344 22.73 -3.44 -36.85
N LEU G 345 23.81 -3.88 -36.22
CA LEU G 345 25.07 -3.16 -36.28
C LEU G 345 26.10 -3.97 -37.03
N GLY G 346 26.72 -3.33 -38.02
CA GLY G 346 27.81 -3.94 -38.77
C GLY G 346 27.31 -4.81 -39.91
N TYR G 347 28.15 -4.93 -40.93
CA TYR G 347 27.92 -5.84 -42.05
C TYR G 347 26.51 -5.69 -42.61
N ILE G 348 26.03 -4.46 -42.66
CA ILE G 348 24.67 -4.23 -43.14
C ILE G 348 24.66 -4.41 -44.65
N ASP G 349 23.87 -5.39 -45.10
CA ASP G 349 23.57 -5.76 -46.47
C ASP G 349 22.05 -5.82 -46.58
N GLU G 350 21.55 -6.03 -47.79
CA GLU G 350 20.12 -5.99 -48.16
C GLU G 350 19.26 -7.14 -47.62
N ARG G 351 19.83 -8.24 -47.17
CA ARG G 351 19.03 -9.28 -46.54
C ARG G 351 18.67 -8.90 -45.11
N ALA G 352 19.62 -8.27 -44.39
CA ALA G 352 19.36 -7.79 -43.02
C ALA G 352 18.43 -6.58 -42.99
N GLU G 353 18.59 -5.66 -43.95
CA GLU G 353 17.66 -4.54 -44.09
C GLU G 353 16.23 -5.07 -44.32
N ARG G 354 16.09 -6.09 -45.17
CA ARG G 354 14.75 -6.62 -45.43
C ARG G 354 14.16 -7.26 -44.18
N LEU G 355 14.96 -8.05 -43.45
CA LEU G 355 14.53 -8.59 -42.15
C LEU G 355 13.96 -7.49 -41.26
N LEU G 356 14.74 -6.43 -41.06
CA LEU G 356 14.31 -5.37 -40.16
C LEU G 356 12.99 -4.79 -40.61
N ALA G 357 12.94 -4.30 -41.86
CA ALA G 357 11.68 -3.75 -42.39
C ALA G 357 10.53 -4.74 -42.26
N GLY G 358 10.80 -6.04 -42.32
CA GLY G 358 9.72 -7.01 -42.21
C GLY G 358 9.11 -7.08 -40.83
N THR G 359 9.95 -7.05 -39.79
CA THR G 359 9.44 -7.26 -38.44
C THR G 359 8.81 -6.03 -37.81
N GLY G 360 9.10 -4.84 -38.33
CA GLY G 360 8.63 -3.61 -37.75
C GLY G 360 9.39 -3.15 -36.52
N PHE G 361 10.29 -3.97 -35.98
CA PHE G 361 11.03 -3.60 -34.79
C PHE G 361 11.83 -2.31 -35.03
N PRO G 362 12.18 -1.59 -33.97
CA PRO G 362 13.12 -0.49 -34.12
C PRO G 362 14.58 -0.96 -34.17
N GLY G 363 15.41 -0.09 -34.75
CA GLY G 363 16.82 -0.34 -34.94
C GLY G 363 17.66 0.72 -34.27
N MET G 364 18.97 0.54 -34.38
CA MET G 364 19.92 1.25 -33.56
C MET G 364 20.60 2.35 -34.36
N LYS G 365 21.04 3.38 -33.66
CA LYS G 365 21.82 4.45 -34.26
C LYS G 365 22.91 4.84 -33.28
N ILE G 366 24.16 4.71 -33.70
CA ILE G 366 25.33 4.95 -32.87
C ILE G 366 26.07 6.14 -33.46
N MET G 367 25.91 7.30 -32.83
CA MET G 367 26.54 8.52 -33.32
C MET G 367 28.03 8.38 -33.50
N GLU G 368 28.67 7.52 -32.71
CA GLU G 368 30.13 7.47 -32.73
C GLU G 368 30.64 7.02 -34.09
N PHE G 369 29.91 6.16 -34.75
CA PHE G 369 30.30 5.72 -36.07
C PHE G 369 30.03 6.75 -37.16
N GLY G 370 29.25 7.80 -36.89
CA GLY G 370 28.78 8.71 -37.91
C GLY G 370 29.55 9.99 -38.12
N PHE G 371 30.76 10.14 -37.55
CA PHE G 371 31.56 11.34 -37.74
C PHE G 371 32.92 11.05 -38.34
N TYR G 372 33.24 9.76 -38.55
CA TYR G 372 34.46 9.39 -39.23
C TYR G 372 34.49 9.90 -40.67
N ASP G 373 33.34 10.00 -41.33
CA ASP G 373 33.25 10.47 -42.70
C ASP G 373 32.79 11.94 -42.70
N THR G 374 33.72 12.85 -42.96
CA THR G 374 33.45 14.28 -42.88
C THR G 374 32.50 14.77 -43.97
N THR G 375 32.09 13.92 -44.90
CA THR G 375 31.05 14.29 -45.85
C THR G 375 29.65 14.19 -45.25
N GLY G 376 29.51 13.52 -44.10
CA GLY G 376 28.19 13.34 -43.54
C GLY G 376 27.31 12.41 -44.34
N ASN G 377 27.90 11.45 -45.04
CA ASN G 377 27.09 10.46 -45.72
C ASN G 377 26.92 9.18 -44.92
N SER G 378 27.59 9.07 -43.76
CA SER G 378 27.38 7.92 -42.88
C SER G 378 25.91 7.75 -42.51
N ILE G 379 25.51 6.47 -42.41
CA ILE G 379 24.14 6.17 -42.01
C ILE G 379 23.90 6.43 -40.53
N ASP G 380 24.96 6.77 -39.77
CA ASP G 380 24.84 7.00 -38.34
C ASP G 380 24.94 8.47 -37.97
N ILE G 381 25.05 9.37 -38.93
CA ILE G 381 25.08 10.78 -38.58
C ILE G 381 23.63 11.21 -38.32
N PRO G 382 23.37 12.04 -37.30
CA PRO G 382 21.99 12.31 -36.86
C PRO G 382 20.99 12.75 -37.93
N HIS G 383 21.36 13.57 -38.92
CA HIS G 383 20.36 13.97 -39.91
C HIS G 383 19.87 12.81 -40.81
N ASN G 384 20.54 11.65 -40.82
CA ASN G 384 20.07 10.51 -41.61
C ASN G 384 19.22 9.51 -40.78
N TYR G 385 18.71 9.93 -39.60
CA TYR G 385 17.88 9.07 -38.77
C TYR G 385 16.40 9.22 -39.13
N THR G 386 15.63 8.18 -38.78
CA THR G 386 14.18 8.21 -38.85
C THR G 386 13.60 7.95 -37.45
N GLU G 387 12.27 7.90 -37.36
CA GLU G 387 11.64 7.93 -36.04
C GLU G 387 11.70 6.57 -35.35
N ASN G 388 11.48 5.47 -36.08
CA ASN G 388 11.41 4.14 -35.44
C ASN G 388 12.83 3.65 -35.15
N THR G 389 13.43 4.23 -34.10
CA THR G 389 14.87 4.21 -33.89
C THR G 389 15.15 4.42 -32.40
N ILE G 390 16.20 3.74 -31.94
CA ILE G 390 16.78 3.93 -30.63
C ILE G 390 18.20 4.42 -30.83
N ALA G 391 18.52 5.59 -30.30
CA ALA G 391 19.78 6.26 -30.57
C ALA G 391 20.70 6.24 -29.34
N TYR G 392 22.00 6.14 -29.60
CA TYR G 392 23.01 6.03 -28.56
C TYR G 392 24.17 6.95 -28.88
N ALA G 393 24.81 7.50 -27.85
CA ALA G 393 26.12 8.09 -28.07
C ALA G 393 27.05 6.96 -28.48
N GLY G 394 27.26 6.01 -27.55
CA GLY G 394 27.78 4.70 -27.88
C GLY G 394 27.02 3.63 -27.10
N THR G 395 27.44 2.40 -27.29
CA THR G 395 26.96 1.29 -26.49
C THR G 395 28.11 0.64 -25.74
N HIS G 396 27.78 -0.30 -24.86
CA HIS G 396 28.77 -0.92 -23.98
C HIS G 396 29.95 -1.52 -24.73
N ASP G 397 29.82 -1.83 -26.03
CA ASP G 397 30.94 -2.31 -26.85
C ASP G 397 31.74 -1.17 -27.46
N ASN G 398 31.31 0.06 -27.30
CA ASN G 398 31.98 1.21 -27.88
C ASN G 398 32.80 1.94 -26.83
N GLU G 399 33.76 2.72 -27.32
CA GLU G 399 34.42 3.66 -26.43
C GLU G 399 33.38 4.57 -25.77
N VAL G 400 33.74 5.09 -24.60
CA VAL G 400 32.99 6.19 -24.01
C VAL G 400 33.39 7.49 -24.71
N ILE G 401 32.52 8.50 -24.61
CA ILE G 401 32.60 9.63 -25.55
C ILE G 401 33.96 10.33 -25.46
N ASN G 402 34.49 10.52 -24.25
CA ASN G 402 35.78 11.20 -24.15
C ASN G 402 36.86 10.40 -24.86
N GLY G 403 36.88 9.09 -24.62
CA GLY G 403 37.80 8.24 -25.37
C GLY G 403 37.58 8.33 -26.87
N TRP G 404 36.31 8.38 -27.28
CA TRP G 404 35.99 8.43 -28.70
C TRP G 404 36.56 9.69 -29.35
N PHE G 405 36.28 10.84 -28.75
CA PHE G 405 36.68 12.13 -29.29
C PHE G 405 38.19 12.35 -29.23
N GLU G 406 38.90 11.72 -28.29
CA GLU G 406 40.34 11.89 -28.33
C GLU G 406 40.97 11.13 -29.50
N ASN G 407 40.25 10.19 -30.09
CA ASN G 407 40.78 9.36 -31.15
C ASN G 407 40.36 9.82 -32.55
N LEU G 408 39.67 10.95 -32.66
CA LEU G 408 39.38 11.50 -33.96
C LEU G 408 40.62 12.20 -34.52
N THR G 409 40.68 12.32 -35.84
CA THR G 409 41.78 13.04 -36.48
C THR G 409 41.71 14.51 -36.10
N VAL G 410 42.63 15.32 -36.62
CA VAL G 410 42.44 16.76 -36.48
C VAL G 410 41.19 17.19 -37.24
N GLU G 411 41.01 16.64 -38.45
CA GLU G 411 39.87 17.02 -39.28
C GLU G 411 38.57 16.40 -38.75
N GLN G 412 38.63 15.21 -38.16
CA GLN G 412 37.41 14.65 -37.58
C GLN G 412 37.00 15.43 -36.34
N LYS G 413 37.96 15.81 -35.49
CA LYS G 413 37.65 16.71 -34.39
C LYS G 413 36.94 17.96 -34.90
N ALA G 414 37.52 18.60 -35.92
CA ALA G 414 36.91 19.82 -36.43
C ALA G 414 35.49 19.57 -36.92
N TYR G 415 35.27 18.46 -37.61
CA TYR G 415 33.94 18.18 -38.12
C TYR G 415 32.96 17.89 -37.00
N ALA G 416 33.39 17.19 -35.95
CA ALA G 416 32.52 16.92 -34.82
C ALA G 416 32.11 18.20 -34.10
N GLU G 417 33.07 19.10 -33.85
CA GLU G 417 32.68 20.31 -33.14
C GLU G 417 31.89 21.27 -34.02
N ASN G 418 32.01 21.16 -35.35
CA ASN G 418 31.23 22.00 -36.25
C ASN G 418 29.80 21.50 -36.42
N TYR G 419 29.63 20.20 -36.66
CA TYR G 419 28.30 19.61 -36.80
C TYR G 419 27.46 19.86 -35.56
N MET G 420 27.94 19.40 -34.41
CA MET G 420 27.19 19.35 -33.18
C MET G 420 27.15 20.67 -32.43
N ARG G 421 27.74 21.72 -32.99
CA ARG G 421 27.61 23.07 -32.41
C ARG G 421 28.16 23.09 -30.98
N ARG G 422 29.48 22.94 -30.91
CA ARG G 422 30.16 22.90 -29.64
C ARG G 422 30.32 24.33 -29.08
N LEU G 423 29.83 24.54 -27.87
CA LEU G 423 30.07 25.80 -27.20
C LEU G 423 31.53 25.90 -26.79
N PRO G 424 32.08 27.12 -26.73
CA PRO G 424 33.41 27.29 -26.13
C PRO G 424 33.40 26.90 -24.66
N ASN G 425 34.36 26.07 -24.26
CA ASN G 425 34.46 25.48 -22.91
C ASN G 425 33.21 24.66 -22.58
N GLU G 426 33.02 23.61 -23.35
CA GLU G 426 31.90 22.73 -23.08
C GLU G 426 32.40 21.28 -23.02
N PRO G 427 32.13 20.54 -21.93
CA PRO G 427 32.39 19.10 -21.92
C PRO G 427 31.80 18.41 -23.14
N ILE G 428 32.65 17.75 -23.93
CA ILE G 428 32.18 17.15 -25.16
C ILE G 428 31.15 16.06 -24.89
N THR G 429 31.13 15.51 -23.67
CA THR G 429 30.04 14.59 -23.34
C THR G 429 28.70 15.28 -23.44
N GLU G 430 28.64 16.54 -22.98
CA GLU G 430 27.41 17.32 -23.02
C GLU G 430 27.02 17.72 -24.44
N THR G 431 27.97 18.26 -25.23
CA THR G 431 27.67 18.56 -26.62
C THR G 431 27.07 17.35 -27.33
N VAL G 432 27.70 16.18 -27.15
CA VAL G 432 27.24 14.97 -27.84
C VAL G 432 25.88 14.51 -27.31
N LEU G 433 25.63 14.66 -26.01
CA LEU G 433 24.31 14.26 -25.49
C LEU G 433 23.20 15.20 -25.93
N ARG G 434 23.49 16.49 -26.07
CA ARG G 434 22.45 17.40 -26.56
C ARG G 434 22.14 17.15 -28.03
N THR G 435 23.17 16.84 -28.82
CA THR G 435 22.90 16.47 -30.21
C THR G 435 22.08 15.16 -30.26
N LEU G 436 22.51 14.12 -29.53
CA LEU G 436 21.74 12.86 -29.46
C LEU G 436 20.27 13.13 -29.14
N TYR G 437 20.03 13.97 -28.13
CA TYR G 437 18.67 14.17 -27.65
C TYR G 437 17.86 14.96 -28.64
N ALA G 438 18.50 15.81 -29.45
CA ALA G 438 17.73 16.62 -30.39
C ALA G 438 17.18 15.85 -31.58
N THR G 439 17.59 14.59 -31.80
CA THR G 439 17.23 13.87 -33.02
C THR G 439 15.78 13.39 -32.97
N VAL G 440 15.32 12.95 -34.14
CA VAL G 440 13.95 12.49 -34.33
C VAL G 440 13.72 11.11 -33.74
N SER G 441 14.80 10.40 -33.42
CA SER G 441 14.69 9.05 -32.93
C SER G 441 13.66 8.98 -31.83
N GLN G 442 12.77 7.99 -31.91
CA GLN G 442 11.73 7.88 -30.91
C GLN G 442 12.33 7.73 -29.52
N THR G 443 13.44 6.99 -29.38
CA THR G 443 14.01 6.89 -28.03
C THR G 443 15.51 7.11 -28.04
N THR G 444 16.01 7.81 -27.02
CA THR G 444 17.44 8.01 -26.82
C THR G 444 17.90 7.33 -25.53
N ILE G 445 19.09 6.75 -25.57
CA ILE G 445 19.61 5.98 -24.46
C ILE G 445 21.03 6.46 -24.22
N THR G 446 21.33 6.85 -22.99
CA THR G 446 22.63 7.46 -22.67
C THR G 446 23.41 6.55 -21.74
N CYS G 447 24.67 6.33 -22.07
CA CYS G 447 25.50 5.47 -21.23
C CYS G 447 25.92 6.29 -20.03
N MET G 448 25.80 5.68 -18.84
CA MET G 448 26.01 6.41 -17.58
C MET G 448 27.41 7.02 -17.50
N GLN G 449 28.44 6.27 -17.90
CA GLN G 449 29.79 6.80 -17.91
C GLN G 449 29.87 8.18 -18.57
N ASP G 450 29.19 8.34 -19.71
CA ASP G 450 29.23 9.62 -20.40
C ASP G 450 28.35 10.67 -19.73
N LEU G 451 27.35 10.25 -18.92
CA LEU G 451 26.64 11.21 -18.08
C LEU G 451 27.52 11.71 -16.94
N LEU G 452 28.38 10.85 -16.40
CA LEU G 452 29.34 11.23 -15.37
C LEU G 452 30.69 11.65 -15.92
N ASP G 453 30.81 11.80 -17.24
CA ASP G 453 31.95 12.40 -17.96
C ASP G 453 33.24 11.59 -17.79
N LYS G 454 33.12 10.31 -17.46
CA LYS G 454 34.27 9.55 -16.98
C LYS G 454 35.26 9.27 -18.11
N PRO G 455 36.52 9.02 -17.77
CA PRO G 455 37.57 9.00 -18.80
C PRO G 455 37.57 7.72 -19.61
N ALA G 456 38.43 7.70 -20.64
CA ALA G 456 38.42 6.65 -21.66
C ALA G 456 38.45 5.26 -21.05
N ASP G 457 39.23 5.06 -19.98
CA ASP G 457 39.47 3.74 -19.38
C ASP G 457 38.20 3.10 -18.81
N SER G 458 37.09 3.83 -18.75
CA SER G 458 35.83 3.34 -18.21
C SER G 458 34.98 2.64 -19.25
N ARG G 459 35.54 2.35 -20.43
CA ARG G 459 34.84 1.56 -21.43
C ARG G 459 34.39 0.23 -20.81
N MET G 460 33.14 -0.14 -21.05
CA MET G 460 32.63 -1.37 -20.49
C MET G 460 33.22 -2.61 -21.17
N ASN G 461 33.55 -2.51 -22.46
CA ASN G 461 33.96 -3.70 -23.19
C ASN G 461 34.75 -3.32 -24.42
N MET G 462 35.91 -3.96 -24.60
CA MET G 462 36.61 -3.92 -25.87
C MET G 462 36.41 -5.26 -26.53
N PRO G 463 35.76 -5.32 -27.70
CA PRO G 463 35.59 -6.60 -28.38
C PRO G 463 36.92 -7.19 -28.84
N ASN G 464 36.99 -8.51 -28.79
CA ASN G 464 38.19 -9.27 -29.14
C ASN G 464 39.34 -8.98 -28.18
N THR G 465 39.01 -8.87 -26.90
CA THR G 465 39.98 -8.93 -25.81
C THR G 465 39.33 -9.75 -24.71
N VAL G 466 40.12 -10.16 -23.70
CA VAL G 466 39.59 -10.84 -22.52
C VAL G 466 40.23 -10.22 -21.28
N GLY G 467 40.68 -8.98 -21.40
CA GLY G 467 41.34 -8.38 -20.28
C GLY G 467 40.35 -7.83 -19.26
N GLY G 468 40.48 -6.54 -18.96
CA GLY G 468 39.64 -5.87 -17.99
C GLY G 468 38.34 -5.37 -18.59
N ASN G 469 37.38 -6.26 -18.77
CA ASN G 469 36.09 -5.93 -19.34
C ASN G 469 34.98 -6.29 -18.34
N TRP G 470 33.86 -5.55 -18.43
CA TRP G 470 32.67 -5.73 -17.58
C TRP G 470 32.94 -5.33 -16.13
N GLN G 471 33.81 -4.35 -15.96
CA GLN G 471 34.34 -4.03 -14.65
C GLN G 471 33.95 -2.65 -14.14
N TRP G 472 33.53 -1.74 -15.01
CA TRP G 472 33.29 -0.38 -14.60
C TRP G 472 32.16 -0.33 -13.59
N ARG G 473 32.35 0.51 -12.59
CA ARG G 473 31.32 0.77 -11.59
C ARG G 473 31.20 2.27 -11.40
N MET G 474 30.00 2.64 -10.99
CA MET G 474 29.67 3.99 -10.60
C MET G 474 29.92 4.16 -9.10
N ARG G 475 30.59 5.24 -8.71
CA ARG G 475 30.56 5.70 -7.32
C ARG G 475 29.25 6.42 -7.04
N LYS G 476 28.68 6.18 -5.87
CA LYS G 476 27.57 7.06 -5.47
C LYS G 476 28.01 8.51 -5.35
N GLU G 477 29.33 8.76 -5.27
CA GLU G 477 29.85 10.13 -5.25
C GLU G 477 29.42 10.90 -6.49
N ASP G 478 29.54 10.28 -7.66
CA ASP G 478 29.62 11.02 -8.90
C ASP G 478 28.26 11.42 -9.46
N LEU G 479 27.19 10.71 -9.10
CA LEU G 479 25.84 11.07 -9.55
C LEU G 479 25.37 12.28 -8.73
N THR G 480 26.07 13.39 -8.91
CA THR G 480 25.76 14.64 -8.25
C THR G 480 24.42 15.18 -8.72
N GLU G 481 23.94 16.23 -8.05
CA GLU G 481 22.70 16.85 -8.51
C GLU G 481 22.90 17.73 -9.74
N ASN G 482 24.14 18.12 -10.04
CA ASN G 482 24.40 18.75 -11.33
C ASN G 482 24.16 17.76 -12.48
N ARG G 483 24.65 16.53 -12.33
CA ARG G 483 24.49 15.53 -13.37
C ARG G 483 23.06 14.99 -13.42
N LYS G 484 22.29 15.12 -12.33
CA LYS G 484 20.86 14.84 -12.40
C LYS G 484 20.11 15.97 -13.11
N ALA G 485 20.48 17.22 -12.80
CA ALA G 485 19.84 18.35 -13.46
C ALA G 485 20.09 18.34 -14.96
N PHE G 486 21.30 17.99 -15.37
CA PHE G 486 21.62 18.00 -16.79
C PHE G 486 20.77 17.00 -17.57
N LEU G 487 20.58 15.81 -17.01
CA LEU G 487 19.66 14.85 -17.60
C LEU G 487 18.25 15.42 -17.65
N LYS G 488 17.74 15.92 -16.52
CA LYS G 488 16.39 16.49 -16.57
C LYS G 488 16.30 17.57 -17.64
N GLU G 489 17.37 18.34 -17.83
CA GLU G 489 17.29 19.51 -18.69
C GLU G 489 17.32 19.12 -20.16
N ILE G 490 18.17 18.17 -20.54
CA ILE G 490 18.10 17.75 -21.94
C ILE G 490 16.79 17.02 -22.19
N THR G 491 16.39 16.11 -21.29
CA THR G 491 15.19 15.36 -21.66
C THR G 491 13.92 16.22 -21.59
N THR G 492 13.98 17.40 -20.92
CA THR G 492 12.87 18.34 -20.98
C THR G 492 12.92 19.21 -22.24
N ILE G 493 14.11 19.73 -22.59
CA ILE G 493 14.23 20.69 -23.69
C ILE G 493 13.84 20.04 -25.02
N TYR G 494 14.15 18.76 -25.19
CA TYR G 494 13.89 18.05 -26.43
C TYR G 494 12.67 17.15 -26.33
N ASN G 495 11.84 17.35 -25.30
CA ASN G 495 10.52 16.73 -25.15
C ASN G 495 10.59 15.20 -25.19
N ARG G 496 11.30 14.65 -24.22
CA ARG G 496 11.43 13.19 -24.06
C ARG G 496 11.03 12.80 -22.64
N GLY G 497 10.36 13.68 -21.92
CA GLY G 497 10.03 13.42 -20.51
C GLY G 497 9.00 12.37 -20.28
N ASN G 498 9.02 11.79 -19.08
CA ASN G 498 8.04 10.75 -18.70
C ASN G 498 7.61 10.89 -17.24
N LYS G 499 6.38 11.36 -17.04
CA LYS G 499 5.73 11.46 -15.71
C LYS G 499 4.34 10.83 -15.88
N LEU G 500 3.99 9.85 -15.05
CA LEU G 500 2.66 9.16 -15.13
C LEU G 500 1.53 10.17 -15.26
N LYS H 4 20.31 13.34 -52.70
CA LYS H 4 18.89 13.37 -52.38
C LYS H 4 18.55 14.45 -51.37
N ARG H 5 19.47 14.74 -50.45
CA ARG H 5 19.31 15.92 -49.59
C ARG H 5 19.74 17.15 -50.38
N ALA H 6 18.95 18.22 -50.27
CA ALA H 6 19.06 19.34 -51.20
C ALA H 6 18.97 20.64 -50.42
N SER H 7 19.14 21.76 -51.12
CA SER H 7 19.10 23.07 -50.52
C SER H 7 18.91 24.15 -51.59
N GLY H 8 18.37 25.28 -51.16
CA GLY H 8 18.18 26.37 -52.09
C GLY H 8 17.93 27.68 -51.38
N VAL H 9 17.73 28.72 -52.18
CA VAL H 9 17.48 30.07 -51.66
C VAL H 9 16.16 30.58 -52.24
N LEU H 10 15.34 31.16 -51.36
CA LEU H 10 14.09 31.83 -51.70
C LEU H 10 14.38 33.31 -51.91
N MET H 11 14.22 33.76 -53.14
CA MET H 11 14.70 35.06 -53.58
C MET H 11 13.88 35.44 -54.79
N HIS H 12 13.02 36.45 -54.67
CA HIS H 12 12.23 36.71 -55.85
C HIS H 12 13.03 37.45 -56.91
N ILE H 13 12.55 37.35 -58.16
CA ILE H 13 13.19 38.04 -59.27
C ILE H 13 13.25 39.53 -59.00
N THR H 14 12.16 40.11 -58.49
CA THR H 14 12.12 41.56 -58.28
C THR H 14 13.17 42.03 -57.28
N SER H 15 13.71 41.14 -56.45
CA SER H 15 14.66 41.57 -55.42
C SER H 15 16.11 41.64 -55.91
N LEU H 16 16.40 41.20 -57.15
CA LEU H 16 17.78 41.23 -57.65
C LEU H 16 18.20 42.65 -58.03
N PRO H 17 19.49 42.94 -57.97
CA PRO H 17 19.94 44.29 -58.29
C PRO H 17 19.94 44.52 -59.80
N GLY H 18 20.48 45.65 -60.22
CA GLY H 18 20.32 46.09 -61.58
C GLY H 18 19.71 47.47 -61.60
N ASP H 19 20.09 48.28 -62.57
CA ASP H 19 19.80 49.72 -62.55
C ASP H 19 18.59 50.08 -63.39
N LEU H 20 17.60 49.19 -63.49
CA LEU H 20 16.33 49.52 -64.11
C LEU H 20 15.19 49.58 -63.09
N GLY H 21 15.51 49.66 -61.80
CA GLY H 21 14.54 49.86 -60.74
C GLY H 21 14.01 48.59 -60.09
N ILE H 22 14.19 47.45 -60.75
CA ILE H 22 13.57 46.20 -60.37
C ILE H 22 14.49 45.09 -60.86
N GLY H 23 14.39 43.93 -60.22
CA GLY H 23 15.10 42.79 -60.77
C GLY H 23 14.49 42.43 -62.09
N THR H 24 15.32 42.25 -63.12
CA THR H 24 14.86 41.82 -64.43
C THR H 24 15.36 40.40 -64.67
N PHE H 25 15.17 39.90 -65.90
CA PHE H 25 15.73 38.62 -66.31
C PHE H 25 17.14 38.74 -66.87
N GLY H 26 17.81 39.87 -66.64
CA GLY H 26 19.07 40.17 -67.27
C GLY H 26 20.28 39.54 -66.62
N ARG H 27 21.39 40.29 -66.64
CA ARG H 27 22.66 39.77 -66.17
C ARG H 27 22.63 39.42 -64.68
N GLU H 28 21.92 40.21 -63.87
CA GLU H 28 21.97 39.97 -62.43
C GLU H 28 21.31 38.65 -62.07
N ALA H 29 20.36 38.19 -62.88
CA ALA H 29 19.78 36.86 -62.67
C ALA H 29 20.75 35.74 -63.07
N TYR H 30 21.42 35.88 -64.21
CA TYR H 30 22.42 34.90 -64.60
C TYR H 30 23.57 34.84 -63.59
N ALA H 31 23.91 35.99 -62.99
CA ALA H 31 24.89 36.06 -61.92
C ALA H 31 24.38 35.42 -60.64
N PHE H 32 23.08 35.54 -60.38
CA PHE H 32 22.52 34.87 -59.22
C PHE H 32 22.63 33.35 -59.37
N VAL H 33 22.36 32.84 -60.56
CA VAL H 33 22.50 31.40 -60.81
C VAL H 33 23.95 30.95 -60.67
N ASP H 34 24.91 31.78 -61.12
CA ASP H 34 26.33 31.50 -60.85
C ASP H 34 26.62 31.44 -59.35
N PHE H 35 26.11 32.40 -58.58
CA PHE H 35 26.27 32.39 -57.13
C PHE H 35 25.75 31.09 -56.52
N LEU H 36 24.56 30.66 -56.93
CA LEU H 36 24.00 29.40 -56.43
C LEU H 36 24.88 28.22 -56.77
N VAL H 37 25.40 28.16 -57.99
CA VAL H 37 26.23 27.02 -58.38
C VAL H 37 27.52 27.00 -57.54
N GLU H 38 28.13 28.17 -57.36
CA GLU H 38 29.39 28.20 -56.61
C GLU H 38 29.19 27.99 -55.12
N THR H 39 27.96 28.04 -54.63
CA THR H 39 27.68 27.64 -53.25
C THR H 39 26.91 26.31 -53.16
N ASP H 40 26.82 25.57 -54.27
CA ASP H 40 26.41 24.16 -54.30
C ASP H 40 24.91 23.94 -54.01
N GLN H 41 24.07 24.80 -54.59
CA GLN H 41 22.63 24.73 -54.35
C GLN H 41 21.92 23.98 -55.47
N LYS H 42 20.73 23.48 -55.17
CA LYS H 42 19.89 22.83 -56.16
C LYS H 42 18.60 23.58 -56.44
N PHE H 43 18.18 24.52 -55.59
CA PHE H 43 16.86 25.11 -55.76
C PHE H 43 16.88 26.63 -55.70
N TRP H 44 16.27 27.26 -56.71
CA TRP H 44 15.97 28.68 -56.69
C TRP H 44 14.46 28.82 -56.58
N GLN H 45 13.98 29.38 -55.46
CA GLN H 45 12.55 29.52 -55.25
C GLN H 45 12.14 30.97 -55.43
N ILE H 46 11.12 31.19 -56.26
CA ILE H 46 10.65 32.51 -56.63
C ILE H 46 9.20 32.65 -56.19
N LEU H 47 8.73 33.90 -56.22
CA LEU H 47 7.32 34.20 -56.11
C LEU H 47 6.71 34.09 -57.52
N PRO H 48 5.38 34.07 -57.63
CA PRO H 48 4.78 33.96 -58.98
C PRO H 48 5.21 35.08 -59.91
N LEU H 49 5.36 34.74 -61.19
CA LEU H 49 5.82 35.71 -62.16
C LEU H 49 4.69 36.51 -62.78
N THR H 50 3.45 36.28 -62.34
CA THR H 50 2.27 36.82 -63.00
C THR H 50 2.11 38.33 -62.73
N THR H 51 1.09 38.92 -63.34
CA THR H 51 0.89 40.37 -63.33
C THR H 51 0.51 40.86 -61.94
N THR H 52 0.59 42.18 -61.75
CA THR H 52 0.31 42.82 -60.47
C THR H 52 -0.45 44.13 -60.65
N SER H 53 -1.46 44.32 -59.80
CA SER H 53 -2.29 45.52 -59.60
C SER H 53 -1.73 46.40 -58.44
N PHE H 54 -2.58 47.28 -57.90
CA PHE H 54 -2.23 48.11 -56.75
C PHE H 54 -1.84 47.25 -55.55
N GLY H 55 -0.93 47.77 -54.73
CA GLY H 55 -0.43 46.96 -53.64
C GLY H 55 0.63 46.00 -54.13
N ASP H 56 0.53 45.61 -55.40
CA ASP H 56 1.60 44.96 -56.17
C ASP H 56 1.85 43.52 -55.75
N SER H 57 0.92 42.93 -55.01
CA SER H 57 1.01 41.51 -54.67
C SER H 57 1.30 40.68 -55.92
N PRO H 58 2.30 39.81 -55.91
CA PRO H 58 2.46 38.85 -57.01
C PRO H 58 1.36 37.80 -57.04
N TYR H 59 0.51 37.73 -56.02
CA TYR H 59 -0.52 36.71 -55.88
C TYR H 59 -1.90 37.19 -56.30
N GLN H 60 -2.02 38.43 -56.77
CA GLN H 60 -3.27 38.97 -57.29
C GLN H 60 -3.00 39.45 -58.72
N SER H 61 -3.31 38.59 -59.69
CA SER H 61 -2.94 38.78 -61.10
C SER H 61 -4.18 38.95 -61.97
N PHE H 62 -3.97 39.40 -63.21
CA PHE H 62 -5.08 39.49 -64.17
C PHE H 62 -5.24 38.23 -64.99
N SER H 63 -4.17 37.42 -65.14
CA SER H 63 -4.20 36.17 -65.87
C SER H 63 -3.31 35.13 -65.20
N ALA H 64 -3.79 33.88 -65.13
CA ALA H 64 -3.08 32.84 -64.40
C ALA H 64 -1.72 32.52 -65.00
N VAL H 65 -1.47 32.92 -66.24
CA VAL H 65 -0.25 32.57 -66.95
C VAL H 65 0.43 33.76 -67.60
N ALA H 66 -0.14 34.96 -67.53
CA ALA H 66 0.46 36.11 -68.18
C ALA H 66 1.58 36.70 -67.33
N GLY H 67 2.66 37.09 -68.00
CA GLY H 67 3.86 37.49 -67.33
C GLY H 67 3.89 38.95 -66.90
N ASN H 68 4.70 39.20 -65.87
CA ASN H 68 4.93 40.54 -65.37
C ASN H 68 5.76 41.34 -66.38
N THR H 69 5.16 42.41 -66.93
CA THR H 69 5.86 43.26 -67.89
C THR H 69 6.97 44.10 -67.23
N HIS H 70 7.03 44.19 -65.90
CA HIS H 70 8.19 44.79 -65.23
C HIS H 70 9.42 43.89 -65.23
N LEU H 71 9.24 42.59 -65.44
CA LEU H 71 10.33 41.61 -65.36
C LEU H 71 11.15 41.51 -66.64
N ILE H 72 10.70 42.11 -67.74
CA ILE H 72 11.45 42.07 -69.00
C ILE H 72 12.63 43.02 -68.91
N ASP H 73 13.83 42.49 -69.18
CA ASP H 73 15.07 43.26 -69.11
C ASP H 73 15.22 44.16 -70.34
N PHE H 74 15.73 45.38 -70.10
CA PHE H 74 15.88 46.33 -71.18
C PHE H 74 17.18 46.14 -71.94
N ASP H 75 18.24 45.66 -71.29
CA ASP H 75 19.50 45.47 -71.99
C ASP H 75 19.47 44.20 -72.85
N LEU H 76 18.72 43.17 -72.45
CA LEU H 76 18.53 42.01 -73.31
C LEU H 76 17.78 42.37 -74.60
N LEU H 77 17.06 43.49 -74.58
CA LEU H 77 16.37 43.96 -75.78
C LEU H 77 17.31 44.78 -76.66
N THR H 78 18.22 45.59 -76.07
CA THR H 78 19.18 46.33 -76.89
C THR H 78 20.24 45.42 -77.48
N LEU H 79 20.52 44.29 -76.83
CA LEU H 79 21.40 43.28 -77.42
C LEU H 79 20.65 42.42 -78.44
N GLU H 80 19.56 42.98 -79.00
CA GLU H 80 18.82 42.41 -80.12
C GLU H 80 18.38 43.45 -81.15
N GLY H 81 18.87 44.70 -81.07
CA GLY H 81 18.54 45.76 -82.00
C GLY H 81 17.23 46.46 -81.75
N PHE H 82 16.38 45.94 -80.86
CA PHE H 82 15.03 46.45 -80.74
C PHE H 82 14.98 47.83 -80.11
N ILE H 83 15.91 48.15 -79.21
CA ILE H 83 16.01 49.49 -78.62
C ILE H 83 17.47 49.86 -78.41
N SER H 84 17.68 51.11 -78.02
CA SER H 84 19.01 51.67 -77.81
C SER H 84 19.26 51.81 -76.32
N LYS H 85 20.49 51.58 -75.90
CA LYS H 85 20.77 51.69 -74.46
C LYS H 85 20.33 53.06 -74.01
N ASP H 86 20.79 54.08 -74.69
CA ASP H 86 20.57 55.44 -74.21
C ASP H 86 19.14 55.93 -74.43
N ASP H 87 18.21 55.03 -74.77
CA ASP H 87 16.79 55.35 -74.69
C ASP H 87 16.23 55.20 -73.28
N TYR H 88 16.95 54.50 -72.39
CA TYR H 88 16.55 54.28 -71.00
C TYR H 88 17.70 54.42 -70.01
N GLN H 89 18.91 54.76 -70.47
CA GLN H 89 20.09 54.91 -69.62
C GLN H 89 19.97 56.09 -68.65
N ASN H 90 19.05 57.00 -68.91
CA ASN H 90 18.97 58.26 -68.19
C ASN H 90 17.88 58.30 -67.15
N ILE H 91 16.93 57.36 -67.20
CA ILE H 91 15.72 57.46 -66.41
C ILE H 91 16.03 57.20 -64.94
N SER H 92 15.20 57.77 -64.06
CA SER H 92 15.34 57.64 -62.61
C SER H 92 14.31 56.61 -62.14
N PHE H 93 14.68 55.33 -62.20
CA PHE H 93 13.71 54.28 -61.94
C PHE H 93 13.34 54.16 -60.48
N GLY H 94 14.03 54.87 -59.59
CA GLY H 94 13.68 54.81 -58.18
C GLY H 94 14.81 55.29 -57.32
N GLN H 95 14.47 55.96 -56.22
CA GLN H 95 15.49 56.55 -55.35
C GLN H 95 16.57 55.54 -54.97
N ASP H 96 16.16 54.45 -54.26
CA ASP H 96 17.00 53.51 -53.53
C ASP H 96 17.27 52.26 -54.35
N PRO H 97 18.51 51.77 -54.40
CA PRO H 97 18.77 50.42 -54.91
C PRO H 97 18.15 49.32 -54.06
N GLU H 98 17.70 49.62 -52.85
CA GLU H 98 17.18 48.61 -51.94
C GLU H 98 15.67 48.44 -52.00
N VAL H 99 14.94 49.38 -52.60
CA VAL H 99 13.49 49.33 -52.63
C VAL H 99 13.03 49.38 -54.08
N VAL H 100 11.87 48.79 -54.36
CA VAL H 100 11.16 49.03 -55.60
C VAL H 100 10.25 50.23 -55.39
N ASP H 101 10.27 51.17 -56.34
CA ASP H 101 9.24 52.22 -56.39
C ASP H 101 8.25 51.81 -57.47
N TYR H 102 7.32 50.95 -57.07
CA TYR H 102 6.26 50.52 -57.98
C TYR H 102 5.41 51.69 -58.45
N ALA H 103 5.26 52.73 -57.60
CA ALA H 103 4.40 53.87 -57.91
C ALA H 103 4.65 54.39 -59.32
N GLY H 104 5.90 54.76 -59.60
CA GLY H 104 6.27 55.12 -60.96
C GLY H 104 6.90 53.99 -61.74
N LEU H 105 6.19 52.90 -61.96
CA LEU H 105 6.83 51.80 -62.67
C LEU H 105 6.17 51.44 -63.99
N PHE H 106 4.84 51.60 -64.10
CA PHE H 106 4.11 51.19 -65.31
C PHE H 106 4.18 52.25 -66.39
N GLU H 107 3.96 53.51 -66.03
CA GLU H 107 4.05 54.55 -67.03
C GLU H 107 5.49 55.03 -67.25
N LYS H 108 6.38 54.90 -66.25
CA LYS H 108 7.76 55.29 -66.47
C LYS H 108 8.52 54.22 -67.24
N ARG H 109 7.83 53.28 -67.87
CA ARG H 109 8.46 52.29 -68.73
C ARG H 109 7.73 52.06 -70.05
N ARG H 110 6.44 52.41 -70.12
CA ARG H 110 5.65 52.08 -71.32
C ARG H 110 6.18 52.73 -72.60
N PRO H 111 6.71 53.96 -72.58
CA PRO H 111 7.51 54.43 -73.72
C PRO H 111 8.51 53.40 -74.26
N VAL H 112 9.41 52.93 -73.39
CA VAL H 112 10.50 52.05 -73.83
C VAL H 112 9.95 50.74 -74.37
N LEU H 113 8.94 50.18 -73.69
CA LEU H 113 8.47 48.87 -74.09
C LEU H 113 7.68 48.92 -75.40
N GLU H 114 6.87 49.96 -75.64
CA GLU H 114 6.24 49.97 -76.98
C GLU H 114 7.19 50.41 -78.09
N LYS H 115 8.25 51.17 -77.80
CA LYS H 115 9.16 51.44 -78.90
C LYS H 115 10.00 50.21 -79.25
N ALA H 116 10.37 49.40 -78.24
CA ALA H 116 10.94 48.09 -78.53
C ALA H 116 9.96 47.21 -79.31
N VAL H 117 8.67 47.30 -78.98
CA VAL H 117 7.65 46.53 -79.70
C VAL H 117 7.55 46.98 -81.17
N LYS H 118 7.59 48.29 -81.42
CA LYS H 118 7.41 48.78 -82.78
C LYS H 118 8.63 48.52 -83.66
N ASN H 119 9.82 48.37 -83.07
CA ASN H 119 10.94 47.89 -83.88
C ASN H 119 10.96 46.37 -84.01
N PHE H 120 10.34 45.63 -83.08
CA PHE H 120 10.16 44.20 -83.30
C PHE H 120 9.23 43.92 -84.48
N LEU H 121 8.10 44.65 -84.55
CA LEU H 121 7.10 44.38 -85.59
C LEU H 121 7.61 44.77 -86.99
N LYS H 122 8.52 45.73 -87.04
CA LYS H 122 9.15 46.16 -88.28
C LYS H 122 10.01 45.06 -88.91
N GLU H 123 10.36 44.06 -88.12
CA GLU H 123 11.20 42.96 -88.67
C GLU H 123 10.33 41.98 -89.47
N GLU H 124 10.86 41.55 -90.60
CA GLU H 124 10.11 40.67 -91.53
C GLU H 124 10.10 39.24 -90.98
N ARG H 125 11.09 38.90 -90.17
CA ARG H 125 11.23 37.55 -89.57
C ARG H 125 10.59 37.52 -88.18
N ALA H 126 9.55 38.30 -87.96
CA ALA H 126 8.93 38.42 -86.64
C ALA H 126 7.42 38.23 -86.78
N THR H 127 6.92 38.21 -88.00
CA THR H 127 5.45 38.05 -88.15
C THR H 127 5.10 36.60 -87.87
N ARG H 128 6.00 35.67 -88.17
CA ARG H 128 5.73 34.23 -87.92
C ARG H 128 6.16 33.87 -86.51
N MET H 129 7.25 34.46 -86.01
CA MET H 129 7.64 34.14 -84.63
C MET H 129 6.51 34.44 -83.65
N LEU H 130 5.88 35.62 -83.78
CA LEU H 130 4.71 35.92 -82.96
C LEU H 130 3.54 35.02 -83.31
N SER H 131 3.39 34.63 -84.59
CA SER H 131 2.36 33.67 -84.95
C SER H 131 2.55 32.33 -84.23
N ASP H 132 3.76 31.76 -84.31
CA ASP H 132 4.03 30.51 -83.61
C ASP H 132 3.85 30.67 -82.11
N PHE H 133 4.33 31.78 -81.55
CA PHE H 133 4.18 32.01 -80.11
C PHE H 133 2.71 32.03 -79.71
N LEU H 134 1.85 32.69 -80.50
CA LEU H 134 0.41 32.65 -80.27
C LEU H 134 -0.19 31.29 -80.57
N GLN H 135 0.55 30.41 -81.23
CA GLN H 135 0.08 29.04 -81.37
C GLN H 135 0.37 28.20 -80.12
N GLU H 136 1.57 28.35 -79.53
CA GLU H 136 1.91 27.55 -78.35
C GLU H 136 1.18 28.07 -77.10
N GLU H 137 1.13 29.39 -76.93
CA GLU H 137 0.48 30.01 -75.78
C GLU H 137 -0.82 30.61 -76.28
N LYS H 138 -1.88 29.79 -76.30
CA LYS H 138 -3.14 30.18 -76.95
C LYS H 138 -3.86 31.29 -76.17
N TRP H 139 -3.65 31.37 -74.86
CA TRP H 139 -4.31 32.34 -73.99
C TRP H 139 -3.92 33.78 -74.31
N VAL H 140 -2.79 33.97 -75.00
CA VAL H 140 -2.21 35.30 -75.15
C VAL H 140 -3.18 36.26 -75.82
N THR H 141 -3.72 35.89 -76.99
CA THR H 141 -4.68 36.78 -77.65
C THR H 141 -5.75 37.24 -76.66
N ASP H 142 -6.35 36.28 -75.93
CA ASP H 142 -7.48 36.64 -75.07
C ASP H 142 -7.03 37.47 -73.89
N PHE H 143 -5.79 37.27 -73.42
CA PHE H 143 -5.27 38.17 -72.39
C PHE H 143 -5.09 39.58 -72.95
N ALA H 144 -4.53 39.69 -74.16
CA ALA H 144 -4.22 41.00 -74.74
C ALA H 144 -5.46 41.87 -74.81
N GLU H 145 -6.45 41.41 -75.56
CA GLU H 145 -7.75 42.08 -75.64
C GLU H 145 -8.21 42.57 -74.27
N PHE H 146 -8.17 41.67 -73.27
CA PHE H 146 -8.61 42.03 -71.92
C PHE H 146 -7.81 43.22 -71.37
N MET H 147 -6.48 43.09 -71.31
CA MET H 147 -5.66 44.23 -70.91
C MET H 147 -6.05 45.44 -71.73
N ALA H 148 -6.12 45.27 -73.07
CA ALA H 148 -6.31 46.39 -73.97
C ALA H 148 -7.65 47.06 -73.76
N ILE H 149 -8.63 46.32 -73.24
CA ILE H 149 -9.90 46.96 -72.94
C ILE H 149 -9.81 47.73 -71.64
N LYS H 150 -9.23 47.12 -70.61
CA LYS H 150 -9.12 47.80 -69.33
C LYS H 150 -8.40 49.13 -69.49
N GLU H 151 -7.34 49.14 -70.31
CA GLU H 151 -6.58 50.36 -70.57
C GLU H 151 -7.46 51.45 -71.17
N HIS H 152 -8.31 51.09 -72.14
CA HIS H 152 -9.18 52.12 -72.72
C HIS H 152 -10.17 52.65 -71.69
N PHE H 153 -10.54 51.83 -70.72
CA PHE H 153 -11.55 52.11 -69.71
C PHE H 153 -10.96 52.68 -68.42
N GLY H 154 -9.86 53.44 -68.50
CA GLY H 154 -9.31 54.07 -67.32
C GLY H 154 -8.65 53.13 -66.33
N ASN H 155 -8.41 51.87 -66.71
CA ASN H 155 -7.73 50.85 -65.89
C ASN H 155 -8.56 50.47 -64.66
N LYS H 156 -9.84 50.21 -64.87
CA LYS H 156 -10.77 49.83 -63.83
C LYS H 156 -11.08 48.34 -63.90
N ALA H 157 -11.39 47.75 -62.74
CA ALA H 157 -11.64 46.32 -62.67
C ALA H 157 -12.82 45.92 -63.57
N LEU H 158 -12.73 44.70 -64.13
CA LEU H 158 -13.69 44.14 -65.07
C LEU H 158 -15.13 44.41 -64.65
N GLN H 159 -15.37 44.51 -63.34
CA GLN H 159 -16.71 44.74 -62.78
C GLN H 159 -17.15 46.20 -62.86
N GLU H 160 -16.23 47.15 -63.08
CA GLU H 160 -16.56 48.58 -63.17
C GLU H 160 -16.72 49.08 -64.60
N TRP H 161 -16.40 48.26 -65.60
CA TRP H 161 -16.51 48.65 -67.00
C TRP H 161 -17.90 49.19 -67.33
N ASP H 162 -17.95 50.20 -68.19
CA ASP H 162 -19.18 50.91 -68.49
C ASP H 162 -19.93 50.33 -69.69
N ASP H 163 -19.49 49.19 -70.21
CA ASP H 163 -20.05 48.60 -71.43
C ASP H 163 -20.38 47.15 -71.14
N LYS H 164 -21.63 46.91 -70.70
CA LYS H 164 -22.11 45.55 -70.44
C LYS H 164 -21.98 44.66 -71.66
N ALA H 165 -22.15 45.22 -72.87
CA ALA H 165 -22.13 44.39 -74.07
C ALA H 165 -20.85 43.55 -74.19
N ILE H 166 -19.72 44.02 -73.68
CA ILE H 166 -18.45 43.30 -73.83
C ILE H 166 -18.04 42.55 -72.58
N ILE H 167 -18.62 42.89 -71.43
CA ILE H 167 -18.40 42.05 -70.26
C ILE H 167 -19.06 40.70 -70.45
N ARG H 168 -20.24 40.68 -71.10
CA ARG H 168 -20.85 39.41 -71.49
C ARG H 168 -20.23 38.82 -72.75
N ARG H 169 -19.22 39.48 -73.33
CA ARG H 169 -18.50 38.95 -74.47
C ARG H 169 -19.43 38.60 -75.66
N GLU H 170 -20.52 39.36 -75.85
CA GLU H 170 -21.34 39.20 -77.04
C GLU H 170 -20.50 39.42 -78.29
N GLU H 171 -20.74 38.59 -79.31
CA GLU H 171 -19.86 38.57 -80.48
C GLU H 171 -19.72 39.95 -81.11
N GLU H 172 -20.80 40.74 -81.14
CA GLU H 172 -20.86 42.03 -81.84
C GLU H 172 -19.88 43.05 -81.29
N ALA H 173 -20.08 43.47 -80.04
CA ALA H 173 -19.23 44.51 -79.47
C ALA H 173 -17.82 43.98 -79.19
N LEU H 174 -17.68 42.66 -78.98
CA LEU H 174 -16.36 42.07 -78.80
C LEU H 174 -15.51 42.22 -80.05
N ALA H 175 -16.04 41.74 -81.19
CA ALA H 175 -15.33 41.90 -82.46
C ALA H 175 -15.11 43.38 -82.79
N GLY H 176 -16.03 44.26 -82.39
CA GLY H 176 -15.80 45.68 -82.62
C GLY H 176 -14.65 46.26 -81.79
N TYR H 177 -14.53 45.80 -80.54
CA TYR H 177 -13.45 46.27 -79.67
C TYR H 177 -12.10 45.81 -80.18
N ARG H 178 -11.99 44.55 -80.63
CA ARG H 178 -10.75 44.11 -81.28
C ARG H 178 -10.32 45.06 -82.39
N GLN H 179 -11.28 45.72 -83.03
CA GLN H 179 -10.99 46.60 -84.17
C GLN H 179 -10.51 47.97 -83.71
N LYS H 180 -11.35 48.71 -82.96
CA LYS H 180 -10.99 50.08 -82.60
C LYS H 180 -9.72 50.14 -81.76
N LEU H 181 -9.44 49.09 -81.00
CA LEU H 181 -8.23 48.96 -80.20
C LEU H 181 -7.55 47.65 -80.62
N SER H 182 -6.63 47.72 -81.58
CA SER H 182 -5.89 46.54 -82.04
C SER H 182 -4.38 46.66 -81.99
N GLU H 183 -3.81 47.86 -81.94
CA GLU H 183 -2.39 47.98 -81.66
C GLU H 183 -2.10 48.02 -80.16
N VAL H 184 -3.08 48.43 -79.36
CA VAL H 184 -3.04 48.14 -77.93
C VAL H 184 -3.11 46.63 -77.70
N ILE H 185 -3.79 45.89 -78.58
CA ILE H 185 -3.82 44.43 -78.49
C ILE H 185 -2.44 43.85 -78.83
N LYS H 186 -1.88 44.25 -79.97
CA LYS H 186 -0.58 43.75 -80.40
C LYS H 186 0.51 44.10 -79.41
N TYR H 187 0.42 45.26 -78.75
CA TYR H 187 1.39 45.62 -77.73
C TYR H 187 1.50 44.53 -76.67
N HIS H 188 0.36 44.06 -76.15
CA HIS H 188 0.42 43.07 -75.08
C HIS H 188 0.82 41.70 -75.62
N GLU H 189 0.32 41.31 -76.81
CA GLU H 189 0.78 40.04 -77.38
C GLU H 189 2.30 39.99 -77.46
N VAL H 190 2.93 41.10 -77.86
CA VAL H 190 4.37 41.07 -78.06
C VAL H 190 5.15 41.29 -76.76
N THR H 191 4.63 42.05 -75.78
CA THR H 191 5.31 42.07 -74.49
C THR H 191 5.29 40.70 -73.84
N GLN H 192 4.18 39.96 -74.02
CA GLN H 192 4.15 38.58 -73.53
C GLN H 192 5.17 37.73 -74.28
N TYR H 193 5.26 37.88 -75.61
CA TYR H 193 6.28 37.17 -76.36
C TYR H 193 7.68 37.44 -75.78
N PHE H 194 7.97 38.72 -75.53
CA PHE H 194 9.25 39.13 -74.94
C PHE H 194 9.48 38.42 -73.61
N PHE H 195 8.50 38.55 -72.71
CA PHE H 195 8.62 37.97 -71.37
C PHE H 195 8.88 36.48 -71.44
N TYR H 196 8.15 35.77 -72.28
CA TYR H 196 8.30 34.33 -72.35
C TYR H 196 9.65 33.96 -72.95
N LYS H 197 10.06 34.66 -74.01
CA LYS H 197 11.40 34.47 -74.55
C LYS H 197 12.44 34.58 -73.43
N GLN H 198 12.38 35.68 -72.67
CA GLN H 198 13.42 36.00 -71.70
C GLN H 198 13.40 35.08 -70.48
N TRP H 199 12.21 34.74 -69.98
CA TRP H 199 12.12 33.84 -68.84
C TRP H 199 12.63 32.45 -69.20
N PHE H 200 12.27 31.94 -70.39
CA PHE H 200 12.69 30.57 -70.68
C PHE H 200 14.16 30.49 -71.03
N GLU H 201 14.78 31.56 -71.57
CA GLU H 201 16.24 31.51 -71.72
C GLU H 201 16.93 31.53 -70.37
N LEU H 202 16.44 32.37 -69.43
CA LEU H 202 16.95 32.30 -68.08
C LEU H 202 16.80 30.89 -67.50
N LYS H 203 15.60 30.30 -67.61
CA LYS H 203 15.31 29.02 -66.95
C LYS H 203 16.17 27.91 -67.53
N GLU H 204 16.30 27.83 -68.86
CA GLU H 204 17.13 26.78 -69.40
C GLU H 204 18.61 27.02 -69.08
N TYR H 205 19.05 28.28 -68.94
CA TYR H 205 20.41 28.50 -68.46
C TYR H 205 20.60 27.87 -67.07
N ALA H 206 19.69 28.17 -66.14
CA ALA H 206 19.83 27.60 -64.80
C ALA H 206 19.74 26.08 -64.82
N ASN H 207 18.77 25.55 -65.56
CA ASN H 207 18.55 24.10 -65.63
C ASN H 207 19.78 23.39 -66.19
N ASP H 208 20.47 24.01 -67.14
CA ASP H 208 21.68 23.41 -67.67
C ASP H 208 22.88 23.63 -66.75
N LYS H 209 22.80 24.59 -65.84
CA LYS H 209 23.76 24.64 -64.74
C LYS H 209 23.32 23.83 -63.53
N GLY H 210 22.21 23.08 -63.64
CA GLY H 210 21.73 22.18 -62.60
C GLY H 210 20.85 22.80 -61.53
N ILE H 211 20.38 24.04 -61.74
CA ILE H 211 19.58 24.77 -60.77
C ILE H 211 18.13 24.68 -61.18
N GLN H 212 17.32 23.97 -60.40
CA GLN H 212 15.90 23.86 -60.70
C GLN H 212 15.13 24.99 -60.03
N ILE H 213 13.98 25.31 -60.62
CA ILE H 213 13.21 26.52 -60.28
C ILE H 213 11.92 26.12 -59.58
N ILE H 214 11.69 26.70 -58.40
CA ILE H 214 10.48 26.46 -57.64
C ILE H 214 9.58 27.68 -57.81
N GLY H 215 8.42 27.48 -58.41
CA GLY H 215 7.51 28.58 -58.59
C GLY H 215 6.31 28.47 -57.68
N ASP H 216 5.56 29.55 -57.53
CA ASP H 216 4.36 29.57 -56.69
C ASP H 216 3.13 29.72 -57.57
N MET H 217 2.04 29.06 -57.16
CA MET H 217 0.74 29.15 -57.79
C MET H 217 -0.31 29.34 -56.72
N PRO H 218 -0.95 30.51 -56.63
CA PRO H 218 -2.07 30.65 -55.70
C PRO H 218 -3.20 29.71 -56.09
N ILE H 219 -3.88 29.16 -55.09
CA ILE H 219 -4.99 28.26 -55.38
C ILE H 219 -6.10 28.98 -56.15
N TYR H 220 -6.26 30.28 -55.93
CA TYR H 220 -7.34 31.08 -56.52
C TYR H 220 -6.83 31.99 -57.64
N VAL H 221 -7.78 32.57 -58.36
CA VAL H 221 -7.49 33.64 -59.31
C VAL H 221 -8.07 34.91 -58.72
N SER H 222 -7.96 36.03 -59.43
CA SER H 222 -8.46 37.29 -58.89
C SER H 222 -9.80 37.66 -59.52
N ALA H 223 -10.52 38.56 -58.83
CA ALA H 223 -11.87 38.93 -59.27
C ALA H 223 -11.83 39.67 -60.60
N ASP H 224 -10.92 40.62 -60.74
CA ASP H 224 -10.66 41.33 -61.99
C ASP H 224 -9.61 40.56 -62.78
N SER H 225 -10.05 39.80 -63.77
CA SER H 225 -9.25 38.71 -64.32
C SER H 225 -9.77 38.33 -65.69
N VAL H 226 -8.89 37.69 -66.48
CA VAL H 226 -9.27 37.23 -67.80
C VAL H 226 -10.02 35.91 -67.72
N GLU H 227 -9.71 35.08 -66.72
CA GLU H 227 -10.46 33.86 -66.54
C GLU H 227 -11.88 34.15 -66.07
N VAL H 228 -12.03 35.13 -65.17
CA VAL H 228 -13.38 35.55 -64.76
C VAL H 228 -14.20 35.95 -65.98
N TRP H 229 -13.55 36.58 -66.96
CA TRP H 229 -14.22 37.17 -68.12
C TRP H 229 -14.56 36.13 -69.20
N THR H 230 -13.59 35.30 -69.57
CA THR H 230 -13.79 34.34 -70.66
C THR H 230 -14.46 33.05 -70.21
N MET H 231 -14.48 32.78 -68.93
CA MET H 231 -14.98 31.50 -68.44
C MET H 231 -15.69 31.66 -67.09
N PRO H 232 -16.75 32.46 -66.99
CA PRO H 232 -17.40 32.61 -65.67
C PRO H 232 -17.95 31.30 -65.15
N GLU H 233 -18.04 30.28 -66.01
CA GLU H 233 -18.53 28.96 -65.62
C GLU H 233 -17.74 28.37 -64.45
N LEU H 234 -16.49 28.80 -64.25
CA LEU H 234 -15.67 28.25 -63.18
C LEU H 234 -15.99 28.83 -61.82
N PHE H 235 -16.92 29.80 -61.71
CA PHE H 235 -17.04 30.61 -60.49
C PHE H 235 -18.47 30.75 -60.02
N LYS H 236 -18.60 31.34 -58.82
CA LYS H 236 -19.89 31.70 -58.20
C LYS H 236 -20.11 33.20 -58.40
N LEU H 237 -20.56 33.55 -59.60
CA LEU H 237 -20.79 34.94 -59.96
C LEU H 237 -22.22 35.13 -60.45
N ASP H 238 -22.75 36.32 -60.21
CA ASP H 238 -23.99 36.77 -60.82
C ASP H 238 -23.75 37.08 -62.30
N ARG H 239 -24.75 37.65 -62.94
CA ARG H 239 -24.66 37.83 -64.38
C ARG H 239 -23.79 39.02 -64.77
N ASP H 240 -23.62 40.00 -63.88
CA ASP H 240 -22.67 41.08 -64.11
C ASP H 240 -21.29 40.78 -63.52
N LYS H 241 -20.95 39.48 -63.38
CA LYS H 241 -19.59 38.95 -63.19
C LYS H 241 -18.94 39.45 -61.89
N GLN H 242 -19.75 39.65 -60.86
CA GLN H 242 -19.32 40.05 -59.54
C GLN H 242 -19.40 38.86 -58.57
N PRO H 243 -18.41 38.68 -57.71
CA PRO H 243 -18.36 37.46 -56.87
C PRO H 243 -19.40 37.47 -55.77
N LEU H 244 -20.20 36.39 -55.73
CA LEU H 244 -21.13 36.19 -54.61
C LEU H 244 -20.37 35.79 -53.36
N ALA H 245 -19.33 34.99 -53.54
CA ALA H 245 -18.48 34.50 -52.47
C ALA H 245 -17.04 34.89 -52.79
N ILE H 246 -16.33 35.39 -51.77
CA ILE H 246 -14.93 35.77 -51.93
C ILE H 246 -14.08 34.91 -51.00
N ALA H 247 -12.91 34.52 -51.50
CA ALA H 247 -11.97 33.73 -50.71
C ALA H 247 -11.49 34.51 -49.48
N GLY H 248 -10.93 33.77 -48.53
CA GLY H 248 -10.47 34.38 -47.30
C GLY H 248 -10.22 33.32 -46.23
N VAL H 249 -10.01 33.80 -45.01
CA VAL H 249 -9.60 33.01 -43.86
C VAL H 249 -10.29 33.60 -42.63
N PRO H 250 -10.86 32.77 -41.73
CA PRO H 250 -11.59 33.33 -40.60
C PRO H 250 -10.62 33.82 -39.55
N ALA H 251 -11.12 34.24 -38.39
CA ALA H 251 -10.26 34.81 -37.36
C ALA H 251 -9.08 33.90 -37.07
N ASP H 252 -7.88 34.49 -37.07
CA ASP H 252 -6.63 33.79 -36.79
C ASP H 252 -5.93 34.42 -35.59
N ASP H 253 -4.68 33.99 -35.35
CA ASP H 253 -3.95 34.43 -34.16
C ASP H 253 -3.74 35.95 -34.17
N PHE H 254 -3.33 36.49 -35.32
CA PHE H 254 -2.92 37.90 -35.39
C PHE H 254 -3.93 38.78 -36.13
N SER H 255 -5.20 38.36 -36.19
CA SER H 255 -6.30 39.21 -36.64
C SER H 255 -7.61 38.56 -36.21
N ASP H 256 -8.46 39.33 -35.53
CA ASP H 256 -9.66 38.77 -34.95
C ASP H 256 -10.88 38.95 -35.84
N ASP H 257 -10.73 39.63 -36.97
CA ASP H 257 -11.84 39.83 -37.88
C ASP H 257 -11.63 39.10 -39.20
N GLY H 258 -10.56 38.31 -39.29
CA GLY H 258 -10.33 37.48 -40.44
C GLY H 258 -9.32 38.07 -41.39
N GLN H 259 -9.19 37.42 -42.52
CA GLN H 259 -8.41 37.91 -43.63
C GLN H 259 -9.28 37.81 -44.88
N LEU H 260 -9.25 38.84 -45.69
CA LEU H 260 -10.23 39.02 -46.73
C LEU H 260 -9.49 39.08 -48.06
N TRP H 261 -9.37 37.93 -48.73
CA TRP H 261 -8.51 37.88 -49.91
C TRP H 261 -9.23 38.39 -51.15
N GLY H 262 -10.56 38.28 -51.17
CA GLY H 262 -11.35 38.81 -52.25
C GLY H 262 -11.40 37.95 -53.49
N ASN H 263 -10.69 36.84 -53.51
CA ASN H 263 -10.67 36.01 -54.70
C ASN H 263 -12.05 35.39 -54.95
N PRO H 264 -12.47 35.26 -56.21
CA PRO H 264 -13.70 34.53 -56.51
C PRO H 264 -13.58 33.07 -56.13
N ILE H 265 -14.69 32.51 -55.66
CA ILE H 265 -14.73 31.12 -55.20
C ILE H 265 -15.07 30.21 -56.37
N TYR H 266 -14.36 29.09 -56.49
CA TYR H 266 -14.66 28.15 -57.56
C TYR H 266 -16.02 27.49 -57.36
N ASN H 267 -16.64 27.11 -58.48
CA ASN H 267 -17.83 26.27 -58.48
C ASN H 267 -17.33 24.85 -58.71
N TRP H 268 -16.97 24.20 -57.61
CA TRP H 268 -16.30 22.91 -57.69
C TRP H 268 -17.18 21.86 -58.34
N ASP H 269 -18.49 21.89 -58.10
CA ASP H 269 -19.35 20.88 -58.69
C ASP H 269 -19.54 21.10 -60.19
N TYR H 270 -19.25 22.30 -60.71
CA TYR H 270 -19.07 22.41 -62.15
C TYR H 270 -17.73 21.81 -62.58
N HIS H 271 -16.67 22.03 -61.80
CA HIS H 271 -15.35 21.46 -62.11
C HIS H 271 -15.37 19.95 -62.14
N LYS H 272 -16.23 19.35 -61.30
CA LYS H 272 -16.27 17.91 -61.15
C LYS H 272 -16.94 17.28 -62.36
N GLU H 273 -18.02 17.89 -62.84
CA GLU H 273 -18.67 17.45 -64.06
C GLU H 273 -17.81 17.76 -65.30
N SER H 274 -16.94 18.77 -65.19
CA SER H 274 -15.97 19.10 -66.23
C SER H 274 -14.86 18.06 -66.36
N ASP H 275 -14.61 17.26 -65.30
CA ASP H 275 -13.45 16.38 -65.18
C ASP H 275 -12.15 17.17 -65.02
N PHE H 276 -12.23 18.33 -64.36
CA PHE H 276 -11.08 19.12 -63.91
C PHE H 276 -10.17 19.53 -65.05
N ASP H 277 -10.76 19.85 -66.21
CA ASP H 277 -9.97 20.21 -67.40
C ASP H 277 -9.19 21.49 -67.16
N TRP H 278 -9.85 22.50 -66.60
CA TRP H 278 -9.18 23.76 -66.30
C TRP H 278 -7.98 23.55 -65.37
N TRP H 279 -8.14 22.66 -64.37
CA TRP H 279 -7.10 22.47 -63.35
C TRP H 279 -5.94 21.60 -63.85
N ILE H 280 -6.23 20.60 -64.71
CA ILE H 280 -5.16 19.88 -65.39
C ILE H 280 -4.32 20.83 -66.22
N TYR H 281 -4.98 21.71 -67.01
CA TYR H 281 -4.26 22.68 -67.81
C TYR H 281 -3.40 23.61 -66.95
N ARG H 282 -3.98 24.10 -65.85
CA ARG H 282 -3.28 25.02 -64.97
C ARG H 282 -2.02 24.40 -64.38
N ILE H 283 -2.16 23.19 -63.82
CA ILE H 283 -1.00 22.51 -63.28
C ILE H 283 0.02 22.23 -64.37
N GLN H 284 -0.45 21.86 -65.57
CA GLN H 284 0.48 21.41 -66.59
C GLN H 284 1.37 22.53 -67.07
N SER H 285 0.83 23.75 -67.20
CA SER H 285 1.68 24.90 -67.48
C SER H 285 2.48 25.35 -66.25
N GLY H 286 1.96 25.10 -65.04
CA GLY H 286 2.78 25.33 -63.87
C GLY H 286 4.07 24.50 -63.89
N VAL H 287 3.97 23.28 -64.41
CA VAL H 287 5.13 22.39 -64.47
C VAL H 287 5.95 22.56 -65.74
N LYS H 288 5.36 23.09 -66.82
CA LYS H 288 6.17 23.50 -67.97
C LYS H 288 7.01 24.72 -67.64
N MET H 289 6.45 25.66 -66.85
CA MET H 289 7.10 26.93 -66.60
C MET H 289 8.10 26.84 -65.46
N TYR H 290 7.80 26.03 -64.45
CA TYR H 290 8.67 25.81 -63.32
C TYR H 290 9.09 24.34 -63.25
N ASP H 291 10.20 24.07 -62.57
CA ASP H 291 10.61 22.69 -62.38
C ASP H 291 9.89 22.03 -61.23
N TYR H 292 9.71 22.77 -60.14
CA TYR H 292 8.86 22.38 -59.03
C TYR H 292 7.80 23.47 -58.83
N LEU H 293 6.57 23.03 -58.61
CA LEU H 293 5.44 23.93 -58.47
C LEU H 293 4.90 23.86 -57.06
N ARG H 294 4.59 25.01 -56.47
CA ARG H 294 4.16 25.05 -55.08
C ARG H 294 2.81 25.75 -55.02
N ILE H 295 1.82 25.12 -54.39
CA ILE H 295 0.47 25.67 -54.35
C ILE H 295 0.24 26.38 -53.01
N ASP H 296 -0.07 27.67 -53.09
CA ASP H 296 -0.43 28.43 -51.90
C ASP H 296 -1.77 27.96 -51.35
N HIS H 297 -1.89 27.89 -50.03
CA HIS H 297 -3.14 27.52 -49.37
C HIS H 297 -3.65 26.15 -49.84
N PHE H 298 -2.75 25.15 -49.81
CA PHE H 298 -3.08 23.83 -50.33
C PHE H 298 -4.29 23.23 -49.64
N LYS H 299 -4.47 23.51 -48.34
CA LYS H 299 -5.61 22.95 -47.60
C LYS H 299 -6.95 23.39 -48.17
N GLY H 300 -6.99 24.51 -48.89
CA GLY H 300 -8.20 24.92 -49.58
C GLY H 300 -8.68 23.93 -50.62
N PHE H 301 -7.94 22.83 -50.79
CA PHE H 301 -8.37 21.73 -51.64
C PHE H 301 -9.21 20.69 -50.90
N SER H 302 -9.33 20.76 -49.57
CA SER H 302 -10.32 19.95 -48.87
C SER H 302 -11.39 20.78 -48.17
N ASP H 303 -11.07 22.02 -47.78
CA ASP H 303 -11.98 22.94 -47.12
C ASP H 303 -11.51 24.35 -47.41
N TYR H 304 -12.43 25.23 -47.78
CA TYR H 304 -12.14 26.65 -47.89
C TYR H 304 -13.15 27.45 -47.09
N TRP H 305 -12.67 28.51 -46.47
CA TRP H 305 -13.55 29.54 -45.95
C TRP H 305 -14.22 30.25 -47.13
N GLU H 306 -15.52 30.51 -46.99
CA GLU H 306 -16.32 31.17 -48.01
C GLU H 306 -17.03 32.33 -47.35
N ILE H 307 -16.57 33.56 -47.64
CA ILE H 307 -17.19 34.79 -47.15
C ILE H 307 -18.25 35.26 -48.15
N ARG H 308 -19.41 35.65 -47.64
CA ARG H 308 -20.45 36.14 -48.52
C ARG H 308 -20.15 37.55 -48.97
N GLY H 309 -20.41 37.81 -50.26
CA GLY H 309 -20.13 39.13 -50.83
C GLY H 309 -20.77 40.27 -50.05
N ASP H 310 -21.88 39.99 -49.37
CA ASP H 310 -22.65 41.02 -48.67
C ASP H 310 -22.06 41.27 -47.30
N TYR H 311 -20.76 41.02 -47.18
CA TYR H 311 -20.08 40.92 -45.88
C TYR H 311 -19.86 42.26 -45.22
N GLN H 312 -19.81 42.23 -43.88
CA GLN H 312 -19.30 43.33 -43.07
C GLN H 312 -17.82 43.11 -42.78
N THR H 313 -17.50 42.01 -42.10
CA THR H 313 -16.13 41.55 -41.80
C THR H 313 -15.89 40.18 -42.45
N ALA H 314 -14.67 39.69 -42.30
CA ALA H 314 -14.29 38.40 -42.88
C ALA H 314 -14.76 37.21 -42.06
N ASN H 315 -15.26 37.43 -40.84
CA ASN H 315 -15.84 36.34 -40.07
C ASN H 315 -17.28 36.03 -40.48
N ASP H 316 -17.81 36.69 -41.51
CA ASP H 316 -19.19 36.49 -41.95
C ASP H 316 -19.22 35.50 -43.12
N GLY H 317 -18.93 34.25 -42.80
CA GLY H 317 -18.84 33.21 -43.79
C GLY H 317 -19.05 31.82 -43.23
N SER H 318 -18.51 30.84 -43.95
CA SER H 318 -18.83 29.45 -43.66
C SER H 318 -17.68 28.58 -44.17
N TRP H 319 -17.70 27.31 -43.80
CA TRP H 319 -16.72 26.34 -44.27
C TRP H 319 -17.35 25.48 -45.35
N GLN H 320 -16.73 25.46 -46.53
CA GLN H 320 -17.27 24.68 -47.63
C GLN H 320 -16.21 23.70 -48.15
N PRO H 321 -16.63 22.52 -48.61
CA PRO H 321 -15.67 21.50 -49.03
C PRO H 321 -15.36 21.53 -50.52
N ALA H 322 -14.14 21.11 -50.83
CA ALA H 322 -13.62 21.01 -52.18
C ALA H 322 -13.25 19.56 -52.46
N PRO H 323 -13.28 19.12 -53.73
CA PRO H 323 -13.04 17.71 -54.07
C PRO H 323 -11.56 17.40 -54.32
N GLY H 324 -10.73 17.70 -53.32
CA GLY H 324 -9.31 17.50 -53.40
C GLY H 324 -8.90 16.11 -53.80
N PRO H 325 -9.42 15.10 -53.12
CA PRO H 325 -9.06 13.72 -53.49
C PRO H 325 -9.43 13.38 -54.92
N GLU H 326 -10.65 13.72 -55.35
CA GLU H 326 -11.05 13.43 -56.73
C GLU H 326 -10.19 14.22 -57.72
N LEU H 327 -10.01 15.52 -57.47
CA LEU H 327 -9.16 16.37 -58.32
C LEU H 327 -7.78 15.77 -58.49
N PHE H 328 -7.12 15.43 -57.38
CA PHE H 328 -5.75 14.95 -57.45
C PHE H 328 -5.65 13.51 -57.94
N ALA H 329 -6.68 12.69 -57.73
CA ALA H 329 -6.69 11.35 -58.33
C ALA H 329 -6.75 11.42 -59.85
N THR H 330 -7.61 12.30 -60.39
CA THR H 330 -7.63 12.47 -61.84
C THR H 330 -6.34 13.11 -62.36
N ILE H 331 -5.77 14.06 -61.61
CA ILE H 331 -4.48 14.61 -62.03
C ILE H 331 -3.39 13.54 -62.00
N LYS H 332 -3.50 12.55 -61.11
CA LYS H 332 -2.53 11.47 -61.11
C LYS H 332 -2.73 10.54 -62.31
N GLU H 333 -3.98 10.13 -62.58
CA GLU H 333 -4.19 9.24 -63.71
C GLU H 333 -3.77 9.91 -65.02
N LYS H 334 -4.13 11.18 -65.20
CA LYS H 334 -3.85 11.86 -66.46
C LYS H 334 -2.36 12.16 -66.64
N LEU H 335 -1.65 12.48 -65.55
CA LEU H 335 -0.25 12.89 -65.70
C LEU H 335 0.72 12.12 -64.81
N GLY H 336 0.33 11.77 -63.58
CA GLY H 336 1.12 10.86 -62.75
C GLY H 336 1.99 11.44 -61.65
N ASP H 337 3.29 11.13 -61.71
CA ASP H 337 4.29 11.80 -60.88
C ASP H 337 4.21 13.30 -61.09
N LEU H 338 4.32 14.05 -59.99
CA LEU H 338 4.24 15.49 -60.18
C LEU H 338 5.05 16.20 -59.10
N PRO H 339 5.98 17.11 -59.48
CA PRO H 339 6.84 17.77 -58.48
C PRO H 339 6.14 18.99 -57.87
N ILE H 340 5.15 18.71 -57.03
CA ILE H 340 4.39 19.75 -56.36
C ILE H 340 4.81 19.83 -54.89
N ILE H 341 4.76 21.04 -54.34
CA ILE H 341 5.02 21.31 -52.93
C ILE H 341 3.79 21.94 -52.32
N ALA H 342 3.34 21.39 -51.21
CA ALA H 342 2.07 21.78 -50.60
C ALA H 342 2.31 22.69 -49.40
N GLU H 343 1.69 23.86 -49.43
CA GLU H 343 1.75 24.83 -48.33
C GLU H 343 0.69 24.45 -47.31
N ASN H 344 1.07 23.64 -46.32
CA ASN H 344 0.11 23.13 -45.34
C ASN H 344 0.11 23.96 -44.06
N LEU H 345 0.26 25.28 -44.21
CA LEU H 345 0.09 26.23 -43.14
C LEU H 345 -1.40 26.48 -42.89
N GLY H 346 -1.73 26.76 -41.63
CA GLY H 346 -3.11 26.77 -41.16
C GLY H 346 -3.42 25.53 -40.33
N TYR H 347 -4.69 25.44 -39.91
CA TYR H 347 -5.15 24.27 -39.15
C TYR H 347 -5.51 23.14 -40.14
N ILE H 348 -4.69 22.11 -40.17
CA ILE H 348 -4.97 20.91 -40.94
C ILE H 348 -5.80 19.99 -40.05
N ASP H 349 -7.10 19.88 -40.32
CA ASP H 349 -7.90 18.85 -39.70
C ASP H 349 -7.48 17.48 -40.27
N GLU H 350 -8.15 16.42 -39.80
CA GLU H 350 -7.73 15.07 -40.18
C GLU H 350 -8.06 14.75 -41.62
N ARG H 351 -9.15 15.31 -42.15
CA ARG H 351 -9.50 15.07 -43.55
C ARG H 351 -8.45 15.67 -44.51
N ALA H 352 -7.95 16.86 -44.20
CA ALA H 352 -6.89 17.41 -45.04
C ALA H 352 -5.55 16.71 -44.81
N GLU H 353 -5.34 16.10 -43.64
CA GLU H 353 -4.13 15.32 -43.44
C GLU H 353 -4.16 14.06 -44.29
N ARG H 354 -5.32 13.38 -44.35
CA ARG H 354 -5.47 12.31 -45.32
C ARG H 354 -5.27 12.81 -46.74
N LEU H 355 -5.75 14.02 -47.05
CA LEU H 355 -5.53 14.56 -48.39
C LEU H 355 -4.04 14.59 -48.73
N LEU H 356 -3.23 15.29 -47.93
CA LEU H 356 -1.80 15.31 -48.25
C LEU H 356 -1.17 13.94 -48.15
N ALA H 357 -1.57 13.14 -47.17
CA ALA H 357 -1.06 11.78 -47.05
C ALA H 357 -1.18 11.06 -48.39
N GLY H 358 -2.35 11.20 -49.04
CA GLY H 358 -2.59 10.55 -50.31
C GLY H 358 -1.84 11.15 -51.48
N THR H 359 -1.63 12.48 -51.48
CA THR H 359 -0.91 13.07 -52.61
C THR H 359 0.55 12.62 -52.66
N GLY H 360 1.16 12.35 -51.52
CA GLY H 360 2.57 12.10 -51.48
C GLY H 360 3.44 13.33 -51.64
N PHE H 361 2.85 14.52 -51.82
CA PHE H 361 3.63 15.72 -51.96
C PHE H 361 4.30 16.07 -50.63
N PRO H 362 5.46 16.67 -50.67
CA PRO H 362 6.03 17.20 -49.43
C PRO H 362 5.19 18.35 -48.91
N GLY H 363 4.96 18.35 -47.61
CA GLY H 363 4.35 19.47 -46.94
C GLY H 363 5.41 20.49 -46.59
N MET H 364 5.10 21.34 -45.61
CA MET H 364 6.04 22.35 -45.16
C MET H 364 6.18 22.33 -43.65
N LYS H 365 7.27 22.95 -43.18
CA LYS H 365 7.51 23.24 -41.77
C LYS H 365 8.17 24.62 -41.72
N ILE H 366 7.79 25.41 -40.71
CA ILE H 366 8.26 26.79 -40.54
C ILE H 366 8.83 26.93 -39.13
N MET H 367 10.16 27.08 -39.03
CA MET H 367 10.81 27.07 -37.71
C MET H 367 10.31 28.17 -36.80
N GLU H 368 10.05 29.34 -37.35
CA GLU H 368 9.56 30.45 -36.57
C GLU H 368 8.17 30.25 -36.10
N PHE H 369 7.59 29.06 -36.26
CA PHE H 369 6.38 28.69 -35.55
C PHE H 369 6.62 27.67 -34.44
N GLY H 370 7.88 27.29 -34.19
CA GLY H 370 8.14 26.15 -33.32
C GLY H 370 8.71 26.42 -31.94
N PHE H 371 8.93 27.69 -31.59
CA PHE H 371 9.56 28.02 -30.33
C PHE H 371 8.69 28.92 -29.46
N TYR H 372 7.38 28.94 -29.68
CA TYR H 372 6.54 29.70 -28.77
C TYR H 372 6.10 28.86 -27.58
N ASP H 373 5.72 27.61 -27.85
CA ASP H 373 5.49 26.61 -26.82
C ASP H 373 6.83 26.02 -26.41
N THR H 374 7.26 26.27 -25.18
CA THR H 374 8.61 25.91 -24.75
C THR H 374 8.72 24.47 -24.23
N THR H 375 7.75 23.60 -24.53
CA THR H 375 7.84 22.20 -24.15
C THR H 375 8.18 21.27 -25.29
N GLY H 376 8.38 21.80 -26.50
CA GLY H 376 8.85 20.96 -27.59
C GLY H 376 7.79 20.16 -28.31
N ASN H 377 6.53 20.62 -28.27
CA ASN H 377 5.40 19.95 -28.90
C ASN H 377 5.01 20.51 -30.26
N SER H 378 5.36 21.77 -30.56
CA SER H 378 4.98 22.36 -31.83
C SER H 378 5.38 21.42 -32.97
N ILE H 379 4.48 21.30 -33.96
CA ILE H 379 4.80 20.45 -35.10
C ILE H 379 5.93 21.06 -35.92
N ASP H 380 6.25 22.33 -35.69
CA ASP H 380 7.31 23.03 -36.42
C ASP H 380 8.63 23.08 -35.65
N ILE H 381 8.74 22.39 -34.51
CA ILE H 381 10.04 22.24 -33.85
C ILE H 381 10.85 21.17 -34.62
N PRO H 382 12.14 21.43 -34.88
CA PRO H 382 12.91 20.55 -35.79
C PRO H 382 12.83 19.06 -35.46
N HIS H 383 12.74 18.66 -34.20
CA HIS H 383 12.76 17.23 -33.96
C HIS H 383 11.46 16.52 -34.37
N ASN H 384 10.47 17.22 -34.89
CA ASN H 384 9.23 16.58 -35.32
C ASN H 384 9.12 16.39 -36.82
N TYR H 385 10.12 16.83 -37.58
CA TYR H 385 10.06 16.82 -39.03
C TYR H 385 10.23 15.39 -39.55
N THR H 386 9.82 15.19 -40.80
CA THR H 386 10.00 13.95 -41.52
C THR H 386 10.88 14.21 -42.75
N GLU H 387 11.18 13.15 -43.50
CA GLU H 387 11.97 13.37 -44.71
C GLU H 387 11.13 13.99 -45.83
N ASN H 388 9.84 13.72 -45.87
CA ASN H 388 8.97 14.31 -46.89
C ASN H 388 8.40 15.66 -46.44
N THR H 389 9.29 16.57 -46.04
CA THR H 389 8.94 17.94 -45.73
C THR H 389 9.94 18.86 -46.41
N ILE H 390 9.53 20.12 -46.63
CA ILE H 390 10.41 21.19 -47.08
C ILE H 390 10.46 22.22 -45.97
N ALA H 391 11.66 22.59 -45.53
CA ALA H 391 11.83 23.34 -44.30
C ALA H 391 12.32 24.76 -44.57
N TYR H 392 11.83 25.72 -43.76
CA TYR H 392 12.12 27.15 -43.86
C TYR H 392 12.47 27.71 -42.50
N ALA H 393 13.06 28.91 -42.50
CA ALA H 393 13.02 29.74 -41.30
C ALA H 393 11.66 30.39 -41.23
N GLY H 394 11.40 31.30 -42.18
CA GLY H 394 10.06 31.70 -42.54
C GLY H 394 10.01 31.82 -44.05
N THR H 395 8.81 32.08 -44.57
CA THR H 395 8.70 32.39 -45.98
C THR H 395 8.55 33.89 -46.17
N HIS H 396 8.26 34.29 -47.41
CA HIS H 396 7.99 35.68 -47.78
C HIS H 396 6.82 36.28 -47.02
N ASP H 397 5.95 35.45 -46.43
CA ASP H 397 4.81 35.90 -45.63
C ASP H 397 5.13 36.07 -44.13
N ASN H 398 6.40 35.94 -43.74
CA ASN H 398 6.74 35.85 -42.32
C ASN H 398 7.82 36.85 -42.01
N GLU H 399 8.06 37.02 -40.71
CA GLU H 399 9.15 37.86 -40.27
C GLU H 399 10.49 37.29 -40.73
N VAL H 400 11.48 38.17 -40.89
CA VAL H 400 12.86 37.70 -41.02
C VAL H 400 13.34 37.16 -39.67
N ILE H 401 14.37 36.32 -39.71
CA ILE H 401 14.91 35.76 -38.46
C ILE H 401 15.18 36.88 -37.44
N ASN H 402 15.94 37.89 -37.85
CA ASN H 402 16.28 39.06 -37.03
C ASN H 402 15.04 39.87 -36.66
N GLY H 403 13.85 39.44 -37.04
CA GLY H 403 12.66 40.11 -36.59
C GLY H 403 11.81 39.19 -35.75
N TRP H 404 11.83 37.91 -36.08
CA TRP H 404 11.17 36.90 -35.26
C TRP H 404 11.77 36.87 -33.86
N PHE H 405 13.11 36.88 -33.80
CA PHE H 405 13.80 36.68 -32.52
C PHE H 405 13.47 37.79 -31.53
N GLU H 406 13.34 39.02 -32.02
CA GLU H 406 13.20 40.17 -31.15
C GLU H 406 11.82 40.21 -30.51
N ASN H 407 10.80 39.68 -31.18
CA ASN H 407 9.48 39.55 -30.58
C ASN H 407 9.30 38.27 -29.78
N LEU H 408 10.39 37.50 -29.60
CA LEU H 408 10.35 36.35 -28.71
C LEU H 408 10.48 36.83 -27.26
N THR H 409 9.52 36.45 -26.42
CA THR H 409 9.58 36.74 -25.00
C THR H 409 10.89 36.20 -24.39
N VAL H 410 11.15 36.55 -23.14
CA VAL H 410 12.44 36.22 -22.54
C VAL H 410 12.57 34.72 -22.34
N GLU H 411 11.48 34.08 -21.89
CA GLU H 411 11.45 32.63 -21.80
C GLU H 411 11.66 31.97 -23.16
N GLN H 412 11.03 32.48 -24.21
CA GLN H 412 11.12 31.83 -25.50
C GLN H 412 12.49 32.05 -26.15
N LYS H 413 13.02 33.26 -26.09
CA LYS H 413 14.39 33.47 -26.53
C LYS H 413 15.33 32.51 -25.80
N ALA H 414 15.13 32.36 -24.48
CA ALA H 414 15.93 31.42 -23.70
C ALA H 414 15.82 30.00 -24.26
N TYR H 415 14.59 29.53 -24.49
CA TYR H 415 14.37 28.19 -25.01
C TYR H 415 15.04 28.00 -26.36
N ALA H 416 14.91 28.98 -27.26
CA ALA H 416 15.43 28.78 -28.61
C ALA H 416 16.95 28.75 -28.61
N GLU H 417 17.56 29.72 -27.91
CA GLU H 417 19.02 29.75 -27.80
C GLU H 417 19.54 28.45 -27.20
N ASN H 418 18.87 27.94 -26.14
CA ASN H 418 19.27 26.71 -25.48
C ASN H 418 19.02 25.48 -26.34
N TYR H 419 18.05 25.55 -27.27
CA TYR H 419 17.68 24.43 -28.13
C TYR H 419 18.63 24.30 -29.30
N MET H 420 18.90 25.43 -29.97
CA MET H 420 19.76 25.44 -31.14
C MET H 420 21.24 25.66 -30.81
N ARG H 421 21.59 25.67 -29.52
CA ARG H 421 23.00 25.65 -29.08
C ARG H 421 23.74 26.92 -29.47
N ARG H 422 23.06 28.07 -29.40
CA ARG H 422 23.62 29.33 -29.86
C ARG H 422 24.95 29.63 -29.14
N LEU H 423 26.03 29.68 -29.94
CA LEU H 423 27.34 30.10 -29.46
C LEU H 423 27.32 31.55 -28.99
N PRO H 424 28.22 31.93 -28.07
CA PRO H 424 28.03 33.21 -27.35
C PRO H 424 28.23 34.46 -28.20
N ASN H 425 28.99 34.39 -29.31
CA ASN H 425 29.15 35.56 -30.16
C ASN H 425 28.28 35.54 -31.40
N GLU H 426 27.85 34.35 -31.87
CA GLU H 426 27.40 34.19 -33.24
C GLU H 426 26.01 34.82 -33.45
N PRO H 427 25.78 35.46 -34.59
CA PRO H 427 24.46 36.02 -34.88
C PRO H 427 23.37 34.96 -34.88
N ILE H 428 22.15 35.39 -34.57
CA ILE H 428 21.05 34.44 -34.46
C ILE H 428 20.64 33.91 -35.83
N THR H 429 20.75 34.71 -36.89
CA THR H 429 20.50 34.17 -38.22
C THR H 429 21.38 32.95 -38.48
N GLU H 430 22.67 33.05 -38.11
CA GLU H 430 23.58 31.90 -38.21
C GLU H 430 23.07 30.70 -37.42
N THR H 431 22.78 30.89 -36.13
CA THR H 431 22.22 29.85 -35.28
C THR H 431 21.03 29.15 -35.95
N VAL H 432 20.06 29.95 -36.42
CA VAL H 432 18.82 29.41 -36.92
C VAL H 432 19.04 28.70 -38.26
N LEU H 433 19.96 29.20 -39.08
CA LEU H 433 20.21 28.57 -40.37
C LEU H 433 20.97 27.25 -40.23
N ARG H 434 21.93 27.20 -39.31
CA ARG H 434 22.61 25.94 -39.09
C ARG H 434 21.68 24.91 -38.46
N THR H 435 20.72 25.35 -37.63
CA THR H 435 19.76 24.37 -37.11
C THR H 435 18.84 23.85 -38.21
N LEU H 436 18.36 24.74 -39.09
CA LEU H 436 17.50 24.32 -40.21
C LEU H 436 18.20 23.31 -41.12
N TYR H 437 19.45 23.60 -41.50
CA TYR H 437 20.17 22.73 -42.42
C TYR H 437 20.55 21.40 -41.79
N ALA H 438 20.53 21.31 -40.46
CA ALA H 438 20.83 20.06 -39.77
C ALA H 438 19.63 19.13 -39.70
N THR H 439 18.43 19.61 -40.04
CA THR H 439 17.25 18.79 -39.85
C THR H 439 17.17 17.73 -40.95
N VAL H 440 16.31 16.74 -40.68
CA VAL H 440 16.09 15.61 -41.57
C VAL H 440 15.22 15.95 -42.77
N SER H 441 14.86 17.23 -42.93
CA SER H 441 14.09 17.63 -44.11
C SER H 441 14.89 17.35 -45.36
N GLN H 442 14.20 16.84 -46.38
CA GLN H 442 14.88 16.56 -47.64
C GLN H 442 15.45 17.82 -48.27
N THR H 443 14.84 18.96 -48.00
CA THR H 443 15.18 20.21 -48.67
C THR H 443 14.95 21.36 -47.70
N THR H 444 15.89 22.29 -47.71
CA THR H 444 15.91 23.44 -46.80
C THR H 444 16.13 24.71 -47.62
N ILE H 445 15.30 25.71 -47.36
CA ILE H 445 15.28 26.92 -48.17
C ILE H 445 15.66 28.10 -47.29
N THR H 446 16.76 28.79 -47.64
CA THR H 446 17.18 30.01 -46.97
C THR H 446 16.58 31.24 -47.62
N CYS H 447 16.13 32.19 -46.81
CA CYS H 447 15.77 33.49 -47.39
C CYS H 447 17.03 34.31 -47.58
N MET H 448 17.07 35.09 -48.65
CA MET H 448 18.24 35.92 -48.91
C MET H 448 18.40 36.98 -47.82
N GLN H 449 17.28 37.55 -47.36
CA GLN H 449 17.28 38.47 -46.22
C GLN H 449 18.08 37.91 -45.05
N ASP H 450 17.91 36.61 -44.76
CA ASP H 450 18.51 35.98 -43.57
C ASP H 450 19.99 35.67 -43.81
N LEU H 451 20.33 35.17 -44.99
CA LEU H 451 21.71 34.94 -45.41
C LEU H 451 22.55 36.20 -45.41
N LEU H 452 21.93 37.38 -45.33
CA LEU H 452 22.61 38.66 -45.35
C LEU H 452 22.55 39.37 -44.00
N ASP H 453 21.91 38.76 -43.00
CA ASP H 453 21.63 39.40 -41.71
C ASP H 453 20.96 40.76 -41.94
N LYS H 454 19.78 40.71 -42.53
CA LYS H 454 19.16 42.01 -42.72
C LYS H 454 18.15 42.28 -41.62
N PRO H 455 17.99 43.53 -41.23
CA PRO H 455 17.11 43.83 -40.09
C PRO H 455 15.62 43.68 -40.40
N ALA H 456 14.79 43.92 -39.39
CA ALA H 456 13.37 43.63 -39.47
C ALA H 456 12.75 44.20 -40.74
N ASP H 457 13.10 45.43 -41.10
CA ASP H 457 12.39 46.11 -42.19
C ASP H 457 12.64 45.48 -43.57
N SER H 458 13.40 44.37 -43.65
CA SER H 458 13.53 43.62 -44.91
C SER H 458 12.46 42.55 -45.07
N ARG H 459 11.49 42.47 -44.17
CA ARG H 459 10.37 41.55 -44.34
C ARG H 459 9.66 41.76 -45.68
N MET H 460 9.70 40.74 -46.54
CA MET H 460 9.10 40.86 -47.87
C MET H 460 7.62 41.25 -47.79
N ASN H 461 6.81 40.48 -47.07
CA ASN H 461 5.38 40.72 -46.97
C ASN H 461 4.93 40.69 -45.53
N MET H 462 4.03 41.61 -45.17
CA MET H 462 3.22 41.51 -43.96
C MET H 462 1.76 41.36 -44.36
N PRO H 463 1.15 40.18 -44.18
CA PRO H 463 -0.18 39.92 -44.76
C PRO H 463 -1.28 40.77 -44.15
N ASN H 464 -2.36 40.90 -44.92
CA ASN H 464 -3.60 41.59 -44.59
C ASN H 464 -3.46 43.11 -44.63
N THR H 465 -2.25 43.61 -44.84
CA THR H 465 -2.00 45.04 -44.93
C THR H 465 -1.58 45.42 -46.35
N VAL H 466 -2.06 46.58 -46.83
CA VAL H 466 -1.72 47.08 -48.16
C VAL H 466 -0.64 48.14 -47.99
N GLY H 467 0.33 48.13 -48.91
CA GLY H 467 1.37 49.15 -48.93
C GLY H 467 2.55 48.81 -48.05
N GLY H 468 3.75 48.77 -48.63
CA GLY H 468 4.97 48.42 -47.91
C GLY H 468 5.48 47.03 -48.19
N ASN H 469 4.66 46.17 -48.75
CA ASN H 469 5.05 44.80 -49.07
C ASN H 469 5.66 44.71 -50.48
N TRP H 470 6.41 43.63 -50.70
CA TRP H 470 6.96 43.23 -51.98
C TRP H 470 8.05 44.17 -52.47
N GLN H 471 8.54 45.06 -51.63
CA GLN H 471 9.45 46.11 -52.05
C GLN H 471 10.92 45.81 -51.80
N TRP H 472 11.27 44.64 -51.26
CA TRP H 472 12.66 44.40 -50.89
C TRP H 472 13.53 44.11 -52.12
N ARG H 473 14.70 44.71 -52.11
CA ARG H 473 15.70 44.46 -53.15
C ARG H 473 17.03 44.28 -52.43
N MET H 474 17.89 43.45 -52.99
CA MET H 474 19.20 43.12 -52.45
C MET H 474 20.27 43.99 -53.12
N ARG H 475 21.19 44.52 -52.32
CA ARG H 475 22.34 45.24 -52.87
C ARG H 475 23.37 44.25 -53.38
N LYS H 476 23.98 44.56 -54.54
CA LYS H 476 25.03 43.71 -55.10
C LYS H 476 26.21 43.57 -54.14
N GLU H 477 26.57 44.67 -53.46
CA GLU H 477 27.71 44.69 -52.55
C GLU H 477 27.60 43.63 -51.46
N ASP H 478 26.43 43.51 -50.84
CA ASP H 478 26.25 42.81 -49.57
C ASP H 478 26.44 41.30 -49.66
N LEU H 479 26.47 40.72 -50.87
CA LEU H 479 26.74 39.30 -51.10
C LEU H 479 28.26 39.12 -51.13
N THR H 480 28.84 39.05 -49.93
CA THR H 480 30.27 39.00 -49.67
C THR H 480 30.84 37.63 -49.99
N GLU H 481 32.17 37.52 -50.00
CA GLU H 481 32.75 36.18 -50.00
C GLU H 481 32.42 35.45 -48.70
N ASN H 482 32.37 36.19 -47.59
CA ASN H 482 32.03 35.62 -46.29
C ASN H 482 30.63 34.97 -46.30
N ARG H 483 29.63 35.70 -46.82
CA ARG H 483 28.26 35.18 -46.80
C ARG H 483 28.13 33.96 -47.72
N LYS H 484 28.65 34.06 -48.94
CA LYS H 484 28.62 32.92 -49.85
C LYS H 484 29.28 31.69 -49.22
N ALA H 485 30.41 31.88 -48.54
CA ALA H 485 31.10 30.74 -47.95
C ALA H 485 30.32 30.17 -46.78
N PHE H 486 29.57 31.00 -46.06
CA PHE H 486 28.70 30.47 -45.01
C PHE H 486 27.64 29.54 -45.60
N LEU H 487 27.02 29.97 -46.72
CA LEU H 487 26.02 29.11 -47.36
C LEU H 487 26.64 27.79 -47.84
N LYS H 488 27.78 27.87 -48.54
CA LYS H 488 28.45 26.63 -48.93
C LYS H 488 28.90 25.80 -47.73
N GLU H 489 29.23 26.44 -46.60
CA GLU H 489 29.66 25.70 -45.41
C GLU H 489 28.50 24.92 -44.81
N ILE H 490 27.36 25.58 -44.62
CA ILE H 490 26.23 24.85 -44.03
C ILE H 490 25.76 23.76 -44.99
N THR H 491 25.66 24.09 -46.30
CA THR H 491 25.29 23.10 -47.30
C THR H 491 26.22 21.90 -47.27
N THR H 492 27.53 22.13 -47.10
CA THR H 492 28.49 21.04 -47.03
C THR H 492 28.33 20.21 -45.75
N ILE H 493 28.43 20.86 -44.58
CA ILE H 493 28.51 20.17 -43.29
C ILE H 493 27.36 19.18 -43.13
N TYR H 494 26.16 19.60 -43.54
CA TYR H 494 24.96 18.82 -43.37
C TYR H 494 24.57 18.07 -44.64
N ASN H 495 25.55 17.79 -45.49
CA ASN H 495 25.41 16.93 -46.68
C ASN H 495 24.19 17.24 -47.56
N ARG H 496 24.12 18.43 -48.10
CA ARG H 496 22.98 18.83 -48.96
C ARG H 496 23.47 19.50 -50.24
N GLY H 497 24.71 19.25 -50.63
CA GLY H 497 25.25 19.87 -51.83
C GLY H 497 24.75 19.24 -53.11
N ASN H 498 25.12 19.86 -54.23
CA ASN H 498 24.61 19.43 -55.52
C ASN H 498 25.55 19.82 -56.66
#